data_1GTP
#
_entry.id   1GTP
#
_cell.length_a   204.200
_cell.length_b   210.400
_cell.length_c   71.800
_cell.angle_alpha   90.00
_cell.angle_beta   95.80
_cell.angle_gamma   90.00
#
_symmetry.space_group_name_H-M   'P 1 21 1'
#
loop_
_entity.id
_entity.type
_entity.pdbx_description
1 polymer 'GTP CYCLOHYDROLASE I'
2 non-polymer 'SULFATE ION'
3 water water
#
_entity_poly.entity_id   1
_entity_poly.type   'polypeptide(L)'
_entity_poly.pdbx_seq_one_letter_code
;PSLSKEAALVHEALVARGLETPLRPPVHEMDNETRKSLIAGHMTEIMQLLNLDLADDSLMETPHRIAKMYVDEIFSGLDY
ANFPKITLIENKMKVDEMVTVRDITLTSTCEHHFVTIDGKATVAYIPKDSVIGLSKINRIVQFFAQRPQVQERLTQQILI
ALQTLLGTNNVAVSIDAVHYCVKARGIRDATSATTTTSLGGLFKSSQNTRHEFLRAVRHHN
;
_entity_poly.pdbx_strand_id   A,B,C,D,E,F,G,H,I,J,K,L,M,N,O,P,Q,R,S,T
#
loop_
_chem_comp.id
_chem_comp.type
_chem_comp.name
_chem_comp.formula
SO4 non-polymer 'SULFATE ION' 'O4 S -2'
#
# COMPACT_ATOMS: atom_id res chain seq x y z
N PRO A 1 -62.50 -27.21 77.61
CA PRO A 1 -63.94 -27.24 77.89
C PRO A 1 -64.79 -26.45 76.88
N SER A 2 -64.15 -25.53 76.17
CA SER A 2 -64.81 -24.70 75.17
C SER A 2 -63.70 -24.01 74.35
N LEU A 3 -63.18 -22.89 74.86
CA LEU A 3 -62.12 -22.16 74.18
C LEU A 3 -60.85 -22.34 74.98
N SER A 4 -59.72 -22.43 74.29
CA SER A 4 -58.43 -22.60 74.95
C SER A 4 -58.02 -21.25 75.55
N LYS A 5 -57.03 -21.26 76.43
CA LYS A 5 -56.57 -20.01 77.04
C LYS A 5 -56.14 -19.04 75.94
N GLU A 6 -55.45 -19.57 74.94
CA GLU A 6 -54.98 -18.80 73.82
C GLU A 6 -56.13 -18.17 73.06
N ALA A 7 -57.08 -19.00 72.62
CA ALA A 7 -58.26 -18.52 71.89
C ALA A 7 -58.95 -17.38 72.62
N ALA A 8 -59.16 -17.56 73.92
CA ALA A 8 -59.80 -16.56 74.77
C ALA A 8 -59.01 -15.25 74.75
N LEU A 9 -57.71 -15.34 75.02
CA LEU A 9 -56.82 -14.17 75.04
C LEU A 9 -56.91 -13.38 73.75
N VAL A 10 -56.63 -14.05 72.64
CA VAL A 10 -56.66 -13.45 71.31
C VAL A 10 -58.00 -12.76 71.05
N HIS A 11 -59.10 -13.46 71.35
CA HIS A 11 -60.43 -12.91 71.17
C HIS A 11 -60.63 -11.63 71.97
N GLU A 12 -60.27 -11.67 73.25
CA GLU A 12 -60.40 -10.50 74.11
C GLU A 12 -59.56 -9.33 73.57
N ALA A 13 -58.30 -9.60 73.23
CA ALA A 13 -57.38 -8.60 72.69
C ALA A 13 -58.02 -7.91 71.49
N LEU A 14 -58.56 -8.70 70.58
CA LEU A 14 -59.20 -8.17 69.38
C LEU A 14 -60.41 -7.30 69.71
N VAL A 15 -61.27 -7.78 70.61
CA VAL A 15 -62.46 -7.02 71.00
C VAL A 15 -62.07 -5.70 71.68
N ALA A 16 -61.02 -5.75 72.51
CA ALA A 16 -60.52 -4.59 73.22
C ALA A 16 -60.10 -3.51 72.22
N ARG A 17 -59.29 -3.89 71.22
CA ARG A 17 -58.85 -2.93 70.20
C ARG A 17 -59.95 -2.59 69.21
N GLY A 18 -61.08 -3.29 69.29
CA GLY A 18 -62.16 -3.03 68.36
C GLY A 18 -61.79 -3.51 66.96
N LEU A 19 -61.01 -4.58 66.90
CA LEU A 19 -60.55 -5.16 65.64
C LEU A 19 -61.18 -6.50 65.32
N GLU A 20 -62.15 -6.93 66.13
CA GLU A 20 -62.82 -8.21 65.90
C GLU A 20 -63.77 -8.13 64.71
N THR A 21 -63.98 -9.27 64.07
CA THR A 21 -64.87 -9.30 62.92
C THR A 21 -66.28 -8.99 63.42
N PRO A 22 -67.04 -8.14 62.70
CA PRO A 22 -68.40 -7.77 63.10
C PRO A 22 -69.28 -9.01 63.31
N LEU A 23 -69.46 -9.40 64.57
CA LEU A 23 -70.27 -10.55 64.90
C LEU A 23 -71.37 -10.22 65.91
N ARG A 24 -72.47 -10.93 65.81
CA ARG A 24 -73.61 -10.76 66.71
C ARG A 24 -73.66 -12.06 67.50
N PRO A 25 -73.99 -11.99 68.79
CA PRO A 25 -74.05 -13.22 69.58
C PRO A 25 -75.11 -14.19 69.01
N PRO A 26 -74.84 -15.51 69.06
CA PRO A 26 -75.79 -16.48 68.54
C PRO A 26 -77.18 -16.29 69.13
N VAL A 27 -78.11 -15.92 68.25
CA VAL A 27 -79.52 -15.69 68.61
C VAL A 27 -80.13 -16.89 69.36
N HIS A 28 -79.72 -18.09 68.98
CA HIS A 28 -80.18 -19.33 69.58
C HIS A 28 -79.12 -20.39 69.36
N GLU A 29 -78.95 -21.26 70.35
CA GLU A 29 -77.96 -22.32 70.26
C GLU A 29 -78.41 -23.33 69.21
N MET A 30 -77.90 -23.19 68.00
CA MET A 30 -78.23 -24.09 66.91
C MET A 30 -77.03 -24.99 66.63
N ASP A 31 -77.30 -26.24 66.27
CA ASP A 31 -76.22 -27.17 65.96
C ASP A 31 -75.68 -26.68 64.62
N ASN A 32 -74.39 -26.88 64.36
CA ASN A 32 -73.83 -26.47 63.07
C ASN A 32 -74.61 -27.22 62.00
N GLU A 33 -75.11 -28.40 62.36
CA GLU A 33 -75.89 -29.26 61.47
C GLU A 33 -77.17 -28.56 61.00
N THR A 34 -77.91 -27.96 61.92
CA THR A 34 -79.15 -27.26 61.57
C THR A 34 -78.85 -25.98 60.81
N ARG A 35 -77.75 -25.30 61.18
CA ARG A 35 -77.39 -24.08 60.47
C ARG A 35 -77.09 -24.44 59.04
N LYS A 36 -76.30 -25.49 58.83
CA LYS A 36 -75.94 -25.94 57.50
C LYS A 36 -77.18 -26.20 56.69
N SER A 37 -78.11 -26.97 57.25
CA SER A 37 -79.34 -27.28 56.53
C SER A 37 -80.14 -26.03 56.17
N LEU A 38 -80.22 -25.07 57.10
CA LEU A 38 -80.95 -23.83 56.82
C LEU A 38 -80.29 -23.04 55.70
N ILE A 39 -78.95 -22.95 55.75
CA ILE A 39 -78.16 -22.24 54.73
C ILE A 39 -78.38 -22.94 53.39
N ALA A 40 -78.32 -24.26 53.41
CA ALA A 40 -78.53 -25.08 52.22
C ALA A 40 -79.89 -24.76 51.61
N GLY A 41 -80.88 -24.61 52.48
CA GLY A 41 -82.22 -24.27 52.04
C GLY A 41 -82.25 -22.94 51.32
N HIS A 42 -81.65 -21.92 51.93
CA HIS A 42 -81.61 -20.58 51.31
C HIS A 42 -80.89 -20.64 49.97
N MET A 43 -79.83 -21.45 49.90
CA MET A 43 -79.07 -21.60 48.67
C MET A 43 -79.92 -22.23 47.60
N THR A 44 -80.72 -23.23 47.98
CA THR A 44 -81.62 -23.91 47.04
C THR A 44 -82.52 -22.86 46.39
N GLU A 45 -83.11 -22.02 47.22
CA GLU A 45 -83.98 -20.96 46.73
C GLU A 45 -83.25 -20.03 45.76
N ILE A 46 -82.05 -19.56 46.14
CA ILE A 46 -81.25 -18.67 45.29
C ILE A 46 -80.97 -19.31 43.93
N MET A 47 -80.52 -20.56 43.93
CA MET A 47 -80.23 -21.26 42.68
C MET A 47 -81.49 -21.35 41.83
N GLN A 48 -82.63 -21.59 42.47
CA GLN A 48 -83.90 -21.68 41.74
C GLN A 48 -84.23 -20.31 41.14
N LEU A 49 -83.97 -19.25 41.89
CA LEU A 49 -84.23 -17.90 41.41
C LEU A 49 -83.35 -17.59 40.20
N LEU A 50 -82.21 -18.28 40.11
CA LEU A 50 -81.28 -18.12 38.99
C LEU A 50 -81.69 -19.03 37.84
N ASN A 51 -82.75 -19.81 38.06
CA ASN A 51 -83.32 -20.76 37.10
C ASN A 51 -82.48 -21.99 36.83
N LEU A 52 -81.68 -22.40 37.81
CA LEU A 52 -80.83 -23.57 37.63
C LEU A 52 -81.64 -24.83 37.90
N ASP A 53 -81.52 -25.81 37.02
CA ASP A 53 -82.24 -27.06 37.17
C ASP A 53 -81.59 -27.93 38.22
N LEU A 54 -82.03 -27.75 39.46
CA LEU A 54 -81.50 -28.52 40.58
C LEU A 54 -81.68 -30.04 40.50
N ALA A 55 -82.38 -30.51 39.47
CA ALA A 55 -82.59 -31.94 39.30
C ALA A 55 -81.34 -32.58 38.69
N ASP A 56 -80.49 -31.77 38.07
CA ASP A 56 -79.25 -32.24 37.44
C ASP A 56 -78.31 -32.82 38.49
N ASP A 57 -77.79 -34.01 38.24
CA ASP A 57 -76.87 -34.67 39.17
C ASP A 57 -75.72 -33.80 39.65
N SER A 58 -75.12 -33.06 38.73
CA SER A 58 -74.00 -32.19 39.08
C SER A 58 -74.36 -31.01 39.99
N LEU A 59 -75.55 -30.43 39.82
CA LEU A 59 -75.99 -29.28 40.62
C LEU A 59 -76.72 -29.65 41.90
N MET A 60 -77.37 -30.82 41.87
CA MET A 60 -78.13 -31.35 42.98
C MET A 60 -77.56 -31.17 44.39
N GLU A 61 -76.34 -31.60 44.62
CA GLU A 61 -75.73 -31.47 45.94
C GLU A 61 -75.08 -30.12 46.26
N THR A 62 -75.05 -29.20 45.29
CA THR A 62 -74.44 -27.90 45.51
C THR A 62 -74.93 -27.15 46.76
N PRO A 63 -76.26 -26.99 46.97
CA PRO A 63 -76.73 -26.28 48.16
C PRO A 63 -76.12 -26.79 49.45
N HIS A 64 -75.95 -28.10 49.54
CA HIS A 64 -75.37 -28.71 50.71
C HIS A 64 -73.86 -28.45 50.74
N ARG A 65 -73.20 -28.63 49.60
CA ARG A 65 -71.77 -28.40 49.52
C ARG A 65 -71.40 -26.97 49.93
N ILE A 66 -72.17 -25.99 49.46
CA ILE A 66 -71.93 -24.59 49.79
C ILE A 66 -72.15 -24.34 51.28
N ALA A 67 -73.23 -24.90 51.83
CA ALA A 67 -73.52 -24.75 53.25
C ALA A 67 -72.38 -25.30 54.12
N LYS A 68 -71.87 -26.49 53.78
CA LYS A 68 -70.78 -27.09 54.53
C LYS A 68 -69.48 -26.28 54.38
N MET A 69 -69.24 -25.78 53.17
CA MET A 69 -68.06 -24.98 52.89
C MET A 69 -68.05 -23.74 53.77
N TYR A 70 -69.19 -23.06 53.85
CA TYR A 70 -69.36 -21.87 54.66
C TYR A 70 -69.09 -22.10 56.13
N VAL A 71 -69.90 -22.96 56.73
CA VAL A 71 -69.81 -23.29 58.16
C VAL A 71 -68.51 -23.99 58.59
N ASP A 72 -68.15 -25.06 57.87
CA ASP A 72 -66.96 -25.85 58.19
C ASP A 72 -65.63 -25.44 57.60
N GLU A 73 -65.63 -24.84 56.42
CA GLU A 73 -64.37 -24.45 55.79
C GLU A 73 -64.04 -22.96 55.69
N ILE A 74 -64.36 -22.33 54.57
CA ILE A 74 -64.03 -20.93 54.37
C ILE A 74 -64.41 -19.88 55.45
N PHE A 75 -65.38 -20.17 56.31
CA PHE A 75 -65.75 -19.21 57.36
C PHE A 75 -65.56 -19.82 58.76
N SER A 76 -64.82 -20.92 58.85
CA SER A 76 -64.58 -21.58 60.13
C SER A 76 -63.82 -20.69 61.12
N GLY A 77 -63.06 -19.74 60.61
CA GLY A 77 -62.31 -18.85 61.47
C GLY A 77 -63.18 -18.01 62.38
N LEU A 78 -64.47 -17.89 62.05
CA LEU A 78 -65.39 -17.11 62.87
C LEU A 78 -65.66 -17.78 64.22
N ASP A 79 -65.39 -19.08 64.30
CA ASP A 79 -65.60 -19.84 65.51
C ASP A 79 -64.29 -20.12 66.22
N TYR A 80 -64.07 -19.49 67.37
CA TYR A 80 -62.82 -19.68 68.13
C TYR A 80 -62.58 -21.10 68.64
N ALA A 81 -63.56 -21.97 68.41
CA ALA A 81 -63.43 -23.35 68.82
C ALA A 81 -62.46 -24.00 67.84
N ASN A 82 -62.23 -23.33 66.71
CA ASN A 82 -61.33 -23.84 65.68
C ASN A 82 -59.93 -23.23 65.76
N PHE A 83 -59.69 -22.40 66.77
CA PHE A 83 -58.39 -21.76 66.96
C PHE A 83 -57.33 -22.86 67.12
N PRO A 84 -56.19 -22.73 66.43
CA PRO A 84 -55.12 -23.72 66.54
C PRO A 84 -54.48 -23.84 67.93
N LYS A 85 -53.86 -24.99 68.19
CA LYS A 85 -53.20 -25.20 69.47
C LYS A 85 -51.83 -24.54 69.32
N ILE A 86 -51.50 -23.63 70.22
CA ILE A 86 -50.21 -22.94 70.15
C ILE A 86 -49.12 -23.61 70.99
N THR A 87 -47.97 -23.85 70.36
CA THR A 87 -46.85 -24.47 71.04
C THR A 87 -45.72 -23.45 71.05
N LEU A 88 -45.19 -23.16 72.24
CA LEU A 88 -44.10 -22.21 72.41
C LEU A 88 -42.96 -22.87 73.18
N ILE A 89 -41.73 -22.67 72.71
CA ILE A 89 -40.58 -23.24 73.39
C ILE A 89 -39.81 -22.06 74.00
N GLU A 90 -39.09 -22.32 75.07
CA GLU A 90 -38.31 -21.29 75.76
C GLU A 90 -37.20 -20.81 74.84
N ASN A 91 -37.03 -19.50 74.75
CA ASN A 91 -36.00 -18.90 73.91
C ASN A 91 -34.61 -19.06 74.55
N LYS A 92 -34.18 -20.31 74.69
CA LYS A 92 -32.88 -20.62 75.28
C LYS A 92 -31.79 -20.25 74.30
N MET A 93 -32.11 -20.27 73.00
CA MET A 93 -31.12 -19.94 71.96
C MET A 93 -30.71 -18.48 72.08
N LYS A 94 -31.49 -17.71 72.84
CA LYS A 94 -31.25 -16.29 73.05
C LYS A 94 -31.22 -15.51 71.73
N VAL A 95 -32.26 -15.73 70.94
CA VAL A 95 -32.42 -15.07 69.64
C VAL A 95 -32.90 -13.65 69.91
N ASP A 96 -32.18 -12.69 69.35
CA ASP A 96 -32.51 -11.28 69.50
C ASP A 96 -32.75 -10.62 68.15
N GLU A 97 -32.61 -11.40 67.09
CA GLU A 97 -32.83 -10.91 65.73
C GLU A 97 -34.17 -11.45 65.28
N MET A 98 -34.78 -10.81 64.28
CA MET A 98 -36.07 -11.26 63.81
C MET A 98 -36.07 -12.57 63.04
N VAL A 99 -37.15 -13.32 63.22
CA VAL A 99 -37.39 -14.59 62.56
C VAL A 99 -38.48 -14.19 61.57
N THR A 100 -38.28 -14.50 60.29
CA THR A 100 -39.23 -14.16 59.25
C THR A 100 -39.76 -15.41 58.58
N VAL A 101 -41.08 -15.50 58.45
CA VAL A 101 -41.73 -16.62 57.80
C VAL A 101 -42.32 -15.91 56.60
N ARG A 102 -41.85 -16.24 55.41
CA ARG A 102 -42.33 -15.62 54.20
C ARG A 102 -43.14 -16.53 53.33
N ASP A 103 -43.87 -15.91 52.41
CA ASP A 103 -44.73 -16.60 51.44
C ASP A 103 -45.71 -17.60 52.03
N ILE A 104 -46.41 -17.20 53.10
CA ILE A 104 -47.39 -18.07 53.73
C ILE A 104 -48.61 -18.04 52.80
N THR A 105 -49.10 -19.20 52.39
CA THR A 105 -50.25 -19.26 51.50
C THR A 105 -51.48 -18.74 52.23
N LEU A 106 -52.19 -17.80 51.61
CA LEU A 106 -53.36 -17.22 52.23
C LEU A 106 -54.51 -17.12 51.25
N THR A 107 -55.65 -17.68 51.63
CA THR A 107 -56.85 -17.65 50.81
C THR A 107 -57.95 -17.16 51.73
N SER A 108 -58.57 -16.04 51.37
CA SER A 108 -59.63 -15.44 52.17
C SER A 108 -60.84 -15.03 51.27
N THR A 109 -61.84 -14.35 51.85
CA THR A 109 -63.03 -13.92 51.12
C THR A 109 -63.35 -12.44 51.32
N CYS A 110 -63.46 -11.67 50.24
CA CYS A 110 -63.77 -10.23 50.34
C CYS A 110 -65.22 -10.12 50.74
N GLU A 111 -65.46 -9.72 51.98
CA GLU A 111 -66.79 -9.57 52.55
C GLU A 111 -67.81 -8.70 51.83
N HIS A 112 -67.35 -7.87 50.89
CA HIS A 112 -68.27 -7.02 50.15
C HIS A 112 -68.99 -7.73 48.99
N HIS A 113 -68.46 -8.86 48.54
CA HIS A 113 -69.06 -9.60 47.45
C HIS A 113 -68.93 -11.10 47.64
N PHE A 114 -68.33 -11.50 48.76
CA PHE A 114 -68.12 -12.90 49.07
C PHE A 114 -67.38 -13.63 47.94
N VAL A 115 -66.31 -13.00 47.46
CA VAL A 115 -65.48 -13.55 46.39
C VAL A 115 -64.05 -13.81 46.89
N THR A 116 -63.35 -14.73 46.24
CA THR A 116 -61.99 -15.12 46.59
C THR A 116 -60.92 -14.03 46.65
N ILE A 117 -60.06 -14.13 47.66
CA ILE A 117 -58.93 -13.23 47.86
C ILE A 117 -57.81 -14.26 47.93
N ASP A 118 -56.87 -14.20 47.00
CA ASP A 118 -55.78 -15.15 46.99
C ASP A 118 -54.50 -14.35 47.10
N GLY A 119 -53.69 -14.66 48.09
CA GLY A 119 -52.45 -13.92 48.27
C GLY A 119 -51.45 -14.66 49.11
N LYS A 120 -50.44 -13.92 49.58
CA LYS A 120 -49.38 -14.46 50.42
C LYS A 120 -49.04 -13.48 51.50
N ALA A 121 -48.77 -14.00 52.69
CA ALA A 121 -48.41 -13.19 53.84
C ALA A 121 -46.96 -13.43 54.29
N THR A 122 -46.32 -12.37 54.77
CA THR A 122 -44.96 -12.42 55.26
C THR A 122 -45.09 -11.92 56.67
N VAL A 123 -44.72 -12.77 57.64
CA VAL A 123 -44.80 -12.45 59.07
C VAL A 123 -43.41 -12.52 59.68
N ALA A 124 -43.10 -11.60 60.57
CA ALA A 124 -41.79 -11.58 61.22
C ALA A 124 -41.97 -11.11 62.62
N TYR A 125 -41.08 -11.51 63.50
CA TYR A 125 -41.15 -11.10 64.91
C TYR A 125 -39.78 -11.27 65.55
N ILE A 126 -39.53 -10.54 66.62
CA ILE A 126 -38.27 -10.63 67.34
C ILE A 126 -38.62 -11.37 68.64
N PRO A 127 -38.12 -12.62 68.79
CA PRO A 127 -38.38 -13.44 69.98
C PRO A 127 -38.00 -12.76 71.29
N LYS A 128 -38.87 -12.89 72.28
CA LYS A 128 -38.60 -12.31 73.59
C LYS A 128 -38.34 -13.52 74.49
N ASP A 129 -39.30 -13.90 75.33
CA ASP A 129 -39.12 -15.05 76.22
C ASP A 129 -39.35 -16.39 75.54
N SER A 130 -40.22 -16.44 74.52
CA SER A 130 -40.48 -17.69 73.82
C SER A 130 -40.46 -17.59 72.30
N VAL A 131 -40.21 -18.74 71.67
CA VAL A 131 -40.15 -18.90 70.23
C VAL A 131 -41.36 -19.76 69.90
N ILE A 132 -42.08 -19.41 68.84
CA ILE A 132 -43.27 -20.15 68.43
C ILE A 132 -42.94 -21.14 67.33
N GLY A 133 -43.68 -22.25 67.27
CA GLY A 133 -43.45 -23.23 66.23
C GLY A 133 -43.83 -22.60 64.90
N LEU A 134 -42.92 -22.61 63.94
CA LEU A 134 -43.16 -22.02 62.62
C LEU A 134 -44.53 -22.36 62.02
N SER A 135 -44.91 -23.64 62.06
CA SER A 135 -46.21 -24.06 61.53
C SER A 135 -47.36 -23.28 62.16
N LYS A 136 -47.27 -23.01 63.46
CA LYS A 136 -48.29 -22.27 64.18
C LYS A 136 -48.56 -20.92 63.53
N ILE A 137 -47.51 -20.25 63.05
CA ILE A 137 -47.67 -18.95 62.40
C ILE A 137 -48.55 -19.12 61.18
N ASN A 138 -48.27 -20.11 60.36
CA ASN A 138 -49.09 -20.35 59.16
C ASN A 138 -50.54 -20.66 59.56
N ARG A 139 -50.72 -21.44 60.63
CA ARG A 139 -52.06 -21.78 61.10
C ARG A 139 -52.86 -20.58 61.58
N ILE A 140 -52.23 -19.68 62.33
CA ILE A 140 -52.91 -18.48 62.82
C ILE A 140 -53.34 -17.63 61.62
N VAL A 141 -52.45 -17.50 60.63
CA VAL A 141 -52.77 -16.73 59.42
C VAL A 141 -53.99 -17.35 58.75
N GLN A 142 -53.97 -18.66 58.58
CA GLN A 142 -55.08 -19.37 57.95
C GLN A 142 -56.40 -19.14 58.71
N PHE A 143 -56.35 -19.26 60.03
CA PHE A 143 -57.52 -19.07 60.89
C PHE A 143 -58.22 -17.75 60.56
N PHE A 144 -57.52 -16.63 60.72
CA PHE A 144 -58.13 -15.35 60.44
C PHE A 144 -58.45 -15.12 58.99
N ALA A 145 -57.81 -15.88 58.11
CA ALA A 145 -58.06 -15.76 56.68
C ALA A 145 -59.43 -16.37 56.38
N GLN A 146 -59.77 -17.44 57.11
CA GLN A 146 -61.05 -18.16 56.95
C GLN A 146 -62.22 -17.38 57.58
N ARG A 147 -62.46 -16.17 57.09
CA ARG A 147 -63.54 -15.30 57.59
C ARG A 147 -63.86 -14.30 56.50
N PRO A 148 -65.07 -13.69 56.54
CA PRO A 148 -65.38 -12.71 55.51
C PRO A 148 -64.44 -11.59 55.95
N GLN A 149 -63.50 -11.21 55.09
CA GLN A 149 -62.53 -10.17 55.41
C GLN A 149 -62.49 -8.96 54.53
N VAL A 150 -61.64 -8.06 54.95
CA VAL A 150 -61.31 -6.78 54.32
C VAL A 150 -59.83 -6.89 54.67
N GLN A 151 -58.98 -6.97 53.66
CA GLN A 151 -57.54 -7.12 53.86
C GLN A 151 -56.98 -6.21 54.96
N GLU A 152 -57.47 -4.96 55.03
CA GLU A 152 -57.02 -4.00 56.03
C GLU A 152 -57.22 -4.54 57.44
N ARG A 153 -58.35 -5.21 57.65
CA ARG A 153 -58.67 -5.78 58.96
C ARG A 153 -57.86 -7.06 59.18
N LEU A 154 -57.86 -7.95 58.19
CA LEU A 154 -57.12 -9.23 58.26
C LEU A 154 -55.70 -9.05 58.76
N THR A 155 -54.97 -8.15 58.13
CA THR A 155 -53.60 -7.84 58.49
C THR A 155 -53.51 -7.43 59.98
N GLN A 156 -54.39 -6.52 60.41
CA GLN A 156 -54.43 -6.05 61.80
C GLN A 156 -54.67 -7.19 62.77
N GLN A 157 -55.66 -8.02 62.46
CA GLN A 157 -56.02 -9.15 63.29
C GLN A 157 -54.86 -10.10 63.51
N ILE A 158 -54.19 -10.51 62.43
CA ILE A 158 -53.05 -11.42 62.54
C ILE A 158 -51.96 -10.80 63.42
N LEU A 159 -51.70 -9.50 63.24
CA LEU A 159 -50.70 -8.78 64.03
C LEU A 159 -51.00 -8.91 65.51
N ILE A 160 -52.19 -8.48 65.91
CA ILE A 160 -52.59 -8.55 67.31
C ILE A 160 -52.57 -9.96 67.89
N ALA A 161 -53.14 -10.92 67.16
CA ALA A 161 -53.15 -12.31 67.61
C ALA A 161 -51.73 -12.75 67.95
N LEU A 162 -50.79 -12.49 67.04
CA LEU A 162 -49.40 -12.87 67.27
C LEU A 162 -48.78 -12.13 68.44
N GLN A 163 -48.98 -10.82 68.52
CA GLN A 163 -48.44 -10.02 69.62
C GLN A 163 -48.86 -10.60 70.96
N THR A 164 -50.16 -10.89 71.07
CA THR A 164 -50.75 -11.46 72.28
C THR A 164 -50.09 -12.80 72.66
N LEU A 165 -50.07 -13.74 71.72
CA LEU A 165 -49.47 -15.06 71.97
C LEU A 165 -47.97 -15.08 72.24
N LEU A 166 -47.21 -14.25 71.53
CA LEU A 166 -45.77 -14.20 71.71
C LEU A 166 -45.34 -13.33 72.89
N GLY A 167 -46.22 -12.44 73.32
CA GLY A 167 -45.90 -11.57 74.44
C GLY A 167 -44.84 -10.56 74.06
N THR A 168 -44.94 -10.04 72.83
CA THR A 168 -43.99 -9.06 72.31
C THR A 168 -44.78 -8.20 71.33
N ASN A 169 -44.51 -6.91 71.30
CA ASN A 169 -45.19 -6.03 70.36
C ASN A 169 -44.39 -6.00 69.07
N ASN A 170 -43.18 -6.55 69.12
CA ASN A 170 -42.29 -6.60 67.97
C ASN A 170 -42.72 -7.68 67.00
N VAL A 171 -43.78 -7.40 66.28
CA VAL A 171 -44.32 -8.32 65.27
C VAL A 171 -44.61 -7.46 64.06
N ALA A 172 -44.49 -8.03 62.88
CA ALA A 172 -44.77 -7.30 61.64
C ALA A 172 -45.47 -8.24 60.69
N VAL A 173 -46.53 -7.76 60.05
CA VAL A 173 -47.28 -8.58 59.11
C VAL A 173 -47.49 -7.77 57.84
N SER A 174 -47.25 -8.42 56.70
CA SER A 174 -47.43 -7.80 55.41
C SER A 174 -48.17 -8.83 54.59
N ILE A 175 -49.21 -8.41 53.87
CA ILE A 175 -50.01 -9.31 53.04
C ILE A 175 -50.16 -8.70 51.67
N ASP A 176 -49.89 -9.50 50.66
CA ASP A 176 -49.99 -9.06 49.27
C ASP A 176 -51.00 -10.04 48.68
N ALA A 177 -52.12 -9.53 48.15
CA ALA A 177 -53.16 -10.38 47.59
C ALA A 177 -53.92 -9.83 46.39
N VAL A 178 -54.47 -10.74 45.61
CA VAL A 178 -55.26 -10.42 44.43
C VAL A 178 -56.70 -10.62 44.85
N HIS A 179 -57.54 -9.64 44.55
CA HIS A 179 -58.95 -9.73 44.91
C HIS A 179 -59.77 -10.03 43.67
N TYR A 180 -60.47 -11.17 43.65
CA TYR A 180 -61.29 -11.48 42.48
C TYR A 180 -62.53 -10.61 42.44
N CYS A 181 -62.73 -9.86 43.54
CA CYS A 181 -63.81 -8.90 43.70
C CYS A 181 -63.54 -7.83 42.63
N VAL A 182 -62.24 -7.60 42.38
CA VAL A 182 -61.72 -6.63 41.41
C VAL A 182 -61.39 -7.23 40.04
N LYS A 183 -60.81 -8.43 40.04
CA LYS A 183 -60.43 -9.10 38.82
C LYS A 183 -61.51 -9.83 38.05
N ALA A 184 -62.25 -10.70 38.75
CA ALA A 184 -63.31 -11.51 38.14
C ALA A 184 -64.57 -10.81 37.74
N ARG A 185 -64.78 -9.60 38.24
CA ARG A 185 -65.99 -8.87 37.95
C ARG A 185 -65.79 -7.39 38.21
N GLY A 186 -66.82 -6.58 37.98
CA GLY A 186 -66.69 -5.15 38.21
C GLY A 186 -65.78 -4.53 37.19
N ILE A 187 -64.72 -3.88 37.64
CA ILE A 187 -63.78 -3.25 36.71
C ILE A 187 -62.93 -4.28 35.95
N ARG A 188 -62.84 -5.49 36.49
CA ARG A 188 -62.09 -6.59 35.87
C ARG A 188 -60.63 -6.27 35.55
N ASP A 189 -59.91 -5.74 36.54
CA ASP A 189 -58.51 -5.40 36.37
C ASP A 189 -57.76 -6.70 36.56
N ALA A 190 -57.18 -7.21 35.48
CA ALA A 190 -56.43 -8.47 35.50
C ALA A 190 -55.01 -8.44 36.08
N THR A 191 -54.47 -7.27 36.37
CA THR A 191 -53.11 -7.20 36.90
C THR A 191 -52.85 -6.62 38.29
N SER A 192 -53.74 -5.78 38.80
CA SER A 192 -53.53 -5.20 40.12
C SER A 192 -53.55 -6.15 41.31
N ALA A 193 -52.76 -5.82 42.32
CA ALA A 193 -52.67 -6.59 43.56
C ALA A 193 -52.55 -5.56 44.65
N THR A 194 -53.07 -5.87 45.84
CA THR A 194 -53.05 -4.95 46.97
C THR A 194 -52.09 -5.44 48.03
N THR A 195 -51.37 -4.50 48.64
CA THR A 195 -50.41 -4.81 49.69
C THR A 195 -50.75 -3.95 50.88
N THR A 196 -50.86 -4.59 52.04
CA THR A 196 -51.17 -3.91 53.29
C THR A 196 -50.20 -4.44 54.33
N THR A 197 -49.73 -3.57 55.21
CA THR A 197 -48.80 -3.99 56.25
C THR A 197 -49.25 -3.38 57.56
N SER A 198 -48.90 -4.05 58.65
CA SER A 198 -49.22 -3.58 59.99
C SER A 198 -47.94 -3.90 60.74
N LEU A 199 -47.38 -2.89 61.40
CA LEU A 199 -46.12 -3.02 62.13
C LEU A 199 -46.28 -2.71 63.61
N GLY A 200 -45.72 -3.55 64.45
CA GLY A 200 -45.78 -3.33 65.87
C GLY A 200 -44.37 -3.18 66.44
N GLY A 201 -44.28 -2.62 67.64
CA GLY A 201 -43.01 -2.43 68.31
C GLY A 201 -41.92 -1.78 67.49
N LEU A 202 -40.72 -2.33 67.57
CA LEU A 202 -39.54 -1.84 66.86
C LEU A 202 -39.77 -1.71 65.36
N PHE A 203 -40.60 -2.58 64.79
CA PHE A 203 -40.89 -2.57 63.36
C PHE A 203 -41.57 -1.28 62.92
N LYS A 204 -42.06 -0.52 63.88
CA LYS A 204 -42.73 0.73 63.57
C LYS A 204 -41.88 1.87 64.09
N SER A 205 -41.31 1.68 65.28
CA SER A 205 -40.46 2.69 65.91
C SER A 205 -39.11 2.84 65.22
N SER A 206 -38.32 1.77 65.27
CA SER A 206 -37.00 1.72 64.68
C SER A 206 -37.04 1.69 63.17
N GLN A 207 -36.59 2.77 62.54
CA GLN A 207 -36.56 2.87 61.08
C GLN A 207 -35.65 1.80 60.53
N ASN A 208 -34.59 1.48 61.29
CA ASN A 208 -33.61 0.46 60.93
C ASN A 208 -34.29 -0.91 60.81
N THR A 209 -34.97 -1.32 61.87
CA THR A 209 -35.68 -2.58 61.94
C THR A 209 -36.83 -2.62 60.92
N ARG A 210 -37.55 -1.52 60.83
CA ARG A 210 -38.68 -1.36 59.94
C ARG A 210 -38.28 -1.66 58.50
N HIS A 211 -37.24 -0.98 58.03
CA HIS A 211 -36.77 -1.18 56.67
C HIS A 211 -36.18 -2.55 56.41
N GLU A 212 -35.51 -3.14 57.40
CA GLU A 212 -34.94 -4.49 57.23
C GLU A 212 -36.08 -5.45 56.90
N PHE A 213 -37.21 -5.28 57.61
CA PHE A 213 -38.37 -6.12 57.37
C PHE A 213 -38.98 -5.84 56.00
N LEU A 214 -39.27 -4.56 55.75
CA LEU A 214 -39.85 -4.15 54.48
C LEU A 214 -39.02 -4.60 53.27
N ARG A 215 -37.69 -4.52 53.39
CA ARG A 215 -36.79 -4.94 52.32
C ARG A 215 -36.93 -6.44 52.06
N ALA A 216 -37.21 -7.21 53.11
CA ALA A 216 -37.38 -8.65 52.99
C ALA A 216 -38.73 -9.05 52.40
N VAL A 217 -39.73 -8.22 52.62
CA VAL A 217 -41.08 -8.45 52.12
C VAL A 217 -41.17 -8.66 50.62
N ARG A 218 -41.99 -9.65 50.26
CA ARG A 218 -42.28 -10.05 48.86
C ARG A 218 -41.14 -10.73 48.10
N HIS A 219 -41.53 -11.68 47.26
CA HIS A 219 -40.62 -12.43 46.41
C HIS A 219 -41.32 -12.57 45.06
N HIS A 220 -40.97 -13.56 44.25
CA HIS A 220 -41.61 -13.73 42.95
C HIS A 220 -42.09 -15.16 42.77
N ASN A 221 -43.25 -15.29 42.13
CA ASN A 221 -43.88 -16.59 41.86
C ASN A 221 -44.05 -17.42 43.13
N PRO B 1 -79.23 13.55 40.42
CA PRO B 1 -79.92 14.44 39.49
C PRO B 1 -79.07 14.86 38.30
N SER B 2 -77.76 14.77 38.45
CA SER B 2 -76.80 15.13 37.40
C SER B 2 -75.45 14.58 37.83
N LEU B 3 -74.69 15.35 38.63
CA LEU B 3 -73.38 14.92 39.10
C LEU B 3 -73.51 14.54 40.56
N SER B 4 -72.80 13.50 40.97
CA SER B 4 -72.83 13.06 42.37
C SER B 4 -72.02 14.05 43.20
N LYS B 5 -72.16 13.99 44.52
CA LYS B 5 -71.41 14.89 45.39
C LYS B 5 -69.92 14.72 45.11
N GLU B 6 -69.49 13.46 44.98
CA GLU B 6 -68.11 13.12 44.70
C GLU B 6 -67.64 13.73 43.39
N ALA B 7 -68.36 13.46 42.30
CA ALA B 7 -67.98 14.01 41.01
C ALA B 7 -67.80 15.52 41.07
N ALA B 8 -68.75 16.19 41.73
CA ALA B 8 -68.72 17.66 41.87
C ALA B 8 -67.46 18.10 42.61
N LEU B 9 -67.24 17.54 43.81
CA LEU B 9 -66.07 17.85 44.63
C LEU B 9 -64.77 17.73 43.83
N VAL B 10 -64.53 16.55 43.26
CA VAL B 10 -63.34 16.27 42.46
C VAL B 10 -63.18 17.28 41.34
N HIS B 11 -64.26 17.52 40.58
CA HIS B 11 -64.20 18.48 39.49
C HIS B 11 -63.79 19.86 39.97
N GLU B 12 -64.36 20.32 41.08
CA GLU B 12 -64.04 21.61 41.66
C GLU B 12 -62.58 21.67 42.07
N ALA B 13 -62.14 20.64 42.79
CA ALA B 13 -60.75 20.53 43.27
C ALA B 13 -59.80 20.70 42.11
N LEU B 14 -60.06 19.97 41.03
CA LEU B 14 -59.21 20.04 39.85
C LEU B 14 -59.21 21.43 39.24
N VAL B 15 -60.38 22.03 39.10
CA VAL B 15 -60.49 23.38 38.53
C VAL B 15 -59.73 24.39 39.41
N ALA B 16 -59.88 24.26 40.72
CA ALA B 16 -59.22 25.14 41.69
C ALA B 16 -57.72 25.13 41.49
N ARG B 17 -57.14 23.93 41.43
CA ARG B 17 -55.70 23.76 41.22
C ARG B 17 -55.29 24.06 39.78
N GLY B 18 -56.26 24.16 38.88
CA GLY B 18 -55.94 24.43 37.49
C GLY B 18 -55.38 23.19 36.80
N LEU B 19 -55.80 22.03 37.30
CA LEU B 19 -55.35 20.76 36.75
C LEU B 19 -56.40 20.03 35.93
N GLU B 20 -57.51 20.70 35.65
CA GLU B 20 -58.56 20.09 34.85
C GLU B 20 -58.16 20.00 33.39
N THR B 21 -58.73 19.05 32.68
CA THR B 21 -58.44 18.88 31.26
C THR B 21 -59.00 20.10 30.54
N PRO B 22 -58.25 20.68 29.60
CA PRO B 22 -58.70 21.87 28.86
C PRO B 22 -60.04 21.64 28.18
N LEU B 23 -61.12 22.08 28.83
CA LEU B 23 -62.45 21.92 28.28
C LEU B 23 -63.16 23.25 28.11
N ARG B 24 -64.03 23.31 27.11
CA ARG B 24 -64.83 24.50 26.82
C ARG B 24 -66.26 24.08 27.14
N PRO B 25 -67.06 25.00 27.70
CA PRO B 25 -68.45 24.64 28.02
C PRO B 25 -69.21 24.28 26.74
N PRO B 26 -70.12 23.29 26.82
CA PRO B 26 -70.90 22.87 25.65
C PRO B 26 -71.59 24.04 24.97
N VAL B 27 -71.13 24.31 23.75
CA VAL B 27 -71.66 25.40 22.91
C VAL B 27 -73.19 25.33 22.79
N HIS B 28 -73.73 24.12 22.73
CA HIS B 28 -75.16 23.87 22.63
C HIS B 28 -75.45 22.49 23.19
N GLU B 29 -76.59 22.35 23.84
CA GLU B 29 -76.98 21.07 24.42
C GLU B 29 -77.32 20.06 23.31
N MET B 30 -76.33 19.24 22.94
CA MET B 30 -76.53 18.23 21.91
C MET B 30 -76.60 16.88 22.57
N ASP B 31 -77.37 15.97 21.97
CA ASP B 31 -77.49 14.61 22.52
C ASP B 31 -76.19 13.94 22.13
N ASN B 32 -75.71 13.01 22.94
CA ASN B 32 -74.48 12.30 22.60
C ASN B 32 -74.70 11.65 21.24
N GLU B 33 -75.95 11.29 20.95
CA GLU B 33 -76.36 10.67 19.69
C GLU B 33 -76.05 11.58 18.51
N THR B 34 -76.42 12.85 18.62
CA THR B 34 -76.17 13.80 17.54
C THR B 34 -74.68 14.08 17.41
N ARG B 35 -73.98 14.14 18.55
CA ARG B 35 -72.54 14.38 18.52
C ARG B 35 -71.87 13.22 17.80
N LYS B 36 -72.25 11.99 18.17
CA LYS B 36 -71.69 10.81 17.55
C LYS B 36 -71.88 10.87 16.05
N SER B 37 -73.10 11.14 15.62
CA SER B 37 -73.37 11.21 14.20
C SER B 37 -72.53 12.27 13.52
N LEU B 38 -72.39 13.43 14.16
CA LEU B 38 -71.58 14.49 13.56
C LEU B 38 -70.12 14.07 13.43
N ILE B 39 -69.59 13.44 14.49
CA ILE B 39 -68.21 12.97 14.51
C ILE B 39 -68.02 11.92 13.41
N ALA B 40 -69.00 11.02 13.29
CA ALA B 40 -68.99 9.96 12.29
C ALA B 40 -68.86 10.60 10.92
N GLY B 41 -69.64 11.66 10.70
CA GLY B 41 -69.60 12.37 9.44
C GLY B 41 -68.21 12.88 9.12
N HIS B 42 -67.57 13.56 10.07
CA HIS B 42 -66.23 14.09 9.84
C HIS B 42 -65.26 12.96 9.58
N MET B 43 -65.43 11.83 10.25
CA MET B 43 -64.56 10.68 10.03
C MET B 43 -64.73 10.16 8.62
N THR B 44 -65.98 10.07 8.15
CA THR B 44 -66.29 9.60 6.79
C THR B 44 -65.48 10.44 5.79
N GLU B 45 -65.50 11.76 5.99
CA GLU B 45 -64.77 12.65 5.13
C GLU B 45 -63.27 12.38 5.20
N ILE B 46 -62.73 12.23 6.41
CA ILE B 46 -61.29 11.97 6.57
C ILE B 46 -60.90 10.69 5.84
N MET B 47 -61.65 9.61 6.06
CA MET B 47 -61.39 8.34 5.43
C MET B 47 -61.42 8.49 3.91
N GLN B 48 -62.36 9.28 3.41
CA GLN B 48 -62.46 9.51 1.97
C GLN B 48 -61.23 10.27 1.48
N LEU B 49 -60.76 11.24 2.27
CA LEU B 49 -59.56 12.02 1.90
C LEU B 49 -58.35 11.08 1.85
N LEU B 50 -58.41 10.01 2.63
CA LEU B 50 -57.34 9.00 2.68
C LEU B 50 -57.52 7.98 1.54
N ASN B 51 -58.58 8.17 0.76
CA ASN B 51 -58.93 7.33 -0.40
C ASN B 51 -59.40 5.94 -0.06
N LEU B 52 -59.91 5.75 1.14
CA LEU B 52 -60.40 4.44 1.54
C LEU B 52 -61.78 4.18 0.94
N ASP B 53 -61.96 3.00 0.36
CA ASP B 53 -63.23 2.63 -0.25
C ASP B 53 -64.23 2.28 0.84
N LEU B 54 -64.99 3.28 1.28
CA LEU B 54 -66.00 3.08 2.32
C LEU B 54 -67.16 2.14 1.97
N ALA B 55 -67.14 1.62 0.76
CA ALA B 55 -68.20 0.70 0.33
C ALA B 55 -67.88 -0.72 0.82
N ASP B 56 -66.61 -0.95 1.18
CA ASP B 56 -66.14 -2.24 1.66
C ASP B 56 -66.81 -2.56 2.99
N ASP B 57 -67.41 -3.75 3.08
CA ASP B 57 -68.10 -4.18 4.29
C ASP B 57 -67.32 -3.94 5.58
N SER B 58 -66.03 -4.25 5.56
CA SER B 58 -65.17 -4.08 6.72
C SER B 58 -64.93 -2.61 7.14
N LEU B 59 -64.86 -1.70 6.18
CA LEU B 59 -64.63 -0.29 6.45
C LEU B 59 -65.89 0.53 6.63
N MET B 60 -66.96 0.05 6.04
CA MET B 60 -68.27 0.69 6.08
C MET B 60 -68.72 1.28 7.44
N GLU B 61 -68.73 0.46 8.48
CA GLU B 61 -69.14 0.91 9.80
C GLU B 61 -68.10 1.65 10.65
N THR B 62 -66.86 1.73 10.16
CA THR B 62 -65.80 2.39 10.92
C THR B 62 -66.10 3.81 11.43
N PRO B 63 -66.58 4.72 10.56
CA PRO B 63 -66.86 6.09 11.03
C PRO B 63 -67.77 6.09 12.26
N HIS B 64 -68.74 5.19 12.28
CA HIS B 64 -69.66 5.09 13.41
C HIS B 64 -68.94 4.50 14.62
N ARG B 65 -68.21 3.41 14.41
CA ARG B 65 -67.46 2.76 15.48
C ARG B 65 -66.50 3.72 16.16
N ILE B 66 -65.79 4.52 15.38
CA ILE B 66 -64.86 5.49 15.93
C ILE B 66 -65.62 6.51 16.76
N ALA B 67 -66.68 7.07 16.19
CA ALA B 67 -67.51 8.08 16.85
C ALA B 67 -67.99 7.58 18.21
N LYS B 68 -68.53 6.36 18.26
CA LYS B 68 -69.01 5.78 19.50
C LYS B 68 -67.85 5.59 20.47
N MET B 69 -66.71 5.10 19.97
CA MET B 69 -65.52 4.88 20.79
C MET B 69 -65.11 6.15 21.50
N TYR B 70 -65.05 7.24 20.75
CA TYR B 70 -64.68 8.54 21.29
C TYR B 70 -65.63 9.01 22.38
N VAL B 71 -66.89 9.21 22.01
CA VAL B 71 -67.91 9.68 22.94
C VAL B 71 -68.22 8.76 24.12
N ASP B 72 -68.44 7.48 23.84
CA ASP B 72 -68.78 6.52 24.88
C ASP B 72 -67.66 5.80 25.58
N GLU B 73 -66.57 5.53 24.87
CA GLU B 73 -65.47 4.80 25.48
C GLU B 73 -64.20 5.54 25.86
N ILE B 74 -63.22 5.58 24.96
CA ILE B 74 -61.94 6.22 25.25
C ILE B 74 -61.91 7.66 25.77
N PHE B 75 -62.95 8.46 25.53
CA PHE B 75 -62.95 9.83 26.02
C PHE B 75 -64.12 10.06 26.97
N SER B 76 -64.68 8.97 27.51
CA SER B 76 -65.82 9.09 28.42
C SER B 76 -65.47 9.81 29.71
N GLY B 77 -64.19 9.82 30.05
CA GLY B 77 -63.73 10.48 31.26
C GLY B 77 -63.97 11.97 31.30
N LEU B 78 -64.17 12.56 30.11
CA LEU B 78 -64.41 13.99 30.00
C LEU B 78 -65.79 14.40 30.55
N ASP B 79 -66.68 13.43 30.71
CA ASP B 79 -68.03 13.68 31.22
C ASP B 79 -68.14 13.14 32.63
N TYR B 80 -68.27 14.05 33.59
CA TYR B 80 -68.38 13.65 35.00
C TYR B 80 -69.64 12.87 35.36
N ALA B 81 -70.52 12.67 34.38
CA ALA B 81 -71.73 11.92 34.62
C ALA B 81 -71.31 10.44 34.64
N ASN B 82 -70.07 10.17 34.22
CA ASN B 82 -69.50 8.81 34.18
C ASN B 82 -68.57 8.52 35.37
N PHE B 83 -68.45 9.48 36.27
CA PHE B 83 -67.59 9.32 37.44
C PHE B 83 -68.13 8.14 38.24
N PRO B 84 -67.25 7.26 38.73
CA PRO B 84 -67.66 6.09 39.52
C PRO B 84 -68.33 6.42 40.85
N LYS B 85 -69.10 5.47 41.37
CA LYS B 85 -69.78 5.65 42.64
C LYS B 85 -68.74 5.26 43.68
N ILE B 86 -68.43 6.16 44.61
CA ILE B 86 -67.44 5.90 45.64
C ILE B 86 -68.02 5.32 46.93
N THR B 87 -67.43 4.21 47.38
CA THR B 87 -67.86 3.56 48.62
C THR B 87 -66.71 3.64 49.61
N LEU B 88 -66.97 4.21 50.79
CA LEU B 88 -65.95 4.34 51.81
C LEU B 88 -66.48 3.70 53.09
N ILE B 89 -65.61 2.96 53.78
CA ILE B 89 -66.02 2.33 55.02
C ILE B 89 -65.21 3.01 56.13
N GLU B 90 -65.75 3.04 57.33
CA GLU B 90 -65.10 3.66 58.48
C GLU B 90 -63.84 2.88 58.81
N ASN B 91 -62.74 3.61 59.00
CA ASN B 91 -61.46 3.00 59.33
C ASN B 91 -61.44 2.54 60.79
N LYS B 92 -62.30 1.57 61.10
CA LYS B 92 -62.39 1.02 62.45
C LYS B 92 -61.17 0.15 62.70
N MET B 93 -60.56 -0.35 61.62
CA MET B 93 -59.37 -1.21 61.72
C MET B 93 -58.21 -0.41 62.30
N LYS B 94 -58.34 0.91 62.27
CA LYS B 94 -57.34 1.83 62.76
C LYS B 94 -56.01 1.61 62.02
N VAL B 95 -56.10 1.62 60.70
CA VAL B 95 -54.96 1.44 59.83
C VAL B 95 -54.18 2.76 59.82
N ASP B 96 -52.89 2.68 60.10
CA ASP B 96 -52.04 3.87 60.10
C ASP B 96 -50.89 3.72 59.13
N GLU B 97 -50.80 2.56 58.49
CA GLU B 97 -49.75 2.26 57.50
C GLU B 97 -50.38 2.38 56.12
N MET B 98 -49.56 2.64 55.11
CA MET B 98 -50.08 2.80 53.76
C MET B 98 -50.61 1.54 53.12
N VAL B 99 -51.66 1.72 52.32
CA VAL B 99 -52.30 0.66 51.59
C VAL B 99 -51.85 0.95 50.17
N THR B 100 -51.26 -0.05 49.52
CA THR B 100 -50.76 0.10 48.15
C THR B 100 -51.49 -0.82 47.19
N VAL B 101 -51.99 -0.26 46.10
CA VAL B 101 -52.67 -1.01 45.07
C VAL B 101 -51.70 -0.83 43.94
N ARG B 102 -51.06 -1.92 43.53
CA ARG B 102 -50.08 -1.87 42.46
C ARG B 102 -50.54 -2.53 41.17
N ASP B 103 -49.87 -2.19 40.08
CA ASP B 103 -50.12 -2.72 38.76
C ASP B 103 -51.54 -2.55 38.23
N ILE B 104 -52.11 -1.37 38.43
CA ILE B 104 -53.45 -1.06 37.97
C ILE B 104 -53.33 -0.88 36.45
N THR B 105 -54.11 -1.63 35.69
CA THR B 105 -54.07 -1.54 34.24
C THR B 105 -54.54 -0.17 33.83
N LEU B 106 -53.75 0.52 33.01
CA LEU B 106 -54.09 1.85 32.56
C LEU B 106 -53.90 1.99 31.07
N THR B 107 -54.94 2.46 30.39
CA THR B 107 -54.90 2.68 28.95
C THR B 107 -55.47 4.09 28.74
N SER B 108 -54.66 4.97 28.14
CA SER B 108 -55.05 6.35 27.90
C SER B 108 -54.68 6.75 26.45
N THR B 109 -54.80 8.04 26.14
CA THR B 109 -54.50 8.54 24.80
C THR B 109 -53.62 9.80 24.84
N CYS B 110 -52.49 9.83 24.14
CA CYS B 110 -51.62 10.99 24.13
C CYS B 110 -52.29 12.06 23.26
N GLU B 111 -52.79 13.11 23.90
CA GLU B 111 -53.50 14.21 23.23
C GLU B 111 -52.81 14.94 22.09
N HIS B 112 -51.50 14.77 21.94
CA HIS B 112 -50.77 15.43 20.87
C HIS B 112 -50.91 14.73 19.52
N HIS B 113 -51.29 13.45 19.54
CA HIS B 113 -51.46 12.67 18.31
C HIS B 113 -52.65 11.73 18.39
N PHE B 114 -53.31 11.70 19.55
CA PHE B 114 -54.45 10.83 19.78
C PHE B 114 -54.08 9.36 19.56
N VAL B 115 -52.95 8.95 20.10
CA VAL B 115 -52.46 7.59 19.98
C VAL B 115 -52.40 6.92 21.38
N THR B 116 -52.50 5.60 21.39
CA THR B 116 -52.49 4.82 22.61
C THR B 116 -51.33 5.01 23.58
N ILE B 117 -51.67 5.04 24.86
CA ILE B 117 -50.73 5.16 25.97
C ILE B 117 -51.13 3.91 26.76
N ASP B 118 -50.21 2.96 26.90
CA ASP B 118 -50.51 1.75 27.62
C ASP B 118 -49.51 1.62 28.74
N GLY B 119 -49.99 1.50 29.97
CA GLY B 119 -49.09 1.39 31.10
C GLY B 119 -49.78 0.85 32.34
N LYS B 120 -49.12 1.04 33.48
CA LYS B 120 -49.61 0.58 34.77
C LYS B 120 -49.39 1.64 35.81
N ALA B 121 -50.34 1.76 36.75
CA ALA B 121 -50.26 2.75 37.82
C ALA B 121 -50.18 2.05 39.17
N THR B 122 -49.50 2.69 40.11
CA THR B 122 -49.33 2.17 41.46
C THR B 122 -49.83 3.34 42.30
N VAL B 123 -50.84 3.09 43.11
CA VAL B 123 -51.44 4.10 43.98
C VAL B 123 -51.30 3.63 45.40
N ALA B 124 -51.00 4.55 46.31
CA ALA B 124 -50.87 4.21 47.72
C ALA B 124 -51.37 5.38 48.53
N TYR B 125 -51.90 5.10 49.72
CA TYR B 125 -52.42 6.15 50.59
C TYR B 125 -52.45 5.65 52.02
N ILE B 126 -52.44 6.57 52.97
CA ILE B 126 -52.48 6.22 54.39
C ILE B 126 -53.89 6.59 54.86
N PRO B 127 -54.71 5.58 55.20
CA PRO B 127 -56.08 5.78 55.66
C PRO B 127 -56.19 6.73 56.83
N LYS B 128 -57.09 7.69 56.75
CA LYS B 128 -57.29 8.61 57.85
C LYS B 128 -58.59 8.16 58.52
N ASP B 129 -59.71 8.82 58.22
CA ASP B 129 -60.98 8.43 58.83
C ASP B 129 -61.69 7.30 58.07
N SER B 130 -61.50 7.22 56.76
CA SER B 130 -62.15 6.17 55.97
C SER B 130 -61.22 5.42 55.02
N VAL B 131 -61.59 4.17 54.74
CA VAL B 131 -60.87 3.26 53.87
C VAL B 131 -61.75 3.12 52.64
N ILE B 132 -61.15 3.24 51.46
CA ILE B 132 -61.89 3.15 50.19
C ILE B 132 -61.91 1.74 49.63
N GLY B 133 -62.94 1.41 48.86
CA GLY B 133 -63.03 0.09 48.26
C GLY B 133 -61.92 -0.01 47.21
N LEU B 134 -61.08 -1.04 47.32
CA LEU B 134 -59.97 -1.23 46.38
C LEU B 134 -60.34 -1.03 44.91
N SER B 135 -61.45 -1.64 44.49
CA SER B 135 -61.91 -1.50 43.10
C SER B 135 -62.12 -0.04 42.71
N LYS B 136 -62.62 0.77 43.64
CA LYS B 136 -62.87 2.19 43.37
C LYS B 136 -61.59 2.89 42.93
N ILE B 137 -60.45 2.51 43.50
CA ILE B 137 -59.17 3.11 43.14
C ILE B 137 -58.90 2.84 41.66
N ASN B 138 -59.06 1.58 41.27
CA ASN B 138 -58.85 1.20 39.88
C ASN B 138 -59.81 1.98 38.98
N ARG B 139 -61.06 2.14 39.42
CA ARG B 139 -62.05 2.86 38.63
C ARG B 139 -61.73 4.34 38.43
N ILE B 140 -61.27 5.00 39.48
CA ILE B 140 -60.91 6.41 39.41
C ILE B 140 -59.76 6.57 38.41
N VAL B 141 -58.78 5.66 38.49
CA VAL B 141 -57.64 5.70 37.58
C VAL B 141 -58.15 5.59 36.13
N GLN B 142 -59.00 4.60 35.88
CA GLN B 142 -59.55 4.41 34.55
C GLN B 142 -60.29 5.65 34.08
N PHE B 143 -61.11 6.25 34.95
CA PHE B 143 -61.88 7.46 34.62
C PHE B 143 -61.00 8.52 34.00
N PHE B 144 -60.02 8.98 34.77
CA PHE B 144 -59.11 10.01 34.27
C PHE B 144 -58.28 9.57 33.09
N ALA B 145 -58.03 8.27 32.98
CA ALA B 145 -57.24 7.72 31.87
C ALA B 145 -58.06 7.84 30.59
N GLN B 146 -59.38 7.73 30.71
CA GLN B 146 -60.26 7.81 29.54
C GLN B 146 -60.45 9.27 29.11
N ARG B 147 -59.37 9.93 28.74
CA ARG B 147 -59.38 11.34 28.32
C ARG B 147 -58.15 11.61 27.47
N PRO B 148 -58.17 12.68 26.66
CA PRO B 148 -56.98 12.97 25.85
C PRO B 148 -56.04 13.43 26.97
N GLN B 149 -54.94 12.72 27.17
CA GLN B 149 -54.02 13.07 28.23
C GLN B 149 -52.60 13.44 27.86
N VAL B 150 -51.85 13.73 28.92
CA VAL B 150 -50.45 14.10 28.92
C VAL B 150 -50.18 13.43 30.26
N GLN B 151 -49.33 12.41 30.26
CA GLN B 151 -49.03 11.66 31.47
C GLN B 151 -48.75 12.53 32.70
N GLU B 152 -48.08 13.66 32.51
CA GLU B 152 -47.77 14.56 33.61
C GLU B 152 -49.05 15.06 34.28
N ARG B 153 -50.06 15.34 33.46
CA ARG B 153 -51.33 15.83 33.98
C ARG B 153 -52.14 14.67 34.58
N LEU B 154 -52.25 13.56 33.84
CA LEU B 154 -52.99 12.38 34.31
C LEU B 154 -52.62 11.99 35.73
N THR B 155 -51.32 11.90 36.02
CA THR B 155 -50.82 11.54 37.34
C THR B 155 -51.32 12.55 38.38
N GLN B 156 -51.22 13.84 38.07
CA GLN B 156 -51.68 14.90 38.97
C GLN B 156 -53.16 14.78 39.30
N GLN B 157 -53.97 14.62 38.25
CA GLN B 157 -55.41 14.50 38.39
C GLN B 157 -55.82 13.35 39.30
N ILE B 158 -55.25 12.16 39.08
CA ILE B 158 -55.58 11.02 39.92
C ILE B 158 -55.24 11.34 41.39
N LEU B 159 -54.07 11.93 41.63
CA LEU B 159 -53.63 12.29 42.98
C LEU B 159 -54.65 13.15 43.67
N ILE B 160 -54.99 14.29 43.06
CA ILE B 160 -55.97 15.20 43.63
C ILE B 160 -57.33 14.55 43.83
N ALA B 161 -57.83 13.82 42.84
CA ALA B 161 -59.13 13.16 42.96
C ALA B 161 -59.14 12.29 44.24
N LEU B 162 -58.12 11.46 44.42
CA LEU B 162 -58.03 10.60 45.59
C LEU B 162 -57.89 11.36 46.89
N GLN B 163 -57.09 12.42 46.90
CA GLN B 163 -56.90 13.22 48.11
C GLN B 163 -58.24 13.77 48.55
N THR B 164 -58.97 14.33 47.58
CA THR B 164 -60.28 14.91 47.81
C THR B 164 -61.25 13.87 48.39
N LEU B 165 -61.40 12.73 47.72
CA LEU B 165 -62.30 11.68 48.17
C LEU B 165 -61.95 11.03 49.51
N LEU B 166 -60.67 10.77 49.75
CA LEU B 166 -60.21 10.15 51.00
C LEU B 166 -60.07 11.13 52.14
N GLY B 167 -59.99 12.42 51.82
CA GLY B 167 -59.86 13.41 52.85
C GLY B 167 -58.54 13.32 53.56
N THR B 168 -57.49 13.04 52.78
CA THR B 168 -56.13 12.93 53.29
C THR B 168 -55.23 13.38 52.17
N ASN B 169 -54.16 14.10 52.51
CA ASN B 169 -53.23 14.54 51.49
C ASN B 169 -52.19 13.44 51.30
N ASN B 170 -52.17 12.48 52.21
CA ASN B 170 -51.24 11.36 52.17
C ASN B 170 -51.62 10.35 51.10
N VAL B 171 -51.39 10.73 49.85
CA VAL B 171 -51.68 9.89 48.71
C VAL B 171 -50.47 10.02 47.79
N ALA B 172 -50.17 8.97 47.04
CA ALA B 172 -49.05 8.96 46.13
C ALA B 172 -49.50 8.17 44.92
N VAL B 173 -49.14 8.64 43.74
CA VAL B 173 -49.51 7.98 42.48
C VAL B 173 -48.29 7.96 41.58
N SER B 174 -48.00 6.79 41.02
CA SER B 174 -46.88 6.61 40.11
C SER B 174 -47.42 5.88 38.90
N ILE B 175 -47.10 6.38 37.71
CA ILE B 175 -47.57 5.76 36.46
C ILE B 175 -46.37 5.55 35.55
N ASP B 176 -46.24 4.33 35.04
CA ASP B 176 -45.18 3.93 34.15
C ASP B 176 -45.96 3.53 32.92
N ALA B 177 -45.64 4.11 31.77
CA ALA B 177 -46.35 3.81 30.52
C ALA B 177 -45.53 3.94 29.26
N VAL B 178 -46.00 3.26 28.21
CA VAL B 178 -45.39 3.25 26.90
C VAL B 178 -46.28 4.09 26.02
N HIS B 179 -45.69 5.05 25.32
CA HIS B 179 -46.46 5.92 24.44
C HIS B 179 -46.28 5.51 22.99
N TYR B 180 -47.34 5.06 22.34
CA TYR B 180 -47.21 4.68 20.93
C TYR B 180 -46.95 5.90 20.08
N CYS B 181 -47.13 7.08 20.69
CA CYS B 181 -46.89 8.39 20.08
C CYS B 181 -45.38 8.38 19.72
N VAL B 182 -44.60 7.70 20.56
CA VAL B 182 -43.14 7.56 20.44
C VAL B 182 -42.71 6.26 19.77
N LYS B 183 -43.39 5.17 20.11
CA LYS B 183 -43.06 3.85 19.57
C LYS B 183 -43.51 3.53 18.16
N ALA B 184 -44.81 3.67 17.93
CA ALA B 184 -45.41 3.35 16.64
C ALA B 184 -45.14 4.31 15.50
N ARG B 185 -44.64 5.49 15.81
CA ARG B 185 -44.39 6.48 14.79
C ARG B 185 -43.32 7.47 15.25
N GLY B 186 -43.01 8.48 14.44
CA GLY B 186 -42.01 9.47 14.81
C GLY B 186 -40.63 8.86 14.90
N ILE B 187 -40.01 8.96 16.08
CA ILE B 187 -38.68 8.38 16.27
C ILE B 187 -38.71 6.85 16.35
N ARG B 188 -39.89 6.29 16.60
CA ARG B 188 -40.10 4.85 16.69
C ARG B 188 -39.17 4.11 17.64
N ASP B 189 -39.08 4.61 18.87
CA ASP B 189 -38.22 3.98 19.88
C ASP B 189 -39.02 2.81 20.45
N ALA B 190 -38.59 1.60 20.14
CA ALA B 190 -39.27 0.39 20.60
C ALA B 190 -39.05 -0.06 22.05
N THR B 191 -38.18 0.62 22.81
CA THR B 191 -37.94 0.21 24.18
C THR B 191 -38.19 1.20 25.32
N SER B 192 -38.25 2.50 25.03
CA SER B 192 -38.47 3.49 26.08
C SER B 192 -39.84 3.53 26.70
N ALA B 193 -39.89 3.83 27.99
CA ALA B 193 -41.12 3.93 28.78
C ALA B 193 -40.94 5.15 29.67
N THR B 194 -42.03 5.87 29.95
CA THR B 194 -41.97 7.06 30.79
C THR B 194 -42.59 6.79 32.15
N THR B 195 -41.96 7.31 33.19
CA THR B 195 -42.43 7.15 34.55
C THR B 195 -42.62 8.53 35.16
N THR B 196 -43.80 8.76 35.72
CA THR B 196 -44.11 10.03 36.35
C THR B 196 -44.73 9.73 37.72
N THR B 197 -44.38 10.51 38.73
CA THR B 197 -44.93 10.30 40.05
C THR B 197 -45.40 11.62 40.62
N SER B 198 -46.44 11.58 41.46
CA SER B 198 -46.96 12.78 42.10
C SER B 198 -47.15 12.32 43.54
N LEU B 199 -46.56 13.06 44.47
CA LEU B 199 -46.62 12.71 45.88
C LEU B 199 -47.27 13.81 46.72
N GLY B 200 -48.15 13.41 47.62
CA GLY B 200 -48.80 14.37 48.49
C GLY B 200 -48.56 13.97 49.93
N GLY B 201 -48.76 14.92 50.83
CA GLY B 201 -48.57 14.67 52.25
C GLY B 201 -47.24 14.07 52.65
N LEU B 202 -47.28 13.11 53.57
CA LEU B 202 -46.08 12.44 54.05
C LEU B 202 -45.21 11.85 52.94
N PHE B 203 -45.84 11.42 51.85
CA PHE B 203 -45.12 10.84 50.73
C PHE B 203 -44.18 11.83 50.07
N LYS B 204 -44.33 13.11 50.38
CA LYS B 204 -43.47 14.14 49.83
C LYS B 204 -42.61 14.73 50.92
N SER B 205 -43.20 14.92 52.10
CA SER B 205 -42.51 15.47 53.26
C SER B 205 -41.54 14.48 53.89
N SER B 206 -42.08 13.38 54.40
CA SER B 206 -41.28 12.36 55.07
C SER B 206 -40.48 11.54 54.09
N GLN B 207 -39.16 11.68 54.15
CA GLN B 207 -38.26 10.95 53.26
C GLN B 207 -38.41 9.46 53.50
N ASN B 208 -38.67 9.10 54.75
CA ASN B 208 -38.86 7.71 55.17
C ASN B 208 -40.05 7.10 54.45
N THR B 209 -41.20 7.79 54.51
CA THR B 209 -42.43 7.35 53.86
C THR B 209 -42.28 7.38 52.34
N ARG B 210 -41.70 8.47 51.85
CA ARG B 210 -41.47 8.69 50.44
C ARG B 210 -40.71 7.53 49.82
N HIS B 211 -39.59 7.15 50.45
CA HIS B 211 -38.80 6.04 49.91
C HIS B 211 -39.47 4.68 50.04
N GLU B 212 -40.25 4.47 51.11
CA GLU B 212 -40.95 3.20 51.28
C GLU B 212 -41.89 2.99 50.10
N PHE B 213 -42.54 4.07 49.68
CA PHE B 213 -43.44 4.00 48.54
C PHE B 213 -42.65 3.78 47.25
N LEU B 214 -41.67 4.63 47.00
CA LEU B 214 -40.85 4.51 45.79
C LEU B 214 -40.23 3.15 45.64
N ARG B 215 -39.79 2.55 46.74
CA ARG B 215 -39.18 1.23 46.73
C ARG B 215 -40.20 0.16 46.28
N ALA B 216 -41.47 0.37 46.63
CA ALA B 216 -42.53 -0.57 46.26
C ALA B 216 -42.99 -0.42 44.81
N VAL B 217 -42.81 0.77 44.25
CA VAL B 217 -43.21 1.06 42.88
C VAL B 217 -42.54 0.20 41.82
N ARG B 218 -43.36 -0.24 40.88
CA ARG B 218 -42.97 -1.07 39.73
C ARG B 218 -42.60 -2.52 40.04
N HIS B 219 -42.98 -3.40 39.13
CA HIS B 219 -42.72 -4.83 39.21
C HIS B 219 -42.31 -5.25 37.80
N HIS B 220 -42.46 -6.53 37.45
CA HIS B 220 -42.07 -6.98 36.12
C HIS B 220 -43.19 -7.78 35.47
N ASN B 221 -43.36 -7.58 34.17
CA ASN B 221 -44.38 -8.26 33.38
C ASN B 221 -45.78 -8.04 33.95
N PRO C 1 -32.54 29.37 8.57
CA PRO C 1 -31.55 29.80 7.58
C PRO C 1 -30.27 28.96 7.57
N SER C 2 -30.01 28.28 8.69
CA SER C 2 -28.84 27.43 8.84
C SER C 2 -29.07 26.58 10.10
N LEU C 3 -28.73 27.11 11.27
CA LEU C 3 -28.93 26.39 12.52
C LEU C 3 -30.11 27.02 13.23
N SER C 4 -30.87 26.20 13.95
CA SER C 4 -32.02 26.68 14.71
C SER C 4 -31.49 27.33 15.99
N LYS C 5 -32.34 28.11 16.65
CA LYS C 5 -31.94 28.77 17.89
C LYS C 5 -31.44 27.73 18.87
N GLU C 6 -32.13 26.60 18.93
CA GLU C 6 -31.79 25.50 19.81
C GLU C 6 -30.44 24.89 19.47
N ALA C 7 -30.23 24.56 18.20
CA ALA C 7 -28.96 23.99 17.74
C ALA C 7 -27.78 24.91 18.10
N ALA C 8 -27.97 26.22 17.89
CA ALA C 8 -26.94 27.21 18.19
C ALA C 8 -26.63 27.21 19.69
N LEU C 9 -27.67 27.35 20.52
CA LEU C 9 -27.53 27.36 21.97
C LEU C 9 -26.77 26.16 22.48
N VAL C 10 -27.27 24.96 22.16
CA VAL C 10 -26.64 23.71 22.58
C VAL C 10 -25.18 23.66 22.17
N HIS C 11 -24.90 24.03 20.92
CA HIS C 11 -23.53 24.03 20.42
C HIS C 11 -22.63 24.95 21.24
N GLU C 12 -23.11 26.17 21.50
CA GLU C 12 -22.35 27.13 22.27
C GLU C 12 -22.10 26.60 23.68
N ALA C 13 -23.16 26.09 24.31
CA ALA C 13 -23.07 25.54 25.66
C ALA C 13 -21.97 24.50 25.74
N LEU C 14 -21.98 23.56 24.78
CA LEU C 14 -20.98 22.50 24.74
C LEU C 14 -19.57 23.05 24.56
N VAL C 15 -19.39 23.97 23.62
CA VAL C 15 -18.09 24.60 23.37
C VAL C 15 -17.59 25.32 24.62
N ALA C 16 -18.48 26.05 25.28
CA ALA C 16 -18.17 26.79 26.49
C ALA C 16 -17.59 25.86 27.56
N ARG C 17 -18.27 24.74 27.81
CA ARG C 17 -17.82 23.76 28.80
C ARG C 17 -16.66 22.91 28.29
N GLY C 18 -16.31 23.06 27.02
CA GLY C 18 -15.21 22.29 26.45
C GLY C 18 -15.61 20.83 26.31
N LEU C 19 -16.91 20.60 26.12
CA LEU C 19 -17.45 19.27 25.97
C LEU C 19 -17.85 18.89 24.55
N GLU C 20 -17.51 19.74 23.59
CA GLU C 20 -17.84 19.45 22.19
C GLU C 20 -16.94 18.39 21.61
N THR C 21 -17.45 17.71 20.59
CA THR C 21 -16.70 16.66 19.91
C THR C 21 -15.52 17.33 19.20
N PRO C 22 -14.30 16.78 19.33
CA PRO C 22 -13.12 17.36 18.68
C PRO C 22 -13.32 17.57 17.18
N LEU C 23 -13.68 18.78 16.80
CA LEU C 23 -13.90 19.08 15.40
C LEU C 23 -13.03 20.23 14.91
N ARG C 24 -12.72 20.19 13.62
CA ARG C 24 -11.92 21.20 12.96
C ARG C 24 -12.86 21.88 11.98
N PRO C 25 -12.75 23.21 11.84
CA PRO C 25 -13.64 23.90 10.91
C PRO C 25 -13.43 23.36 9.49
N PRO C 26 -14.51 23.28 8.70
CA PRO C 26 -14.42 22.78 7.33
C PRO C 26 -13.36 23.52 6.52
N VAL C 27 -12.30 22.79 6.18
CA VAL C 27 -11.17 23.31 5.41
C VAL C 27 -11.63 24.04 4.13
N HIS C 28 -12.68 23.51 3.51
CA HIS C 28 -13.26 24.07 2.29
C HIS C 28 -14.71 23.64 2.23
N GLU C 29 -15.56 24.51 1.69
CA GLU C 29 -16.98 24.21 1.58
C GLU C 29 -17.20 23.14 0.51
N MET C 30 -17.29 21.88 0.94
CA MET C 30 -17.52 20.77 0.05
C MET C 30 -18.94 20.29 0.22
N ASP C 31 -19.55 19.84 -0.87
CA ASP C 31 -20.92 19.33 -0.82
C ASP C 31 -20.79 17.99 -0.13
N ASN C 32 -21.79 17.58 0.65
CA ASN C 32 -21.72 16.27 1.29
C ASN C 32 -21.52 15.22 0.20
N GLU C 33 -22.01 15.53 -1.00
CA GLU C 33 -21.89 14.66 -2.17
C GLU C 33 -20.44 14.41 -2.54
N THR C 34 -19.64 15.47 -2.58
CA THR C 34 -18.22 15.33 -2.92
C THR C 34 -17.43 14.65 -1.79
N ARG C 35 -17.83 14.92 -0.54
CA ARG C 35 -17.15 14.29 0.60
C ARG C 35 -17.42 12.79 0.53
N LYS C 36 -18.68 12.41 0.29
CA LYS C 36 -19.05 11.00 0.21
C LYS C 36 -18.20 10.32 -0.84
N SER C 37 -18.12 10.89 -2.04
CA SER C 37 -17.32 10.29 -3.12
C SER C 37 -15.86 10.13 -2.75
N LEU C 38 -15.29 11.15 -2.10
CA LEU C 38 -13.88 11.08 -1.67
C LEU C 38 -13.68 9.97 -0.65
N ILE C 39 -14.58 9.88 0.33
CA ILE C 39 -14.51 8.86 1.37
C ILE C 39 -14.64 7.50 0.67
N ALA C 40 -15.60 7.38 -0.24
CA ALA C 40 -15.84 6.14 -0.99
C ALA C 40 -14.55 5.73 -1.67
N GLY C 41 -13.84 6.73 -2.21
CA GLY C 41 -12.58 6.49 -2.87
C GLY C 41 -11.56 5.86 -1.95
N HIS C 42 -11.34 6.46 -0.78
CA HIS C 42 -10.37 5.92 0.16
C HIS C 42 -10.80 4.53 0.63
N MET C 43 -12.11 4.30 0.79
CA MET C 43 -12.58 2.98 1.20
C MET C 43 -12.24 1.95 0.15
N THR C 44 -12.40 2.31 -1.11
CA THR C 44 -12.09 1.42 -2.23
C THR C 44 -10.63 0.99 -2.12
N GLU C 45 -9.75 1.94 -1.81
CA GLU C 45 -8.34 1.65 -1.67
C GLU C 45 -8.07 0.73 -0.49
N ILE C 46 -8.73 0.97 0.65
CA ILE C 46 -8.57 0.12 1.85
C ILE C 46 -9.05 -1.32 1.56
N MET C 47 -10.22 -1.47 0.95
CA MET C 47 -10.73 -2.79 0.63
C MET C 47 -9.74 -3.50 -0.30
N GLN C 48 -9.21 -2.78 -1.29
CA GLN C 48 -8.24 -3.40 -2.21
C GLN C 48 -6.99 -3.81 -1.42
N LEU C 49 -6.57 -3.00 -0.46
CA LEU C 49 -5.39 -3.33 0.36
C LEU C 49 -5.67 -4.59 1.16
N LEU C 50 -6.94 -4.84 1.46
CA LEU C 50 -7.36 -6.03 2.20
C LEU C 50 -7.51 -7.23 1.24
N ASN C 51 -7.30 -6.98 -0.04
CA ASN C 51 -7.38 -7.97 -1.12
C ASN C 51 -8.78 -8.45 -1.47
N LEU C 52 -9.77 -7.59 -1.22
CA LEU C 52 -11.13 -7.96 -1.53
C LEU C 52 -11.39 -7.72 -3.02
N ASP C 53 -12.02 -8.68 -3.68
CA ASP C 53 -12.33 -8.55 -5.10
C ASP C 53 -13.53 -7.64 -5.30
N LEU C 54 -13.27 -6.34 -5.46
CA LEU C 54 -14.32 -5.36 -5.65
C LEU C 54 -15.20 -5.53 -6.89
N ALA C 55 -14.90 -6.56 -7.68
CA ALA C 55 -15.67 -6.87 -8.88
C ALA C 55 -16.94 -7.65 -8.52
N ASP C 56 -16.94 -8.26 -7.33
CA ASP C 56 -18.08 -9.04 -6.86
C ASP C 56 -19.30 -8.14 -6.65
N ASP C 57 -20.44 -8.56 -7.17
CA ASP C 57 -21.68 -7.79 -7.05
C ASP C 57 -21.98 -7.33 -5.63
N SER C 58 -21.84 -8.24 -4.67
CA SER C 58 -22.12 -7.93 -3.28
C SER C 58 -21.18 -6.86 -2.69
N LEU C 59 -19.89 -6.90 -3.02
CA LEU C 59 -18.90 -5.95 -2.50
C LEU C 59 -18.77 -4.65 -3.28
N MET C 60 -19.14 -4.70 -4.55
CA MET C 60 -19.08 -3.57 -5.46
C MET C 60 -19.55 -2.22 -4.90
N GLU C 61 -20.77 -2.18 -4.38
CA GLU C 61 -21.32 -0.93 -3.84
C GLU C 61 -20.92 -0.57 -2.41
N THR C 62 -20.15 -1.44 -1.74
CA THR C 62 -19.75 -1.18 -0.36
C THR C 62 -19.09 0.17 -0.10
N PRO C 63 -18.03 0.54 -0.85
CA PRO C 63 -17.38 1.83 -0.61
C PRO C 63 -18.39 2.98 -0.57
N HIS C 64 -19.38 2.95 -1.45
CA HIS C 64 -20.39 3.99 -1.49
C HIS C 64 -21.31 3.89 -0.27
N ARG C 65 -21.76 2.67 0.04
CA ARG C 65 -22.64 2.45 1.19
C ARG C 65 -22.00 2.93 2.49
N ILE C 66 -20.71 2.66 2.65
CA ILE C 66 -19.98 3.09 3.84
C ILE C 66 -19.88 4.60 3.88
N ALA C 67 -19.50 5.21 2.76
CA ALA C 67 -19.38 6.66 2.69
C ALA C 67 -20.72 7.32 3.07
N LYS C 68 -21.83 6.86 2.48
CA LYS C 68 -23.13 7.42 2.78
C LYS C 68 -23.47 7.20 4.26
N MET C 69 -23.19 6.01 4.77
CA MET C 69 -23.45 5.68 6.18
C MET C 69 -22.78 6.68 7.11
N TYR C 70 -21.50 6.96 6.84
CA TYR C 70 -20.74 7.89 7.64
C TYR C 70 -21.31 9.31 7.61
N VAL C 71 -21.35 9.90 6.42
CA VAL C 71 -21.84 11.27 6.25
C VAL C 71 -23.31 11.49 6.59
N ASP C 72 -24.18 10.63 6.10
CA ASP C 72 -25.61 10.76 6.34
C ASP C 72 -26.19 10.08 7.56
N GLU C 73 -25.64 8.93 7.93
CA GLU C 73 -26.19 8.23 9.07
C GLU C 73 -25.46 8.25 10.39
N ILE C 74 -24.64 7.22 10.64
CA ILE C 74 -23.92 7.11 11.89
C ILE C 74 -23.12 8.30 12.42
N PHE C 75 -22.71 9.23 11.57
CA PHE C 75 -21.95 10.39 12.03
C PHE C 75 -22.68 11.70 11.74
N SER C 76 -23.97 11.60 11.43
CA SER C 76 -24.78 12.79 11.12
C SER C 76 -24.91 13.77 12.28
N GLY C 77 -24.70 13.28 13.49
CA GLY C 77 -24.81 14.12 14.67
C GLY C 77 -23.74 15.20 14.73
N LEU C 78 -22.68 15.03 13.95
CA LEU C 78 -21.59 16.01 13.89
C LEU C 78 -22.06 17.29 13.23
N ASP C 79 -23.16 17.22 12.49
CA ASP C 79 -23.68 18.37 11.79
C ASP C 79 -24.91 18.90 12.49
N TYR C 80 -24.80 20.05 13.14
CA TYR C 80 -25.95 20.62 13.84
C TYR C 80 -27.14 20.97 12.95
N ALA C 81 -26.98 20.81 11.65
CA ALA C 81 -28.06 21.10 10.72
C ALA C 81 -29.10 19.98 10.87
N ASN C 82 -28.68 18.89 11.50
CA ASN C 82 -29.52 17.72 11.72
C ASN C 82 -30.10 17.71 13.13
N PHE C 83 -29.91 18.79 13.87
CA PHE C 83 -30.43 18.85 15.24
C PHE C 83 -31.94 18.81 15.16
N PRO C 84 -32.57 18.00 16.02
CA PRO C 84 -34.02 17.88 16.02
C PRO C 84 -34.75 19.18 16.38
N LYS C 85 -36.01 19.29 15.99
CA LYS C 85 -36.82 20.47 16.29
C LYS C 85 -37.36 20.24 17.69
N ILE C 86 -37.11 21.16 18.60
CA ILE C 86 -37.58 21.01 19.97
C ILE C 86 -38.94 21.67 20.24
N THR C 87 -39.85 20.91 20.82
CA THR C 87 -41.18 21.38 21.15
C THR C 87 -41.35 21.34 22.67
N LEU C 88 -41.64 22.51 23.26
CA LEU C 88 -41.82 22.63 24.70
C LEU C 88 -43.21 23.18 24.99
N ILE C 89 -43.89 22.61 25.96
CA ILE C 89 -45.20 23.10 26.33
C ILE C 89 -45.06 23.71 27.72
N GLU C 90 -45.91 24.68 28.03
CA GLU C 90 -45.89 25.37 29.31
C GLU C 90 -46.23 24.36 30.42
N ASN C 91 -45.48 24.40 31.51
CA ASN C 91 -45.68 23.50 32.65
C ASN C 91 -46.90 23.96 33.47
N LYS C 92 -48.07 23.97 32.83
CA LYS C 92 -49.28 24.38 33.51
C LYS C 92 -49.69 23.32 34.52
N MET C 93 -49.28 22.06 34.28
CA MET C 93 -49.61 20.95 35.18
C MET C 93 -48.92 21.13 36.51
N LYS C 94 -47.98 22.08 36.56
CA LYS C 94 -47.21 22.41 37.76
C LYS C 94 -46.53 21.17 38.35
N VAL C 95 -45.82 20.45 37.48
CA VAL C 95 -45.10 19.25 37.85
C VAL C 95 -43.84 19.68 38.60
N ASP C 96 -43.64 19.12 39.78
CA ASP C 96 -42.48 19.45 40.60
C ASP C 96 -41.66 18.20 40.91
N GLU C 97 -42.10 17.05 40.41
CA GLU C 97 -41.42 15.78 40.62
C GLU C 97 -40.75 15.44 39.30
N MET C 98 -39.74 14.58 39.34
CA MET C 98 -39.03 14.20 38.14
C MET C 98 -39.81 13.32 37.19
N VAL C 99 -39.56 13.54 35.90
CA VAL C 99 -40.17 12.78 34.81
C VAL C 99 -38.99 11.96 34.34
N THR C 100 -39.17 10.64 34.25
CA THR C 100 -38.11 9.74 33.82
C THR C 100 -38.44 9.01 32.54
N VAL C 101 -37.55 9.06 31.56
CA VAL C 101 -37.74 8.38 30.30
C VAL C 101 -36.65 7.34 30.39
N ARG C 102 -37.05 6.08 30.47
CA ARG C 102 -36.09 5.00 30.58
C ARG C 102 -35.98 4.14 29.34
N ASP C 103 -34.90 3.37 29.27
CA ASP C 103 -34.61 2.45 28.18
C ASP C 103 -34.63 3.03 26.78
N ILE C 104 -34.08 4.22 26.62
CA ILE C 104 -34.04 4.87 25.31
C ILE C 104 -32.99 4.08 24.51
N THR C 105 -33.34 3.63 23.32
CA THR C 105 -32.43 2.86 22.48
C THR C 105 -31.30 3.79 22.04
N LEU C 106 -30.07 3.33 22.20
CA LEU C 106 -28.91 4.13 21.83
C LEU C 106 -27.88 3.27 21.12
N THR C 107 -27.47 3.74 19.95
CA THR C 107 -26.48 3.07 19.14
C THR C 107 -25.48 4.17 18.77
N SER C 108 -24.22 3.97 19.13
CA SER C 108 -23.16 4.93 18.86
C SER C 108 -21.92 4.20 18.35
N THR C 109 -20.80 4.91 18.21
CA THR C 109 -19.54 4.35 17.72
C THR C 109 -18.34 4.72 18.59
N CYS C 110 -17.57 3.74 19.07
CA CYS C 110 -16.39 4.01 19.89
C CYS C 110 -15.32 4.59 18.96
N GLU C 111 -15.02 5.88 19.14
CA GLU C 111 -14.03 6.62 18.34
C GLU C 111 -12.61 6.08 18.29
N HIS C 112 -12.25 5.17 19.20
CA HIS C 112 -10.92 4.59 19.23
C HIS C 112 -10.71 3.46 18.23
N HIS C 113 -11.80 2.88 17.73
CA HIS C 113 -11.72 1.79 16.77
C HIS C 113 -12.87 1.86 15.77
N PHE C 114 -13.76 2.84 15.91
CA PHE C 114 -14.89 3.02 15.03
C PHE C 114 -15.73 1.76 14.97
N VAL C 115 -16.05 1.22 16.15
CA VAL C 115 -16.85 0.01 16.27
C VAL C 115 -18.11 0.32 17.07
N THR C 116 -19.17 -0.43 16.81
CA THR C 116 -20.46 -0.25 17.45
C THR C 116 -20.51 -0.25 18.99
N ILE C 117 -21.34 0.65 19.50
CA ILE C 117 -21.59 0.82 20.93
C ILE C 117 -23.10 0.64 20.93
N ASP C 118 -23.60 -0.39 21.60
CA ASP C 118 -25.02 -0.63 21.65
C ASP C 118 -25.44 -0.57 23.12
N GLY C 119 -26.35 0.33 23.45
CA GLY C 119 -26.80 0.46 24.82
C GLY C 119 -28.14 1.18 24.98
N LYS C 120 -28.44 1.50 26.23
CA LYS C 120 -29.67 2.17 26.58
C LYS C 120 -29.42 3.30 27.55
N ALA C 121 -30.14 4.40 27.34
CA ALA C 121 -30.02 5.58 28.19
C ALA C 121 -31.29 5.81 29.00
N THR C 122 -31.13 6.34 30.21
CA THR C 122 -32.22 6.65 31.10
C THR C 122 -32.00 8.11 31.43
N VAL C 123 -32.95 8.93 31.06
CA VAL C 123 -32.91 10.37 31.26
C VAL C 123 -34.04 10.79 32.17
N ALA C 124 -33.76 11.70 33.08
CA ALA C 124 -34.77 12.19 34.00
C ALA C 124 -34.51 13.67 34.24
N TYR C 125 -35.57 14.42 34.56
CA TYR C 125 -35.45 15.84 34.82
C TYR C 125 -36.66 16.31 35.61
N ILE C 126 -36.51 17.44 36.32
CA ILE C 126 -37.59 18.01 37.11
C ILE C 126 -38.02 19.26 36.33
N PRO C 127 -39.24 19.25 35.77
CA PRO C 127 -39.81 20.36 34.99
C PRO C 127 -39.81 21.69 35.72
N LYS C 128 -39.28 22.72 35.07
CA LYS C 128 -39.26 24.04 35.70
C LYS C 128 -40.41 24.83 35.02
N ASP C 129 -40.09 25.67 34.04
CA ASP C 129 -41.13 26.43 33.38
C ASP C 129 -41.80 25.68 32.23
N SER C 130 -41.06 24.79 31.58
CA SER C 130 -41.63 24.03 30.47
C SER C 130 -41.36 22.53 30.56
N VAL C 131 -42.22 21.78 29.89
CA VAL C 131 -42.17 20.33 29.81
C VAL C 131 -41.81 20.05 28.35
N ILE C 132 -40.91 19.10 28.12
CA ILE C 132 -40.48 18.77 26.77
C ILE C 132 -41.23 17.55 26.23
N GLY C 133 -41.39 17.48 24.92
CA GLY C 133 -42.07 16.34 24.32
C GLY C 133 -41.19 15.11 24.53
N LEU C 134 -41.75 14.06 25.11
CA LEU C 134 -41.00 12.83 25.36
C LEU C 134 -40.17 12.37 24.18
N SER C 135 -40.74 12.38 22.98
CA SER C 135 -40.01 11.96 21.79
C SER C 135 -38.74 12.79 21.58
N LYS C 136 -38.82 14.08 21.86
CA LYS C 136 -37.67 14.99 21.71
C LYS C 136 -36.46 14.50 22.51
N ILE C 137 -36.69 13.98 23.72
CA ILE C 137 -35.60 13.47 24.55
C ILE C 137 -34.90 12.34 23.80
N ASN C 138 -35.69 11.41 23.28
CA ASN C 138 -35.12 10.28 22.53
C ASN C 138 -34.30 10.81 21.35
N ARG C 139 -34.84 11.80 20.64
CA ARG C 139 -34.15 12.36 19.48
C ARG C 139 -32.83 13.03 19.83
N ILE C 140 -32.80 13.79 20.94
CA ILE C 140 -31.57 14.44 21.36
C ILE C 140 -30.52 13.37 21.68
N VAL C 141 -30.93 12.30 22.38
CA VAL C 141 -30.01 11.22 22.72
C VAL C 141 -29.42 10.65 21.42
N GLN C 142 -30.29 10.35 20.45
CA GLN C 142 -29.86 9.81 19.17
C GLN C 142 -28.89 10.75 18.46
N PHE C 143 -29.18 12.05 18.46
CA PHE C 143 -28.32 13.03 17.81
C PHE C 143 -26.88 12.90 18.28
N PHE C 144 -26.66 13.07 19.57
CA PHE C 144 -25.30 12.97 20.09
C PHE C 144 -24.70 11.57 19.96
N ALA C 145 -25.55 10.56 19.93
CA ALA C 145 -25.11 9.19 19.80
C ALA C 145 -24.54 8.98 18.40
N GLN C 146 -25.09 9.67 17.40
CA GLN C 146 -24.64 9.55 16.02
C GLN C 146 -23.35 10.36 15.80
N ARG C 147 -22.29 10.02 16.53
CA ARG C 147 -21.00 10.70 16.45
C ARG C 147 -19.91 9.74 16.93
N PRO C 148 -18.63 9.99 16.55
CA PRO C 148 -17.59 9.09 17.04
C PRO C 148 -17.58 9.50 18.50
N GLN C 149 -17.91 8.56 19.39
CA GLN C 149 -17.98 8.86 20.81
C GLN C 149 -17.06 8.10 21.73
N VAL C 150 -17.16 8.53 22.98
CA VAL C 150 -16.47 8.00 24.13
C VAL C 150 -17.66 8.18 25.06
N GLN C 151 -18.19 7.08 25.58
CA GLN C 151 -19.34 7.08 26.46
C GLN C 151 -19.28 8.17 27.55
N GLU C 152 -18.10 8.40 28.11
CA GLU C 152 -17.91 9.43 29.15
C GLU C 152 -18.30 10.80 28.61
N ARG C 153 -17.97 11.07 27.35
CA ARG C 153 -18.29 12.35 26.73
C ARG C 153 -19.76 12.40 26.33
N LEU C 154 -20.22 11.33 25.68
CA LEU C 154 -21.61 11.22 25.22
C LEU C 154 -22.60 11.58 26.32
N THR C 155 -22.44 10.96 27.50
CA THR C 155 -23.31 11.22 28.64
C THR C 155 -23.28 12.70 29.00
N GLN C 156 -22.10 13.29 29.12
CA GLN C 156 -21.94 14.72 29.45
C GLN C 156 -22.65 15.62 28.44
N GLN C 157 -22.47 15.33 27.16
CA GLN C 157 -23.09 16.13 26.11
C GLN C 157 -24.61 16.12 26.21
N ILE C 158 -25.21 14.94 26.36
CA ILE C 158 -26.67 14.82 26.47
C ILE C 158 -27.16 15.66 27.65
N LEU C 159 -26.49 15.52 28.79
CA LEU C 159 -26.84 16.25 30.00
C LEU C 159 -26.92 17.75 29.72
N ILE C 160 -25.81 18.31 29.24
CA ILE C 160 -25.77 19.74 28.94
C ILE C 160 -26.82 20.18 27.92
N ALA C 161 -26.93 19.47 26.80
CA ALA C 161 -27.92 19.80 25.78
C ALA C 161 -29.30 19.94 26.42
N LEU C 162 -29.68 18.97 27.25
CA LEU C 162 -30.98 18.99 27.91
C LEU C 162 -31.10 20.13 28.91
N GLN C 163 -30.07 20.34 29.72
CA GLN C 163 -30.10 21.43 30.70
C GLN C 163 -30.34 22.76 29.99
N THR C 164 -29.63 22.96 28.90
CA THR C 164 -29.74 24.17 28.09
C THR C 164 -31.14 24.34 27.55
N LEU C 165 -31.68 23.33 26.88
CA LEU C 165 -33.02 23.40 26.30
C LEU C 165 -34.16 23.53 27.32
N LEU C 166 -34.08 22.80 28.42
CA LEU C 166 -35.13 22.84 29.44
C LEU C 166 -35.00 24.02 30.39
N GLY C 167 -33.83 24.65 30.40
CA GLY C 167 -33.63 25.79 31.28
C GLY C 167 -33.64 25.40 32.74
N THR C 168 -33.07 24.24 33.04
CA THR C 168 -33.00 23.72 34.40
C THR C 168 -31.71 22.90 34.48
N ASN C 169 -31.05 22.92 35.64
CA ASN C 169 -29.84 22.13 35.80
C ASN C 169 -30.23 20.76 36.35
N ASN C 170 -31.47 20.65 36.82
CA ASN C 170 -32.00 19.41 37.37
C ASN C 170 -32.26 18.40 36.27
N VAL C 171 -31.20 17.83 35.73
CA VAL C 171 -31.28 16.85 34.67
C VAL C 171 -30.29 15.75 35.07
N ALA C 172 -30.60 14.52 34.70
CA ALA C 172 -29.75 13.38 35.02
C ALA C 172 -29.76 12.45 33.83
N VAL C 173 -28.58 11.94 33.48
CA VAL C 173 -28.45 11.03 32.35
C VAL C 173 -27.60 9.87 32.79
N SER C 174 -28.04 8.67 32.48
CA SER C 174 -27.32 7.45 32.82
C SER C 174 -27.35 6.62 31.55
N ILE C 175 -26.21 6.10 31.14
CA ILE C 175 -26.13 5.29 29.93
C ILE C 175 -25.41 4.01 30.29
N ASP C 176 -25.99 2.88 29.89
CA ASP C 176 -25.45 1.56 30.14
C ASP C 176 -25.29 1.00 28.74
N ALA C 177 -24.07 0.61 28.35
CA ALA C 177 -23.82 0.09 27.01
C ALA C 177 -22.75 -0.97 26.89
N VAL C 178 -22.82 -1.70 25.79
CA VAL C 178 -21.89 -2.77 25.46
C VAL C 178 -21.04 -2.21 24.34
N HIS C 179 -19.72 -2.33 24.47
CA HIS C 179 -18.79 -1.84 23.46
C HIS C 179 -18.21 -3.00 22.69
N TYR C 180 -18.48 -3.07 21.38
CA TYR C 180 -17.93 -4.17 20.59
C TYR C 180 -16.43 -3.99 20.41
N CYS C 181 -15.93 -2.82 20.81
CA CYS C 181 -14.51 -2.45 20.78
C CYS C 181 -13.84 -3.44 21.75
N VAL C 182 -14.59 -3.84 22.79
CA VAL C 182 -14.19 -4.76 23.85
C VAL C 182 -14.66 -6.20 23.65
N LYS C 183 -15.87 -6.36 23.13
CA LYS C 183 -16.44 -7.68 22.89
C LYS C 183 -16.04 -8.40 21.61
N ALA C 184 -16.22 -7.73 20.47
CA ALA C 184 -15.91 -8.31 19.17
C ALA C 184 -14.44 -8.48 18.82
N ARG C 185 -13.56 -7.86 19.57
CA ARG C 185 -12.14 -7.94 19.28
C ARG C 185 -11.31 -7.61 20.52
N GLY C 186 -9.99 -7.63 20.39
CA GLY C 186 -9.13 -7.31 21.52
C GLY C 186 -9.23 -8.36 22.61
N ILE C 187 -9.64 -7.95 23.81
CA ILE C 187 -9.76 -8.91 24.91
C ILE C 187 -10.98 -9.84 24.72
N ARG C 188 -11.93 -9.42 23.89
CA ARG C 188 -13.14 -10.18 23.59
C ARG C 188 -13.92 -10.64 24.81
N ASP C 189 -14.25 -9.69 25.67
CA ASP C 189 -15.00 -9.99 26.89
C ASP C 189 -16.47 -9.98 26.45
N ALA C 190 -17.08 -11.17 26.43
CA ALA C 190 -18.48 -11.34 26.02
C ALA C 190 -19.57 -10.92 27.01
N THR C 191 -19.20 -10.58 28.25
CA THR C 191 -20.21 -10.20 29.23
C THR C 191 -20.19 -8.80 29.84
N SER C 192 -19.06 -8.11 29.80
CA SER C 192 -19.00 -6.78 30.40
C SER C 192 -19.81 -5.71 29.70
N ALA C 193 -20.27 -4.76 30.50
CA ALA C 193 -21.07 -3.61 30.04
C ALA C 193 -20.62 -2.43 30.89
N THR C 194 -20.60 -1.24 30.30
CA THR C 194 -20.17 -0.04 31.00
C THR C 194 -21.34 0.87 31.31
N THR C 195 -21.31 1.47 32.49
CA THR C 195 -22.35 2.38 32.91
C THR C 195 -21.72 3.69 33.30
N THR C 196 -22.23 4.78 32.76
CA THR C 196 -21.73 6.11 33.07
C THR C 196 -22.94 7.01 33.38
N THR C 197 -22.81 7.87 34.36
CA THR C 197 -23.90 8.74 34.74
C THR C 197 -23.38 10.17 34.90
N SER C 198 -24.22 11.14 34.58
CA SER C 198 -23.88 12.54 34.72
C SER C 198 -25.10 13.15 35.40
N LEU C 199 -24.89 13.76 36.54
CA LEU C 199 -25.96 14.35 37.33
C LEU C 199 -25.83 15.87 37.46
N GLY C 200 -26.93 16.56 37.21
CA GLY C 200 -26.92 18.00 37.34
C GLY C 200 -27.95 18.42 38.38
N GLY C 201 -27.78 19.62 38.90
CA GLY C 201 -28.70 20.16 39.89
C GLY C 201 -28.92 19.30 41.12
N LEU C 202 -30.18 19.22 41.53
CA LEU C 202 -30.60 18.45 42.68
C LEU C 202 -30.11 17.01 42.59
N PHE C 203 -30.08 16.44 41.38
CA PHE C 203 -29.64 15.08 41.18
C PHE C 203 -28.23 14.84 41.65
N LYS C 204 -27.49 15.91 41.88
CA LYS C 204 -26.13 15.78 42.34
C LYS C 204 -26.03 16.30 43.77
N SER C 205 -26.75 17.38 44.05
CA SER C 205 -26.75 17.99 45.37
C SER C 205 -27.55 17.19 46.39
N SER C 206 -28.85 17.04 46.14
CA SER C 206 -29.74 16.31 47.03
C SER C 206 -29.53 14.82 46.96
N GLN C 207 -29.05 14.25 48.05
CA GLN C 207 -28.81 12.81 48.12
C GLN C 207 -30.15 12.08 47.93
N ASN C 208 -31.21 12.68 48.45
CA ASN C 208 -32.56 12.15 48.36
C ASN C 208 -32.96 11.98 46.89
N THR C 209 -32.87 13.09 46.14
CA THR C 209 -33.21 13.11 44.73
C THR C 209 -32.27 12.23 43.90
N ARG C 210 -30.99 12.30 44.22
CA ARG C 210 -29.96 11.55 43.55
C ARG C 210 -30.24 10.05 43.60
N HIS C 211 -30.49 9.53 44.80
CA HIS C 211 -30.78 8.12 44.97
C HIS C 211 -32.09 7.67 44.36
N GLU C 212 -33.11 8.52 44.37
CA GLU C 212 -34.39 8.16 43.76
C GLU C 212 -34.17 7.86 42.29
N PHE C 213 -33.37 8.71 41.65
CA PHE C 213 -33.04 8.54 40.23
C PHE C 213 -32.23 7.26 40.05
N LEU C 214 -31.11 7.15 40.74
CA LEU C 214 -30.24 5.98 40.66
C LEU C 214 -30.97 4.67 40.88
N ARG C 215 -31.93 4.66 41.81
CA ARG C 215 -32.71 3.48 42.11
C ARG C 215 -33.56 3.09 40.89
N ALA C 216 -34.05 4.08 40.17
CA ALA C 216 -34.88 3.84 39.00
C ALA C 216 -34.07 3.38 37.78
N VAL C 217 -32.81 3.75 37.76
CA VAL C 217 -31.91 3.40 36.66
C VAL C 217 -31.76 1.91 36.41
N ARG C 218 -31.81 1.57 35.13
CA ARG C 218 -31.67 0.20 34.61
C ARG C 218 -32.83 -0.75 34.89
N HIS C 219 -33.07 -1.62 33.92
CA HIS C 219 -34.13 -2.62 33.98
C HIS C 219 -33.51 -3.89 33.39
N HIS C 220 -34.33 -4.82 32.88
CA HIS C 220 -33.78 -6.05 32.32
C HIS C 220 -34.37 -6.31 30.94
N ASN C 221 -33.53 -6.81 30.04
CA ASN C 221 -33.90 -7.14 28.66
C ASN C 221 -34.52 -5.94 27.94
N PRO D 1 12.10 -2.02 26.48
CA PRO D 1 13.33 -2.80 26.63
C PRO D 1 13.17 -4.04 27.51
N SER D 2 12.14 -4.04 28.35
CA SER D 2 11.85 -5.15 29.26
C SER D 2 10.42 -4.93 29.78
N LEU D 3 10.28 -4.15 30.85
CA LEU D 3 8.98 -3.87 31.42
C LEU D 3 8.62 -2.44 31.08
N SER D 4 7.34 -2.18 30.87
CA SER D 4 6.87 -0.84 30.54
C SER D 4 6.84 -0.03 31.84
N LYS D 5 6.72 1.28 31.72
CA LYS D 5 6.67 2.15 32.89
C LYS D 5 5.53 1.70 33.78
N GLU D 6 4.39 1.39 33.16
CA GLU D 6 3.20 0.96 33.87
C GLU D 6 3.47 -0.34 34.62
N ALA D 7 3.98 -1.35 33.92
CA ALA D 7 4.27 -2.64 34.53
C ALA D 7 5.16 -2.50 35.76
N ALA D 8 6.20 -1.67 35.64
CA ALA D 8 7.14 -1.41 36.73
C ALA D 8 6.44 -0.76 37.91
N LEU D 9 5.70 0.31 37.65
CA LEU D 9 4.96 1.03 38.70
C LEU D 9 4.06 0.09 39.48
N VAL D 10 3.17 -0.60 38.76
CA VAL D 10 2.23 -1.54 39.37
C VAL D 10 2.95 -2.58 40.21
N HIS D 11 3.99 -3.20 39.63
CA HIS D 11 4.75 -4.20 40.36
C HIS D 11 5.31 -3.66 41.66
N GLU D 12 5.92 -2.47 41.60
CA GLU D 12 6.50 -1.84 42.77
C GLU D 12 5.41 -1.59 43.82
N ALA D 13 4.29 -1.00 43.39
CA ALA D 13 3.16 -0.70 44.27
C ALA D 13 2.73 -1.94 45.03
N LEU D 14 2.57 -3.04 44.30
CA LEU D 14 2.16 -4.28 44.92
C LEU D 14 3.20 -4.75 45.94
N VAL D 15 4.46 -4.79 45.55
CA VAL D 15 5.53 -5.23 46.46
C VAL D 15 5.57 -4.35 47.71
N ALA D 16 5.40 -3.04 47.53
CA ALA D 16 5.40 -2.06 48.61
C ALA D 16 4.32 -2.39 49.62
N ARG D 17 3.11 -2.64 49.14
CA ARG D 17 1.99 -2.99 50.02
C ARG D 17 2.09 -4.43 50.51
N GLY D 18 2.98 -5.22 49.91
CA GLY D 18 3.14 -6.61 50.31
C GLY D 18 1.99 -7.43 49.80
N LEU D 19 1.46 -7.03 48.65
CA LEU D 19 0.35 -7.70 48.02
C LEU D 19 0.72 -8.47 46.77
N GLU D 20 2.01 -8.58 46.48
CA GLU D 20 2.44 -9.32 45.28
C GLU D 20 2.28 -10.81 45.49
N THR D 21 2.14 -11.54 44.39
CA THR D 21 1.99 -12.98 44.44
C THR D 21 3.33 -13.53 44.95
N PRO D 22 3.31 -14.50 45.87
CA PRO D 22 4.55 -15.08 46.41
C PRO D 22 5.45 -15.61 45.30
N LEU D 23 6.45 -14.82 44.91
CA LEU D 23 7.38 -15.23 43.86
C LEU D 23 8.83 -15.19 44.32
N ARG D 24 9.63 -16.10 43.77
CA ARG D 24 11.04 -16.20 44.06
C ARG D 24 11.74 -15.75 42.78
N PRO D 25 12.86 -15.02 42.91
CA PRO D 25 13.56 -14.57 41.71
C PRO D 25 14.03 -15.79 40.89
N PRO D 26 14.03 -15.67 39.55
CA PRO D 26 14.45 -16.79 38.69
C PRO D 26 15.83 -17.32 39.06
N VAL D 27 15.85 -18.56 39.55
CA VAL D 27 17.08 -19.24 39.98
C VAL D 27 18.17 -19.20 38.89
N HIS D 28 17.74 -19.28 37.63
CA HIS D 28 18.63 -19.25 36.47
C HIS D 28 17.83 -18.76 35.28
N GLU D 29 18.47 -18.00 34.41
CA GLU D 29 17.79 -17.48 33.23
C GLU D 29 17.50 -18.63 32.28
N MET D 30 16.27 -19.14 32.32
CA MET D 30 15.85 -20.22 31.45
C MET D 30 14.90 -19.67 30.41
N ASP D 31 14.93 -20.26 29.22
CA ASP D 31 14.04 -19.83 28.15
C ASP D 31 12.69 -20.40 28.53
N ASN D 32 11.61 -19.72 28.19
CA ASN D 32 10.28 -20.25 28.50
C ASN D 32 10.17 -21.62 27.84
N GLU D 33 10.89 -21.80 26.74
CA GLU D 33 10.93 -23.05 25.98
C GLU D 33 11.48 -24.18 26.83
N THR D 34 12.60 -23.94 27.51
CA THR D 34 13.19 -24.98 28.35
C THR D 34 12.30 -25.23 29.57
N ARG D 35 11.68 -24.18 30.10
CA ARG D 35 10.80 -24.33 31.26
C ARG D 35 9.62 -25.20 30.87
N LYS D 36 9.05 -24.94 29.71
CA LYS D 36 7.92 -25.73 29.23
C LYS D 36 8.30 -27.19 29.12
N SER D 37 9.44 -27.46 28.48
CA SER D 37 9.90 -28.84 28.32
C SER D 37 10.11 -29.52 29.67
N LEU D 38 10.70 -28.82 30.63
CA LEU D 38 10.90 -29.40 31.95
C LEU D 38 9.57 -29.71 32.63
N ILE D 39 8.63 -28.76 32.55
CA ILE D 39 7.30 -28.94 33.13
C ILE D 39 6.62 -30.12 32.45
N ALA D 40 6.69 -30.18 31.13
CA ALA D 40 6.10 -31.27 30.37
C ALA D 40 6.67 -32.61 30.83
N GLY D 41 7.96 -32.63 31.13
CA GLY D 41 8.62 -33.84 31.62
C GLY D 41 8.00 -34.30 32.94
N HIS D 42 7.90 -33.37 33.89
CA HIS D 42 7.31 -33.69 35.19
C HIS D 42 5.87 -34.15 35.03
N MET D 43 5.13 -33.55 34.09
CA MET D 43 3.75 -33.97 33.85
C MET D 43 3.72 -35.38 33.31
N THR D 44 4.67 -35.72 32.42
CA THR D 44 4.74 -37.05 31.85
C THR D 44 4.87 -38.07 32.97
N GLU D 45 5.76 -37.78 33.92
CA GLU D 45 5.96 -38.66 35.05
C GLU D 45 4.69 -38.78 35.88
N ILE D 46 4.03 -37.66 36.17
CA ILE D 46 2.79 -37.67 36.96
C ILE D 46 1.72 -38.54 36.28
N MET D 47 1.50 -38.31 35.00
CA MET D 47 0.53 -39.08 34.25
C MET D 47 0.85 -40.56 34.30
N GLN D 48 2.13 -40.90 34.23
CA GLN D 48 2.55 -42.29 34.31
C GLN D 48 2.26 -42.85 35.70
N LEU D 49 2.47 -42.03 36.74
CA LEU D 49 2.18 -42.46 38.12
C LEU D 49 0.70 -42.74 38.27
N LEU D 50 -0.13 -42.05 37.46
CA LEU D 50 -1.57 -42.22 37.47
C LEU D 50 -1.97 -43.41 36.59
N ASN D 51 -0.97 -44.06 36.01
CA ASN D 51 -1.10 -45.24 35.13
C ASN D 51 -1.76 -44.97 33.80
N LEU D 52 -1.68 -43.73 33.32
CA LEU D 52 -2.29 -43.40 32.04
C LEU D 52 -1.38 -43.86 30.89
N ASP D 53 -1.98 -44.47 29.90
CA ASP D 53 -1.24 -44.96 28.74
C ASP D 53 -0.93 -43.81 27.80
N LEU D 54 0.19 -43.14 28.03
CA LEU D 54 0.61 -42.02 27.20
C LEU D 54 0.84 -42.34 25.72
N ALA D 55 0.71 -43.60 25.34
CA ALA D 55 0.91 -43.99 23.95
C ALA D 55 -0.36 -43.71 23.15
N ASP D 56 -1.46 -43.45 23.85
CA ASP D 56 -2.74 -43.15 23.23
C ASP D 56 -2.68 -41.80 22.56
N ASP D 57 -3.13 -41.72 21.32
CA ASP D 57 -3.09 -40.48 20.56
C ASP D 57 -3.70 -39.27 21.24
N SER D 58 -4.76 -39.50 21.99
CA SER D 58 -5.42 -38.42 22.68
C SER D 58 -4.62 -37.89 23.87
N LEU D 59 -3.97 -38.78 24.63
CA LEU D 59 -3.19 -38.39 25.80
C LEU D 59 -1.76 -37.99 25.51
N MET D 60 -1.22 -38.51 24.42
CA MET D 60 0.15 -38.27 23.98
C MET D 60 0.68 -36.84 24.10
N GLU D 61 -0.05 -35.87 23.57
CA GLU D 61 0.39 -34.48 23.63
C GLU D 61 0.01 -33.69 24.89
N THR D 62 -0.73 -34.32 25.80
CA THR D 62 -1.16 -33.65 27.02
C THR D 62 -0.05 -33.00 27.85
N PRO D 63 1.05 -33.71 28.16
CA PRO D 63 2.13 -33.11 28.96
C PRO D 63 2.57 -31.78 28.37
N HIS D 64 2.69 -31.74 27.05
CA HIS D 64 3.11 -30.53 26.36
C HIS D 64 2.01 -29.47 26.44
N ARG D 65 0.76 -29.86 26.16
CA ARG D 65 -0.36 -28.91 26.22
C ARG D 65 -0.49 -28.25 27.59
N ILE D 66 -0.35 -29.04 28.65
CA ILE D 66 -0.42 -28.53 30.01
C ILE D 66 0.74 -27.56 30.25
N ALA D 67 1.95 -27.97 29.91
CA ALA D 67 3.12 -27.11 30.10
C ALA D 67 2.93 -25.76 29.41
N LYS D 68 2.49 -25.76 28.15
CA LYS D 68 2.28 -24.52 27.43
C LYS D 68 1.17 -23.68 28.08
N MET D 69 0.09 -24.32 28.51
CA MET D 69 -1.02 -23.64 29.16
C MET D 69 -0.55 -22.90 30.41
N TYR D 70 0.24 -23.57 31.24
CA TYR D 70 0.77 -22.97 32.45
C TYR D 70 1.63 -21.74 32.15
N VAL D 71 2.72 -21.95 31.41
CA VAL D 71 3.66 -20.89 31.05
C VAL D 71 3.11 -19.75 30.18
N ASP D 72 2.40 -20.10 29.10
CA ASP D 72 1.86 -19.11 28.18
C ASP D 72 0.45 -18.61 28.45
N GLU D 73 -0.40 -19.46 29.02
CA GLU D 73 -1.76 -19.03 29.26
C GLU D 73 -2.21 -18.75 30.68
N ILE D 74 -2.76 -19.75 31.37
CA ILE D 74 -3.26 -19.56 32.72
C ILE D 74 -2.38 -18.94 33.80
N PHE D 75 -1.06 -18.99 33.66
CA PHE D 75 -0.19 -18.38 34.66
C PHE D 75 0.68 -17.28 34.06
N SER D 76 0.32 -16.81 32.87
CA SER D 76 1.07 -15.77 32.19
C SER D 76 1.08 -14.42 32.94
N GLY D 77 0.14 -14.24 33.85
CA GLY D 77 0.06 -13.02 34.63
C GLY D 77 1.23 -12.87 35.58
N LEU D 78 1.95 -13.97 35.84
CA LEU D 78 3.11 -13.96 36.73
C LEU D 78 4.30 -13.23 36.13
N ASP D 79 4.28 -13.05 34.80
CA ASP D 79 5.36 -12.38 34.09
C ASP D 79 4.90 -11.00 33.65
N TYR D 80 5.45 -9.96 34.26
CA TYR D 80 5.07 -8.59 33.90
C TYR D 80 5.38 -8.18 32.46
N ALA D 81 6.03 -9.06 31.72
CA ALA D 81 6.36 -8.77 30.33
C ALA D 81 5.05 -8.90 29.56
N ASN D 82 4.04 -9.48 30.20
CA ASN D 82 2.72 -9.68 29.60
C ASN D 82 1.71 -8.63 30.05
N PHE D 83 2.18 -7.64 30.81
CA PHE D 83 1.30 -6.59 31.30
C PHE D 83 0.76 -5.85 30.10
N PRO D 84 -0.55 -5.56 30.05
CA PRO D 84 -1.16 -4.85 28.93
C PRO D 84 -0.65 -3.41 28.72
N LYS D 85 -0.84 -2.89 27.51
CA LYS D 85 -0.40 -1.54 27.20
C LYS D 85 -1.56 -0.66 27.67
N ILE D 86 -1.28 0.31 28.54
CA ILE D 86 -2.31 1.19 29.06
C ILE D 86 -2.46 2.49 28.27
N THR D 87 -3.69 2.79 27.86
CA THR D 87 -3.98 4.01 27.12
C THR D 87 -4.88 4.87 28.01
N LEU D 88 -4.48 6.12 28.23
CA LEU D 88 -5.22 7.06 29.05
C LEU D 88 -5.47 8.34 28.25
N ILE D 89 -6.68 8.86 28.32
CA ILE D 89 -7.01 10.10 27.61
C ILE D 89 -7.28 11.14 28.70
N GLU D 90 -7.02 12.40 28.38
CA GLU D 90 -7.23 13.51 29.31
C GLU D 90 -8.71 13.63 29.61
N ASN D 91 -9.03 13.77 30.90
CA ASN D 91 -10.41 13.90 31.34
C ASN D 91 -10.96 15.29 31.00
N LYS D 92 -11.04 15.58 29.71
CA LYS D 92 -11.55 16.87 29.24
C LYS D 92 -13.07 16.92 29.44
N MET D 93 -13.72 15.76 29.50
CA MET D 93 -15.16 15.69 29.71
C MET D 93 -15.53 16.15 31.11
N LYS D 94 -14.52 16.28 31.97
CA LYS D 94 -14.69 16.72 33.34
C LYS D 94 -15.71 15.82 34.06
N VAL D 95 -15.45 14.52 33.97
CA VAL D 95 -16.29 13.52 34.60
C VAL D 95 -15.95 13.52 36.10
N ASP D 96 -16.96 13.67 36.93
CA ASP D 96 -16.75 13.67 38.38
C ASP D 96 -17.56 12.57 39.05
N GLU D 97 -18.28 11.81 38.23
CA GLU D 97 -19.10 10.72 38.71
C GLU D 97 -18.40 9.43 38.34
N MET D 98 -18.65 8.36 39.09
CA MET D 98 -17.99 7.10 38.81
C MET D 98 -18.39 6.45 37.50
N VAL D 99 -17.43 5.76 36.90
CA VAL D 99 -17.59 5.03 35.66
C VAL D 99 -17.52 3.58 36.15
N THR D 100 -18.55 2.80 35.86
CA THR D 100 -18.61 1.40 36.29
C THR D 100 -18.56 0.45 35.12
N VAL D 101 -17.68 -0.54 35.22
CA VAL D 101 -17.54 -1.57 34.18
C VAL D 101 -17.98 -2.79 34.94
N ARG D 102 -19.13 -3.35 34.54
CA ARG D 102 -19.68 -4.51 35.20
C ARG D 102 -19.63 -5.78 34.37
N ASP D 103 -19.73 -6.91 35.07
CA ASP D 103 -19.71 -8.22 34.48
C ASP D 103 -18.50 -8.58 33.66
N ILE D 104 -17.32 -8.23 34.18
CA ILE D 104 -16.06 -8.53 33.50
C ILE D 104 -15.81 -10.03 33.67
N THR D 105 -15.67 -10.76 32.57
CA THR D 105 -15.43 -12.21 32.63
C THR D 105 -14.09 -12.44 33.29
N LEU D 106 -14.07 -13.28 34.31
CA LEU D 106 -12.84 -13.57 35.03
C LEU D 106 -12.70 -15.08 35.24
N THR D 107 -11.55 -15.61 34.87
CA THR D 107 -11.23 -17.02 35.02
C THR D 107 -9.85 -17.06 35.65
N SER D 108 -9.77 -17.63 36.85
CA SER D 108 -8.51 -17.72 37.57
C SER D 108 -8.32 -19.16 38.09
N THR D 109 -7.31 -19.37 38.95
CA THR D 109 -6.98 -20.68 39.50
C THR D 109 -6.77 -20.62 41.02
N CYS D 110 -7.50 -21.42 41.78
CA CYS D 110 -7.33 -21.45 43.24
C CYS D 110 -6.01 -22.15 43.54
N GLU D 111 -5.02 -21.36 43.96
CA GLU D 111 -3.67 -21.84 44.29
C GLU D 111 -3.52 -22.99 45.26
N HIS D 112 -4.55 -23.29 46.04
CA HIS D 112 -4.49 -24.38 47.00
C HIS D 112 -4.68 -25.75 46.39
N HIS D 113 -5.26 -25.81 45.19
CA HIS D 113 -5.50 -27.08 44.51
C HIS D 113 -5.31 -26.96 43.01
N PHE D 114 -4.97 -25.76 42.55
CA PHE D 114 -4.77 -25.49 41.13
C PHE D 114 -6.01 -25.86 40.32
N VAL D 115 -7.17 -25.45 40.81
CA VAL D 115 -8.45 -25.73 40.14
C VAL D 115 -9.13 -24.42 39.74
N THR D 116 -9.92 -24.46 38.68
CA THR D 116 -10.63 -23.31 38.16
C THR D 116 -11.48 -22.47 39.11
N ILE D 117 -11.42 -21.16 38.88
CA ILE D 117 -12.19 -20.17 39.64
C ILE D 117 -12.86 -19.46 38.46
N ASP D 118 -14.18 -19.52 38.39
CA ASP D 118 -14.90 -18.88 37.31
C ASP D 118 -15.82 -17.87 37.94
N GLY D 119 -15.68 -16.61 37.54
CA GLY D 119 -16.53 -15.57 38.11
C GLY D 119 -16.64 -14.35 37.24
N LYS D 120 -17.05 -13.25 37.86
CA LYS D 120 -17.21 -11.98 37.18
C LYS D 120 -16.84 -10.86 38.12
N ALA D 121 -16.18 -9.85 37.57
CA ALA D 121 -15.76 -8.70 38.36
C ALA D 121 -16.46 -7.43 37.95
N THR D 122 -16.67 -6.53 38.91
CA THR D 122 -17.30 -5.25 38.69
C THR D 122 -16.27 -4.27 39.23
N VAL D 123 -15.83 -3.36 38.37
CA VAL D 123 -14.83 -2.35 38.69
C VAL D 123 -15.42 -0.98 38.44
N ALA D 124 -15.15 -0.04 39.33
CA ALA D 124 -15.67 1.31 39.17
C ALA D 124 -14.61 2.25 39.72
N TYR D 125 -14.58 3.47 39.20
CA TYR D 125 -13.63 4.47 39.64
C TYR D 125 -14.16 5.84 39.29
N ILE D 126 -13.68 6.86 39.98
CA ILE D 126 -14.11 8.23 39.72
C ILE D 126 -12.89 8.87 39.02
N PRO D 127 -13.03 9.22 37.73
CA PRO D 127 -11.94 9.83 36.95
C PRO D 127 -11.37 11.10 37.58
N LYS D 128 -10.04 11.17 37.65
CA LYS D 128 -9.41 12.36 38.20
C LYS D 128 -8.87 13.13 36.98
N ASP D 129 -7.58 13.05 36.70
CA ASP D 129 -7.05 13.77 35.55
C ASP D 129 -7.18 13.01 34.22
N SER D 130 -7.22 11.68 34.26
CA SER D 130 -7.36 10.90 33.04
C SER D 130 -8.39 9.79 33.12
N VAL D 131 -8.96 9.48 31.96
CA VAL D 131 -9.97 8.45 31.78
C VAL D 131 -9.25 7.30 31.08
N ILE D 132 -9.47 6.07 31.53
CA ILE D 132 -8.81 4.91 30.95
C ILE D 132 -9.69 4.25 29.90
N GLY D 133 -9.06 3.59 28.92
CA GLY D 133 -9.83 2.90 27.90
C GLY D 133 -10.53 1.73 28.57
N LEU D 134 -11.85 1.63 28.39
CA LEU D 134 -12.64 0.56 29.00
C LEU D 134 -12.04 -0.84 28.87
N SER D 135 -11.61 -1.22 27.67
CA SER D 135 -11.01 -2.53 27.43
C SER D 135 -9.81 -2.78 28.36
N LYS D 136 -9.02 -1.73 28.60
CA LYS D 136 -7.84 -1.84 29.46
C LYS D 136 -8.21 -2.37 30.84
N ILE D 137 -9.35 -1.94 31.37
CA ILE D 137 -9.78 -2.42 32.68
C ILE D 137 -9.98 -3.94 32.62
N ASN D 138 -10.65 -4.40 31.57
CA ASN D 138 -10.87 -5.83 31.40
C ASN D 138 -9.53 -6.55 31.34
N ARG D 139 -8.61 -6.00 30.56
CA ARG D 139 -7.28 -6.61 30.41
C ARG D 139 -6.51 -6.72 31.72
N ILE D 140 -6.51 -5.65 32.53
CA ILE D 140 -5.81 -5.66 33.81
C ILE D 140 -6.42 -6.76 34.70
N VAL D 141 -7.75 -6.86 34.71
CA VAL D 141 -8.42 -7.88 35.51
C VAL D 141 -7.94 -9.25 35.04
N GLN D 142 -7.92 -9.48 33.73
CA GLN D 142 -7.47 -10.76 33.18
C GLN D 142 -6.02 -11.03 33.58
N PHE D 143 -5.15 -10.03 33.49
CA PHE D 143 -3.75 -10.17 33.84
C PHE D 143 -3.56 -10.80 35.19
N PHE D 144 -4.05 -10.15 36.24
CA PHE D 144 -3.92 -10.69 37.59
C PHE D 144 -4.70 -11.96 37.82
N ALA D 145 -5.74 -12.17 37.03
CA ALA D 145 -6.55 -13.37 37.14
C ALA D 145 -5.71 -14.55 36.69
N GLN D 146 -4.89 -14.35 35.65
CA GLN D 146 -4.01 -15.39 35.11
C GLN D 146 -2.80 -15.66 36.02
N ARG D 147 -3.05 -16.10 37.26
CA ARG D 147 -2.02 -16.41 38.26
C ARG D 147 -2.64 -17.34 39.28
N PRO D 148 -1.81 -18.09 40.03
CA PRO D 148 -2.38 -19.00 41.03
C PRO D 148 -2.88 -17.97 42.05
N GLN D 149 -4.19 -17.90 42.25
CA GLN D 149 -4.76 -16.93 43.16
C GLN D 149 -5.52 -17.43 44.37
N VAL D 150 -5.94 -16.46 45.15
CA VAL D 150 -6.72 -16.61 46.36
C VAL D 150 -7.54 -15.36 46.08
N GLN D 151 -8.84 -15.51 45.89
CA GLN D 151 -9.73 -14.39 45.59
C GLN D 151 -9.50 -13.13 46.44
N GLU D 152 -9.19 -13.32 47.73
CA GLU D 152 -8.93 -12.21 48.64
C GLU D 152 -7.73 -11.37 48.18
N ARG D 153 -6.73 -12.04 47.61
CA ARG D 153 -5.55 -11.34 47.13
C ARG D 153 -5.86 -10.74 45.76
N LEU D 154 -6.46 -11.55 44.88
CA LEU D 154 -6.82 -11.13 43.52
C LEU D 154 -7.53 -9.78 43.51
N THR D 155 -8.55 -9.64 44.34
CA THR D 155 -9.33 -8.40 44.45
C THR D 155 -8.41 -7.22 44.85
N GLN D 156 -7.57 -7.41 45.86
CA GLN D 156 -6.63 -6.39 46.35
C GLN D 156 -5.68 -5.95 45.24
N GLN D 157 -5.09 -6.91 44.55
CA GLN D 157 -4.16 -6.63 43.46
C GLN D 157 -4.78 -5.75 42.37
N ILE D 158 -5.96 -6.14 41.88
CA ILE D 158 -6.65 -5.36 40.85
C ILE D 158 -6.91 -3.94 41.33
N LEU D 159 -7.32 -3.80 42.59
CA LEU D 159 -7.59 -2.47 43.17
C LEU D 159 -6.33 -1.59 43.07
N ILE D 160 -5.24 -2.06 43.64
CA ILE D 160 -3.98 -1.33 43.64
C ILE D 160 -3.45 -1.00 42.23
N ALA D 161 -3.45 -1.99 41.35
CA ALA D 161 -2.97 -1.77 39.99
C ALA D 161 -3.75 -0.59 39.39
N LEU D 162 -5.07 -0.61 39.55
CA LEU D 162 -5.89 0.46 39.02
C LEU D 162 -5.63 1.80 39.66
N GLN D 163 -5.54 1.85 40.99
CA GLN D 163 -5.29 3.10 41.70
C GLN D 163 -3.98 3.73 41.20
N THR D 164 -2.95 2.90 41.06
CA THR D 164 -1.65 3.32 40.61
C THR D 164 -1.72 3.92 39.20
N LEU D 165 -2.29 3.17 38.25
CA LEU D 165 -2.42 3.65 36.88
C LEU D 165 -3.30 4.89 36.67
N LEU D 166 -4.44 4.93 37.34
CA LEU D 166 -5.36 6.07 37.20
C LEU D 166 -4.95 7.29 38.04
N GLY D 167 -4.07 7.06 39.02
CA GLY D 167 -3.63 8.16 39.87
C GLY D 167 -4.74 8.67 40.74
N THR D 168 -5.59 7.75 41.21
CA THR D 168 -6.72 8.10 42.07
C THR D 168 -6.90 6.92 43.00
N ASN D 169 -7.24 7.20 44.25
CA ASN D 169 -7.49 6.12 45.20
C ASN D 169 -8.96 5.74 45.11
N ASN D 170 -9.75 6.56 44.43
CA ASN D 170 -11.18 6.31 44.26
C ASN D 170 -11.43 5.21 43.26
N VAL D 171 -11.19 3.98 43.68
CA VAL D 171 -11.39 2.82 42.82
C VAL D 171 -12.04 1.78 43.72
N ALA D 172 -12.90 0.96 43.12
CA ALA D 172 -13.59 -0.08 43.84
C ALA D 172 -13.61 -1.30 42.96
N VAL D 173 -13.40 -2.47 43.58
CA VAL D 173 -13.39 -3.73 42.84
C VAL D 173 -14.18 -4.75 43.65
N SER D 174 -15.07 -5.46 42.97
CA SER D 174 -15.87 -6.50 43.59
C SER D 174 -15.81 -7.68 42.65
N ILE D 175 -15.55 -8.87 43.20
CA ILE D 175 -15.46 -10.08 42.41
C ILE D 175 -16.37 -11.13 43.05
N ASP D 176 -17.18 -11.76 42.22
CA ASP D 176 -18.11 -12.79 42.67
C ASP D 176 -17.66 -13.98 41.82
N ALA D 177 -17.36 -15.11 42.46
CA ALA D 177 -16.90 -16.28 41.72
C ALA D 177 -17.22 -17.63 42.35
N VAL D 178 -17.18 -18.66 41.51
CA VAL D 178 -17.44 -20.04 41.90
C VAL D 178 -16.10 -20.73 41.90
N HIS D 179 -15.76 -21.40 43.00
CA HIS D 179 -14.49 -22.11 43.11
C HIS D 179 -14.72 -23.58 42.89
N TYR D 180 -14.14 -24.16 41.84
CA TYR D 180 -14.32 -25.58 41.62
C TYR D 180 -13.57 -26.38 42.66
N CYS D 181 -12.71 -25.68 43.40
CA CYS D 181 -11.92 -26.23 44.50
C CYS D 181 -12.95 -26.75 45.53
N VAL D 182 -14.09 -26.05 45.58
CA VAL D 182 -15.22 -26.33 46.48
C VAL D 182 -16.35 -27.16 45.82
N LYS D 183 -16.64 -26.86 44.56
CA LYS D 183 -17.69 -27.54 43.82
C LYS D 183 -17.35 -28.90 43.22
N ALA D 184 -16.27 -28.93 42.44
CA ALA D 184 -15.85 -30.15 41.77
C ALA D 184 -15.25 -31.24 42.63
N ARG D 185 -14.88 -30.90 43.85
CA ARG D 185 -14.26 -31.88 44.72
C ARG D 185 -14.42 -31.47 46.19
N GLY D 186 -13.88 -32.26 47.12
CA GLY D 186 -13.97 -31.94 48.53
C GLY D 186 -15.39 -32.01 49.03
N ILE D 187 -15.91 -30.90 49.56
CA ILE D 187 -17.28 -30.88 50.06
C ILE D 187 -18.32 -30.93 48.92
N ARG D 188 -17.90 -30.57 47.71
CA ARG D 188 -18.75 -30.58 46.52
C ARG D 188 -20.06 -29.83 46.68
N ASP D 189 -19.96 -28.56 47.08
CA ASP D 189 -21.13 -27.71 47.25
C ASP D 189 -21.39 -27.16 45.84
N ALA D 190 -22.49 -27.61 45.25
CA ALA D 190 -22.87 -27.20 43.89
C ALA D 190 -23.50 -25.81 43.75
N THR D 191 -23.81 -25.12 44.84
CA THR D 191 -24.44 -23.80 44.74
C THR D 191 -23.72 -22.57 45.30
N SER D 192 -22.79 -22.75 46.22
CA SER D 192 -22.11 -21.60 46.80
C SER D 192 -21.20 -20.83 45.87
N ALA D 193 -21.09 -19.53 46.14
CA ALA D 193 -20.28 -18.60 45.39
C ALA D 193 -19.72 -17.62 46.41
N THR D 194 -18.50 -17.15 46.20
CA THR D 194 -17.84 -16.22 47.11
C THR D 194 -17.79 -14.82 46.50
N THR D 195 -18.02 -13.82 47.33
CA THR D 195 -18.01 -12.44 46.90
C THR D 195 -17.04 -11.69 47.78
N THR D 196 -16.07 -11.02 47.16
CA THR D 196 -15.08 -10.25 47.89
C THR D 196 -15.03 -8.86 47.26
N THR D 197 -14.85 -7.82 48.07
CA THR D 197 -14.76 -6.47 47.56
C THR D 197 -13.60 -5.75 48.24
N SER D 198 -13.00 -4.81 47.51
CA SER D 198 -11.90 -4.01 48.02
C SER D 198 -12.28 -2.59 47.58
N LEU D 199 -12.37 -1.69 48.55
CA LEU D 199 -12.75 -0.32 48.28
C LEU D 199 -11.65 0.69 48.62
N GLY D 200 -11.40 1.61 47.69
CA GLY D 200 -10.41 2.63 47.90
C GLY D 200 -11.06 4.00 47.85
N GLY D 201 -10.38 4.99 48.41
CA GLY D 201 -10.87 6.35 48.43
C GLY D 201 -12.26 6.56 48.96
N LEU D 202 -13.02 7.39 48.28
CA LEU D 202 -14.40 7.72 48.63
C LEU D 202 -15.27 6.48 48.76
N PHE D 203 -14.95 5.43 48.02
CA PHE D 203 -15.72 4.19 48.06
C PHE D 203 -15.63 3.51 49.41
N LYS D 204 -14.70 3.94 50.25
CA LYS D 204 -14.54 3.35 51.56
C LYS D 204 -14.93 4.39 52.60
N SER D 205 -14.53 5.63 52.35
CA SER D 205 -14.81 6.76 53.24
C SER D 205 -16.26 7.23 53.22
N SER D 206 -16.72 7.68 52.06
CA SER D 206 -18.07 8.17 51.86
C SER D 206 -19.08 7.04 51.82
N GLN D 207 -19.93 6.95 52.84
CA GLN D 207 -20.95 5.90 52.90
C GLN D 207 -21.90 6.05 51.71
N ASN D 208 -22.08 7.28 51.26
CA ASN D 208 -22.96 7.60 50.13
C ASN D 208 -22.40 6.96 48.85
N THR D 209 -21.14 7.22 48.56
CA THR D 209 -20.48 6.68 47.38
C THR D 209 -20.35 5.16 47.48
N ARG D 210 -19.98 4.70 48.66
CA ARG D 210 -19.81 3.29 48.95
C ARG D 210 -21.06 2.48 48.61
N HIS D 211 -22.19 2.95 49.10
CA HIS D 211 -23.44 2.26 48.83
C HIS D 211 -23.91 2.35 47.39
N GLU D 212 -23.64 3.47 46.72
CA GLU D 212 -24.03 3.63 45.31
C GLU D 212 -23.33 2.56 44.50
N PHE D 213 -22.06 2.29 44.81
CA PHE D 213 -21.28 1.27 44.14
C PHE D 213 -21.83 -0.11 44.48
N LEU D 214 -21.91 -0.42 45.77
CA LEU D 214 -22.42 -1.71 46.23
C LEU D 214 -23.78 -2.04 45.64
N ARG D 215 -24.65 -1.05 45.58
CA ARG D 215 -26.00 -1.24 45.02
C ARG D 215 -25.91 -1.66 43.55
N ALA D 216 -24.92 -1.16 42.84
CA ALA D 216 -24.72 -1.49 41.42
C ALA D 216 -24.09 -2.85 41.20
N VAL D 217 -23.40 -3.34 42.21
CA VAL D 217 -22.72 -4.63 42.14
C VAL D 217 -23.67 -5.81 41.92
N ARG D 218 -23.20 -6.72 41.04
CA ARG D 218 -23.89 -7.96 40.67
C ARG D 218 -25.18 -7.82 39.87
N HIS D 219 -25.36 -8.73 38.93
CA HIS D 219 -26.53 -8.78 38.06
C HIS D 219 -26.92 -10.27 38.01
N HIS D 220 -27.64 -10.69 36.98
CA HIS D 220 -28.05 -12.09 36.88
C HIS D 220 -27.68 -12.67 35.52
N ASN D 221 -27.25 -13.93 35.53
CA ASN D 221 -26.86 -14.66 34.32
C ASN D 221 -25.79 -13.91 33.53
N PRO E 1 -5.65 -37.22 68.96
CA PRO E 1 -5.89 -38.29 69.92
C PRO E 1 -7.37 -38.55 70.21
N SER E 2 -8.20 -37.56 69.92
CA SER E 2 -9.65 -37.64 70.13
C SER E 2 -10.26 -36.44 69.41
N LEU E 3 -10.31 -35.28 70.08
CA LEU E 3 -10.87 -34.07 69.47
C LEU E 3 -9.72 -33.13 69.14
N SER E 4 -9.85 -32.42 68.03
CA SER E 4 -8.83 -31.47 67.61
C SER E 4 -8.95 -30.23 68.50
N LYS E 5 -7.93 -29.37 68.46
CA LYS E 5 -7.95 -28.14 69.26
C LYS E 5 -9.19 -27.33 68.89
N GLU E 6 -9.46 -27.28 67.58
CA GLU E 6 -10.61 -26.54 67.06
C GLU E 6 -11.90 -27.11 67.61
N ALA E 7 -12.13 -28.41 67.43
CA ALA E 7 -13.34 -29.08 67.90
C ALA E 7 -13.60 -28.78 69.38
N ALA E 8 -12.55 -28.89 70.19
CA ALA E 8 -12.64 -28.63 71.62
C ALA E 8 -13.06 -27.19 71.88
N LEU E 9 -12.37 -26.24 71.27
CA LEU E 9 -12.70 -24.81 71.43
C LEU E 9 -14.16 -24.53 71.13
N VAL E 10 -14.58 -24.86 69.90
CA VAL E 10 -15.95 -24.65 69.44
C VAL E 10 -16.93 -25.29 70.41
N HIS E 11 -16.68 -26.53 70.81
CA HIS E 11 -17.56 -27.21 71.74
C HIS E 11 -17.70 -26.46 73.06
N GLU E 12 -16.58 -26.01 73.61
CA GLU E 12 -16.57 -25.27 74.87
C GLU E 12 -17.33 -23.96 74.72
N ALA E 13 -17.07 -23.24 73.63
CA ALA E 13 -17.72 -21.96 73.35
C ALA E 13 -19.22 -22.12 73.36
N LEU E 14 -19.70 -23.13 72.65
CA LEU E 14 -21.13 -23.40 72.59
C LEU E 14 -21.70 -23.70 73.96
N VAL E 15 -21.06 -24.62 74.70
CA VAL E 15 -21.52 -24.99 76.04
C VAL E 15 -21.55 -23.77 76.97
N ALA E 16 -20.52 -22.92 76.87
CA ALA E 16 -20.43 -21.72 77.68
C ALA E 16 -21.66 -20.84 77.42
N ARG E 17 -21.96 -20.57 76.15
CA ARG E 17 -23.12 -19.75 75.80
C ARG E 17 -24.44 -20.48 76.00
N GLY E 18 -24.37 -21.78 76.24
CA GLY E 18 -25.58 -22.55 76.45
C GLY E 18 -26.31 -22.73 75.14
N LEU E 19 -25.54 -22.78 74.05
CA LEU E 19 -26.09 -22.95 72.71
C LEU E 19 -25.84 -24.32 72.11
N GLU E 20 -25.31 -25.24 72.91
CA GLU E 20 -25.03 -26.59 72.44
C GLU E 20 -26.32 -27.40 72.31
N THR E 21 -26.30 -28.35 71.39
CA THR E 21 -27.45 -29.20 71.16
C THR E 21 -27.65 -30.04 72.43
N PRO E 22 -28.90 -30.16 72.91
CA PRO E 22 -29.23 -30.93 74.12
C PRO E 22 -28.69 -32.36 74.06
N LEU E 23 -27.57 -32.59 74.70
CA LEU E 23 -26.94 -33.92 74.72
C LEU E 23 -26.70 -34.42 76.14
N ARG E 24 -26.77 -35.74 76.30
CA ARG E 24 -26.53 -36.40 77.58
C ARG E 24 -25.24 -37.17 77.36
N PRO E 25 -24.36 -37.20 78.37
CA PRO E 25 -23.10 -37.94 78.21
C PRO E 25 -23.40 -39.41 77.93
N PRO E 26 -22.58 -40.07 77.10
CA PRO E 26 -22.77 -41.48 76.77
C PRO E 26 -22.89 -42.36 78.01
N VAL E 27 -24.09 -42.90 78.21
CA VAL E 27 -24.42 -43.77 79.35
C VAL E 27 -23.39 -44.89 79.51
N HIS E 28 -22.92 -45.42 78.38
CA HIS E 28 -21.93 -46.50 78.33
C HIS E 28 -21.18 -46.39 77.01
N GLU E 29 -19.89 -46.73 77.05
CA GLU E 29 -19.07 -46.67 75.85
C GLU E 29 -19.47 -47.79 74.89
N MET E 30 -20.32 -47.45 73.91
CA MET E 30 -20.76 -48.41 72.93
C MET E 30 -20.12 -48.09 71.60
N ASP E 31 -19.83 -49.13 70.80
CA ASP E 31 -19.23 -48.94 69.49
C ASP E 31 -20.36 -48.40 68.63
N ASN E 32 -20.05 -47.57 67.65
CA ASN E 32 -21.10 -47.04 66.76
C ASN E 32 -21.81 -48.23 66.13
N GLU E 33 -21.05 -49.32 65.93
CA GLU E 33 -21.57 -50.56 65.35
C GLU E 33 -22.73 -51.12 66.19
N THR E 34 -22.53 -51.23 67.51
CA THR E 34 -23.57 -51.75 68.39
C THR E 34 -24.74 -50.78 68.46
N ARG E 35 -24.46 -49.48 68.42
CA ARG E 35 -25.53 -48.48 68.47
C ARG E 35 -26.39 -48.61 67.23
N LYS E 36 -25.74 -48.75 66.07
CA LYS E 36 -26.46 -48.88 64.82
C LYS E 36 -27.36 -50.09 64.90
N SER E 37 -26.81 -51.24 65.31
CA SER E 37 -27.60 -52.44 65.42
C SER E 37 -28.80 -52.29 66.36
N LEU E 38 -28.60 -51.65 67.51
CA LEU E 38 -29.71 -51.44 68.43
C LEU E 38 -30.79 -50.57 67.78
N ILE E 39 -30.37 -49.50 67.11
CA ILE E 39 -31.29 -48.59 66.44
C ILE E 39 -32.04 -49.35 65.35
N ALA E 40 -31.30 -50.17 64.59
CA ALA E 40 -31.87 -50.98 63.53
C ALA E 40 -32.98 -51.86 64.10
N GLY E 41 -32.71 -52.44 65.26
CA GLY E 41 -33.68 -53.30 65.94
C GLY E 41 -34.95 -52.53 66.26
N HIS E 42 -34.82 -51.34 66.87
CA HIS E 42 -35.99 -50.55 67.20
C HIS E 42 -36.75 -50.18 65.94
N MET E 43 -36.03 -49.90 64.86
CA MET E 43 -36.69 -49.55 63.60
C MET E 43 -37.46 -50.75 63.09
N THR E 44 -36.88 -51.94 63.22
CA THR E 44 -37.54 -53.17 62.79
C THR E 44 -38.90 -53.26 63.45
N GLU E 45 -38.92 -53.05 64.76
CA GLU E 45 -40.14 -53.09 65.54
C GLU E 45 -41.15 -52.04 65.07
N ILE E 46 -40.68 -50.81 64.82
CA ILE E 46 -41.55 -49.71 64.36
C ILE E 46 -42.19 -50.06 63.01
N MET E 47 -41.37 -50.56 62.08
CA MET E 47 -41.85 -50.93 60.76
C MET E 47 -42.92 -52.02 60.90
N GLN E 48 -42.66 -52.99 61.77
CA GLN E 48 -43.61 -54.08 62.00
C GLN E 48 -44.91 -53.52 62.59
N LEU E 49 -44.81 -52.56 63.49
CA LEU E 49 -45.99 -51.93 64.08
C LEU E 49 -46.80 -51.22 62.99
N LEU E 50 -46.10 -50.80 61.93
CA LEU E 50 -46.73 -50.12 60.81
C LEU E 50 -47.31 -51.15 59.82
N ASN E 51 -47.07 -52.42 60.12
CA ASN E 51 -47.53 -53.57 59.33
C ASN E 51 -46.82 -53.76 58.02
N LEU E 52 -45.58 -53.29 57.94
CA LEU E 52 -44.80 -53.43 56.72
C LEU E 52 -44.19 -54.83 56.65
N ASP E 53 -44.33 -55.47 55.50
CA ASP E 53 -43.80 -56.80 55.30
C ASP E 53 -42.30 -56.76 55.09
N LEU E 54 -41.57 -56.83 56.19
CA LEU E 54 -40.10 -56.79 56.15
C LEU E 54 -39.42 -57.91 55.38
N ALA E 55 -40.21 -58.83 54.84
CA ALA E 55 -39.67 -59.94 54.05
C ALA E 55 -39.40 -59.48 52.62
N ASP E 56 -40.02 -58.37 52.22
CA ASP E 56 -39.86 -57.82 50.89
C ASP E 56 -38.43 -57.34 50.69
N ASP E 57 -37.81 -57.76 49.59
CA ASP E 57 -36.43 -57.39 49.29
C ASP E 57 -36.14 -55.90 49.43
N SER E 58 -37.05 -55.07 48.92
CA SER E 58 -36.87 -53.64 48.99
C SER E 58 -36.92 -53.03 50.41
N LEU E 59 -37.73 -53.61 51.30
CA LEU E 59 -37.85 -53.10 52.68
C LEU E 59 -36.90 -53.76 53.65
N MET E 60 -36.52 -54.98 53.35
CA MET E 60 -35.63 -55.79 54.17
C MET E 60 -34.44 -55.07 54.82
N GLU E 61 -33.63 -54.38 54.03
CA GLU E 61 -32.47 -53.68 54.55
C GLU E 61 -32.72 -52.28 55.14
N THR E 62 -33.96 -51.80 55.05
CA THR E 62 -34.29 -50.47 55.56
C THR E 62 -33.86 -50.19 57.02
N PRO E 63 -34.23 -51.06 57.99
CA PRO E 63 -33.83 -50.81 59.38
C PRO E 63 -32.34 -50.54 59.53
N HIS E 64 -31.52 -51.24 58.76
CA HIS E 64 -30.07 -51.04 58.83
C HIS E 64 -29.70 -49.74 58.15
N ARG E 65 -30.25 -49.49 56.96
CA ARG E 65 -29.95 -48.25 56.24
C ARG E 65 -30.28 -47.03 57.09
N ILE E 66 -31.44 -47.03 57.74
CA ILE E 66 -31.85 -45.91 58.60
C ILE E 66 -30.88 -45.75 59.77
N ALA E 67 -30.51 -46.85 60.40
CA ALA E 67 -29.59 -46.80 61.53
C ALA E 67 -28.27 -46.19 61.10
N LYS E 68 -27.74 -46.62 59.96
CA LYS E 68 -26.47 -46.10 59.46
C LYS E 68 -26.59 -44.62 59.11
N MET E 69 -27.70 -44.24 58.49
CA MET E 69 -27.96 -42.85 58.10
C MET E 69 -27.94 -41.96 59.34
N TYR E 70 -28.61 -42.39 60.40
CA TYR E 70 -28.66 -41.64 61.64
C TYR E 70 -27.28 -41.45 62.28
N VAL E 71 -26.63 -42.56 62.59
CA VAL E 71 -25.30 -42.55 63.23
C VAL E 71 -24.16 -41.99 62.39
N ASP E 72 -24.05 -42.43 61.15
CA ASP E 72 -22.98 -41.99 60.25
C ASP E 72 -23.24 -40.78 59.39
N GLU E 73 -24.49 -40.54 59.02
CA GLU E 73 -24.77 -39.42 58.14
C GLU E 73 -25.52 -38.22 58.70
N ILE E 74 -26.85 -38.21 58.58
CA ILE E 74 -27.63 -37.06 59.04
C ILE E 74 -27.47 -36.55 60.47
N PHE E 75 -26.96 -37.36 61.39
CA PHE E 75 -26.77 -36.90 62.77
C PHE E 75 -25.30 -36.97 63.19
N SER E 76 -24.40 -37.12 62.22
CA SER E 76 -22.97 -37.22 62.49
C SER E 76 -22.38 -35.95 63.13
N GLY E 77 -23.11 -34.83 63.02
CA GLY E 77 -22.65 -33.59 63.58
C GLY E 77 -22.64 -33.59 65.10
N LEU E 78 -23.37 -34.53 65.70
CA LEU E 78 -23.45 -34.64 67.15
C LEU E 78 -22.12 -35.13 67.73
N ASP E 79 -21.29 -35.75 66.90
CA ASP E 79 -20.01 -36.27 67.36
C ASP E 79 -18.88 -35.36 66.87
N TYR E 80 -18.25 -34.63 67.80
CA TYR E 80 -17.16 -33.73 67.45
C TYR E 80 -15.93 -34.42 66.87
N ALA E 81 -15.97 -35.74 66.80
CA ALA E 81 -14.85 -36.47 66.23
C ALA E 81 -14.95 -36.30 64.71
N ASN E 82 -16.09 -35.78 64.25
CA ASN E 82 -16.35 -35.55 62.83
C ASN E 82 -16.18 -34.08 62.44
N PHE E 83 -15.73 -33.25 63.37
CA PHE E 83 -15.54 -31.83 63.10
C PHE E 83 -14.46 -31.73 62.03
N PRO E 84 -14.67 -30.87 61.02
CA PRO E 84 -13.71 -30.67 59.92
C PRO E 84 -12.35 -30.14 60.35
N LYS E 85 -11.35 -30.31 59.50
CA LYS E 85 -10.02 -29.82 59.82
C LYS E 85 -10.05 -28.38 59.32
N ILE E 86 -9.65 -27.44 60.18
CA ILE E 86 -9.65 -26.05 59.81
C ILE E 86 -8.28 -25.56 59.36
N THR E 87 -8.26 -24.91 58.20
CA THR E 87 -7.04 -24.36 57.64
C THR E 87 -7.17 -22.85 57.57
N LEU E 88 -6.24 -22.15 58.18
CA LEU E 88 -6.24 -20.68 58.20
C LEU E 88 -4.93 -20.15 57.63
N ILE E 89 -5.00 -19.15 56.77
CA ILE E 89 -3.80 -18.56 56.21
C ILE E 89 -3.71 -17.15 56.77
N GLU E 90 -2.49 -16.66 56.95
CA GLU E 90 -2.26 -15.32 57.49
C GLU E 90 -2.87 -14.28 56.56
N ASN E 91 -3.57 -13.30 57.13
CA ASN E 91 -4.21 -12.24 56.37
C ASN E 91 -3.16 -11.23 55.89
N LYS E 92 -2.23 -11.68 55.07
CA LYS E 92 -1.19 -10.82 54.54
C LYS E 92 -1.81 -9.86 53.53
N MET E 93 -2.91 -10.27 52.91
CA MET E 93 -3.60 -9.45 51.92
C MET E 93 -4.16 -8.19 52.57
N LYS E 94 -4.19 -8.18 53.89
CA LYS E 94 -4.70 -7.06 54.68
C LYS E 94 -6.12 -6.70 54.25
N VAL E 95 -6.98 -7.73 54.25
CA VAL E 95 -8.38 -7.60 53.89
C VAL E 95 -9.09 -6.98 55.09
N ASP E 96 -9.79 -5.89 54.85
CA ASP E 96 -10.53 -5.21 55.90
C ASP E 96 -12.02 -5.14 55.57
N GLU E 97 -12.38 -5.66 54.41
CA GLU E 97 -13.78 -5.67 53.96
C GLU E 97 -14.28 -7.10 54.15
N MET E 98 -15.59 -7.25 54.28
CA MET E 98 -16.16 -8.58 54.48
C MET E 98 -16.09 -9.49 53.28
N VAL E 99 -15.88 -10.77 53.57
CA VAL E 99 -15.82 -11.83 52.58
C VAL E 99 -17.16 -12.54 52.79
N THR E 100 -17.93 -12.73 51.73
CA THR E 100 -19.23 -13.36 51.82
C THR E 100 -19.28 -14.63 50.99
N VAL E 101 -19.72 -15.72 51.60
CA VAL E 101 -19.85 -17.01 50.94
C VAL E 101 -21.33 -17.17 50.96
N ARG E 102 -21.95 -17.11 49.78
CA ARG E 102 -23.39 -17.22 49.65
C ARG E 102 -23.88 -18.50 49.03
N ASP E 103 -25.15 -18.81 49.26
CA ASP E 103 -25.80 -20.01 48.74
C ASP E 103 -25.17 -21.34 49.12
N ILE E 104 -24.76 -21.45 50.38
CA ILE E 104 -24.15 -22.67 50.88
C ILE E 104 -25.32 -23.68 51.00
N THR E 105 -25.20 -24.84 50.36
CA THR E 105 -26.24 -25.87 50.41
C THR E 105 -26.34 -26.40 51.82
N LEU E 106 -27.53 -26.35 52.40
CA LEU E 106 -27.73 -26.83 53.76
C LEU E 106 -28.94 -27.78 53.83
N THR E 107 -28.72 -28.94 54.44
CA THR E 107 -29.77 -29.94 54.60
C THR E 107 -29.68 -30.38 56.07
N SER E 108 -30.74 -30.15 56.82
CA SER E 108 -30.78 -30.50 58.23
C SER E 108 -32.08 -31.24 58.55
N THR E 109 -32.35 -31.44 59.84
CA THR E 109 -33.54 -32.16 60.31
C THR E 109 -34.26 -31.40 61.43
N CYS E 110 -35.56 -31.16 61.28
CA CYS E 110 -36.34 -30.46 62.31
C CYS E 110 -36.57 -31.45 63.43
N GLU E 111 -35.90 -31.24 64.55
CA GLU E 111 -35.97 -32.11 65.73
C GLU E 111 -37.35 -32.41 66.32
N HIS E 112 -38.36 -31.62 65.98
CA HIS E 112 -39.71 -31.83 66.50
C HIS E 112 -40.46 -32.96 65.80
N HIS E 113 -40.04 -33.33 64.60
CA HIS E 113 -40.69 -34.40 63.86
C HIS E 113 -39.69 -35.24 63.11
N PHE E 114 -38.41 -34.87 63.18
CA PHE E 114 -37.34 -35.58 62.48
C PHE E 114 -37.61 -35.62 60.97
N VAL E 115 -37.94 -34.47 60.41
CA VAL E 115 -38.24 -34.34 58.99
C VAL E 115 -37.25 -33.36 58.38
N THR E 116 -36.97 -33.52 57.10
CA THR E 116 -36.05 -32.69 56.35
C THR E 116 -36.27 -31.17 56.38
N ILE E 117 -35.15 -30.46 56.43
CA ILE E 117 -35.09 -29.00 56.42
C ILE E 117 -34.13 -28.81 55.25
N ASP E 118 -34.57 -28.13 54.20
CA ASP E 118 -33.72 -27.93 53.04
C ASP E 118 -33.60 -26.44 52.84
N GLY E 119 -32.40 -25.93 52.87
CA GLY E 119 -32.22 -24.50 52.69
C GLY E 119 -30.85 -24.10 52.23
N LYS E 120 -30.56 -22.82 52.34
CA LYS E 120 -29.29 -22.25 51.94
C LYS E 120 -28.85 -21.22 52.95
N ALA E 121 -27.55 -21.22 53.23
CA ALA E 121 -26.95 -20.29 54.17
C ALA E 121 -26.02 -19.32 53.49
N THR E 122 -25.94 -18.10 54.04
CA THR E 122 -25.07 -17.04 53.53
C THR E 122 -24.29 -16.62 54.76
N VAL E 123 -22.98 -16.81 54.69
CA VAL E 123 -22.07 -16.49 55.78
C VAL E 123 -21.09 -15.42 55.33
N ALA E 124 -20.84 -14.45 56.19
CA ALA E 124 -19.91 -13.38 55.87
C ALA E 124 -19.14 -13.04 57.12
N TYR E 125 -17.91 -12.53 56.93
CA TYR E 125 -17.06 -12.14 58.03
C TYR E 125 -16.02 -11.14 57.56
N ILE E 126 -15.46 -10.40 58.50
CA ILE E 126 -14.43 -9.41 58.18
C ILE E 126 -13.14 -10.00 58.77
N PRO E 127 -12.20 -10.43 57.91
CA PRO E 127 -10.93 -11.02 58.31
C PRO E 127 -10.13 -10.16 59.27
N LYS E 128 -9.64 -10.77 60.34
CA LYS E 128 -8.83 -10.03 61.30
C LYS E 128 -7.39 -10.48 61.02
N ASP E 129 -6.84 -11.37 61.84
CA ASP E 129 -5.47 -11.82 61.64
C ASP E 129 -5.36 -12.93 60.61
N SER E 130 -6.39 -13.77 60.46
CA SER E 130 -6.34 -14.85 59.48
C SER E 130 -7.57 -14.95 58.60
N VAL E 131 -7.38 -15.56 57.44
CA VAL E 131 -8.40 -15.79 56.43
C VAL E 131 -8.62 -17.29 56.45
N ILE E 132 -9.88 -17.72 56.38
CA ILE E 132 -10.19 -19.15 56.40
C ILE E 132 -10.41 -19.69 54.98
N GLY E 133 -10.12 -20.97 54.77
CA GLY E 133 -10.33 -21.58 53.48
C GLY E 133 -11.83 -21.58 53.22
N LEU E 134 -12.26 -21.05 52.08
CA LEU E 134 -13.67 -20.98 51.72
C LEU E 134 -14.42 -22.29 51.94
N SER E 135 -13.86 -23.40 51.50
CA SER E 135 -14.49 -24.71 51.67
C SER E 135 -14.79 -24.99 53.13
N LYS E 136 -13.87 -24.62 54.03
CA LYS E 136 -14.05 -24.84 55.46
C LYS E 136 -15.35 -24.24 55.98
N ILE E 137 -15.73 -23.07 55.48
CA ILE E 137 -16.99 -22.46 55.92
C ILE E 137 -18.15 -23.39 55.57
N ASN E 138 -18.17 -23.88 54.33
CA ASN E 138 -19.23 -24.79 53.89
C ASN E 138 -19.26 -26.02 54.77
N ARG E 139 -18.08 -26.55 55.11
CA ARG E 139 -17.97 -27.74 55.95
C ARG E 139 -18.50 -27.52 57.37
N ILE E 140 -18.17 -26.38 57.97
CA ILE E 140 -18.65 -26.06 59.31
C ILE E 140 -20.18 -25.98 59.30
N VAL E 141 -20.74 -25.35 58.25
CA VAL E 141 -22.19 -25.23 58.11
C VAL E 141 -22.78 -26.63 58.09
N GLN E 142 -22.23 -27.48 57.21
CA GLN E 142 -22.71 -28.85 57.09
C GLN E 142 -22.64 -29.60 58.43
N PHE E 143 -21.52 -29.50 59.13
CA PHE E 143 -21.34 -30.16 60.41
C PHE E 143 -22.52 -29.93 61.34
N PHE E 144 -22.78 -28.68 61.68
CA PHE E 144 -23.89 -28.34 62.56
C PHE E 144 -25.25 -28.67 61.96
N ALA E 145 -25.35 -28.62 60.64
CA ALA E 145 -26.60 -28.92 59.96
C ALA E 145 -26.94 -30.39 60.18
N GLN E 146 -25.92 -31.23 60.24
CA GLN E 146 -26.07 -32.67 60.45
C GLN E 146 -26.39 -33.01 61.91
N ARG E 147 -27.49 -32.48 62.43
CA ARG E 147 -27.92 -32.71 63.81
C ARG E 147 -29.42 -32.44 63.91
N PRO E 148 -30.09 -32.94 64.96
CA PRO E 148 -31.52 -32.67 65.07
C PRO E 148 -31.49 -31.18 65.43
N GLN E 149 -32.03 -30.34 64.57
CA GLN E 149 -32.03 -28.91 64.78
C GLN E 149 -33.35 -28.20 64.89
N VAL E 150 -33.20 -26.93 65.16
CA VAL E 150 -34.24 -25.92 65.30
C VAL E 150 -33.45 -24.83 64.59
N GLN E 151 -33.92 -24.36 63.44
CA GLN E 151 -33.22 -23.33 62.68
C GLN E 151 -32.66 -22.18 63.54
N GLU E 152 -33.42 -21.74 64.55
CA GLU E 152 -33.00 -20.65 65.43
C GLU E 152 -31.69 -20.99 66.15
N ARG E 153 -31.53 -22.26 66.51
CA ARG E 153 -30.32 -22.69 67.18
C ARG E 153 -29.22 -22.84 66.16
N LEU E 154 -29.50 -23.57 65.08
CA LEU E 154 -28.55 -23.82 64.00
C LEU E 154 -27.79 -22.58 63.59
N THR E 155 -28.51 -21.49 63.34
CA THR E 155 -27.90 -20.23 62.95
C THR E 155 -26.93 -19.75 64.05
N GLN E 156 -27.37 -19.79 65.30
CA GLN E 156 -26.55 -19.36 66.43
C GLN E 156 -25.28 -20.16 66.54
N GLN E 157 -25.42 -21.48 66.43
CA GLN E 157 -24.28 -22.38 66.51
C GLN E 157 -23.22 -22.07 65.49
N ILE E 158 -23.63 -21.95 64.22
CA ILE E 158 -22.70 -21.64 63.14
C ILE E 158 -21.96 -20.32 63.43
N LEU E 159 -22.72 -19.31 63.85
CA LEU E 159 -22.13 -18.00 64.17
C LEU E 159 -21.01 -18.15 65.18
N ILE E 160 -21.31 -18.75 66.33
CA ILE E 160 -20.32 -18.93 67.38
C ILE E 160 -19.13 -19.77 66.93
N ALA E 161 -19.37 -20.91 66.27
CA ALA E 161 -18.28 -21.74 65.80
C ALA E 161 -17.30 -20.89 64.96
N LEU E 162 -17.82 -20.12 64.03
CA LEU E 162 -17.00 -19.27 63.18
C LEU E 162 -16.27 -18.18 63.96
N GLN E 163 -16.97 -17.49 64.85
CA GLN E 163 -16.35 -16.43 65.64
C GLN E 163 -15.14 -16.97 66.40
N THR E 164 -15.32 -18.13 67.01
CA THR E 164 -14.29 -18.79 67.78
C THR E 164 -13.07 -19.14 66.92
N LEU E 165 -13.28 -19.80 65.79
CA LEU E 165 -12.19 -20.19 64.91
C LEU E 165 -11.47 -19.03 64.21
N LEU E 166 -12.20 -18.01 63.79
CA LEU E 166 -11.61 -16.87 63.11
C LEU E 166 -11.02 -15.83 64.08
N GLY E 167 -11.43 -15.90 65.34
CA GLY E 167 -10.94 -14.97 66.33
C GLY E 167 -11.44 -13.56 66.07
N THR E 168 -12.69 -13.46 65.62
CA THR E 168 -13.30 -12.17 65.32
C THR E 168 -14.75 -12.33 65.67
N ASN E 169 -15.39 -11.27 66.15
CA ASN E 169 -16.81 -11.33 66.48
C ASN E 169 -17.58 -10.87 65.25
N ASN E 170 -16.87 -10.26 64.31
CA ASN E 170 -17.44 -9.76 63.06
C ASN E 170 -17.76 -10.88 62.10
N VAL E 171 -18.81 -11.62 62.41
CA VAL E 171 -19.30 -12.74 61.61
C VAL E 171 -20.82 -12.58 61.55
N ALA E 172 -21.41 -12.98 60.44
CA ALA E 172 -22.86 -12.89 60.27
C ALA E 172 -23.29 -14.13 59.55
N VAL E 173 -24.40 -14.70 60.00
CA VAL E 173 -24.94 -15.89 59.39
C VAL E 173 -26.43 -15.70 59.14
N SER E 174 -26.88 -16.02 57.94
CA SER E 174 -28.28 -15.93 57.56
C SER E 174 -28.61 -17.25 56.90
N ILE E 175 -29.71 -17.87 57.30
CA ILE E 175 -30.15 -19.14 56.73
C ILE E 175 -31.60 -19.00 56.34
N ASP E 176 -31.91 -19.42 55.12
CA ASP E 176 -33.26 -19.37 54.58
C ASP E 176 -33.52 -20.83 54.25
N ALA E 177 -34.61 -21.38 54.80
CA ALA E 177 -34.93 -22.79 54.57
C ALA E 177 -36.40 -23.13 54.52
N VAL E 178 -36.68 -24.29 53.92
CA VAL E 178 -38.02 -24.83 53.78
C VAL E 178 -38.09 -26.01 54.72
N HIS E 179 -39.10 -26.05 55.59
CA HIS E 179 -39.26 -27.14 56.55
C HIS E 179 -40.34 -28.08 56.08
N TYR E 180 -39.99 -29.35 55.82
CA TYR E 180 -40.99 -30.31 55.39
C TYR E 180 -41.93 -30.66 56.54
N CYS E 181 -41.51 -30.27 57.74
CA CYS E 181 -42.26 -30.44 58.98
C CYS E 181 -43.58 -29.66 58.74
N VAL E 182 -43.47 -28.54 58.00
CA VAL E 182 -44.57 -27.64 57.65
C VAL E 182 -45.20 -27.95 56.28
N LYS E 183 -44.36 -28.27 55.30
CA LYS E 183 -44.82 -28.57 53.95
C LYS E 183 -45.41 -29.94 53.69
N ALA E 184 -44.66 -30.97 54.02
CA ALA E 184 -45.08 -32.35 53.78
C ALA E 184 -46.19 -32.88 54.65
N ARG E 185 -46.45 -32.21 55.75
CA ARG E 185 -47.46 -32.68 56.67
C ARG E 185 -48.03 -31.53 57.51
N GLY E 186 -48.91 -31.83 58.46
CA GLY E 186 -49.49 -30.81 59.32
C GLY E 186 -50.32 -29.85 58.51
N ILE E 187 -49.99 -28.56 58.56
CA ILE E 187 -50.74 -27.56 57.80
C ILE E 187 -50.48 -27.66 56.28
N ARG E 188 -49.40 -28.34 55.90
CA ARG E 188 -49.03 -28.53 54.50
C ARG E 188 -48.96 -27.26 53.66
N ASP E 189 -48.23 -26.26 54.14
CA ASP E 189 -48.08 -25.00 53.43
C ASP E 189 -46.98 -25.23 52.38
N ALA E 190 -47.38 -25.28 51.12
CA ALA E 190 -46.44 -25.52 50.03
C ALA E 190 -45.55 -24.36 49.59
N THR E 191 -45.73 -23.15 50.13
CA THR E 191 -44.90 -22.02 49.72
C THR E 191 -44.06 -21.28 50.76
N SER E 192 -44.38 -21.39 52.04
CA SER E 192 -43.62 -20.68 53.05
C SER E 192 -42.21 -21.18 53.27
N ALA E 193 -41.34 -20.25 53.64
CA ALA E 193 -39.93 -20.49 53.91
C ALA E 193 -39.59 -19.60 55.10
N THR E 194 -38.70 -20.07 55.97
CA THR E 194 -38.30 -19.31 57.16
C THR E 194 -36.89 -18.76 56.97
N THR E 195 -36.66 -17.55 57.44
CA THR E 195 -35.34 -16.91 57.34
C THR E 195 -34.95 -16.47 58.73
N THR E 196 -33.76 -16.87 59.16
CA THR E 196 -33.25 -16.52 60.47
C THR E 196 -31.84 -15.98 60.27
N THR E 197 -31.47 -14.97 61.05
CA THR E 197 -30.14 -14.40 60.95
C THR E 197 -29.58 -14.20 62.34
N SER E 198 -28.26 -14.28 62.47
CA SER E 198 -27.57 -14.06 63.73
C SER E 198 -26.43 -13.16 63.29
N LEU E 199 -26.27 -12.03 63.96
CA LEU E 199 -25.23 -11.08 63.60
C LEU E 199 -24.28 -10.84 64.77
N GLY E 200 -22.98 -10.85 64.47
CA GLY E 200 -21.99 -10.62 65.49
C GLY E 200 -21.17 -9.40 65.14
N GLY E 201 -20.46 -8.87 66.12
CA GLY E 201 -19.64 -7.69 65.91
C GLY E 201 -20.26 -6.53 65.18
N LEU E 202 -19.51 -5.96 64.24
CA LEU E 202 -19.95 -4.82 63.44
C LEU E 202 -21.24 -5.08 62.71
N PHE E 203 -21.52 -6.35 62.40
CA PHE E 203 -22.73 -6.70 61.67
C PHE E 203 -23.99 -6.41 62.48
N LYS E 204 -23.82 -6.22 63.78
CA LYS E 204 -24.93 -5.94 64.68
C LYS E 204 -24.85 -4.50 65.15
N SER E 205 -23.64 -4.05 65.46
CA SER E 205 -23.37 -2.70 65.93
C SER E 205 -23.51 -1.64 64.85
N SER E 206 -22.69 -1.76 63.81
CA SER E 206 -22.67 -0.82 62.69
C SER E 206 -23.83 -1.03 61.75
N GLN E 207 -24.76 -0.08 61.73
CA GLN E 207 -25.94 -0.16 60.86
C GLN E 207 -25.48 -0.22 59.40
N ASN E 208 -24.38 0.46 59.11
CA ASN E 208 -23.81 0.51 57.78
C ASN E 208 -23.41 -0.90 57.35
N THR E 209 -22.61 -1.57 58.18
CA THR E 209 -22.13 -2.92 57.92
C THR E 209 -23.28 -3.91 57.88
N ARG E 210 -24.17 -3.79 58.85
CA ARG E 210 -25.34 -4.63 58.99
C ARG E 210 -26.16 -4.65 57.72
N HIS E 211 -26.51 -3.48 57.21
CA HIS E 211 -27.29 -3.41 56.00
C HIS E 211 -26.56 -3.88 54.76
N GLU E 212 -25.25 -3.66 54.68
CA GLU E 212 -24.47 -4.12 53.52
C GLU E 212 -24.60 -5.63 53.42
N PHE E 213 -24.52 -6.28 54.57
CA PHE E 213 -24.66 -7.73 54.63
C PHE E 213 -26.08 -8.16 54.26
N LEU E 214 -27.07 -7.61 54.95
CA LEU E 214 -28.48 -7.92 54.72
C LEU E 214 -28.89 -7.72 53.28
N ARG E 215 -28.40 -6.65 52.65
CA ARG E 215 -28.72 -6.36 51.26
C ARG E 215 -28.17 -7.47 50.34
N ALA E 216 -27.04 -8.05 50.71
CA ALA E 216 -26.42 -9.11 49.92
C ALA E 216 -27.07 -10.48 50.11
N VAL E 217 -27.71 -10.67 51.27
CA VAL E 217 -28.38 -11.93 51.59
C VAL E 217 -29.46 -12.32 50.60
N ARG E 218 -29.51 -13.62 50.31
CA ARG E 218 -30.48 -14.25 49.40
C ARG E 218 -30.37 -13.89 47.92
N HIS E 219 -30.63 -14.89 47.09
CA HIS E 219 -30.60 -14.77 45.65
C HIS E 219 -31.82 -15.55 45.14
N HIS E 220 -31.80 -16.02 43.89
CA HIS E 220 -32.94 -16.76 43.36
C HIS E 220 -32.49 -18.06 42.72
N ASN E 221 -33.29 -19.10 42.92
CA ASN E 221 -33.02 -20.44 42.39
C ASN E 221 -31.65 -20.96 42.80
N PRO F 1 -69.38 -49.09 56.78
CA PRO F 1 -69.17 -50.01 57.89
C PRO F 1 -67.69 -50.31 58.17
N SER F 2 -66.84 -50.09 57.17
CA SER F 2 -65.41 -50.31 57.27
C SER F 2 -64.76 -49.63 56.06
N LEU F 3 -64.71 -50.33 54.93
CA LEU F 3 -64.12 -49.78 53.72
C LEU F 3 -65.24 -49.48 52.76
N SER F 4 -65.09 -48.40 51.99
CA SER F 4 -66.10 -48.01 51.02
C SER F 4 -65.98 -48.96 49.82
N LYS F 5 -66.98 -48.95 48.94
CA LYS F 5 -66.95 -49.81 47.75
C LYS F 5 -65.69 -49.48 46.96
N GLU F 6 -65.40 -48.18 46.83
CA GLU F 6 -64.24 -47.69 46.11
C GLU F 6 -62.94 -48.21 46.71
N ALA F 7 -62.76 -48.02 48.02
CA ALA F 7 -61.55 -48.47 48.71
C ALA F 7 -61.33 -49.95 48.50
N ALA F 8 -62.42 -50.70 48.59
CA ALA F 8 -62.40 -52.14 48.39
C ALA F 8 -61.91 -52.49 46.99
N LEU F 9 -62.60 -51.95 45.97
CA LEU F 9 -62.26 -52.18 44.57
C LEU F 9 -60.79 -51.91 44.28
N VAL F 10 -60.35 -50.68 44.58
CA VAL F 10 -58.97 -50.24 44.38
C VAL F 10 -57.99 -51.22 45.04
N HIS F 11 -58.22 -51.53 46.32
CA HIS F 11 -57.35 -52.45 47.04
C HIS F 11 -57.23 -53.79 46.32
N GLU F 12 -58.36 -54.33 45.89
CA GLU F 12 -58.40 -55.60 45.19
C GLU F 12 -57.62 -55.52 43.88
N ALA F 13 -57.89 -54.47 43.10
CA ALA F 13 -57.20 -54.27 41.81
C ALA F 13 -55.68 -54.28 42.01
N LEU F 14 -55.21 -53.55 43.02
CA LEU F 14 -53.79 -53.50 43.32
C LEU F 14 -53.26 -54.87 43.69
N VAL F 15 -53.90 -55.55 44.62
CA VAL F 15 -53.47 -56.89 45.05
C VAL F 15 -53.44 -57.87 43.86
N ALA F 16 -54.45 -57.78 42.99
CA ALA F 16 -54.56 -58.62 41.81
C ALA F 16 -53.33 -58.43 40.95
N ARG F 17 -52.99 -57.18 40.64
CA ARG F 17 -51.82 -56.88 39.82
C ARG F 17 -50.50 -57.07 40.57
N GLY F 18 -50.59 -57.27 41.87
CA GLY F 18 -49.40 -57.45 42.67
C GLY F 18 -48.66 -56.14 42.80
N LEU F 19 -49.41 -55.05 42.81
CA LEU F 19 -48.84 -53.71 42.94
C LEU F 19 -49.08 -53.05 44.29
N GLU F 20 -49.64 -53.80 45.23
CA GLU F 20 -49.91 -53.29 46.56
C GLU F 20 -48.64 -53.14 47.36
N THR F 21 -48.68 -52.21 48.32
CA THR F 21 -47.53 -51.96 49.17
C THR F 21 -47.34 -53.20 50.02
N PRO F 22 -46.09 -53.66 50.18
CA PRO F 22 -45.79 -54.85 50.98
C PRO F 22 -46.32 -54.73 52.42
N LEU F 23 -47.48 -55.33 52.66
CA LEU F 23 -48.09 -55.29 53.97
C LEU F 23 -48.39 -56.69 54.52
N ARG F 24 -48.33 -56.80 55.85
CA ARG F 24 -48.61 -58.04 56.54
C ARG F 24 -49.91 -57.77 57.29
N PRO F 25 -50.78 -58.78 57.38
CA PRO F 25 -52.06 -58.59 58.09
C PRO F 25 -51.78 -58.25 59.55
N PRO F 26 -52.57 -57.33 60.14
CA PRO F 26 -52.38 -56.95 61.54
C PRO F 26 -52.32 -58.16 62.47
N VAL F 27 -51.14 -58.36 63.05
CA VAL F 27 -50.85 -59.46 63.97
C VAL F 27 -51.90 -59.57 65.10
N HIS F 28 -52.35 -58.40 65.57
CA HIS F 28 -53.35 -58.29 66.62
C HIS F 28 -54.07 -56.97 66.46
N GLU F 29 -55.35 -56.96 66.75
CA GLU F 29 -56.16 -55.74 66.64
C GLU F 29 -55.74 -54.74 67.71
N MET F 30 -54.84 -53.83 67.35
CA MET F 30 -54.36 -52.81 68.27
C MET F 30 -55.00 -51.48 67.90
N ASP F 31 -55.29 -50.65 68.91
CA ASP F 31 -55.88 -49.35 68.67
C ASP F 31 -54.74 -48.52 68.11
N ASN F 32 -55.03 -47.58 67.20
CA ASN F 32 -53.98 -46.74 66.65
C ASN F 32 -53.28 -46.06 67.81
N GLU F 33 -54.03 -45.81 68.88
CA GLU F 33 -53.54 -45.18 70.10
C GLU F 33 -52.41 -46.01 70.73
N THR F 34 -52.63 -47.32 70.86
CA THR F 34 -51.60 -48.19 71.44
C THR F 34 -50.39 -48.33 70.52
N ARG F 35 -50.64 -48.36 69.21
CA ARG F 35 -49.55 -48.46 68.25
C ARG F 35 -48.68 -47.21 68.36
N LYS F 36 -49.32 -46.04 68.37
CA LYS F 36 -48.62 -44.77 68.48
C LYS F 36 -47.74 -44.79 69.71
N SER F 37 -48.30 -45.15 70.87
CA SER F 37 -47.53 -45.20 72.09
C SER F 37 -46.34 -46.16 71.98
N LEU F 38 -46.55 -47.33 71.38
CA LEU F 38 -45.46 -48.29 71.22
C LEU F 38 -44.34 -47.72 70.35
N ILE F 39 -44.72 -47.10 69.24
CA ILE F 39 -43.76 -46.49 68.31
C ILE F 39 -43.01 -45.39 69.05
N ALA F 40 -43.74 -44.53 69.76
CA ALA F 40 -43.14 -43.45 70.54
C ALA F 40 -42.09 -44.01 71.48
N GLY F 41 -42.40 -45.14 72.12
CA GLY F 41 -41.47 -45.78 73.01
C GLY F 41 -40.18 -46.14 72.31
N HIS F 42 -40.29 -46.82 71.15
CA HIS F 42 -39.11 -47.21 70.38
C HIS F 42 -38.32 -45.97 69.96
N MET F 43 -39.02 -44.90 69.60
CA MET F 43 -38.36 -43.66 69.22
C MET F 43 -37.58 -43.11 70.40
N THR F 44 -38.17 -43.15 71.60
CA THR F 44 -37.52 -42.67 72.81
C THR F 44 -36.18 -43.38 72.95
N GLU F 45 -36.19 -44.69 72.78
CA GLU F 45 -34.99 -45.49 72.88
C GLU F 45 -33.96 -45.09 71.83
N ILE F 46 -34.39 -44.90 70.58
CA ILE F 46 -33.48 -44.51 69.49
C ILE F 46 -32.82 -43.17 69.80
N MET F 47 -33.64 -42.18 70.19
CA MET F 47 -33.14 -40.85 70.51
C MET F 47 -32.12 -40.94 71.64
N GLN F 48 -32.40 -41.77 72.65
CA GLN F 48 -31.47 -41.93 73.76
C GLN F 48 -30.17 -42.57 73.26
N LEU F 49 -30.28 -43.50 72.31
CA LEU F 49 -29.11 -44.16 71.74
C LEU F 49 -28.28 -43.13 71.00
N LEU F 50 -28.93 -42.07 70.52
CA LEU F 50 -28.25 -41.00 69.80
C LEU F 50 -27.67 -39.99 70.79
N ASN F 51 -27.92 -40.23 72.08
CA ASN F 51 -27.46 -39.38 73.18
C ASN F 51 -28.17 -38.03 73.32
N LEU F 52 -29.39 -37.96 72.81
CA LEU F 52 -30.15 -36.73 72.90
C LEU F 52 -30.76 -36.60 74.29
N ASP F 53 -30.65 -35.41 74.88
CA ASP F 53 -31.20 -35.16 76.21
C ASP F 53 -32.70 -34.94 76.11
N LEU F 54 -33.45 -36.03 76.24
CA LEU F 54 -34.90 -35.96 76.16
C LEU F 54 -35.59 -35.10 77.23
N ALA F 55 -34.82 -34.58 78.18
CA ALA F 55 -35.38 -33.75 79.23
C ALA F 55 -35.61 -32.33 78.70
N ASP F 56 -34.99 -32.00 77.56
CA ASP F 56 -35.13 -30.68 76.96
C ASP F 56 -36.56 -30.46 76.47
N ASP F 57 -37.15 -29.34 76.86
CA ASP F 57 -38.53 -29.02 76.47
C ASP F 57 -38.84 -29.20 74.97
N SER F 58 -37.90 -28.80 74.13
CA SER F 58 -38.08 -28.90 72.69
C SER F 58 -38.01 -30.35 72.14
N LEU F 59 -37.23 -31.22 72.77
CA LEU F 59 -37.09 -32.61 72.33
C LEU F 59 -38.05 -33.57 73.02
N MET F 60 -38.47 -33.18 74.22
CA MET F 60 -39.38 -33.96 75.05
C MET F 60 -40.55 -34.63 74.32
N GLU F 61 -41.36 -33.84 73.61
CA GLU F 61 -42.52 -34.38 72.90
C GLU F 61 -42.25 -35.01 71.54
N THR F 62 -41.01 -34.98 71.08
CA THR F 62 -40.67 -35.55 69.77
C THR F 62 -41.13 -37.00 69.53
N PRO F 63 -40.77 -37.95 70.42
CA PRO F 63 -41.19 -39.35 70.20
C PRO F 63 -42.70 -39.50 69.94
N HIS F 64 -43.49 -38.69 70.61
CA HIS F 64 -44.94 -38.73 70.43
C HIS F 64 -45.31 -38.11 69.07
N ARG F 65 -44.73 -36.94 68.78
CA ARG F 65 -44.99 -36.25 67.53
C ARG F 65 -44.66 -37.13 66.32
N ILE F 66 -43.52 -37.83 66.38
CA ILE F 66 -43.10 -38.72 65.31
C ILE F 66 -44.13 -39.85 65.17
N ALA F 67 -44.44 -40.50 66.29
CA ALA F 67 -45.41 -41.60 66.30
C ALA F 67 -46.72 -41.18 65.65
N LYS F 68 -47.27 -40.04 66.07
CA LYS F 68 -48.53 -39.57 65.51
C LYS F 68 -48.37 -39.29 64.02
N MET F 69 -47.26 -38.67 63.63
CA MET F 69 -46.98 -38.35 62.23
C MET F 69 -47.03 -39.61 61.37
N TYR F 70 -46.35 -40.66 61.84
CA TYR F 70 -46.32 -41.94 61.15
C TYR F 70 -47.72 -42.52 60.96
N VAL F 71 -48.35 -42.86 62.07
CA VAL F 71 -49.69 -43.45 62.06
C VAL F 71 -50.80 -42.59 61.45
N ASP F 72 -50.90 -41.33 61.87
CA ASP F 72 -51.94 -40.44 61.38
C ASP F 72 -51.67 -39.63 60.14
N GLU F 73 -50.42 -39.29 59.89
CA GLU F 73 -50.11 -38.48 58.73
C GLU F 73 -49.35 -39.08 57.56
N ILE F 74 -48.02 -39.02 57.58
CA ILE F 74 -47.22 -39.52 56.48
C ILE F 74 -47.40 -40.95 56.01
N PHE F 75 -47.93 -41.84 56.85
CA PHE F 75 -48.15 -43.22 56.44
C PHE F 75 -49.63 -43.61 56.48
N SER F 76 -50.51 -42.62 56.63
CA SER F 76 -51.95 -42.87 56.70
C SER F 76 -52.50 -43.58 55.46
N GLY F 77 -51.79 -43.47 54.34
CA GLY F 77 -52.21 -44.11 53.11
C GLY F 77 -52.24 -45.64 53.18
N LEU F 78 -51.55 -46.20 54.17
CA LEU F 78 -51.50 -47.64 54.34
C LEU F 78 -52.86 -48.17 54.81
N ASP F 79 -53.67 -47.29 55.39
CA ASP F 79 -54.97 -47.68 55.91
C ASP F 79 -56.07 -47.21 54.98
N TYR F 80 -56.69 -48.14 54.26
CA TYR F 80 -57.77 -47.82 53.32
C TYR F 80 -58.99 -47.18 53.95
N ALA F 81 -59.01 -47.09 55.28
CA ALA F 81 -60.11 -46.47 55.99
C ALA F 81 -60.02 -44.98 55.70
N ASN F 82 -58.84 -44.54 55.27
CA ASN F 82 -58.55 -43.15 54.95
C ASN F 82 -58.71 -42.81 53.48
N PHE F 83 -59.16 -43.79 52.69
CA PHE F 83 -59.35 -43.59 51.26
C PHE F 83 -60.41 -42.50 51.07
N PRO F 84 -60.16 -41.54 50.18
CA PRO F 84 -61.11 -40.44 49.94
C PRO F 84 -62.47 -40.90 49.41
N LYS F 85 -63.47 -40.01 49.51
CA LYS F 85 -64.80 -40.31 49.02
C LYS F 85 -64.77 -39.90 47.56
N ILE F 86 -65.13 -40.80 46.66
CA ILE F 86 -65.12 -40.49 45.23
C ILE F 86 -66.47 -40.04 44.70
N THR F 87 -66.47 -38.89 44.04
CA THR F 87 -67.68 -38.33 43.45
C THR F 87 -67.49 -38.32 41.93
N LEU F 88 -68.43 -38.94 41.22
CA LEU F 88 -68.39 -39.02 39.76
C LEU F 88 -69.69 -38.47 39.22
N ILE F 89 -69.61 -37.67 38.16
CA ILE F 89 -70.82 -37.13 37.55
C ILE F 89 -70.91 -37.75 36.17
N GLU F 90 -72.12 -37.92 35.67
CA GLU F 90 -72.35 -38.51 34.35
C GLU F 90 -71.70 -37.62 33.28
N ASN F 91 -70.99 -38.24 32.34
CA ASN F 91 -70.32 -37.52 31.25
C ASN F 91 -71.34 -37.07 30.21
N LYS F 92 -72.27 -36.22 30.64
CA LYS F 92 -73.30 -35.70 29.74
C LYS F 92 -72.68 -34.73 28.75
N MET F 93 -71.55 -34.11 29.13
CA MET F 93 -70.87 -33.16 28.26
C MET F 93 -70.31 -33.87 27.02
N LYS F 94 -70.26 -35.20 27.09
CA LYS F 94 -69.76 -36.05 26.02
C LYS F 94 -68.34 -35.65 25.66
N VAL F 95 -67.49 -35.64 26.68
CA VAL F 95 -66.08 -35.31 26.53
C VAL F 95 -65.37 -36.55 25.99
N ASP F 96 -64.67 -36.37 24.87
CA ASP F 96 -63.93 -37.47 24.26
C ASP F 96 -62.44 -37.15 24.17
N GLU F 97 -62.05 -36.00 24.68
CA GLU F 97 -60.65 -35.57 24.68
C GLU F 97 -60.16 -35.69 26.12
N MET F 98 -58.85 -35.84 26.30
CA MET F 98 -58.32 -35.98 27.65
C MET F 98 -58.40 -34.73 28.50
N VAL F 99 -58.59 -34.96 29.78
CA VAL F 99 -58.68 -33.92 30.78
C VAL F 99 -57.36 -34.11 31.52
N THR F 100 -56.59 -33.04 31.66
CA THR F 100 -55.30 -33.12 32.33
C THR F 100 -55.28 -32.26 33.59
N VAL F 101 -54.81 -32.85 34.69
CA VAL F 101 -54.69 -32.17 35.96
C VAL F 101 -53.18 -32.17 36.15
N ARG F 102 -52.56 -31.00 36.01
CA ARG F 102 -51.12 -30.89 36.14
C ARG F 102 -50.66 -30.29 37.44
N ASP F 103 -49.37 -30.44 37.73
CA ASP F 103 -48.73 -29.91 38.93
C ASP F 103 -49.41 -30.21 40.27
N ILE F 104 -49.79 -31.47 40.45
CA ILE F 104 -50.44 -31.90 41.69
C ILE F 104 -49.30 -32.01 42.73
N THR F 105 -49.43 -31.30 43.85
CA THR F 105 -48.40 -31.34 44.89
C THR F 105 -48.33 -32.73 45.48
N LEU F 106 -47.13 -33.32 45.48
CA LEU F 106 -46.95 -34.65 46.01
C LEU F 106 -45.76 -34.70 46.94
N THR F 107 -45.99 -35.27 48.12
CA THR F 107 -44.95 -35.42 49.13
C THR F 107 -45.11 -36.87 49.60
N SER F 108 -44.04 -37.63 49.48
CA SER F 108 -44.03 -39.04 49.88
C SER F 108 -42.75 -39.35 50.66
N THR F 109 -42.50 -40.63 50.93
CA THR F 109 -41.32 -41.07 51.69
C THR F 109 -40.57 -42.23 51.02
N CYS F 110 -39.27 -42.08 50.74
CA CYS F 110 -38.50 -43.15 50.12
C CYS F 110 -38.31 -44.25 51.17
N GLU F 111 -38.99 -45.37 50.99
CA GLU F 111 -38.95 -46.52 51.89
C GLU F 111 -37.58 -47.13 52.24
N HIS F 112 -36.57 -46.85 51.44
CA HIS F 112 -35.24 -47.37 51.69
C HIS F 112 -34.51 -46.66 52.82
N HIS F 113 -34.87 -45.40 53.09
CA HIS F 113 -34.23 -44.62 54.14
C HIS F 113 -35.23 -43.81 54.96
N PHE F 114 -36.51 -43.89 54.60
CA PHE F 114 -37.58 -43.15 55.27
C PHE F 114 -37.29 -41.65 55.25
N VAL F 115 -36.95 -41.15 54.06
CA VAL F 115 -36.64 -39.73 53.87
C VAL F 115 -37.62 -39.13 52.84
N THR F 116 -37.81 -37.83 52.93
CA THR F 116 -38.70 -37.10 52.06
C THR F 116 -38.49 -37.23 50.55
N ILE F 117 -39.61 -37.27 49.84
CA ILE F 117 -39.67 -37.33 48.38
C ILE F 117 -40.62 -36.15 48.16
N ASP F 118 -40.17 -35.16 47.43
CA ASP F 118 -40.99 -33.99 47.17
C ASP F 118 -41.06 -33.88 45.66
N GLY F 119 -42.27 -33.87 45.12
CA GLY F 119 -42.42 -33.77 43.68
C GLY F 119 -43.79 -33.29 43.26
N LYS F 120 -44.08 -33.44 41.98
CA LYS F 120 -45.33 -33.04 41.37
C LYS F 120 -45.76 -34.10 40.38
N ALA F 121 -47.05 -34.39 40.38
CA ALA F 121 -47.64 -35.38 39.49
C ALA F 121 -48.54 -34.73 38.48
N THR F 122 -48.61 -35.30 37.28
CA THR F 122 -49.46 -34.83 36.21
C THR F 122 -50.28 -36.06 35.85
N VAL F 123 -51.59 -35.94 35.96
CA VAL F 123 -52.52 -37.03 35.68
C VAL F 123 -53.45 -36.59 34.56
N ALA F 124 -53.76 -37.51 33.65
CA ALA F 124 -54.65 -37.20 32.54
C ALA F 124 -55.45 -38.47 32.27
N TYR F 125 -56.67 -38.30 31.76
CA TYR F 125 -57.52 -39.43 31.45
C TYR F 125 -58.56 -38.99 30.44
N ILE F 126 -59.08 -39.95 29.68
CA ILE F 126 -60.11 -39.65 28.67
C ILE F 126 -61.42 -40.19 29.26
N PRO F 127 -62.35 -39.27 29.61
CA PRO F 127 -63.65 -39.60 30.20
C PRO F 127 -64.44 -40.60 29.37
N LYS F 128 -64.96 -41.62 30.02
CA LYS F 128 -65.76 -42.61 29.30
C LYS F 128 -67.19 -42.31 29.71
N ASP F 129 -67.74 -43.07 30.66
CA ASP F 129 -69.12 -42.85 31.11
C ASP F 129 -69.25 -41.76 32.16
N SER F 130 -68.21 -41.55 32.96
CA SER F 130 -68.25 -40.53 34.00
C SER F 130 -67.02 -39.64 34.07
N VAL F 131 -67.21 -38.47 34.66
CA VAL F 131 -66.17 -37.48 34.83
C VAL F 131 -65.98 -37.43 36.35
N ILE F 132 -64.73 -37.42 36.80
CA ILE F 132 -64.43 -37.38 38.23
C ILE F 132 -64.19 -35.96 38.71
N GLY F 133 -64.47 -35.70 39.98
CA GLY F 133 -64.25 -34.37 40.53
C GLY F 133 -62.75 -34.12 40.56
N LEU F 134 -62.31 -33.02 39.97
CA LEU F 134 -60.90 -32.67 39.92
C LEU F 134 -60.17 -32.86 41.24
N SER F 135 -60.73 -32.32 42.32
CA SER F 135 -60.12 -32.45 43.64
C SER F 135 -59.85 -33.91 44.00
N LYS F 136 -60.76 -34.81 43.61
CA LYS F 136 -60.61 -36.23 43.92
C LYS F 136 -59.30 -36.77 43.38
N ILE F 137 -58.92 -36.34 42.18
CA ILE F 137 -57.67 -36.81 41.58
C ILE F 137 -56.51 -36.45 42.52
N ASN F 138 -56.47 -35.19 42.95
CA ASN F 138 -55.43 -34.72 43.85
C ASN F 138 -55.44 -35.55 45.13
N ARG F 139 -56.63 -35.85 45.66
CA ARG F 139 -56.76 -36.64 46.89
C ARG F 139 -56.26 -38.06 46.75
N ILE F 140 -56.57 -38.70 45.62
CA ILE F 140 -56.12 -40.07 45.38
C ILE F 140 -54.60 -40.08 45.34
N VAL F 141 -54.01 -39.11 44.64
CA VAL F 141 -52.55 -39.01 44.53
C VAL F 141 -51.96 -38.91 45.94
N GLN F 142 -52.50 -38.00 46.75
CA GLN F 142 -52.02 -37.83 48.11
C GLN F 142 -52.12 -39.14 48.90
N PHE F 143 -53.26 -39.82 48.82
CA PHE F 143 -53.46 -41.07 49.54
C PHE F 143 -52.30 -42.04 49.34
N PHE F 144 -52.03 -42.39 48.09
CA PHE F 144 -50.93 -43.31 47.81
C PHE F 144 -49.57 -42.73 48.12
N ALA F 145 -49.46 -41.41 48.09
CA ALA F 145 -48.21 -40.73 48.37
C ALA F 145 -47.88 -40.89 49.84
N GLN F 146 -48.91 -40.90 50.69
CA GLN F 146 -48.74 -41.05 52.13
C GLN F 146 -48.44 -42.50 52.52
N ARG F 147 -47.35 -43.06 51.99
CA ARG F 147 -46.94 -44.44 52.28
C ARG F 147 -45.46 -44.58 52.02
N PRO F 148 -44.80 -45.59 52.61
CA PRO F 148 -43.36 -45.75 52.37
C PRO F 148 -43.38 -46.18 50.91
N GLN F 149 -42.84 -45.33 50.05
CA GLN F 149 -42.83 -45.62 48.63
C GLN F 149 -41.51 -45.80 47.94
N VAL F 150 -41.64 -46.05 46.65
CA VAL F 150 -40.58 -46.25 45.69
C VAL F 150 -41.35 -45.60 44.56
N GLN F 151 -40.84 -44.51 44.01
CA GLN F 151 -41.53 -43.80 42.95
C GLN F 151 -42.09 -44.69 41.82
N GLU F 152 -41.36 -45.74 41.44
CA GLU F 152 -41.81 -46.66 40.38
C GLU F 152 -43.14 -47.32 40.75
N ARG F 153 -43.29 -47.70 42.02
CA ARG F 153 -44.50 -48.33 42.48
C ARG F 153 -45.61 -47.28 42.59
N LEU F 154 -45.31 -46.18 43.27
CA LEU F 154 -46.27 -45.08 43.47
C LEU F 154 -47.01 -44.72 42.17
N THR F 155 -46.24 -44.49 41.10
CA THR F 155 -46.83 -44.14 39.82
C THR F 155 -47.80 -45.22 39.36
N GLN F 156 -47.37 -46.48 39.47
CA GLN F 156 -48.20 -47.64 39.08
C GLN F 156 -49.51 -47.70 39.86
N GLN F 157 -49.43 -47.52 41.17
CA GLN F 157 -50.59 -47.56 42.04
C GLN F 157 -51.62 -46.49 41.67
N ILE F 158 -51.19 -45.24 41.51
CA ILE F 158 -52.11 -44.16 41.15
C ILE F 158 -52.82 -44.48 39.84
N LEU F 159 -52.07 -44.99 38.87
CA LEU F 159 -52.61 -45.36 37.56
C LEU F 159 -53.77 -46.34 37.76
N ILE F 160 -53.49 -47.48 38.38
CA ILE F 160 -54.50 -48.50 38.61
C ILE F 160 -55.71 -47.99 39.39
N ALA F 161 -55.48 -47.31 40.52
CA ALA F 161 -56.58 -46.78 41.32
C ALA F 161 -57.52 -45.96 40.42
N LEU F 162 -56.96 -45.06 39.62
CA LEU F 162 -57.77 -44.23 38.74
C LEU F 162 -58.48 -45.04 37.66
N GLN F 163 -57.78 -45.98 37.03
CA GLN F 163 -58.40 -46.79 35.98
C GLN F 163 -59.62 -47.50 36.56
N THR F 164 -59.44 -48.10 37.72
CA THR F 164 -60.50 -48.82 38.43
C THR F 164 -61.73 -47.93 38.69
N LEU F 165 -61.49 -46.78 39.33
CA LEU F 165 -62.56 -45.84 39.66
C LEU F 165 -63.26 -45.21 38.46
N LEU F 166 -62.50 -44.82 37.45
CA LEU F 166 -63.07 -44.19 36.25
C LEU F 166 -63.66 -45.19 35.25
N GLY F 167 -63.32 -46.46 35.41
CA GLY F 167 -63.83 -47.46 34.51
C GLY F 167 -63.31 -47.27 33.10
N THR F 168 -62.05 -46.86 33.00
CA THR F 168 -61.39 -46.62 31.71
C THR F 168 -59.91 -46.95 31.90
N ASN F 169 -59.30 -47.54 30.89
CA ASN F 169 -57.88 -47.86 30.94
C ASN F 169 -57.09 -46.64 30.43
N ASN F 170 -57.79 -45.71 29.78
CA ASN F 170 -57.17 -44.50 29.22
C ASN F 170 -56.86 -43.51 30.31
N VAL F 171 -55.78 -43.77 31.04
CA VAL F 171 -55.32 -42.93 32.12
C VAL F 171 -53.80 -42.91 31.97
N ALA F 172 -53.18 -41.80 32.35
CA ALA F 172 -51.75 -41.61 32.28
C ALA F 172 -51.33 -40.87 33.52
N VAL F 173 -50.24 -41.30 34.12
CA VAL F 173 -49.70 -40.69 35.32
C VAL F 173 -48.21 -40.50 35.12
N SER F 174 -47.72 -39.29 35.42
CA SER F 174 -46.31 -38.96 35.31
C SER F 174 -45.97 -38.23 36.60
N ILE F 175 -44.89 -38.64 37.26
CA ILE F 175 -44.44 -38.04 38.51
C ILE F 175 -42.98 -37.64 38.37
N ASP F 176 -42.70 -36.39 38.71
CA ASP F 176 -41.35 -35.86 38.65
C ASP F 176 -41.09 -35.50 40.11
N ALA F 177 -40.00 -36.00 40.68
CA ALA F 177 -39.71 -35.73 42.08
C ALA F 177 -38.22 -35.73 42.46
N VAL F 178 -37.95 -35.08 43.58
CA VAL F 178 -36.62 -34.96 44.14
C VAL F 178 -36.62 -35.85 45.36
N HIS F 179 -35.60 -36.71 45.46
CA HIS F 179 -35.47 -37.62 46.58
C HIS F 179 -34.39 -37.13 47.53
N TYR F 180 -34.76 -36.81 48.76
CA TYR F 180 -33.76 -36.35 49.71
C TYR F 180 -32.87 -37.49 50.13
N CYS F 181 -33.27 -38.69 49.74
CA CYS F 181 -32.52 -39.94 49.99
C CYS F 181 -31.19 -39.76 49.22
N VAL F 182 -31.27 -39.04 48.09
CA VAL F 182 -30.17 -38.74 47.18
C VAL F 182 -29.51 -37.37 47.42
N LYS F 183 -30.34 -36.38 47.71
CA LYS F 183 -29.84 -35.03 47.95
C LYS F 183 -29.27 -34.73 49.31
N ALA F 184 -30.05 -35.00 50.34
CA ALA F 184 -29.66 -34.72 51.71
C ALA F 184 -28.57 -35.57 52.32
N ARG F 185 -28.27 -36.70 51.70
CA ARG F 185 -27.28 -37.60 52.24
C ARG F 185 -26.75 -38.51 51.13
N GLY F 186 -25.87 -39.46 51.46
CA GLY F 186 -25.34 -40.37 50.46
C GLY F 186 -24.49 -39.61 49.48
N ILE F 187 -24.82 -39.71 48.19
CA ILE F 187 -24.06 -39.00 47.16
C ILE F 187 -24.27 -37.47 47.18
N ARG F 188 -25.35 -37.04 47.84
CA ARG F 188 -25.70 -35.63 47.96
C ARG F 188 -25.68 -34.86 46.65
N ASP F 189 -26.45 -35.35 45.68
CA ASP F 189 -26.55 -34.70 44.37
C ASP F 189 -27.64 -33.65 44.55
N ALA F 190 -27.23 -32.39 44.57
CA ALA F 190 -28.15 -31.27 44.75
C ALA F 190 -29.04 -30.88 43.57
N THR F 191 -28.85 -31.47 42.39
CA THR F 191 -29.67 -31.10 41.24
C THR F 191 -30.51 -32.15 40.52
N SER F 192 -30.20 -33.43 40.69
CA SER F 192 -30.97 -34.48 40.01
C SER F 192 -32.39 -34.65 40.48
N ALA F 193 -33.25 -35.09 39.57
CA ALA F 193 -34.66 -35.34 39.84
C ALA F 193 -35.04 -36.54 39.00
N THR F 194 -35.95 -37.37 39.52
CA THR F 194 -36.41 -38.58 38.83
C THR F 194 -37.81 -38.41 38.28
N THR F 195 -38.02 -38.87 37.05
CA THR F 195 -39.30 -38.79 36.38
C THR F 195 -39.71 -40.21 36.00
N THR F 196 -40.90 -40.60 36.41
CA THR F 196 -41.43 -41.93 36.12
C THR F 196 -42.84 -41.76 35.55
N THR F 197 -43.16 -42.53 34.52
CA THR F 197 -44.48 -42.44 33.92
C THR F 197 -45.08 -43.82 33.78
N SER F 198 -46.40 -43.90 33.85
CA SER F 198 -47.13 -45.15 33.68
C SER F 198 -48.30 -44.74 32.79
N LEU F 199 -48.43 -45.41 31.65
CA LEU F 199 -49.47 -45.10 30.69
C LEU F 199 -50.42 -46.29 30.48
N GLY F 200 -51.72 -46.00 30.47
CA GLY F 200 -52.72 -47.01 30.26
C GLY F 200 -53.53 -46.69 29.02
N GLY F 201 -54.18 -47.72 28.47
CA GLY F 201 -55.01 -47.57 27.28
C GLY F 201 -54.36 -46.90 26.08
N LEU F 202 -55.09 -45.95 25.49
CA LEU F 202 -54.65 -45.19 24.34
C LEU F 202 -53.33 -44.45 24.59
N PHE F 203 -53.08 -44.07 25.83
CA PHE F 203 -51.86 -43.36 26.20
C PHE F 203 -50.62 -44.22 25.99
N LYS F 204 -50.82 -45.51 25.79
CA LYS F 204 -49.71 -46.40 25.58
C LYS F 204 -49.76 -46.94 24.16
N SER F 205 -50.98 -47.23 23.69
CA SER F 205 -51.22 -47.75 22.34
C SER F 205 -51.03 -46.73 21.24
N SER F 206 -51.84 -45.67 21.30
CA SER F 206 -51.82 -44.59 20.33
C SER F 206 -50.65 -43.67 20.53
N GLN F 207 -49.71 -43.69 19.59
CA GLN F 207 -48.51 -42.85 19.65
C GLN F 207 -48.94 -41.39 19.64
N ASN F 208 -50.03 -41.11 18.92
CA ASN F 208 -50.60 -39.76 18.79
C ASN F 208 -51.04 -39.26 20.17
N THR F 209 -51.87 -40.04 20.85
CA THR F 209 -52.37 -39.71 22.18
C THR F 209 -51.23 -39.66 23.19
N ARG F 210 -50.36 -40.66 23.13
CA ARG F 210 -49.20 -40.79 24.00
C ARG F 210 -48.33 -39.53 24.00
N HIS F 211 -47.94 -39.08 22.81
CA HIS F 211 -47.11 -37.89 22.71
C HIS F 211 -47.83 -36.62 23.12
N GLU F 212 -49.14 -36.54 22.86
CA GLU F 212 -49.91 -35.37 23.25
C GLU F 212 -49.82 -35.21 24.75
N PHE F 213 -49.95 -36.33 25.46
CA PHE F 213 -49.85 -36.33 26.92
C PHE F 213 -48.44 -35.94 27.34
N LEU F 214 -47.44 -36.69 26.88
CA LEU F 214 -46.05 -36.44 27.20
C LEU F 214 -45.61 -35.01 26.94
N ARG F 215 -46.06 -34.43 25.83
CA ARG F 215 -45.73 -33.05 25.47
C ARG F 215 -46.28 -32.08 26.52
N ALA F 216 -47.41 -32.42 27.11
CA ALA F 216 -48.02 -31.57 28.12
C ALA F 216 -47.32 -31.71 29.49
N VAL F 217 -46.73 -32.86 29.73
CA VAL F 217 -46.03 -33.15 30.98
C VAL F 217 -44.93 -32.16 31.34
N ARG F 218 -44.92 -31.79 32.62
CA ARG F 218 -43.95 -30.87 33.25
C ARG F 218 -44.03 -29.41 32.84
N HIS F 219 -43.80 -28.56 33.83
CA HIS F 219 -43.81 -27.10 33.66
C HIS F 219 -42.60 -26.59 34.41
N HIS F 220 -42.59 -25.32 34.83
CA HIS F 220 -41.46 -24.77 35.56
C HIS F 220 -41.91 -24.08 36.83
N ASN F 221 -41.13 -24.24 37.90
CA ASN F 221 -41.40 -23.65 39.20
C ASN F 221 -42.80 -24.02 39.72
N PRO G 1 -12.73 -59.07 48.21
CA PRO G 1 -11.30 -59.38 48.28
C PRO G 1 -10.43 -58.42 47.46
N SER G 2 -11.04 -57.77 46.48
CA SER G 2 -10.36 -56.81 45.60
C SER G 2 -11.44 -56.02 44.86
N LEU G 3 -11.93 -56.56 43.74
CA LEU G 3 -12.96 -55.88 42.97
C LEU G 3 -14.27 -56.64 43.17
N SER G 4 -15.38 -55.92 43.20
CA SER G 4 -16.68 -56.55 43.37
C SER G 4 -17.06 -57.21 42.05
N LYS G 5 -18.08 -58.05 42.07
CA LYS G 5 -18.52 -58.73 40.86
C LYS G 5 -18.92 -57.68 39.83
N GLU G 6 -19.56 -56.63 40.30
CA GLU G 6 -20.01 -55.53 39.46
C GLU G 6 -18.83 -54.81 38.82
N ALA G 7 -17.85 -54.41 39.63
CA ALA G 7 -16.65 -53.72 39.14
C ALA G 7 -15.98 -54.52 38.05
N ALA G 8 -15.80 -55.81 38.32
CA ALA G 8 -15.18 -56.72 37.38
C ALA G 8 -15.95 -56.75 36.05
N LEU G 9 -17.26 -57.00 36.12
CA LEU G 9 -18.13 -57.06 34.95
C LEU G 9 -18.03 -55.81 34.10
N VAL G 10 -18.22 -54.66 34.74
CA VAL G 10 -18.18 -53.36 34.07
C VAL G 10 -16.84 -53.18 33.37
N HIS G 11 -15.75 -53.42 34.12
CA HIS G 11 -14.42 -53.28 33.57
C HIS G 11 -14.20 -54.14 32.34
N GLU G 12 -14.59 -55.41 32.42
CA GLU G 12 -14.46 -56.33 31.30
C GLU G 12 -15.27 -55.85 30.11
N ALA G 13 -16.51 -55.43 30.36
CA ALA G 13 -17.41 -54.95 29.32
C ALA G 13 -16.76 -53.80 28.57
N LEU G 14 -16.21 -52.85 29.31
CA LEU G 14 -15.55 -51.71 28.69
C LEU G 14 -14.36 -52.15 27.86
N VAL G 15 -13.49 -52.98 28.44
CA VAL G 15 -12.31 -53.47 27.75
C VAL G 15 -12.67 -54.19 26.45
N ALA G 16 -13.71 -55.02 26.51
CA ALA G 16 -14.20 -55.77 25.35
C ALA G 16 -14.61 -54.82 24.24
N ARG G 17 -15.38 -53.78 24.56
CA ARG G 17 -15.82 -52.80 23.56
C ARG G 17 -14.70 -51.83 23.17
N GLY G 18 -13.58 -51.89 23.89
CA GLY G 18 -12.47 -51.02 23.61
C GLY G 18 -12.82 -49.61 24.01
N LEU G 19 -13.63 -49.48 25.05
CA LEU G 19 -14.07 -48.18 25.56
C LEU G 19 -13.47 -47.78 26.90
N GLU G 20 -12.52 -48.57 27.40
CA GLU G 20 -11.88 -48.28 28.67
C GLU G 20 -10.93 -47.11 28.52
N THR G 21 -10.67 -46.44 29.64
CA THR G 21 -9.76 -45.30 29.65
C THR G 21 -8.35 -45.85 29.39
N PRO G 22 -7.57 -45.19 28.52
CA PRO G 22 -6.20 -45.63 28.20
C PRO G 22 -5.35 -45.80 29.46
N LEU G 23 -5.21 -47.03 29.92
CA LEU G 23 -4.42 -47.31 31.11
C LEU G 23 -3.35 -48.36 30.86
N ARG G 24 -2.24 -48.23 31.57
CA ARG G 24 -1.12 -49.15 31.48
C ARG G 24 -1.11 -49.87 32.82
N PRO G 25 -0.82 -51.17 32.81
CA PRO G 25 -0.80 -51.91 34.09
C PRO G 25 0.25 -51.31 35.03
N PRO G 26 -0.04 -51.28 36.34
CA PRO G 26 0.91 -50.72 37.31
C PRO G 26 2.28 -51.36 37.18
N VAL G 27 3.24 -50.53 36.79
CA VAL G 27 4.65 -50.92 36.59
C VAL G 27 5.21 -51.64 37.82
N HIS G 28 4.80 -51.17 39.01
CA HIS G 28 5.22 -51.73 40.28
C HIS G 28 4.15 -51.44 41.30
N GLU G 29 3.97 -52.36 42.25
CA GLU G 29 2.97 -52.20 43.29
C GLU G 29 3.43 -51.12 44.27
N MET G 30 2.96 -49.90 44.07
CA MET G 30 3.30 -48.78 44.93
C MET G 30 2.07 -48.45 45.77
N ASP G 31 2.30 -47.99 46.99
CA ASP G 31 1.20 -47.63 47.89
C ASP G 31 0.70 -46.30 47.35
N ASN G 32 -0.60 -46.03 47.44
CA ASN G 32 -1.12 -44.74 46.97
C ASN G 32 -0.36 -43.65 47.69
N GLU G 33 0.10 -43.94 48.91
CA GLU G 33 0.86 -43.02 49.73
C GLU G 33 2.16 -42.61 49.03
N THR G 34 2.91 -43.59 48.52
CA THR G 34 4.18 -43.31 47.83
C THR G 34 3.91 -42.61 46.49
N ARG G 35 2.81 -42.98 45.81
CA ARG G 35 2.47 -42.35 44.55
C ARG G 35 2.16 -40.88 44.80
N LYS G 36 1.38 -40.61 45.84
CA LYS G 36 1.04 -39.24 46.17
C LYS G 36 2.31 -38.44 46.44
N SER G 37 3.21 -38.98 47.25
CA SER G 37 4.44 -38.28 47.55
C SER G 37 5.24 -38.00 46.29
N LEU G 38 5.38 -39.01 45.43
CA LEU G 38 6.11 -38.79 44.19
C LEU G 38 5.47 -37.68 43.36
N ILE G 39 4.15 -37.74 43.18
CA ILE G 39 3.43 -36.72 42.42
C ILE G 39 3.68 -35.36 43.05
N ALA G 40 3.55 -35.28 44.37
CA ALA G 40 3.78 -34.04 45.13
C ALA G 40 5.14 -33.48 44.81
N GLY G 41 6.13 -34.36 44.67
CA GLY G 41 7.48 -33.96 44.34
C GLY G 41 7.52 -33.29 42.97
N HIS G 42 6.91 -33.94 41.99
CA HIS G 42 6.88 -33.39 40.65
C HIS G 42 6.19 -32.03 40.66
N MET G 43 5.11 -31.90 41.43
CA MET G 43 4.39 -30.63 41.53
C MET G 43 5.26 -29.55 42.13
N THR G 44 6.04 -29.90 43.15
CA THR G 44 6.96 -28.95 43.80
C THR G 44 7.92 -28.37 42.74
N GLU G 45 8.46 -29.25 41.90
CA GLU G 45 9.36 -28.84 40.85
C GLU G 45 8.67 -27.93 39.86
N ILE G 46 7.47 -28.30 39.43
CA ILE G 46 6.70 -27.50 38.47
C ILE G 46 6.42 -26.09 39.04
N MET G 47 5.96 -26.03 40.28
CA MET G 47 5.68 -24.75 40.93
C MET G 47 6.94 -23.91 41.00
N GLN G 48 8.08 -24.54 41.29
CA GLN G 48 9.35 -23.82 41.35
C GLN G 48 9.71 -23.31 39.96
N LEU G 49 9.46 -24.10 38.93
CA LEU G 49 9.77 -23.68 37.56
C LEU G 49 8.90 -22.48 37.20
N LEU G 50 7.77 -22.32 37.87
CA LEU G 50 6.87 -21.19 37.62
C LEU G 50 7.29 -20.00 38.46
N ASN G 51 8.32 -20.20 39.28
CA ASN G 51 8.88 -19.19 40.17
C ASN G 51 8.02 -18.86 41.37
N LEU G 52 7.20 -19.80 41.79
CA LEU G 52 6.33 -19.58 42.95
C LEU G 52 7.14 -19.80 44.24
N ASP G 53 7.00 -18.89 45.18
CA ASP G 53 7.70 -18.98 46.46
C ASP G 53 7.00 -19.98 47.38
N LEU G 54 7.41 -21.24 47.27
CA LEU G 54 6.83 -22.30 48.10
C LEU G 54 7.00 -22.14 49.60
N ALA G 55 7.70 -21.09 50.02
CA ALA G 55 7.92 -20.82 51.43
C ALA G 55 6.68 -20.18 52.02
N ASP G 56 5.84 -19.62 51.16
CA ASP G 56 4.61 -18.95 51.57
C ASP G 56 3.66 -19.94 52.20
N ASP G 57 3.12 -19.60 53.36
CA ASP G 57 2.19 -20.49 54.06
C ASP G 57 1.06 -21.01 53.19
N SER G 58 0.47 -20.13 52.37
CA SER G 58 -0.62 -20.53 51.52
C SER G 58 -0.23 -21.52 50.40
N LEU G 59 0.97 -21.38 49.83
CA LEU G 59 1.42 -22.25 48.75
C LEU G 59 2.15 -23.50 49.19
N MET G 60 2.69 -23.43 50.40
CA MET G 60 3.44 -24.51 51.00
C MET G 60 2.85 -25.92 50.85
N GLU G 61 1.60 -26.11 51.26
CA GLU G 61 0.95 -27.41 51.18
C GLU G 61 0.33 -27.78 49.84
N THR G 62 0.33 -26.86 48.88
CA THR G 62 -0.24 -27.12 47.58
C THR G 62 0.19 -28.42 46.88
N PRO G 63 1.52 -28.69 46.74
CA PRO G 63 1.97 -29.91 46.08
C PRO G 63 1.33 -31.17 46.65
N HIS G 64 1.16 -31.20 47.96
CA HIS G 64 0.55 -32.35 48.61
C HIS G 64 -0.95 -32.35 48.33
N ARG G 65 -1.60 -31.19 48.45
CA ARG G 65 -3.02 -31.08 48.20
C ARG G 65 -3.38 -31.55 46.80
N ILE G 66 -2.62 -31.12 45.80
CA ILE G 66 -2.86 -31.51 44.42
C ILE G 66 -2.65 -33.02 44.27
N ALA G 67 -1.56 -33.54 44.83
CA ALA G 67 -1.30 -34.99 44.75
C ALA G 67 -2.46 -35.80 45.32
N LYS G 68 -2.98 -35.39 46.48
CA LYS G 68 -4.08 -36.10 47.10
C LYS G 68 -5.34 -35.99 46.24
N MET G 69 -5.59 -34.81 45.70
CA MET G 69 -6.75 -34.57 44.85
C MET G 69 -6.72 -35.51 43.65
N TYR G 70 -5.57 -35.63 43.01
CA TYR G 70 -5.41 -36.51 41.86
C TYR G 70 -5.67 -37.99 42.17
N VAL G 71 -4.91 -38.54 43.10
CA VAL G 71 -5.02 -39.94 43.49
C VAL G 71 -6.32 -40.31 44.20
N ASP G 72 -6.71 -39.52 45.20
CA ASP G 72 -7.92 -39.77 45.98
C ASP G 72 -9.24 -39.19 45.49
N GLU G 73 -9.20 -38.04 44.84
CA GLU G 73 -10.44 -37.44 44.40
C GLU G 73 -10.74 -37.40 42.91
N ILE G 74 -10.34 -36.33 42.22
CA ILE G 74 -10.63 -36.20 40.81
C ILE G 74 -10.27 -37.32 39.83
N PHE G 75 -9.33 -38.19 40.19
CA PHE G 75 -8.96 -39.29 39.30
C PHE G 75 -9.18 -40.66 39.96
N SER G 76 -9.94 -40.68 41.05
CA SER G 76 -10.22 -41.93 41.76
C SER G 76 -11.01 -42.93 40.92
N GLY G 77 -11.70 -42.45 39.88
CA GLY G 77 -12.47 -43.32 39.00
C GLY G 77 -11.61 -44.30 38.22
N LEU G 78 -10.30 -44.03 38.16
CA LEU G 78 -9.37 -44.89 37.45
C LEU G 78 -9.13 -46.20 38.22
N ASP G 79 -9.50 -46.23 39.50
CA ASP G 79 -9.32 -47.40 40.33
C ASP G 79 -10.66 -48.04 40.60
N TYR G 80 -10.88 -49.23 40.05
CA TYR G 80 -12.15 -49.95 40.25
C TYR G 80 -12.40 -50.39 41.68
N ALA G 81 -11.45 -50.12 42.57
CA ALA G 81 -11.62 -50.48 43.97
C ALA G 81 -12.59 -49.45 44.56
N ASN G 82 -12.80 -48.36 43.82
CA ASN G 82 -13.68 -47.27 44.23
C ASN G 82 -15.04 -47.36 43.59
N PHE G 83 -15.28 -48.41 42.82
CA PHE G 83 -16.57 -48.59 42.14
C PHE G 83 -17.63 -48.68 43.22
N PRO G 84 -18.74 -47.98 43.06
CA PRO G 84 -19.83 -48.01 44.05
C PRO G 84 -20.49 -49.37 44.21
N LYS G 85 -21.16 -49.57 45.35
CA LYS G 85 -21.84 -50.83 45.61
C LYS G 85 -23.18 -50.69 44.92
N ILE G 86 -23.53 -51.65 44.06
CA ILE G 86 -24.80 -51.61 43.34
C ILE G 86 -25.92 -52.40 44.01
N THR G 87 -27.05 -51.74 44.23
CA THR G 87 -28.21 -52.38 44.85
C THR G 87 -29.31 -52.42 43.79
N LEU G 88 -29.87 -53.62 43.58
CA LEU G 88 -30.94 -53.81 42.61
C LEU G 88 -32.10 -54.52 43.30
N ILE G 89 -33.32 -54.06 43.03
CA ILE G 89 -34.50 -54.68 43.60
C ILE G 89 -35.27 -55.31 42.45
N GLU G 90 -35.97 -56.38 42.74
CA GLU G 90 -36.75 -57.10 41.74
C GLU G 90 -37.84 -56.18 41.20
N ASN G 91 -37.99 -56.15 39.87
CA ASN G 91 -38.99 -55.31 39.22
C ASN G 91 -40.38 -55.92 39.39
N LYS G 92 -40.84 -55.99 40.63
CA LYS G 92 -42.16 -56.54 40.94
C LYS G 92 -43.24 -55.56 40.50
N MET G 93 -42.89 -54.27 40.43
CA MET G 93 -43.83 -53.23 40.03
C MET G 93 -44.20 -53.38 38.56
N LYS G 94 -43.47 -54.26 37.86
CA LYS G 94 -43.68 -54.53 36.45
C LYS G 94 -43.67 -53.25 35.61
N VAL G 95 -42.61 -52.47 35.79
CA VAL G 95 -42.44 -51.21 35.08
C VAL G 95 -41.94 -51.53 33.68
N ASP G 96 -42.66 -51.03 32.67
CA ASP G 96 -42.30 -51.25 31.28
C ASP G 96 -42.02 -49.94 30.56
N GLU G 97 -42.14 -48.84 31.29
CA GLU G 97 -41.89 -47.50 30.75
C GLU G 97 -40.55 -47.05 31.31
N MET G 98 -39.91 -46.10 30.63
CA MET G 98 -38.60 -45.63 31.07
C MET G 98 -38.62 -44.78 32.31
N VAL G 99 -37.56 -44.96 33.10
CA VAL G 99 -37.34 -44.22 34.34
C VAL G 99 -36.23 -43.25 33.92
N THR G 100 -36.43 -41.96 34.19
CA THR G 100 -35.45 -40.94 33.83
C THR G 100 -34.91 -40.19 35.04
N VAL G 101 -33.58 -40.13 35.17
CA VAL G 101 -32.92 -39.43 36.26
C VAL G 101 -32.25 -38.27 35.54
N ARG G 102 -32.78 -37.08 35.72
CA ARG G 102 -32.26 -35.91 35.07
C ARG G 102 -31.45 -34.99 35.96
N ASP G 103 -30.67 -34.13 35.32
CA ASP G 103 -29.82 -33.14 35.96
C ASP G 103 -28.86 -33.68 36.99
N ILE G 104 -28.19 -34.77 36.65
CA ILE G 104 -27.22 -35.38 37.55
C ILE G 104 -26.00 -34.46 37.52
N THR G 105 -25.55 -33.97 38.67
CA THR G 105 -24.38 -33.09 38.73
C THR G 105 -23.17 -33.88 38.28
N LEU G 106 -22.42 -33.33 37.34
CA LEU G 106 -21.24 -34.00 36.82
C LEU G 106 -20.07 -33.03 36.69
N THR G 107 -18.95 -33.42 37.27
CA THR G 107 -17.72 -32.64 37.23
C THR G 107 -16.63 -33.63 36.82
N SER G 108 -15.97 -33.34 35.70
CA SER G 108 -14.91 -34.19 35.19
C SER G 108 -13.72 -33.33 34.77
N THR G 109 -12.74 -33.91 34.08
CA THR G 109 -11.52 -33.22 33.65
C THR G 109 -11.19 -33.51 32.20
N CYS G 110 -11.01 -32.48 31.37
CA CYS G 110 -10.68 -32.70 29.96
C CYS G 110 -9.22 -33.14 29.91
N GLU G 111 -8.99 -34.39 29.54
CA GLU G 111 -7.65 -34.99 29.46
C GLU G 111 -6.61 -34.32 28.58
N HIS G 112 -7.02 -33.43 27.70
CA HIS G 112 -6.08 -32.75 26.81
C HIS G 112 -5.37 -31.58 27.50
N HIS G 113 -5.95 -31.06 28.58
CA HIS G 113 -5.35 -29.94 29.30
C HIS G 113 -5.46 -30.06 30.79
N PHE G 114 -6.15 -31.11 31.23
CA PHE G 114 -6.38 -31.37 32.64
C PHE G 114 -7.10 -30.21 33.32
N VAL G 115 -8.14 -29.73 32.64
CA VAL G 115 -8.95 -28.62 33.13
C VAL G 115 -10.39 -29.09 33.37
N THR G 116 -11.08 -28.41 34.28
CA THR G 116 -12.45 -28.73 34.64
C THR G 116 -13.50 -28.79 33.52
N ILE G 117 -14.39 -29.77 33.65
CA ILE G 117 -15.52 -29.99 32.73
C ILE G 117 -16.66 -29.98 33.75
N ASP G 118 -17.56 -29.03 33.63
CA ASP G 118 -18.68 -28.93 34.55
C ASP G 118 -19.95 -29.08 33.73
N GLY G 119 -20.78 -30.06 34.08
CA GLY G 119 -22.01 -30.28 33.35
C GLY G 119 -23.06 -31.11 34.08
N LYS G 120 -24.07 -31.54 33.33
CA LYS G 120 -25.14 -32.33 33.88
C LYS G 120 -25.51 -33.46 32.95
N ALA G 121 -25.78 -34.62 33.52
CA ALA G 121 -26.16 -35.79 32.76
C ALA G 121 -27.60 -36.16 32.99
N THR G 122 -28.22 -36.75 31.97
CA THR G 122 -29.60 -37.21 32.03
C THR G 122 -29.49 -38.66 31.60
N VAL G 123 -29.91 -39.55 32.48
CA VAL G 123 -29.87 -40.98 32.24
C VAL G 123 -31.28 -41.56 32.29
N ALA G 124 -31.60 -42.44 31.36
CA ALA G 124 -32.92 -43.07 31.32
C ALA G 124 -32.74 -44.53 30.91
N TYR G 125 -33.62 -45.38 31.41
CA TYR G 125 -33.56 -46.80 31.09
C TYR G 125 -34.93 -47.42 31.29
N ILE G 126 -35.17 -48.53 30.59
CA ILE G 126 -36.45 -49.24 30.70
C ILE G 126 -36.12 -50.50 31.52
N PRO G 127 -36.64 -50.57 32.76
CA PRO G 127 -36.40 -51.71 33.66
C PRO G 127 -36.77 -53.03 33.04
N LYS G 128 -35.90 -54.02 33.21
CA LYS G 128 -36.17 -55.36 32.70
C LYS G 128 -36.51 -56.19 33.94
N ASP G 129 -35.60 -57.05 34.37
CA ASP G 129 -35.87 -57.87 35.54
C ASP G 129 -35.66 -57.16 36.87
N SER G 130 -34.83 -56.12 36.89
CA SER G 130 -34.56 -55.38 38.12
C SER G 130 -34.58 -53.86 37.96
N VAL G 131 -34.80 -53.19 39.09
CA VAL G 131 -34.83 -51.74 39.16
C VAL G 131 -33.61 -51.39 40.00
N ILE G 132 -32.87 -50.36 39.60
CA ILE G 132 -31.67 -49.93 40.31
C ILE G 132 -31.98 -48.76 41.26
N GLY G 133 -31.22 -48.66 42.34
CA GLY G 133 -31.43 -47.57 43.26
C GLY G 133 -31.03 -46.28 42.57
N LEU G 134 -31.92 -45.30 42.57
CA LEU G 134 -31.67 -44.01 41.92
C LEU G 134 -30.30 -43.43 42.26
N SER G 135 -29.94 -43.39 43.53
CA SER G 135 -28.65 -42.88 43.95
C SER G 135 -27.53 -43.56 43.20
N LYS G 136 -27.63 -44.88 43.03
CA LYS G 136 -26.61 -45.66 42.34
C LYS G 136 -26.29 -45.13 40.94
N ILE G 137 -27.31 -44.61 40.25
CA ILE G 137 -27.11 -44.06 38.91
C ILE G 137 -26.20 -42.86 39.04
N ASN G 138 -26.51 -41.98 39.99
CA ASN G 138 -25.71 -40.78 40.21
C ASN G 138 -24.27 -41.16 40.53
N ARG G 139 -24.10 -42.17 41.39
CA ARG G 139 -22.77 -42.63 41.77
C ARG G 139 -21.96 -43.16 40.60
N ILE G 140 -22.59 -43.99 39.76
CA ILE G 140 -21.91 -44.56 38.59
C ILE G 140 -21.44 -43.41 37.66
N VAL G 141 -22.28 -42.40 37.48
CA VAL G 141 -21.93 -41.26 36.63
C VAL G 141 -20.69 -40.60 37.21
N GLN G 142 -20.73 -40.31 38.52
CA GLN G 142 -19.60 -39.68 39.19
C GLN G 142 -18.34 -40.51 39.01
N PHE G 143 -18.42 -41.82 39.27
CA PHE G 143 -17.27 -42.71 39.13
C PHE G 143 -16.51 -42.47 37.84
N PHE G 144 -17.16 -42.66 36.70
CA PHE G 144 -16.50 -42.46 35.41
C PHE G 144 -16.13 -41.02 35.12
N ALA G 145 -16.82 -40.09 35.79
CA ALA G 145 -16.55 -38.68 35.61
C ALA G 145 -15.22 -38.36 36.26
N GLN G 146 -14.92 -39.04 37.38
CA GLN G 146 -13.67 -38.84 38.12
C GLN G 146 -12.50 -39.51 37.38
N ARG G 147 -12.23 -39.08 36.16
CA ARG G 147 -11.16 -39.62 35.32
C ARG G 147 -10.77 -38.59 34.27
N PRO G 148 -9.55 -38.70 33.72
CA PRO G 148 -9.19 -37.73 32.70
C PRO G 148 -10.12 -38.20 31.58
N GLN G 149 -11.05 -37.34 31.18
CA GLN G 149 -12.00 -37.69 30.14
C GLN G 149 -11.99 -36.87 28.86
N VAL G 150 -12.85 -37.33 27.97
CA VAL G 150 -13.13 -36.78 26.66
C VAL G 150 -14.62 -37.07 26.74
N GLN G 151 -15.45 -36.03 26.74
CA GLN G 151 -16.89 -36.20 26.85
C GLN G 151 -17.48 -37.34 26.00
N GLU G 152 -16.97 -37.49 24.77
CA GLU G 152 -17.44 -38.55 23.86
C GLU G 152 -17.24 -39.94 24.47
N ARG G 153 -16.13 -40.14 25.17
CA ARG G 153 -15.86 -41.42 25.80
C ARG G 153 -16.68 -41.55 27.08
N LEU G 154 -16.67 -40.50 27.90
CA LEU G 154 -17.41 -40.48 29.16
C LEU G 154 -18.85 -40.98 28.99
N THR G 155 -19.56 -40.42 28.02
CA THR G 155 -20.94 -40.80 27.73
C THR G 155 -21.05 -42.30 27.38
N GLN G 156 -20.14 -42.78 26.53
CA GLN G 156 -20.13 -44.19 26.11
C GLN G 156 -19.91 -45.11 27.30
N GLN G 157 -18.96 -44.75 28.17
CA GLN G 157 -18.65 -45.55 29.34
C GLN G 157 -19.84 -45.70 30.27
N ILE G 158 -20.48 -44.59 30.62
CA ILE G 158 -21.63 -44.64 31.51
C ILE G 158 -22.70 -45.55 30.90
N LEU G 159 -22.96 -45.40 29.59
CA LEU G 159 -23.97 -46.21 28.91
C LEU G 159 -23.71 -47.68 29.14
N ILE G 160 -22.53 -48.15 28.74
CA ILE G 160 -22.14 -49.55 28.88
C ILE G 160 -22.19 -50.04 30.32
N ALA G 161 -21.65 -49.27 31.25
CA ALA G 161 -21.66 -49.67 32.65
C ALA G 161 -23.09 -49.97 33.08
N LEU G 162 -24.01 -49.07 32.73
CA LEU G 162 -25.42 -49.25 33.09
C LEU G 162 -26.04 -50.43 32.40
N GLN G 163 -25.82 -50.57 31.09
CA GLN G 163 -26.37 -51.69 30.35
C GLN G 163 -25.97 -53.01 30.99
N THR G 164 -24.69 -53.11 31.33
CA THR G 164 -24.13 -54.29 31.95
C THR G 164 -24.82 -54.59 33.29
N LEU G 165 -24.81 -53.62 34.19
CA LEU G 165 -25.42 -53.78 35.51
C LEU G 165 -26.92 -54.05 35.51
N LEU G 166 -27.66 -53.35 34.66
CA LEU G 166 -29.10 -53.53 34.58
C LEU G 166 -29.55 -54.75 33.77
N GLY G 167 -28.66 -55.26 32.93
CA GLY G 167 -29.01 -56.40 32.12
C GLY G 167 -30.03 -56.04 31.05
N THR G 168 -29.91 -54.83 30.50
CA THR G 168 -30.83 -54.35 29.47
C THR G 168 -30.03 -53.41 28.60
N ASN G 169 -30.23 -53.48 27.29
CA ASN G 169 -29.52 -52.58 26.39
C ASN G 169 -30.29 -51.27 26.31
N ASN G 170 -31.54 -51.29 26.77
CA ASN G 170 -32.40 -50.10 26.74
C ASN G 170 -31.98 -49.09 27.78
N VAL G 171 -30.90 -48.38 27.47
CA VAL G 171 -30.36 -47.35 28.35
C VAL G 171 -29.98 -46.19 27.43
N ALA G 172 -30.10 -44.96 27.93
CA ALA G 172 -29.77 -43.79 27.15
C ALA G 172 -29.07 -42.85 28.11
N VAL G 173 -28.02 -42.19 27.60
CA VAL G 173 -27.25 -41.25 28.40
C VAL G 173 -26.98 -40.02 27.55
N SER G 174 -27.25 -38.85 28.12
CA SER G 174 -27.01 -37.57 27.48
C SER G 174 -26.29 -36.70 28.47
N ILE G 175 -25.21 -36.05 28.04
CA ILE G 175 -24.43 -35.18 28.91
C ILE G 175 -24.26 -33.86 28.21
N ASP G 176 -24.54 -32.79 28.94
CA ASP G 176 -24.42 -31.43 28.43
C ASP G 176 -23.42 -30.82 29.40
N ALA G 177 -22.33 -30.27 28.88
CA ALA G 177 -21.30 -29.70 29.75
C ALA G 177 -20.53 -28.53 29.15
N VAL G 178 -19.87 -27.79 30.03
CA VAL G 178 -19.05 -26.64 29.69
C VAL G 178 -17.62 -27.07 29.93
N HIS G 179 -16.76 -26.84 28.94
CA HIS G 179 -15.35 -27.21 29.05
C HIS G 179 -14.52 -25.98 29.31
N TYR G 180 -13.89 -25.89 30.48
CA TYR G 180 -13.04 -24.74 30.77
C TYR G 180 -11.82 -24.74 29.87
N CYS G 181 -11.56 -25.90 29.27
CA CYS G 181 -10.47 -26.12 28.31
C CYS G 181 -10.72 -25.08 27.18
N VAL G 182 -12.01 -24.80 26.95
CA VAL G 182 -12.49 -23.88 25.92
C VAL G 182 -12.79 -22.48 26.44
N LYS G 183 -13.37 -22.42 27.63
CA LYS G 183 -13.76 -21.14 28.22
C LYS G 183 -12.69 -20.35 28.94
N ALA G 184 -11.97 -21.01 29.82
CA ALA G 184 -10.93 -20.37 30.62
C ALA G 184 -9.64 -20.05 29.93
N ARG G 185 -9.44 -20.62 28.75
CA ARG G 185 -8.20 -20.40 28.05
C ARG G 185 -8.40 -20.70 26.55
N GLY G 186 -7.34 -20.58 25.75
CA GLY G 186 -7.46 -20.86 24.33
C GLY G 186 -8.34 -19.84 23.64
N ILE G 187 -9.39 -20.31 22.97
CA ILE G 187 -10.28 -19.40 22.28
C ILE G 187 -11.17 -18.59 23.26
N ARG G 188 -11.24 -19.04 24.51
CA ARG G 188 -12.02 -18.38 25.55
C ARG G 188 -13.45 -18.04 25.15
N ASP G 189 -14.20 -19.06 24.75
CA ASP G 189 -15.60 -18.88 24.34
C ASP G 189 -16.40 -19.01 25.64
N ALA G 190 -16.93 -17.88 26.11
CA ALA G 190 -17.70 -17.83 27.33
C ALA G 190 -19.13 -18.38 27.31
N THR G 191 -19.67 -18.73 26.15
CA THR G 191 -21.04 -19.24 26.10
C THR G 191 -21.32 -20.64 25.59
N SER G 192 -20.40 -21.22 24.81
CA SER G 192 -20.64 -22.56 24.27
C SER G 192 -20.68 -23.69 25.29
N ALA G 193 -21.41 -24.73 24.92
CA ALA G 193 -21.58 -25.92 25.74
C ALA G 193 -21.70 -27.07 24.75
N THR G 194 -21.21 -28.24 25.14
CA THR G 194 -21.23 -29.41 24.29
C THR G 194 -22.21 -30.44 24.82
N THR G 195 -22.98 -31.04 23.92
CA THR G 195 -23.95 -32.05 24.28
C THR G 195 -23.61 -33.30 23.50
N THR G 196 -23.52 -34.43 24.19
CA THR G 196 -23.21 -35.71 23.57
C THR G 196 -24.23 -36.69 24.11
N THR G 197 -24.68 -37.63 23.28
CA THR G 197 -25.64 -38.62 23.72
C THR G 197 -25.22 -39.97 23.18
N SER G 198 -25.53 -41.02 23.93
CA SER G 198 -25.23 -42.38 23.52
C SER G 198 -26.55 -43.09 23.81
N LEU G 199 -27.07 -43.80 22.81
CA LEU G 199 -28.35 -44.50 22.93
C LEU G 199 -28.22 -46.00 22.71
N GLY G 200 -28.81 -46.77 23.61
CA GLY G 200 -28.79 -48.22 23.52
C GLY G 200 -30.20 -48.75 23.37
N GLY G 201 -30.31 -49.97 22.84
CA GLY G 201 -31.59 -50.62 22.65
C GLY G 201 -32.66 -49.84 21.90
N LEU G 202 -33.87 -49.86 22.45
CA LEU G 202 -35.03 -49.17 21.90
C LEU G 202 -34.77 -47.68 21.71
N PHE G 203 -33.92 -47.10 22.56
CA PHE G 203 -33.61 -45.68 22.48
C PHE G 203 -32.89 -45.29 21.18
N LYS G 204 -32.40 -46.30 20.48
CA LYS G 204 -31.71 -46.09 19.23
C LYS G 204 -32.56 -46.62 18.08
N SER G 205 -33.15 -47.79 18.30
CA SER G 205 -33.99 -48.46 17.32
C SER G 205 -35.35 -47.79 17.11
N SER G 206 -36.15 -47.75 18.17
CA SER G 206 -37.48 -47.17 18.15
C SER G 206 -37.44 -45.66 18.12
N GLN G 207 -37.82 -45.07 16.99
CA GLN G 207 -37.83 -43.61 16.84
C GLN G 207 -38.77 -42.98 17.87
N ASN G 208 -39.83 -43.71 18.20
CA ASN G 208 -40.83 -43.29 19.16
C ASN G 208 -40.17 -43.13 20.54
N THR G 209 -39.49 -44.18 20.99
CA THR G 209 -38.79 -44.19 22.27
C THR G 209 -37.64 -43.19 22.29
N ARG G 210 -36.91 -43.15 21.19
CA ARG G 210 -35.78 -42.26 21.01
C ARG G 210 -36.15 -40.81 21.23
N HIS G 211 -37.19 -40.36 20.53
CA HIS G 211 -37.64 -38.98 20.66
C HIS G 211 -38.24 -38.64 22.00
N GLU G 212 -38.89 -39.61 22.65
CA GLU G 212 -39.49 -39.38 23.96
C GLU G 212 -38.36 -39.01 24.91
N PHE G 213 -37.26 -39.75 24.83
CA PHE G 213 -36.10 -39.50 25.67
C PHE G 213 -35.50 -38.14 25.32
N LEU G 214 -35.13 -37.96 24.06
CA LEU G 214 -34.54 -36.71 23.60
C LEU G 214 -35.37 -35.48 23.97
N ARG G 215 -36.69 -35.59 23.89
CA ARG G 215 -37.58 -34.49 24.24
C ARG G 215 -37.47 -34.15 25.71
N ALA G 216 -37.22 -35.15 26.54
CA ALA G 216 -37.10 -34.94 27.98
C ALA G 216 -35.75 -34.34 28.37
N VAL G 217 -34.73 -34.64 27.57
CA VAL G 217 -33.37 -34.16 27.83
C VAL G 217 -33.26 -32.66 27.97
N ARG G 218 -32.44 -32.26 28.95
CA ARG G 218 -32.12 -30.87 29.30
C ARG G 218 -33.25 -30.05 29.89
N HIS G 219 -32.88 -29.17 30.81
CA HIS G 219 -33.80 -28.27 31.49
C HIS G 219 -33.07 -26.92 31.57
N HIS G 220 -33.43 -26.06 32.52
CA HIS G 220 -32.77 -24.76 32.64
C HIS G 220 -32.31 -24.51 34.06
N ASN G 221 -31.14 -23.90 34.19
CA ASN G 221 -30.54 -23.57 35.48
C ASN G 221 -30.40 -24.79 36.38
N PRO H 1 5.49 -24.43 6.39
CA PRO H 1 6.23 -23.55 5.47
C PRO H 1 5.42 -22.36 4.97
N SER H 2 4.09 -22.47 5.03
CA SER H 2 3.17 -21.41 4.60
C SER H 2 1.78 -21.75 5.14
N LEU H 3 1.04 -22.59 4.41
CA LEU H 3 -0.30 -23.00 4.82
C LEU H 3 -0.23 -24.44 5.28
N SER H 4 -1.00 -24.80 6.29
CA SER H 4 -1.01 -26.17 6.78
C SER H 4 -1.81 -27.02 5.78
N LYS H 5 -1.69 -28.34 5.90
CA LYS H 5 -2.41 -29.24 5.00
C LYS H 5 -3.91 -28.93 5.11
N GLU H 6 -4.36 -28.72 6.34
CA GLU H 6 -5.76 -28.40 6.62
C GLU H 6 -6.18 -27.11 5.93
N ALA H 7 -5.45 -26.02 6.17
CA ALA H 7 -5.75 -24.73 5.56
C ALA H 7 -5.89 -24.87 4.06
N ALA H 8 -4.93 -25.55 3.45
CA ALA H 8 -4.92 -25.78 1.99
C ALA H 8 -6.18 -26.52 1.54
N LEU H 9 -6.49 -27.65 2.18
CA LEU H 9 -7.68 -28.45 1.87
C LEU H 9 -8.96 -27.64 1.91
N VAL H 10 -9.20 -26.99 3.05
CA VAL H 10 -10.39 -26.17 3.26
C VAL H 10 -10.48 -25.10 2.19
N HIS H 11 -9.39 -24.38 1.94
CA HIS H 11 -9.38 -23.33 0.93
C HIS H 11 -9.78 -23.88 -0.44
N GLU H 12 -9.17 -24.99 -0.84
CA GLU H 12 -9.46 -25.63 -2.13
C GLU H 12 -10.93 -26.02 -2.19
N ALA H 13 -11.43 -26.65 -1.13
CA ALA H 13 -12.83 -27.09 -1.04
C ALA H 13 -13.77 -25.92 -1.30
N LEU H 14 -13.52 -24.81 -0.63
CA LEU H 14 -14.36 -23.63 -0.78
C LEU H 14 -14.30 -23.09 -2.19
N VAL H 15 -13.09 -22.97 -2.74
CA VAL H 15 -12.93 -22.45 -4.11
C VAL H 15 -13.69 -23.35 -5.10
N ALA H 16 -13.54 -24.67 -4.95
CA ALA H 16 -14.20 -25.64 -5.80
C ALA H 16 -15.70 -25.42 -5.81
N ARG H 17 -16.30 -25.31 -4.62
CA ARG H 17 -17.73 -25.07 -4.52
C ARG H 17 -18.11 -23.62 -4.86
N GLY H 18 -17.10 -22.77 -5.04
CA GLY H 18 -17.37 -21.38 -5.36
C GLY H 18 -17.97 -20.63 -4.19
N LEU H 19 -17.59 -21.05 -2.98
CA LEU H 19 -18.07 -20.43 -1.75
C LEU H 19 -17.03 -19.60 -1.01
N GLU H 20 -15.87 -19.39 -1.64
CA GLU H 20 -14.82 -18.60 -1.01
C GLU H 20 -15.20 -17.14 -1.01
N THR H 21 -14.65 -16.40 -0.06
CA THR H 21 -14.91 -14.98 0.04
C THR H 21 -14.24 -14.33 -1.17
N PRO H 22 -14.94 -13.42 -1.86
CA PRO H 22 -14.42 -12.73 -3.04
C PRO H 22 -13.06 -12.08 -2.78
N LEU H 23 -11.99 -12.77 -3.19
CA LEU H 23 -10.63 -12.28 -3.01
C LEU H 23 -9.85 -12.20 -4.31
N ARG H 24 -9.00 -11.18 -4.40
CA ARG H 24 -8.15 -10.95 -5.56
C ARG H 24 -6.76 -11.30 -5.10
N PRO H 25 -5.95 -11.93 -5.96
CA PRO H 25 -4.59 -12.29 -5.54
C PRO H 25 -3.81 -11.01 -5.20
N PRO H 26 -2.94 -11.06 -4.18
CA PRO H 26 -2.17 -9.88 -3.78
C PRO H 26 -1.40 -9.27 -4.95
N VAL H 27 -1.81 -8.05 -5.31
CA VAL H 27 -1.23 -7.29 -6.41
C VAL H 27 0.30 -7.21 -6.30
N HIS H 28 0.78 -7.15 -5.06
CA HIS H 28 2.21 -7.10 -4.76
C HIS H 28 2.44 -7.62 -3.37
N GLU H 29 3.59 -8.22 -3.16
CA GLU H 29 3.93 -8.77 -1.85
C GLU H 29 4.27 -7.62 -0.90
N MET H 30 3.28 -7.20 -0.11
CA MET H 30 3.46 -6.14 0.86
C MET H 30 3.46 -6.75 2.25
N ASP H 31 4.21 -6.16 3.15
CA ASP H 31 4.29 -6.64 4.53
C ASP H 31 2.98 -6.20 5.15
N ASN H 32 2.46 -6.94 6.12
CA ASN H 32 1.22 -6.54 6.78
C ASN H 32 1.43 -5.17 7.40
N GLU H 33 2.67 -4.89 7.78
CA GLU H 33 3.06 -3.60 8.37
C GLU H 33 2.81 -2.44 7.39
N THR H 34 3.24 -2.59 6.14
CA THR H 34 3.05 -1.54 5.16
C THR H 34 1.57 -1.41 4.81
N ARG H 35 0.85 -2.54 4.78
CA ARG H 35 -0.58 -2.50 4.48
C ARG H 35 -1.29 -1.71 5.56
N LYS H 36 -0.93 -1.98 6.82
CA LYS H 36 -1.51 -1.29 7.95
C LYS H 36 -1.28 0.19 7.84
N SER H 37 -0.02 0.59 7.63
CA SER H 37 0.29 2.01 7.51
C SER H 37 -0.50 2.65 6.36
N LEU H 38 -0.60 1.97 5.23
CA LEU H 38 -1.34 2.51 4.11
C LEU H 38 -2.81 2.69 4.48
N ILE H 39 -3.40 1.68 5.10
CA ILE H 39 -4.80 1.74 5.51
C ILE H 39 -4.98 2.90 6.49
N ALA H 40 -4.07 3.00 7.45
CA ALA H 40 -4.10 4.05 8.44
C ALA H 40 -4.11 5.41 7.76
N GLY H 41 -3.34 5.53 6.68
CA GLY H 41 -3.27 6.78 5.92
C GLY H 41 -4.64 7.11 5.36
N HIS H 42 -5.28 6.12 4.75
CA HIS H 42 -6.60 6.31 4.17
C HIS H 42 -7.61 6.69 5.23
N MET H 43 -7.48 6.09 6.42
CA MET H 43 -8.38 6.39 7.50
C MET H 43 -8.15 7.82 7.96
N THR H 44 -6.90 8.26 7.97
CA THR H 44 -6.58 9.62 8.38
C THR H 44 -7.31 10.61 7.48
N GLU H 45 -7.30 10.32 6.19
CA GLU H 45 -7.99 11.18 5.23
C GLU H 45 -9.51 11.18 5.45
N ILE H 46 -10.09 9.99 5.64
CA ILE H 46 -11.53 9.87 5.87
C ILE H 46 -11.93 10.65 7.14
N MET H 47 -11.19 10.47 8.22
CA MET H 47 -11.48 11.16 9.45
C MET H 47 -11.42 12.68 9.26
N GLN H 48 -10.44 13.14 8.49
CA GLN H 48 -10.30 14.57 8.20
C GLN H 48 -11.48 15.05 7.37
N LEU H 49 -11.94 14.23 6.44
CA LEU H 49 -13.08 14.57 5.60
C LEU H 49 -14.35 14.69 6.46
N LEU H 50 -14.35 14.00 7.60
CA LEU H 50 -15.45 14.03 8.54
C LEU H 50 -15.30 15.22 9.50
N ASN H 51 -14.19 15.95 9.32
CA ASN H 51 -13.83 17.13 10.10
C ASN H 51 -13.43 16.86 11.54
N LEU H 52 -12.94 15.65 11.79
CA LEU H 52 -12.51 15.30 13.15
C LEU H 52 -11.13 15.88 13.42
N ASP H 53 -10.97 16.48 14.60
CA ASP H 53 -9.71 17.07 14.99
C ASP H 53 -8.72 16.00 15.43
N LEU H 54 -7.99 15.46 14.47
CA LEU H 54 -7.01 14.42 14.75
C LEU H 54 -5.89 14.81 15.72
N ALA H 55 -5.88 16.07 16.16
CA ALA H 55 -4.87 16.53 17.11
C ALA H 55 -5.23 16.07 18.53
N ASP H 56 -6.51 15.78 18.74
CA ASP H 56 -7.04 15.34 20.03
C ASP H 56 -6.41 14.01 20.44
N ASP H 57 -5.86 13.96 21.66
CA ASP H 57 -5.22 12.75 22.16
C ASP H 57 -6.04 11.46 22.00
N SER H 58 -7.34 11.56 22.21
CA SER H 58 -8.21 10.41 22.09
C SER H 58 -8.40 9.90 20.66
N LEU H 59 -8.43 10.82 19.68
CA LEU H 59 -8.62 10.47 18.27
C LEU H 59 -7.32 10.18 17.51
N MET H 60 -6.25 10.82 17.96
CA MET H 60 -4.92 10.70 17.37
C MET H 60 -4.50 9.31 16.88
N GLU H 61 -4.55 8.30 17.75
CA GLU H 61 -4.14 6.96 17.36
C GLU H 61 -5.18 6.11 16.63
N THR H 62 -6.41 6.60 16.51
CA THR H 62 -7.46 5.86 15.84
C THR H 62 -7.12 5.28 14.45
N PRO H 63 -6.58 6.10 13.52
CA PRO H 63 -6.26 5.57 12.19
C PRO H 63 -5.40 4.31 12.25
N HIS H 64 -4.48 4.28 13.20
CA HIS H 64 -3.60 3.13 13.37
C HIS H 64 -4.38 1.98 13.99
N ARG H 65 -5.15 2.27 15.05
CA ARG H 65 -5.95 1.24 15.71
C ARG H 65 -6.93 0.54 14.76
N ILE H 66 -7.56 1.31 13.89
CA ILE H 66 -8.48 0.75 12.92
C ILE H 66 -7.72 -0.13 11.92
N ALA H 67 -6.59 0.37 11.43
CA ALA H 67 -5.79 -0.39 10.47
C ALA H 67 -5.35 -1.72 11.08
N LYS H 68 -4.90 -1.70 12.33
CA LYS H 68 -4.46 -2.92 12.99
C LYS H 68 -5.63 -3.88 13.22
N MET H 69 -6.77 -3.34 13.60
CA MET H 69 -7.97 -4.13 13.84
C MET H 69 -8.36 -4.89 12.57
N TYR H 70 -8.39 -4.18 11.44
CA TYR H 70 -8.72 -4.76 10.14
C TYR H 70 -7.77 -5.90 9.76
N VAL H 71 -6.51 -5.55 9.57
CA VAL H 71 -5.48 -6.52 9.18
C VAL H 71 -5.25 -7.66 10.17
N ASP H 72 -5.05 -7.31 11.43
CA ASP H 72 -4.78 -8.30 12.47
C ASP H 72 -5.94 -8.95 13.17
N GLU H 73 -7.03 -8.22 13.35
CA GLU H 73 -8.18 -8.79 14.05
C GLU H 73 -9.44 -9.17 13.27
N ILE H 74 -10.41 -8.27 13.20
CA ILE H 74 -11.66 -8.56 12.52
C ILE H 74 -11.64 -9.11 11.10
N PHE H 75 -10.56 -8.93 10.35
CA PHE H 75 -10.50 -9.46 8.99
C PHE H 75 -9.34 -10.46 8.84
N SER H 76 -8.79 -10.93 9.95
CA SER H 76 -7.68 -11.88 9.91
C SER H 76 -8.06 -13.19 9.24
N GLY H 77 -9.35 -13.53 9.24
CA GLY H 77 -9.82 -14.75 8.63
C GLY H 77 -9.55 -14.85 7.14
N LEU H 78 -9.36 -13.70 6.49
CA LEU H 78 -9.08 -13.67 5.06
C LEU H 78 -7.72 -14.28 4.72
N ASP H 79 -6.85 -14.42 5.73
CA ASP H 79 -5.52 -14.97 5.54
C ASP H 79 -5.41 -16.37 6.13
N TYR H 80 -5.33 -17.38 5.26
CA TYR H 80 -5.23 -18.76 5.71
C TYR H 80 -3.99 -19.10 6.52
N ALA H 81 -3.10 -18.11 6.70
CA ALA H 81 -1.91 -18.33 7.50
C ALA H 81 -2.37 -18.31 8.97
N ASN H 82 -3.58 -17.81 9.19
CA ASN H 82 -4.18 -17.72 10.51
C ASN H 82 -5.14 -18.87 10.82
N PHE H 83 -5.25 -19.83 9.90
CA PHE H 83 -6.14 -20.96 10.09
C PHE H 83 -5.65 -21.73 11.30
N PRO H 84 -6.58 -22.12 12.19
CA PRO H 84 -6.23 -22.87 13.41
C PRO H 84 -5.62 -24.24 13.16
N LYS H 85 -4.91 -24.75 14.17
CA LYS H 85 -4.28 -26.06 14.07
C LYS H 85 -5.38 -27.03 14.47
N ILE H 86 -5.63 -28.02 13.62
CA ILE H 86 -6.67 -29.00 13.88
C ILE H 86 -6.15 -30.28 14.52
N THR H 87 -6.76 -30.67 15.63
CA THR H 87 -6.38 -31.89 16.33
C THR H 87 -7.56 -32.83 16.24
N LEU H 88 -7.30 -34.05 15.77
CA LEU H 88 -8.33 -35.07 15.62
C LEU H 88 -7.87 -36.34 16.34
N ILE H 89 -8.77 -36.97 17.08
CA ILE H 89 -8.42 -38.19 17.78
C ILE H 89 -9.26 -39.30 17.13
N GLU H 90 -8.70 -40.50 17.11
CA GLU H 90 -9.35 -41.66 16.54
C GLU H 90 -10.65 -41.95 17.28
N ASN H 91 -11.74 -42.13 16.53
CA ASN H 91 -13.04 -42.42 17.11
C ASN H 91 -13.11 -43.84 17.66
N LYS H 92 -12.27 -44.12 18.66
CA LYS H 92 -12.24 -45.44 19.30
C LYS H 92 -13.50 -45.63 20.13
N MET H 93 -14.10 -44.52 20.59
CA MET H 93 -15.31 -44.55 21.39
C MET H 93 -16.48 -45.10 20.60
N LYS H 94 -16.32 -45.15 19.28
CA LYS H 94 -17.33 -45.65 18.37
C LYS H 94 -18.64 -44.89 18.52
N VAL H 95 -18.51 -43.56 18.46
CA VAL H 95 -19.63 -42.65 18.57
C VAL H 95 -20.37 -42.62 17.24
N ASP H 96 -21.65 -42.95 17.25
CA ASP H 96 -22.46 -42.96 16.04
C ASP H 96 -23.59 -41.96 16.13
N GLU H 97 -23.65 -41.26 17.25
CA GLU H 97 -24.69 -40.25 17.49
C GLU H 97 -24.03 -38.90 17.35
N MET H 98 -24.80 -37.89 16.98
CA MET H 98 -24.26 -36.56 16.79
C MET H 98 -23.78 -35.89 18.05
N VAL H 99 -22.69 -35.14 17.88
CA VAL H 99 -22.05 -34.37 18.94
C VAL H 99 -22.44 -32.94 18.55
N THR H 100 -23.06 -32.20 19.48
CA THR H 100 -23.50 -30.84 19.22
C THR H 100 -22.79 -29.85 20.12
N VAL H 101 -22.27 -28.80 19.52
CA VAL H 101 -21.58 -27.74 20.23
C VAL H 101 -22.53 -26.57 19.99
N ARG H 102 -23.18 -26.11 21.05
CA ARG H 102 -24.14 -25.01 20.95
C ARG H 102 -23.64 -23.71 21.54
N ASP H 103 -24.31 -22.64 21.19
CA ASP H 103 -24.00 -21.29 21.66
C ASP H 103 -22.56 -20.82 21.50
N ILE H 104 -21.98 -21.08 20.33
CA ILE H 104 -20.63 -20.69 20.02
C ILE H 104 -20.69 -19.17 19.78
N THR H 105 -19.96 -18.38 20.57
CA THR H 105 -19.97 -16.92 20.39
C THR H 105 -19.45 -16.59 18.99
N LEU H 106 -20.18 -15.75 18.28
CA LEU H 106 -19.79 -15.37 16.93
C LEU H 106 -19.94 -13.88 16.71
N THR H 107 -18.87 -13.25 16.27
CA THR H 107 -18.87 -11.83 15.99
C THR H 107 -18.27 -11.69 14.59
N SER H 108 -19.02 -11.13 13.66
CA SER H 108 -18.59 -10.95 12.29
C SER H 108 -18.88 -9.52 11.83
N THR H 109 -18.78 -9.26 10.54
CA THR H 109 -18.99 -7.94 9.96
C THR H 109 -19.81 -8.05 8.67
N CYS H 110 -20.89 -7.29 8.57
CA CYS H 110 -21.72 -7.32 7.36
C CYS H 110 -20.98 -6.52 6.29
N GLU H 111 -20.48 -7.23 5.29
CA GLU H 111 -19.73 -6.64 4.17
C GLU H 111 -20.36 -5.53 3.36
N HIS H 112 -21.67 -5.34 3.48
CA HIS H 112 -22.34 -4.27 2.74
C HIS H 112 -22.15 -2.90 3.38
N HIS H 113 -21.85 -2.86 4.67
CA HIS H 113 -21.66 -1.60 5.38
C HIS H 113 -20.51 -1.66 6.36
N PHE H 114 -19.87 -2.81 6.47
CA PHE H 114 -18.77 -3.00 7.40
C PHE H 114 -19.16 -2.70 8.85
N VAL H 115 -20.34 -3.21 9.24
CA VAL H 115 -20.86 -3.02 10.60
C VAL H 115 -21.00 -4.37 11.29
N THR H 116 -20.96 -4.35 12.61
CA THR H 116 -21.04 -5.55 13.44
C THR H 116 -22.23 -6.49 13.24
N ILE H 117 -21.94 -7.79 13.34
CA ILE H 117 -22.91 -8.87 13.25
C ILE H 117 -22.57 -9.61 14.55
N ASP H 118 -23.51 -9.68 15.47
CA ASP H 118 -23.26 -10.36 16.73
C ASP H 118 -24.27 -11.49 16.83
N GLY H 119 -23.79 -12.71 17.01
CA GLY H 119 -24.71 -13.83 17.10
C GLY H 119 -24.10 -15.03 17.75
N LYS H 120 -24.77 -16.17 17.57
CA LYS H 120 -24.34 -17.45 18.12
C LYS H 120 -24.56 -18.55 17.11
N ALA H 121 -23.61 -19.47 17.04
CA ALA H 121 -23.70 -20.59 16.12
C ALA H 121 -23.85 -21.91 16.87
N THR H 122 -24.54 -22.85 16.25
CA THR H 122 -24.75 -24.19 16.79
C THR H 122 -24.29 -25.12 15.68
N VAL H 123 -23.27 -25.92 16.00
CA VAL H 123 -22.67 -26.86 15.07
C VAL H 123 -22.84 -28.25 15.62
N ALA H 124 -23.12 -29.21 14.76
CA ALA H 124 -23.29 -30.59 15.18
C ALA H 124 -22.78 -31.46 14.05
N TYR H 125 -22.27 -32.64 14.38
CA TYR H 125 -21.75 -33.55 13.37
C TYR H 125 -21.79 -34.97 13.93
N ILE H 126 -21.80 -35.96 13.03
CA ILE H 126 -21.84 -37.35 13.47
C ILE H 126 -20.44 -37.87 13.15
N PRO H 127 -19.64 -38.18 14.19
CA PRO H 127 -18.26 -38.67 14.05
C PRO H 127 -18.13 -39.92 13.19
N LYS H 128 -17.22 -39.87 12.23
CA LYS H 128 -17.00 -41.01 11.37
C LYS H 128 -15.74 -41.69 11.89
N ASP H 129 -14.60 -41.51 11.23
CA ASP H 129 -13.36 -42.13 11.69
C ASP H 129 -12.68 -41.36 12.82
N SER H 130 -12.84 -40.05 12.86
CA SER H 130 -12.22 -39.23 13.91
C SER H 130 -13.16 -38.23 14.57
N VAL H 131 -12.83 -37.88 15.81
CA VAL H 131 -13.55 -36.95 16.65
C VAL H 131 -12.63 -35.73 16.70
N ILE H 132 -13.20 -34.53 16.62
CA ILE H 132 -12.40 -33.30 16.63
C ILE H 132 -12.41 -32.67 18.03
N GLY H 133 -11.37 -31.92 18.35
CA GLY H 133 -11.28 -31.25 19.63
C GLY H 133 -12.38 -30.19 19.66
N LEU H 134 -13.22 -30.20 20.70
CA LEU H 134 -14.31 -29.24 20.82
C LEU H 134 -13.89 -27.79 20.54
N SER H 135 -12.79 -27.36 21.15
CA SER H 135 -12.27 -26.00 20.97
C SER H 135 -12.04 -25.68 19.49
N LYS H 136 -11.55 -26.65 18.73
CA LYS H 136 -11.29 -26.46 17.30
C LYS H 136 -12.54 -26.01 16.57
N ILE H 137 -13.70 -26.56 16.94
CA ILE H 137 -14.95 -26.16 16.28
C ILE H 137 -15.19 -24.66 16.51
N ASN H 138 -15.04 -24.21 17.75
CA ASN H 138 -15.22 -22.80 18.08
C ASN H 138 -14.24 -21.95 17.27
N ARG H 139 -13.00 -22.44 17.14
CA ARG H 139 -11.95 -21.72 16.41
C ARG H 139 -12.24 -21.59 14.92
N ILE H 140 -12.68 -22.67 14.30
CA ILE H 140 -12.99 -22.64 12.88
C ILE H 140 -14.11 -21.62 12.66
N VAL H 141 -15.15 -21.66 13.50
CA VAL H 141 -16.26 -20.69 13.38
C VAL H 141 -15.71 -19.27 13.45
N GLN H 142 -14.88 -18.99 14.46
CA GLN H 142 -14.30 -17.66 14.61
C GLN H 142 -13.49 -17.27 13.36
N PHE H 143 -12.68 -18.20 12.84
CA PHE H 143 -11.87 -17.92 11.66
C PHE H 143 -12.70 -17.33 10.54
N PHE H 144 -13.72 -18.05 10.09
CA PHE H 144 -14.55 -17.57 9.00
C PHE H 144 -15.37 -16.37 9.36
N ALA H 145 -15.68 -16.21 10.63
CA ALA H 145 -16.45 -15.07 11.10
C ALA H 145 -15.63 -13.80 10.93
N GLN H 146 -14.31 -13.89 11.17
CA GLN H 146 -13.38 -12.76 11.04
C GLN H 146 -13.10 -12.42 9.56
N ARG H 147 -14.14 -12.02 8.84
CA ARG H 147 -14.06 -11.67 7.41
C ARG H 147 -15.29 -10.83 7.09
N PRO H 148 -15.23 -10.05 5.98
CA PRO H 148 -16.42 -9.25 5.64
C PRO H 148 -17.36 -10.37 5.16
N GLN H 149 -18.46 -10.56 5.87
CA GLN H 149 -19.39 -11.61 5.54
C GLN H 149 -20.80 -11.21 5.14
N VAL H 150 -21.54 -12.25 4.82
CA VAL H 150 -22.95 -12.24 4.43
C VAL H 150 -23.28 -13.53 5.16
N GLN H 151 -24.17 -13.47 6.14
CA GLN H 151 -24.55 -14.64 6.94
C GLN H 151 -24.81 -15.90 6.12
N GLU H 152 -25.46 -15.75 4.97
CA GLU H 152 -25.74 -16.89 4.09
C GLU H 152 -24.44 -17.59 3.66
N ARG H 153 -23.41 -16.80 3.38
CA ARG H 153 -22.13 -17.36 2.96
C ARG H 153 -21.39 -17.95 4.16
N LEU H 154 -21.34 -17.18 5.25
CA LEU H 154 -20.67 -17.59 6.47
C LEU H 154 -21.06 -19.01 6.91
N THR H 155 -22.36 -19.26 6.96
CA THR H 155 -22.89 -20.55 7.35
C THR H 155 -22.41 -21.66 6.42
N GLN H 156 -22.44 -21.39 5.10
CA GLN H 156 -21.98 -22.38 4.10
C GLN H 156 -20.52 -22.70 4.28
N GLN H 157 -19.70 -21.66 4.43
CA GLN H 157 -18.26 -21.82 4.60
C GLN H 157 -17.91 -22.72 5.79
N ILE H 158 -18.51 -22.44 6.94
CA ILE H 158 -18.27 -23.23 8.14
C ILE H 158 -18.65 -24.69 7.88
N LEU H 159 -19.78 -24.91 7.21
CA LEU H 159 -20.24 -26.26 6.89
C LEU H 159 -19.18 -27.03 6.10
N ILE H 160 -18.78 -26.48 4.97
CA ILE H 160 -17.78 -27.11 4.13
C ILE H 160 -16.45 -27.32 4.83
N ALA H 161 -15.94 -26.30 5.52
CA ALA H 161 -14.67 -26.41 6.24
C ALA H 161 -14.71 -27.64 7.15
N LEU H 162 -15.80 -27.79 7.90
CA LEU H 162 -15.93 -28.92 8.81
C LEU H 162 -16.08 -30.26 8.10
N GLN H 163 -16.85 -30.30 7.03
CA GLN H 163 -17.03 -31.55 6.29
C GLN H 163 -15.69 -32.04 5.79
N THR H 164 -14.92 -31.11 5.24
CA THR H 164 -13.59 -31.41 4.71
C THR H 164 -12.68 -31.97 5.81
N LEU H 165 -12.52 -31.23 6.90
CA LEU H 165 -11.68 -31.65 8.01
C LEU H 165 -12.09 -32.96 8.72
N LEU H 166 -13.39 -33.16 8.93
CA LEU H 166 -13.87 -34.35 9.62
C LEU H 166 -14.02 -35.57 8.70
N GLY H 167 -14.01 -35.33 7.39
CA GLY H 167 -14.15 -36.41 6.45
C GLY H 167 -15.52 -37.04 6.52
N THR H 168 -16.55 -36.20 6.72
CA THR H 168 -17.93 -36.66 6.81
C THR H 168 -18.80 -35.54 6.26
N ASN H 169 -19.89 -35.89 5.60
CA ASN H 169 -20.80 -34.87 5.07
C ASN H 169 -21.85 -34.60 6.13
N ASN H 170 -21.92 -35.47 7.14
CA ASN H 170 -22.90 -35.32 8.22
C ASN H 170 -22.46 -34.23 9.16
N VAL H 171 -22.68 -32.99 8.76
CA VAL H 171 -22.35 -31.81 9.55
C VAL H 171 -23.52 -30.88 9.34
N ALA H 172 -23.87 -30.12 10.36
CA ALA H 172 -24.98 -29.18 10.29
C ALA H 172 -24.54 -27.93 11.01
N VAL H 173 -24.85 -26.77 10.43
CA VAL H 173 -24.48 -25.50 11.03
C VAL H 173 -25.68 -24.57 11.01
N SER H 174 -25.96 -23.96 12.15
CA SER H 174 -27.07 -23.02 12.27
C SER H 174 -26.50 -21.79 12.95
N ILE H 175 -26.80 -20.61 12.42
CA ILE H 175 -26.32 -19.36 12.98
C ILE H 175 -27.48 -18.39 13.13
N ASP H 176 -27.60 -17.84 14.33
CA ASP H 176 -28.65 -16.88 14.66
C ASP H 176 -27.87 -15.63 15.04
N ALA H 177 -28.14 -14.51 14.37
CA ALA H 177 -27.43 -13.28 14.67
C ALA H 177 -28.21 -12.01 14.44
N VAL H 178 -27.76 -10.96 15.11
CA VAL H 178 -28.34 -9.62 15.01
C VAL H 178 -27.37 -8.82 14.16
N HIS H 179 -27.90 -8.11 13.17
CA HIS H 179 -27.08 -7.30 12.30
C HIS H 179 -27.25 -5.84 12.66
N TYR H 180 -26.17 -5.18 13.08
CA TYR H 180 -26.28 -3.75 13.41
C TYR H 180 -26.45 -2.95 12.13
N CYS H 181 -26.27 -3.63 11.00
CA CYS H 181 -26.42 -3.08 9.66
C CYS H 181 -27.92 -2.68 9.59
N VAL H 182 -28.75 -3.45 10.28
CA VAL H 182 -30.21 -3.30 10.36
C VAL H 182 -30.69 -2.55 11.61
N LYS H 183 -30.07 -2.85 12.74
CA LYS H 183 -30.42 -2.25 14.01
C LYS H 183 -29.91 -0.84 14.30
N ALA H 184 -28.60 -0.66 14.19
CA ALA H 184 -27.97 0.63 14.46
C ALA H 184 -28.17 1.72 13.44
N ARG H 185 -28.67 1.37 12.27
CA ARG H 185 -28.86 2.36 11.23
C ARG H 185 -29.89 1.87 10.21
N GLY H 186 -30.18 2.67 9.18
CA GLY H 186 -31.15 2.27 8.17
C GLY H 186 -32.54 2.23 8.73
N ILE H 187 -33.19 1.07 8.66
CA ILE H 187 -34.54 0.93 9.19
C ILE H 187 -34.55 0.92 10.74
N ARG H 188 -33.41 0.65 11.36
CA ARG H 188 -33.26 0.63 12.80
C ARG H 188 -34.26 -0.26 13.53
N ASP H 189 -34.33 -1.52 13.11
CA ASP H 189 -35.24 -2.48 13.75
C ASP H 189 -34.48 -3.01 14.96
N ALA H 190 -34.90 -2.61 16.15
CA ALA H 190 -34.26 -3.02 17.38
C ALA H 190 -34.51 -4.44 17.87
N THR H 191 -35.40 -5.20 17.23
CA THR H 191 -35.68 -6.57 17.69
C THR H 191 -35.41 -7.76 16.76
N SER H 192 -35.40 -7.54 15.45
CA SER H 192 -35.18 -8.62 14.50
C SER H 192 -33.82 -9.30 14.54
N ALA H 193 -33.83 -10.60 14.26
CA ALA H 193 -32.64 -11.43 14.24
C ALA H 193 -32.79 -12.37 13.06
N THR H 194 -31.68 -12.72 12.41
CA THR H 194 -31.70 -13.59 11.25
C THR H 194 -31.12 -14.94 11.64
N THR H 195 -31.73 -16.00 11.12
CA THR H 195 -31.31 -17.36 11.40
C THR H 195 -31.12 -18.03 10.07
N THR H 196 -29.96 -18.62 9.87
CA THR H 196 -29.63 -19.32 8.64
C THR H 196 -29.03 -20.68 9.00
N THR H 197 -29.36 -21.70 8.25
CA THR H 197 -28.84 -23.03 8.53
C THR H 197 -28.35 -23.65 7.24
N SER H 198 -27.39 -24.56 7.35
CA SER H 198 -26.85 -25.26 6.21
C SER H 198 -26.72 -26.68 6.74
N LEU H 199 -27.32 -27.63 6.04
CA LEU H 199 -27.30 -29.03 6.45
C LEU H 199 -26.64 -29.96 5.44
N GLY H 200 -25.76 -30.82 5.92
CA GLY H 200 -25.08 -31.75 5.05
C GLY H 200 -25.42 -33.17 5.47
N GLY H 201 -25.16 -34.12 4.57
CA GLY H 201 -25.42 -35.52 4.86
C GLY H 201 -26.79 -35.87 5.38
N LEU H 202 -26.81 -36.71 6.41
CA LEU H 202 -28.04 -37.16 7.06
C LEU H 202 -28.87 -35.99 7.57
N PHE H 203 -28.22 -34.90 7.97
CA PHE H 203 -28.93 -33.73 8.46
C PHE H 203 -29.82 -33.11 7.42
N LYS H 204 -29.66 -33.50 6.15
CA LYS H 204 -30.47 -32.95 5.09
C LYS H 204 -31.35 -34.05 4.53
N SER H 205 -30.79 -35.24 4.42
CA SER H 205 -31.48 -36.42 3.89
C SER H 205 -32.52 -36.98 4.86
N SER H 206 -32.04 -37.46 6.00
CA SER H 206 -32.87 -38.05 7.03
C SER H 206 -33.67 -37.00 7.76
N GLN H 207 -34.99 -37.01 7.56
CA GLN H 207 -35.88 -36.06 8.23
C GLN H 207 -35.77 -36.24 9.75
N ASN H 208 -35.57 -37.48 10.17
CA ASN H 208 -35.43 -37.85 11.58
C ASN H 208 -34.23 -37.12 12.20
N THR H 209 -33.07 -37.26 11.57
CA THR H 209 -31.83 -36.63 12.03
C THR H 209 -31.92 -35.11 11.92
N ARG H 210 -32.45 -34.65 10.80
CA ARG H 210 -32.61 -33.25 10.51
C ARG H 210 -33.37 -32.55 11.64
N HIS H 211 -34.55 -33.07 11.97
CA HIS H 211 -35.36 -32.48 13.03
C HIS H 211 -34.74 -32.59 14.42
N GLU H 212 -33.99 -33.66 14.68
CA GLU H 212 -33.34 -33.82 15.99
C GLU H 212 -32.38 -32.67 16.20
N PHE H 213 -31.68 -32.30 15.14
CA PHE H 213 -30.73 -31.19 15.17
C PHE H 213 -31.49 -29.89 15.34
N LEU H 214 -32.42 -29.62 14.42
CA LEU H 214 -33.23 -28.39 14.46
C LEU H 214 -33.91 -28.18 15.79
N ARG H 215 -34.41 -29.25 16.39
CA ARG H 215 -35.07 -29.18 17.70
C ARG H 215 -34.10 -28.69 18.76
N ALA H 216 -32.84 -29.08 18.64
CA ALA H 216 -31.80 -28.69 19.59
C ALA H 216 -31.30 -27.27 19.39
N VAL H 217 -31.38 -26.77 18.17
CA VAL H 217 -30.94 -25.43 17.83
C VAL H 217 -31.61 -24.32 18.63
N ARG H 218 -30.77 -23.37 19.04
CA ARG H 218 -31.14 -22.16 19.81
C ARG H 218 -31.57 -22.39 21.25
N HIS H 219 -31.19 -21.45 22.09
CA HIS H 219 -31.51 -21.47 23.52
C HIS H 219 -31.91 -20.03 23.88
N HIS H 220 -31.77 -19.64 25.14
CA HIS H 220 -32.15 -18.28 25.52
C HIS H 220 -31.03 -17.63 26.32
N ASN H 221 -30.82 -16.34 26.08
CA ASN H 221 -29.79 -15.54 26.75
C ASN H 221 -28.41 -16.15 26.60
N PRO I 1 -39.98 7.59 -12.25
CA PRO I 1 -40.92 8.58 -12.76
C PRO I 1 -42.21 8.66 -11.94
N SER I 2 -42.52 7.60 -11.22
CA SER I 2 -43.71 7.52 -10.37
C SER I 2 -43.54 6.29 -9.45
N LEU I 3 -43.92 5.12 -9.94
CA LEU I 3 -43.80 3.90 -9.14
C LEU I 3 -42.65 3.10 -9.71
N SER I 4 -41.89 2.44 -8.85
CA SER I 4 -40.78 1.62 -9.29
C SER I 4 -41.35 0.34 -9.89
N LYS I 5 -40.51 -0.42 -10.60
CA LYS I 5 -40.96 -1.67 -11.21
C LYS I 5 -41.51 -2.57 -10.11
N GLU I 6 -40.81 -2.60 -8.98
CA GLU I 6 -41.19 -3.41 -7.82
C GLU I 6 -42.57 -3.00 -7.28
N ALA I 7 -42.74 -1.71 -7.02
CA ALA I 7 -44.00 -1.19 -6.51
C ALA I 7 -45.16 -1.60 -7.42
N ALA I 8 -44.98 -1.41 -8.74
CA ALA I 8 -45.99 -1.75 -9.73
C ALA I 8 -46.33 -3.25 -9.67
N LEU I 9 -45.31 -4.10 -9.75
CA LEU I 9 -45.48 -5.55 -9.69
C LEU I 9 -46.30 -5.99 -8.48
N VAL I 10 -45.83 -5.61 -7.30
CA VAL I 10 -46.48 -5.94 -6.05
C VAL I 10 -47.93 -5.47 -6.07
N HIS I 11 -48.16 -4.21 -6.44
CA HIS I 11 -49.51 -3.67 -6.49
C HIS I 11 -50.41 -4.51 -7.38
N GLU I 12 -49.94 -4.82 -8.58
CA GLU I 12 -50.69 -5.62 -9.54
C GLU I 12 -51.01 -6.99 -8.94
N ALA I 13 -49.99 -7.65 -8.38
CA ALA I 13 -50.14 -8.97 -7.78
C ALA I 13 -51.25 -8.95 -6.73
N LEU I 14 -51.24 -7.93 -5.89
CA LEU I 14 -52.25 -7.79 -4.86
C LEU I 14 -53.64 -7.60 -5.45
N VAL I 15 -53.76 -6.71 -6.43
CA VAL I 15 -55.05 -6.47 -7.07
C VAL I 15 -55.57 -7.74 -7.76
N ALA I 16 -54.68 -8.48 -8.42
CA ALA I 16 -55.03 -9.72 -9.10
C ALA I 16 -55.63 -10.73 -8.14
N ARG I 17 -54.98 -10.92 -6.99
CA ARG I 17 -55.49 -11.86 -5.98
C ARG I 17 -56.66 -11.29 -5.20
N GLY I 18 -56.95 -10.01 -5.39
CA GLY I 18 -58.04 -9.39 -4.68
C GLY I 18 -57.69 -9.21 -3.21
N LEU I 19 -56.41 -8.97 -2.95
CA LEU I 19 -55.92 -8.79 -1.60
C LEU I 19 -55.48 -7.37 -1.27
N GLU I 20 -55.69 -6.45 -2.21
CA GLU I 20 -55.33 -5.06 -1.99
C GLU I 20 -56.22 -4.41 -0.96
N THR I 21 -55.71 -3.38 -0.31
CA THR I 21 -56.48 -2.64 0.69
C THR I 21 -57.60 -1.92 -0.07
N PRO I 22 -58.83 -1.95 0.45
CA PRO I 22 -59.98 -1.29 -0.19
C PRO I 22 -59.71 0.19 -0.45
N LEU I 23 -59.31 0.51 -1.68
CA LEU I 23 -59.02 1.88 -2.05
C LEU I 23 -59.84 2.35 -3.25
N ARG I 24 -60.17 3.63 -3.26
CA ARG I 24 -60.93 4.24 -4.35
C ARG I 24 -59.92 5.14 -5.05
N PRO I 25 -59.99 5.24 -6.40
CA PRO I 25 -59.04 6.11 -7.11
C PRO I 25 -59.22 7.57 -6.66
N PRO I 26 -58.11 8.33 -6.58
CA PRO I 26 -58.18 9.73 -6.15
C PRO I 26 -59.20 10.54 -6.96
N VAL I 27 -60.25 10.96 -6.26
CA VAL I 27 -61.35 11.74 -6.84
C VAL I 27 -60.83 12.96 -7.62
N HIS I 28 -59.77 13.58 -7.09
CA HIS I 28 -59.13 14.74 -7.69
C HIS I 28 -57.69 14.77 -7.24
N GLU I 29 -56.80 15.23 -8.12
CA GLU I 29 -55.39 15.30 -7.80
C GLU I 29 -55.14 16.40 -6.77
N MET I 30 -55.08 16.02 -5.49
CA MET I 30 -54.84 16.97 -4.42
C MET I 30 -53.44 16.79 -3.89
N ASP I 31 -52.81 17.88 -3.49
CA ASP I 31 -51.46 17.82 -2.94
C ASP I 31 -51.63 17.20 -1.56
N ASN I 32 -50.67 16.43 -1.09
CA ASN I 32 -50.79 15.85 0.25
C ASN I 32 -50.99 16.99 1.23
N GLU I 33 -50.40 18.14 0.91
CA GLU I 33 -50.51 19.36 1.73
C GLU I 33 -51.96 19.76 1.92
N THR I 34 -52.73 19.81 0.83
CA THR I 34 -54.15 20.20 0.91
C THR I 34 -54.97 19.11 1.62
N ARG I 35 -54.60 17.85 1.43
CA ARG I 35 -55.31 16.75 2.07
C ARG I 35 -55.10 16.86 3.57
N LYS I 36 -53.84 17.10 3.98
CA LYS I 36 -53.52 17.24 5.38
C LYS I 36 -54.33 18.37 5.98
N SER I 37 -54.32 19.54 5.35
CA SER I 37 -55.08 20.67 5.85
C SER I 37 -56.56 20.35 5.99
N LEU I 38 -57.15 19.68 5.00
CA LEU I 38 -58.56 19.32 5.06
C LEU I 38 -58.81 18.36 6.22
N ILE I 39 -57.95 17.37 6.38
CA ILE I 39 -58.08 16.39 7.45
C ILE I 39 -57.99 17.14 8.79
N ALA I 40 -56.99 18.02 8.90
CA ALA I 40 -56.77 18.82 10.10
C ALA I 40 -58.05 19.57 10.46
N GLY I 41 -58.72 20.11 9.45
CA GLY I 41 -59.96 20.85 9.65
C GLY I 41 -61.04 19.97 10.25
N HIS I 42 -61.24 18.78 9.68
CA HIS I 42 -62.23 17.84 10.19
C HIS I 42 -61.90 17.47 11.63
N MET I 43 -60.60 17.29 11.91
CA MET I 43 -60.17 16.94 13.26
C MET I 43 -60.54 18.08 14.20
N THR I 44 -60.27 19.32 13.80
CA THR I 44 -60.58 20.49 14.61
C THR I 44 -62.05 20.42 15.05
N GLU I 45 -62.93 20.13 14.09
CA GLU I 45 -64.35 20.03 14.35
C GLU I 45 -64.66 18.90 15.34
N ILE I 46 -64.05 17.74 15.15
CA ILE I 46 -64.27 16.59 16.04
C ILE I 46 -63.86 16.94 17.46
N MET I 47 -62.66 17.52 17.61
CA MET I 47 -62.16 17.91 18.92
C MET I 47 -63.11 18.88 19.59
N GLN I 48 -63.62 19.84 18.81
CA GLN I 48 -64.57 20.82 19.35
C GLN I 48 -65.84 20.11 19.78
N LEU I 49 -66.26 19.11 19.01
CA LEU I 49 -67.46 18.35 19.33
C LEU I 49 -67.25 17.60 20.65
N LEU I 50 -65.98 17.29 20.95
CA LEU I 50 -65.62 16.60 22.19
C LEU I 50 -65.49 17.60 23.34
N ASN I 51 -65.64 18.88 23.02
CA ASN I 51 -65.57 20.01 23.94
C ASN I 51 -64.16 20.35 24.43
N LEU I 52 -63.15 19.96 23.66
CA LEU I 52 -61.79 20.25 24.04
C LEU I 52 -61.47 21.72 23.72
N ASP I 53 -60.80 22.39 24.65
CA ASP I 53 -60.44 23.79 24.47
C ASP I 53 -59.19 23.86 23.60
N LEU I 54 -59.41 24.00 22.30
CA LEU I 54 -58.31 24.09 21.33
C LEU I 54 -57.40 25.31 21.49
N ALA I 55 -57.74 26.20 22.41
CA ALA I 55 -56.93 27.39 22.66
C ALA I 55 -55.71 27.02 23.50
N ASP I 56 -55.78 25.87 24.17
CA ASP I 56 -54.70 25.39 25.02
C ASP I 56 -53.46 25.06 24.17
N ASP I 57 -52.31 25.59 24.58
CA ASP I 57 -51.05 25.37 23.85
C ASP I 57 -50.77 23.92 23.50
N SER I 58 -51.02 23.02 24.44
CA SER I 58 -50.78 21.61 24.24
C SER I 58 -51.72 20.94 23.22
N LEU I 59 -52.96 21.41 23.15
CA LEU I 59 -53.96 20.84 22.22
C LEU I 59 -54.02 21.53 20.87
N MET I 60 -53.60 22.78 20.86
CA MET I 60 -53.59 23.64 19.67
C MET I 60 -53.10 23.01 18.36
N GLU I 61 -51.90 22.44 18.37
CA GLU I 61 -51.35 21.84 17.17
C GLU I 61 -51.79 20.41 16.85
N THR I 62 -52.55 19.79 17.76
CA THR I 62 -53.02 18.42 17.56
C THR I 62 -53.68 18.14 16.20
N PRO I 63 -54.71 18.92 15.78
CA PRO I 63 -55.34 18.66 14.48
C PRO I 63 -54.35 18.54 13.33
N HIS I 64 -53.28 19.34 13.40
CA HIS I 64 -52.25 19.30 12.37
C HIS I 64 -51.39 18.04 12.55
N ARG I 65 -51.00 17.77 13.80
CA ARG I 65 -50.17 16.61 14.09
C ARG I 65 -50.84 15.31 13.66
N ILE I 66 -52.15 15.20 13.90
CA ILE I 66 -52.90 14.02 13.52
C ILE I 66 -52.94 13.90 12.01
N ALA I 67 -53.23 15.00 11.34
CA ALA I 67 -53.31 15.04 9.88
C ALA I 67 -52.00 14.56 9.24
N LYS I 68 -50.89 15.10 9.72
CA LYS I 68 -49.57 14.73 9.20
C LYS I 68 -49.27 13.26 9.49
N MET I 69 -49.61 12.80 10.70
CA MET I 69 -49.39 11.42 11.10
C MET I 69 -50.11 10.47 10.15
N TYR I 70 -51.36 10.78 9.83
CA TYR I 70 -52.17 9.98 8.93
C TYR I 70 -51.56 9.90 7.52
N VAL I 71 -51.47 11.05 6.86
CA VAL I 71 -50.93 11.13 5.51
C VAL I 71 -49.45 10.74 5.34
N ASP I 72 -48.58 11.25 6.20
CA ASP I 72 -47.16 10.97 6.13
C ASP I 72 -46.63 9.78 6.88
N GLU I 73 -47.26 9.46 8.01
CA GLU I 73 -46.77 8.33 8.79
C GLU I 73 -47.58 7.04 8.83
N ILE I 74 -48.44 6.89 9.83
CA ILE I 74 -49.22 5.65 9.98
C ILE I 74 -50.02 5.09 8.80
N PHE I 75 -50.33 5.91 7.80
CA PHE I 75 -51.07 5.43 6.64
C PHE I 75 -50.29 5.66 5.35
N SER I 76 -48.99 5.90 5.48
CA SER I 76 -48.15 6.13 4.31
C SER I 76 -48.07 4.90 3.39
N GLY I 77 -48.35 3.72 3.96
CA GLY I 77 -48.32 2.49 3.18
C GLY I 77 -49.36 2.43 2.06
N LEU I 78 -50.40 3.25 2.17
CA LEU I 78 -51.44 3.28 1.15
C LEU I 78 -50.91 3.87 -0.15
N ASP I 79 -49.79 4.59 -0.09
CA ASP I 79 -49.21 5.22 -1.26
C ASP I 79 -47.97 4.45 -1.72
N TYR I 80 -48.07 3.76 -2.86
CA TYR I 80 -46.94 2.98 -3.39
C TYR I 80 -45.71 3.79 -3.78
N ALA I 81 -45.82 5.12 -3.67
CA ALA I 81 -44.70 6.00 -3.99
C ALA I 81 -43.72 5.88 -2.83
N ASN I 82 -44.19 5.30 -1.73
CA ASN I 82 -43.40 5.09 -0.52
C ASN I 82 -42.84 3.67 -0.41
N PHE I 83 -43.08 2.86 -1.44
CA PHE I 83 -42.60 1.48 -1.43
C PHE I 83 -41.08 1.53 -1.37
N PRO I 84 -40.46 0.72 -0.50
CA PRO I 84 -39.01 0.69 -0.38
C PRO I 84 -38.28 0.26 -1.65
N LYS I 85 -36.98 0.57 -1.72
CA LYS I 85 -36.17 0.20 -2.87
C LYS I 85 -35.67 -1.21 -2.54
N ILE I 86 -35.92 -2.16 -3.44
CA ILE I 86 -35.51 -3.54 -3.22
C ILE I 86 -34.16 -3.88 -3.85
N THR I 87 -33.28 -4.46 -3.03
CA THR I 87 -31.95 -4.86 -3.47
C THR I 87 -31.89 -6.38 -3.37
N LEU I 88 -31.53 -7.02 -4.48
CA LEU I 88 -31.42 -8.48 -4.54
C LEU I 88 -30.04 -8.86 -5.04
N ILE I 89 -29.39 -9.80 -4.39
CA ILE I 89 -28.07 -10.25 -4.83
C ILE I 89 -28.25 -11.65 -5.40
N GLU I 90 -27.38 -12.03 -6.32
CA GLU I 90 -27.43 -13.35 -6.94
C GLU I 90 -27.17 -14.41 -5.88
N ASN I 91 -27.96 -15.47 -5.88
CA ASN I 91 -27.79 -16.56 -4.92
C ASN I 91 -26.59 -17.45 -5.29
N LYS I 92 -25.41 -16.86 -5.32
CA LYS I 92 -24.18 -17.58 -5.64
C LYS I 92 -23.82 -18.55 -4.52
N MET I 93 -24.26 -18.25 -3.30
CA MET I 93 -23.98 -19.11 -2.15
C MET I 93 -24.71 -20.44 -2.31
N LYS I 94 -25.66 -20.48 -3.25
CA LYS I 94 -26.46 -21.67 -3.53
C LYS I 94 -27.19 -22.15 -2.27
N VAL I 95 -27.91 -21.22 -1.65
CA VAL I 95 -28.66 -21.49 -0.44
C VAL I 95 -29.93 -22.22 -0.84
N ASP I 96 -30.15 -23.39 -0.23
CA ASP I 96 -31.34 -24.18 -0.51
C ASP I 96 -32.19 -24.39 0.74
N GLU I 97 -31.71 -23.89 1.86
CA GLU I 97 -32.41 -24.00 3.14
C GLU I 97 -33.07 -22.65 3.40
N MET I 98 -34.12 -22.61 4.22
CA MET I 98 -34.80 -21.35 4.48
C MET I 98 -34.01 -20.36 5.33
N VAL I 99 -34.22 -19.09 5.03
CA VAL I 99 -33.60 -17.99 5.74
C VAL I 99 -34.78 -17.43 6.53
N THR I 100 -34.61 -17.28 7.84
CA THR I 100 -35.66 -16.76 8.69
C THR I 100 -35.26 -15.46 9.36
N VAL I 101 -36.13 -14.46 9.27
CA VAL I 101 -35.90 -13.17 9.88
C VAL I 101 -37.02 -13.16 10.89
N ARG I 102 -36.67 -13.24 12.16
CA ARG I 102 -37.64 -13.26 13.25
C ARG I 102 -37.72 -11.96 14.04
N ASP I 103 -38.79 -11.83 14.80
CA ASP I 103 -39.05 -10.69 15.63
C ASP I 103 -38.96 -9.32 14.97
N ILE I 104 -39.56 -9.20 13.78
CA ILE I 104 -39.57 -7.93 13.05
C ILE I 104 -40.60 -7.06 13.79
N THR I 105 -40.21 -5.85 14.20
CA THR I 105 -41.13 -4.96 14.91
C THR I 105 -42.25 -4.52 13.96
N LEU I 106 -43.49 -4.69 14.40
CA LEU I 106 -44.64 -4.32 13.58
C LEU I 106 -45.65 -3.51 14.36
N THR I 107 -46.01 -2.36 13.82
CA THR I 107 -47.00 -1.48 14.44
C THR I 107 -47.96 -1.13 13.30
N SER I 108 -49.23 -1.48 13.47
CA SER I 108 -50.25 -1.22 12.47
C SER I 108 -51.48 -0.62 13.13
N THR I 109 -52.58 -0.49 12.40
CA THR I 109 -53.83 0.07 12.91
C THR I 109 -55.05 -0.77 12.55
N CYS I 110 -55.85 -1.16 13.54
CA CYS I 110 -57.06 -1.96 13.29
C CYS I 110 -58.10 -1.04 12.67
N GLU I 111 -58.34 -1.20 11.37
CA GLU I 111 -59.29 -0.40 10.59
C GLU I 111 -60.73 -0.29 11.10
N HIS I 112 -61.11 -1.16 12.03
CA HIS I 112 -62.46 -1.13 12.58
C HIS I 112 -62.67 -0.05 13.63
N HIS I 113 -61.58 0.44 14.22
CA HIS I 113 -61.67 1.48 15.24
C HIS I 113 -60.51 2.46 15.16
N PHE I 114 -59.61 2.24 14.21
CA PHE I 114 -58.43 3.07 14.01
C PHE I 114 -57.58 3.15 15.28
N VAL I 115 -57.37 1.99 15.89
CA VAL I 115 -56.58 1.88 17.12
C VAL I 115 -55.34 1.02 16.85
N THR I 116 -54.29 1.26 17.63
CA THR I 116 -53.02 0.56 17.54
C THR I 116 -53.05 -0.97 17.60
N ILE I 117 -52.21 -1.57 16.76
CA ILE I 117 -52.00 -3.01 16.67
C ILE I 117 -50.48 -3.03 16.87
N ASP I 118 -50.01 -3.71 17.92
CA ASP I 118 -48.58 -3.78 18.17
C ASP I 118 -48.20 -5.24 18.19
N GLY I 119 -47.25 -5.63 17.36
CA GLY I 119 -46.84 -7.03 17.32
C GLY I 119 -45.50 -7.28 16.67
N LYS I 120 -45.22 -8.54 16.38
CA LYS I 120 -43.98 -8.94 15.75
C LYS I 120 -44.24 -9.98 14.67
N ALA I 121 -43.52 -9.85 13.56
CA ALA I 121 -43.65 -10.77 12.45
C ALA I 121 -42.39 -11.63 12.27
N THR I 122 -42.60 -12.84 11.79
CA THR I 122 -41.53 -13.79 11.54
C THR I 122 -41.73 -14.14 10.07
N VAL I 123 -40.74 -13.85 9.24
CA VAL I 123 -40.79 -14.10 7.82
C VAL I 123 -39.67 -15.07 7.45
N ALA I 124 -39.98 -16.04 6.61
CA ALA I 124 -38.99 -17.02 6.19
C ALA I 124 -39.22 -17.34 4.72
N TYR I 125 -38.16 -17.69 4.01
CA TYR I 125 -38.29 -18.02 2.59
C TYR I 125 -37.09 -18.89 2.19
N ILE I 126 -37.22 -19.62 1.10
CA ILE I 126 -36.15 -20.48 0.60
C ILE I 126 -35.67 -19.77 -0.66
N PRO I 127 -34.42 -19.25 -0.65
CA PRO I 127 -33.83 -18.54 -1.79
C PRO I 127 -33.82 -19.34 -3.07
N LYS I 128 -34.28 -18.72 -4.15
CA LYS I 128 -34.28 -19.40 -5.44
C LYS I 128 -33.08 -18.81 -6.21
N ASP I 129 -33.34 -17.91 -7.14
CA ASP I 129 -32.27 -17.30 -7.91
C ASP I 129 -31.61 -16.14 -7.19
N SER I 130 -32.36 -15.42 -6.36
CA SER I 130 -31.80 -14.29 -5.63
C SER I 130 -32.08 -14.26 -4.13
N VAL I 131 -31.18 -13.59 -3.41
CA VAL I 131 -31.25 -13.42 -1.96
C VAL I 131 -31.56 -11.94 -1.77
N ILE I 132 -32.49 -11.64 -0.87
CA ILE I 132 -32.87 -10.26 -0.61
C ILE I 132 -32.13 -9.72 0.60
N GLY I 133 -31.94 -8.40 0.63
CA GLY I 133 -31.25 -7.78 1.75
C GLY I 133 -32.18 -7.90 2.94
N LEU I 134 -31.67 -8.44 4.04
CA LEU I 134 -32.44 -8.62 5.26
C LEU I 134 -33.27 -7.40 5.64
N SER I 135 -32.65 -6.21 5.64
CA SER I 135 -33.35 -4.98 5.98
C SER I 135 -34.59 -4.76 5.12
N LYS I 136 -34.52 -5.13 3.85
CA LYS I 136 -35.65 -4.97 2.92
C LYS I 136 -36.88 -5.71 3.43
N ILE I 137 -36.69 -6.90 3.99
CA ILE I 137 -37.81 -7.68 4.52
C ILE I 137 -38.51 -6.85 5.58
N ASN I 138 -37.74 -6.32 6.53
CA ASN I 138 -38.31 -5.50 7.61
C ASN I 138 -39.07 -4.31 6.99
N ARG I 139 -38.48 -3.70 5.96
CA ARG I 139 -39.09 -2.54 5.30
C ARG I 139 -40.40 -2.83 4.61
N ILE I 140 -40.49 -3.97 3.96
CA ILE I 140 -41.71 -4.38 3.27
C ILE I 140 -42.80 -4.60 4.33
N VAL I 141 -42.43 -5.26 5.44
CA VAL I 141 -43.37 -5.52 6.53
C VAL I 141 -43.92 -4.19 7.05
N GLN I 142 -43.02 -3.24 7.32
CA GLN I 142 -43.43 -1.92 7.81
C GLN I 142 -44.35 -1.23 6.82
N PHE I 143 -44.01 -1.24 5.53
CA PHE I 143 -44.83 -0.62 4.49
C PHE I 143 -46.29 -1.01 4.59
N PHE I 144 -46.56 -2.31 4.46
CA PHE I 144 -47.93 -2.80 4.53
C PHE I 144 -48.57 -2.60 5.89
N ALA I 145 -47.75 -2.59 6.95
CA ALA I 145 -48.27 -2.39 8.28
C ALA I 145 -48.77 -0.95 8.43
N GLN I 146 -48.16 -0.01 7.71
CA GLN I 146 -48.57 1.40 7.78
C GLN I 146 -49.83 1.62 6.93
N ARG I 147 -50.92 0.94 7.28
CA ARG I 147 -52.19 1.04 6.58
C ARG I 147 -53.30 0.62 7.51
N PRO I 148 -54.55 1.03 7.24
CA PRO I 148 -55.64 0.62 8.12
C PRO I 148 -55.70 -0.87 7.77
N GLN I 149 -55.42 -1.73 8.74
CA GLN I 149 -55.41 -3.16 8.49
C GLN I 149 -56.38 -3.99 9.28
N VAL I 150 -56.33 -5.26 8.96
CA VAL I 150 -57.10 -6.35 9.55
C VAL I 150 -55.94 -7.34 9.46
N GLN I 151 -55.46 -7.83 10.60
CA GLN I 151 -54.34 -8.76 10.64
C GLN I 151 -54.38 -9.87 9.60
N GLU I 152 -55.56 -10.43 9.36
CA GLU I 152 -55.72 -11.49 8.37
C GLU I 152 -55.27 -11.05 6.98
N ARG I 153 -55.59 -9.81 6.62
CA ARG I 153 -55.21 -9.27 5.33
C ARG I 153 -53.73 -8.94 5.33
N LEU I 154 -53.27 -8.22 6.36
CA LEU I 154 -51.87 -7.83 6.49
C LEU I 154 -50.89 -8.97 6.22
N THR I 155 -51.12 -10.10 6.88
CA THR I 155 -50.29 -11.28 6.71
C THR I 155 -50.27 -11.71 5.25
N GLN I 156 -51.44 -11.77 4.62
CA GLN I 156 -51.56 -12.17 3.21
C GLN I 156 -50.77 -11.25 2.29
N GLN I 157 -50.96 -9.95 2.46
CA GLN I 157 -50.29 -8.95 1.65
C GLN I 157 -48.78 -9.13 1.70
N ILE I 158 -48.22 -9.20 2.90
CA ILE I 158 -46.77 -9.36 3.04
C ILE I 158 -46.31 -10.62 2.28
N LEU I 159 -47.04 -11.72 2.44
CA LEU I 159 -46.72 -12.98 1.77
C LEU I 159 -46.59 -12.78 0.28
N ILE I 160 -47.64 -12.29 -0.36
CA ILE I 160 -47.65 -12.04 -1.80
C ILE I 160 -46.56 -11.08 -2.25
N ALA I 161 -46.44 -9.95 -1.56
CA ALA I 161 -45.41 -8.97 -1.91
C ALA I 161 -44.05 -9.68 -1.98
N LEU I 162 -43.73 -10.46 -0.95
CA LEU I 162 -42.45 -11.17 -0.93
C LEU I 162 -42.33 -12.20 -2.03
N GLN I 163 -43.36 -13.03 -2.22
CA GLN I 163 -43.33 -14.04 -3.27
C GLN I 163 -43.03 -13.39 -4.61
N THR I 164 -43.74 -12.30 -4.89
CA THR I 164 -43.56 -11.56 -6.13
C THR I 164 -42.12 -11.07 -6.31
N LEU I 165 -41.60 -10.34 -5.32
CA LEU I 165 -40.25 -9.82 -5.40
C LEU I 165 -39.14 -10.88 -5.43
N LEU I 166 -39.28 -11.93 -4.65
CA LEU I 166 -38.29 -12.99 -4.62
C LEU I 166 -38.40 -14.00 -5.76
N GLY I 167 -39.55 -14.01 -6.42
CA GLY I 167 -39.76 -14.95 -7.52
C GLY I 167 -39.81 -16.40 -7.06
N THR I 168 -40.37 -16.61 -5.87
CA THR I 168 -40.51 -17.94 -5.28
C THR I 168 -41.80 -17.94 -4.51
N ASN I 169 -42.49 -19.08 -4.49
CA ASN I 169 -43.74 -19.19 -3.74
C ASN I 169 -43.41 -19.66 -2.33
N ASN I 170 -42.18 -20.14 -2.14
CA ASN I 170 -41.69 -20.65 -0.86
C ASN I 170 -41.40 -19.50 0.09
N VAL I 171 -42.46 -18.89 0.61
CA VAL I 171 -42.38 -17.79 1.56
C VAL I 171 -43.42 -18.11 2.62
N ALA I 172 -43.14 -17.73 3.86
CA ALA I 172 -44.02 -17.96 4.99
C ALA I 172 -43.99 -16.72 5.84
N VAL I 173 -45.16 -16.28 6.30
CA VAL I 173 -45.26 -15.10 7.14
C VAL I 173 -46.17 -15.40 8.30
N SER I 174 -45.70 -15.12 9.51
CA SER I 174 -46.48 -15.33 10.71
C SER I 174 -46.42 -14.03 11.48
N ILE I 175 -47.56 -13.56 11.97
CA ILE I 175 -47.64 -12.32 12.73
C ILE I 175 -48.40 -12.56 14.01
N ASP I 176 -47.80 -12.15 15.12
CA ASP I 176 -48.40 -12.30 16.44
C ASP I 176 -48.52 -10.86 16.90
N ALA I 177 -49.73 -10.41 17.23
CA ALA I 177 -49.96 -9.03 17.66
C ALA I 177 -51.08 -8.82 18.68
N VAL I 178 -50.95 -7.74 19.43
CA VAL I 178 -51.90 -7.33 20.45
C VAL I 178 -52.71 -6.21 19.83
N HIS I 179 -54.02 -6.32 19.89
CA HIS I 179 -54.89 -5.30 19.34
C HIS I 179 -55.45 -4.43 20.45
N TYR I 180 -55.14 -3.13 20.44
CA TYR I 180 -55.69 -2.28 21.49
C TYR I 180 -57.17 -2.08 21.29
N CYS I 181 -57.65 -2.50 20.12
CA CYS I 181 -59.06 -2.47 19.72
C CYS I 181 -59.79 -3.36 20.75
N VAL I 182 -59.07 -4.38 21.23
CA VAL I 182 -59.53 -5.37 22.20
C VAL I 182 -59.11 -5.09 23.64
N LYS I 183 -57.87 -4.64 23.81
CA LYS I 183 -57.34 -4.36 25.13
C LYS I 183 -57.70 -3.04 25.78
N ALA I 184 -57.53 -1.96 25.04
CA ALA I 184 -57.79 -0.62 25.54
C ALA I 184 -59.23 -0.22 25.65
N ARG I 185 -60.11 -0.98 25.02
CA ARG I 185 -61.52 -0.63 25.04
C ARG I 185 -62.38 -1.86 24.76
N GLY I 186 -63.71 -1.69 24.70
CA GLY I 186 -64.60 -2.80 24.44
C GLY I 186 -64.55 -3.82 25.56
N ILE I 187 -64.18 -5.05 25.22
CA ILE I 187 -64.11 -6.10 26.25
C ILE I 187 -62.93 -5.90 27.22
N ARG I 188 -61.94 -5.12 26.79
CA ARG I 188 -60.75 -4.82 27.58
C ARG I 188 -60.01 -6.05 28.11
N ASP I 189 -59.68 -6.96 27.19
CA ASP I 189 -58.96 -8.17 27.57
C ASP I 189 -57.48 -7.80 27.60
N ALA I 190 -56.93 -7.72 28.80
CA ALA I 190 -55.53 -7.36 28.99
C ALA I 190 -54.46 -8.41 28.64
N THR I 191 -54.85 -9.64 28.31
CA THR I 191 -53.84 -10.66 28.00
C THR I 191 -53.83 -11.34 26.64
N SER I 192 -54.95 -11.35 25.93
CA SER I 192 -55.02 -12.01 24.63
C SER I 192 -54.20 -11.38 23.52
N ALA I 193 -53.69 -12.25 22.65
CA ALA I 193 -52.89 -11.87 21.50
C ALA I 193 -53.37 -12.75 20.36
N THR I 194 -53.33 -12.22 19.14
CA THR I 194 -53.77 -12.97 17.96
C THR I 194 -52.58 -13.34 17.11
N THR I 195 -52.61 -14.55 16.57
CA THR I 195 -51.54 -15.04 15.73
C THR I 195 -52.18 -15.47 14.42
N THR I 196 -51.61 -15.02 13.32
CA THR I 196 -52.10 -15.37 11.99
C THR I 196 -50.90 -15.74 11.14
N THR I 197 -51.03 -16.76 10.32
CA THR I 197 -49.94 -17.20 9.47
C THR I 197 -50.45 -17.40 8.05
N SER I 198 -49.57 -17.21 7.07
CA SER I 198 -49.91 -17.41 5.67
C SER I 198 -48.68 -18.12 5.13
N LEU I 199 -48.90 -19.30 4.56
CA LEU I 199 -47.83 -20.12 4.04
C LEU I 199 -47.93 -20.31 2.54
N GLY I 200 -46.80 -20.27 1.88
CA GLY I 200 -46.76 -20.46 0.44
C GLY I 200 -45.77 -21.55 0.08
N GLY I 201 -45.93 -22.09 -1.12
CA GLY I 201 -45.05 -23.13 -1.61
C GLY I 201 -44.88 -24.33 -0.69
N LEU I 202 -43.64 -24.78 -0.53
CA LEU I 202 -43.29 -25.91 0.32
C LEU I 202 -43.77 -25.72 1.76
N PHE I 203 -43.83 -24.48 2.24
CA PHE I 203 -44.28 -24.18 3.61
C PHE I 203 -45.72 -24.60 3.86
N LYS I 204 -46.45 -24.84 2.78
CA LYS I 204 -47.83 -25.26 2.87
C LYS I 204 -47.95 -26.71 2.43
N SER I 205 -47.22 -27.05 1.37
CA SER I 205 -47.21 -28.39 0.80
C SER I 205 -46.48 -29.41 1.67
N SER I 206 -45.18 -29.19 1.83
CA SER I 206 -44.32 -30.06 2.61
C SER I 206 -44.56 -29.90 4.10
N GLN I 207 -45.11 -30.93 4.72
CA GLN I 207 -45.38 -30.93 6.16
C GLN I 207 -44.06 -30.75 6.92
N ASN I 208 -43.00 -31.34 6.38
CA ASN I 208 -41.66 -31.28 6.95
C ASN I 208 -41.21 -29.82 7.04
N THR I 209 -41.25 -29.12 5.92
CA THR I 209 -40.85 -27.73 5.84
C THR I 209 -41.78 -26.86 6.67
N ARG I 210 -43.08 -27.10 6.53
CA ARG I 210 -44.11 -26.37 7.25
C ARG I 210 -43.85 -26.36 8.75
N HIS I 211 -43.64 -27.55 9.31
CA HIS I 211 -43.38 -27.65 10.73
C HIS I 211 -42.05 -27.05 11.18
N GLU I 212 -41.03 -27.11 10.33
CA GLU I 212 -39.73 -26.55 10.67
C GLU I 212 -39.90 -25.06 10.89
N PHE I 213 -40.72 -24.45 10.03
CA PHE I 213 -40.99 -23.03 10.13
C PHE I 213 -41.80 -22.75 11.39
N LEU I 214 -42.96 -23.41 11.51
CA LEU I 214 -43.84 -23.22 12.65
C LEU I 214 -43.13 -23.40 13.98
N ARG I 215 -42.24 -24.38 14.07
CA ARG I 215 -41.48 -24.65 15.29
C ARG I 215 -40.59 -23.44 15.64
N ALA I 216 -40.04 -22.78 14.63
CA ALA I 216 -39.18 -21.63 14.84
C ALA I 216 -39.95 -20.37 15.21
N VAL I 217 -41.22 -20.31 14.80
CA VAL I 217 -42.09 -19.16 15.07
C VAL I 217 -42.26 -18.83 16.54
N ARG I 218 -42.19 -17.52 16.81
CA ARG I 218 -42.34 -16.92 18.15
C ARG I 218 -41.21 -17.17 19.14
N HIS I 219 -40.95 -16.17 19.97
CA HIS I 219 -39.92 -16.22 20.99
C HIS I 219 -40.54 -15.55 22.22
N HIS I 220 -39.73 -15.03 23.14
CA HIS I 220 -40.28 -14.39 24.34
C HIS I 220 -39.65 -13.02 24.54
N ASN I 221 -40.47 -12.07 24.98
CA ASN I 221 -40.05 -10.69 25.24
C ASN I 221 -39.39 -10.06 24.02
N PRO J 1 -85.94 -7.85 19.20
CA PRO J 1 -87.19 -7.94 19.95
C PRO J 1 -87.06 -8.76 21.25
N SER J 2 -86.05 -9.62 21.31
CA SER J 2 -85.79 -10.47 22.47
C SER J 2 -84.37 -11.04 22.31
N LEU J 3 -84.24 -12.13 21.58
CA LEU J 3 -82.93 -12.74 21.35
C LEU J 3 -82.54 -12.46 19.91
N SER J 4 -81.25 -12.29 19.68
CA SER J 4 -80.76 -12.03 18.33
C SER J 4 -80.76 -13.37 17.59
N LYS J 5 -80.65 -13.33 16.27
CA LYS J 5 -80.62 -14.55 15.47
C LYS J 5 -79.49 -15.44 15.99
N GLU J 6 -78.34 -14.81 16.24
CA GLU J 6 -77.16 -15.51 16.73
C GLU J 6 -77.43 -16.20 18.07
N ALA J 7 -77.96 -15.45 19.02
CA ALA J 7 -78.26 -15.99 20.35
C ALA J 7 -79.19 -17.20 20.24
N ALA J 8 -80.20 -17.10 19.39
CA ALA J 8 -81.17 -18.17 19.18
C ALA J 8 -80.45 -19.41 18.63
N LEU J 9 -79.73 -19.24 17.51
CA LEU J 9 -78.98 -20.32 16.87
C LEU J 9 -78.10 -21.06 17.86
N VAL J 10 -77.22 -20.33 18.54
CA VAL J 10 -76.32 -20.90 19.52
C VAL J 10 -77.07 -21.68 20.58
N HIS J 11 -78.11 -21.07 21.14
CA HIS J 11 -78.90 -21.73 22.17
C HIS J 11 -79.47 -23.04 21.68
N GLU J 12 -80.04 -23.03 20.48
CA GLU J 12 -80.63 -24.23 19.88
C GLU J 12 -79.55 -25.29 19.70
N ALA J 13 -78.42 -24.91 19.11
CA ALA J 13 -77.29 -25.81 18.86
C ALA J 13 -76.90 -26.52 20.13
N LEU J 14 -76.75 -25.76 21.21
CA LEU J 14 -76.38 -26.32 22.51
C LEU J 14 -77.44 -27.30 23.01
N VAL J 15 -78.72 -26.90 22.95
CA VAL J 15 -79.82 -27.75 23.40
C VAL J 15 -79.87 -29.04 22.60
N ALA J 16 -79.65 -28.94 21.30
CA ALA J 16 -79.64 -30.08 20.39
C ALA J 16 -78.59 -31.09 20.84
N ARG J 17 -77.35 -30.62 21.04
CA ARG J 17 -76.27 -31.49 21.48
C ARG J 17 -76.39 -31.89 22.95
N GLY J 18 -77.34 -31.31 23.66
CA GLY J 18 -77.52 -31.62 25.07
C GLY J 18 -76.35 -31.09 25.88
N LEU J 19 -75.82 -29.95 25.45
CA LEU J 19 -74.69 -29.30 26.10
C LEU J 19 -75.02 -28.00 26.80
N GLU J 20 -76.30 -27.68 26.89
CA GLU J 20 -76.72 -26.46 27.55
C GLU J 20 -76.60 -26.59 29.06
N THR J 21 -76.47 -25.45 29.72
CA THR J 21 -76.37 -25.42 31.17
C THR J 21 -77.73 -25.86 31.71
N PRO J 22 -77.76 -26.74 32.73
CA PRO J 22 -79.00 -27.24 33.32
C PRO J 22 -79.90 -26.10 33.79
N LEU J 23 -80.86 -25.73 32.97
CA LEU J 23 -81.77 -24.65 33.30
C LEU J 23 -83.23 -25.11 33.29
N ARG J 24 -84.04 -24.46 34.12
CA ARG J 24 -85.46 -24.74 34.22
C ARG J 24 -86.12 -23.49 33.70
N PRO J 25 -87.23 -23.63 32.96
CA PRO J 25 -87.91 -22.44 32.45
C PRO J 25 -88.39 -21.56 33.61
N PRO J 26 -88.33 -20.21 33.45
CA PRO J 26 -88.77 -19.29 34.50
C PRO J 26 -90.17 -19.61 34.99
N VAL J 27 -90.23 -20.05 36.25
CA VAL J 27 -91.49 -20.40 36.93
C VAL J 27 -92.54 -19.30 36.80
N HIS J 28 -92.09 -18.05 36.86
CA HIS J 28 -92.94 -16.87 36.75
C HIS J 28 -92.11 -15.73 36.22
N GLU J 29 -92.72 -14.87 35.42
CA GLU J 29 -92.02 -13.73 34.85
C GLU J 29 -91.71 -12.69 35.95
N MET J 30 -90.51 -12.79 36.50
CA MET J 30 -90.08 -11.86 37.55
C MET J 30 -89.10 -10.88 36.96
N ASP J 31 -89.14 -9.65 37.45
CA ASP J 31 -88.22 -8.61 36.99
C ASP J 31 -86.89 -8.99 37.63
N ASN J 32 -85.77 -8.73 36.96
CA ASN J 32 -84.47 -9.05 37.55
C ASN J 32 -84.39 -8.33 38.89
N GLU J 33 -85.06 -7.19 38.98
CA GLU J 33 -85.11 -6.38 40.19
C GLU J 33 -85.70 -7.17 41.36
N THR J 34 -86.83 -7.83 41.12
CA THR J 34 -87.44 -8.61 42.18
C THR J 34 -86.59 -9.83 42.51
N ARG J 35 -85.98 -10.44 41.50
CA ARG J 35 -85.13 -11.61 41.73
C ARG J 35 -83.96 -11.21 42.62
N LYS J 36 -83.32 -10.09 42.29
CA LYS J 36 -82.19 -9.59 43.06
C LYS J 36 -82.61 -9.37 44.49
N SER J 37 -83.73 -8.70 44.69
CA SER J 37 -84.18 -8.46 46.04
C SER J 37 -84.43 -9.76 46.80
N LEU J 38 -85.04 -10.74 46.14
CA LEU J 38 -85.29 -12.02 46.80
C LEU J 38 -83.99 -12.68 47.18
N ILE J 39 -83.02 -12.70 46.26
CA ILE J 39 -81.71 -13.30 46.49
C ILE J 39 -81.02 -12.58 47.67
N ALA J 40 -81.08 -11.26 47.66
CA ALA J 40 -80.49 -10.45 48.72
C ALA J 40 -81.10 -10.85 50.08
N GLY J 41 -82.40 -11.13 50.07
CA GLY J 41 -83.10 -11.53 51.28
C GLY J 41 -82.54 -12.84 51.81
N HIS J 42 -82.38 -13.81 50.91
CA HIS J 42 -81.84 -15.11 51.31
C HIS J 42 -80.42 -14.94 51.82
N MET J 43 -79.63 -14.07 51.18
CA MET J 43 -78.26 -13.83 51.60
C MET J 43 -78.25 -13.21 53.00
N THR J 44 -79.18 -12.28 53.26
CA THR J 44 -79.30 -11.65 54.58
C THR J 44 -79.45 -12.73 55.64
N GLU J 45 -80.32 -13.68 55.36
CA GLU J 45 -80.57 -14.80 56.27
C GLU J 45 -79.33 -15.66 56.45
N ILE J 46 -78.63 -15.99 55.36
CA ILE J 46 -77.43 -16.81 55.44
C ILE J 46 -76.36 -16.11 56.30
N MET J 47 -76.13 -14.83 56.04
CA MET J 47 -75.15 -14.06 56.79
C MET J 47 -75.52 -14.06 58.27
N GLN J 48 -76.79 -13.89 58.57
CA GLN J 48 -77.22 -13.90 59.96
C GLN J 48 -76.96 -15.27 60.58
N LEU J 49 -77.15 -16.33 59.81
CA LEU J 49 -76.91 -17.69 60.30
C LEU J 49 -75.41 -17.89 60.58
N LEU J 50 -74.58 -17.07 59.93
CA LEU J 50 -73.14 -17.13 60.11
C LEU J 50 -72.75 -16.21 61.27
N ASN J 51 -73.74 -15.55 61.85
CA ASN J 51 -73.61 -14.62 62.98
C ASN J 51 -72.90 -13.32 62.65
N LEU J 52 -72.94 -12.91 61.39
CA LEU J 52 -72.29 -11.67 61.00
C LEU J 52 -73.18 -10.49 61.37
N ASP J 53 -72.57 -9.47 61.98
CA ASP J 53 -73.31 -8.28 62.38
C ASP J 53 -73.60 -7.39 61.20
N LEU J 54 -74.71 -7.66 60.55
CA LEU J 54 -75.14 -6.89 59.40
C LEU J 54 -75.37 -5.40 59.63
N ALA J 55 -75.23 -4.94 60.88
CA ALA J 55 -75.42 -3.53 61.19
C ALA J 55 -74.16 -2.74 60.86
N ASP J 56 -73.05 -3.47 60.70
CA ASP J 56 -71.74 -2.90 60.39
C ASP J 56 -71.76 -2.30 58.99
N ASP J 57 -71.32 -1.05 58.87
CA ASP J 57 -71.30 -0.35 57.58
C ASP J 57 -70.68 -1.13 56.44
N SER J 58 -69.62 -1.86 56.71
CA SER J 58 -68.96 -2.63 55.68
C SER J 58 -69.75 -3.84 55.18
N LEU J 59 -70.47 -4.51 56.09
CA LEU J 59 -71.26 -5.69 55.73
C LEU J 59 -72.68 -5.37 55.27
N MET J 60 -73.20 -4.25 55.75
CA MET J 60 -74.53 -3.79 55.45
C MET J 60 -75.03 -4.00 54.02
N GLU J 61 -74.31 -3.49 53.04
CA GLU J 61 -74.74 -3.63 51.65
C GLU J 61 -74.38 -4.93 50.94
N THR J 62 -73.67 -5.83 51.63
CA THR J 62 -73.26 -7.08 51.01
C THR J 62 -74.39 -7.91 50.38
N PRO J 63 -75.49 -8.19 51.13
CA PRO J 63 -76.58 -8.98 50.54
C PRO J 63 -77.04 -8.46 49.19
N HIS J 64 -77.06 -7.14 49.05
CA HIS J 64 -77.49 -6.53 47.79
C HIS J 64 -76.37 -6.67 46.75
N ARG J 65 -75.13 -6.42 47.16
CA ARG J 65 -73.98 -6.51 46.27
C ARG J 65 -73.86 -7.92 45.68
N ILE J 66 -74.03 -8.94 46.51
CA ILE J 66 -73.97 -10.32 46.06
C ILE J 66 -75.13 -10.60 45.09
N ALA J 67 -76.34 -10.19 45.45
CA ALA J 67 -77.50 -10.41 44.58
C ALA J 67 -77.27 -9.80 43.19
N LYS J 68 -76.79 -8.57 43.15
CA LYS J 68 -76.54 -7.92 41.86
C LYS J 68 -75.44 -8.65 41.10
N MET J 69 -74.37 -9.02 41.80
CA MET J 69 -73.26 -9.74 41.16
C MET J 69 -73.73 -11.02 40.46
N TYR J 70 -74.56 -11.80 41.15
CA TYR J 70 -75.10 -13.03 40.60
C TYR J 70 -75.94 -12.75 39.34
N VAL J 71 -77.03 -12.02 39.50
CA VAL J 71 -77.94 -11.71 38.41
C VAL J 71 -77.33 -10.92 37.24
N ASP J 72 -76.67 -9.81 37.55
CA ASP J 72 -76.07 -8.94 36.54
C ASP J 72 -74.66 -9.24 36.08
N GLU J 73 -73.83 -9.76 36.96
CA GLU J 73 -72.46 -10.04 36.57
C GLU J 73 -72.01 -11.48 36.36
N ILE J 74 -71.49 -12.12 37.41
CA ILE J 74 -70.98 -13.49 37.28
C ILE J 74 -71.88 -14.60 36.71
N PHE J 75 -73.21 -14.42 36.73
CA PHE J 75 -74.09 -15.44 36.17
C PHE J 75 -74.93 -14.86 35.03
N SER J 76 -74.53 -13.70 34.53
CA SER J 76 -75.25 -13.05 33.44
C SER J 76 -75.30 -13.89 32.16
N GLY J 77 -74.36 -14.80 31.98
CA GLY J 77 -74.30 -15.63 30.80
C GLY J 77 -75.50 -16.55 30.67
N LEU J 78 -76.20 -16.80 31.78
CA LEU J 78 -77.38 -17.66 31.76
C LEU J 78 -78.55 -17.04 30.98
N ASP J 79 -78.48 -15.73 30.74
CA ASP J 79 -79.53 -15.03 30.03
C ASP J 79 -79.06 -14.67 28.63
N TYR J 80 -79.58 -15.35 27.61
CA TYR J 80 -79.20 -15.07 26.23
C TYR J 80 -79.49 -13.66 25.74
N ALA J 81 -80.13 -12.86 26.58
CA ALA J 81 -80.42 -11.48 26.22
C ALA J 81 -79.11 -10.69 26.33
N ASN J 82 -78.11 -11.30 26.96
CA ASN J 82 -76.79 -10.70 27.15
C ASN J 82 -75.77 -11.21 26.14
N PHE J 83 -76.19 -12.06 25.22
CA PHE J 83 -75.29 -12.61 24.20
C PHE J 83 -74.73 -11.44 23.40
N PRO J 84 -73.42 -11.45 23.14
CA PRO J 84 -72.79 -10.37 22.38
C PRO J 84 -73.28 -10.24 20.94
N LYS J 85 -73.06 -9.07 20.34
CA LYS J 85 -73.46 -8.84 18.96
C LYS J 85 -72.30 -9.35 18.11
N ILE J 86 -72.59 -10.26 17.20
CA ILE J 86 -71.54 -10.83 16.35
C ILE J 86 -71.36 -10.09 15.03
N THR J 87 -70.11 -9.74 14.72
CA THR J 87 -69.78 -9.05 13.49
C THR J 87 -68.89 -9.99 12.68
N LEU J 88 -69.28 -10.27 11.44
CA LEU J 88 -68.50 -11.15 10.57
C LEU J 88 -68.21 -10.42 9.27
N ILE J 89 -66.98 -10.50 8.78
CA ILE J 89 -66.63 -9.86 7.53
C ILE J 89 -66.36 -10.99 6.53
N GLU J 90 -66.63 -10.72 5.25
CA GLU J 90 -66.43 -11.70 4.20
C GLU J 90 -64.94 -12.05 4.12
N ASN J 91 -64.64 -13.34 4.04
CA ASN J 91 -63.27 -13.83 3.96
C ASN J 91 -62.69 -13.59 2.55
N LYS J 92 -62.59 -12.32 2.18
CA LYS J 92 -62.05 -11.95 0.87
C LYS J 92 -60.54 -12.18 0.87
N MET J 93 -59.91 -12.17 2.06
CA MET J 93 -58.47 -12.39 2.19
C MET J 93 -58.11 -13.82 1.80
N LYS J 94 -59.13 -14.65 1.68
CA LYS J 94 -58.99 -16.05 1.31
C LYS J 94 -58.02 -16.77 2.26
N VAL J 95 -58.29 -16.59 3.55
CA VAL J 95 -57.50 -17.20 4.59
C VAL J 95 -57.84 -18.68 4.67
N ASP J 96 -56.83 -19.55 4.56
CA ASP J 96 -57.05 -20.98 4.63
C ASP J 96 -56.27 -21.62 5.78
N GLU J 97 -55.53 -20.79 6.49
CA GLU J 97 -54.73 -21.23 7.63
C GLU J 97 -55.46 -20.78 8.89
N MET J 98 -55.23 -21.47 10.00
CA MET J 98 -55.91 -21.11 11.24
C MET J 98 -55.50 -19.79 11.83
N VAL J 99 -56.46 -19.15 12.48
CA VAL J 99 -56.29 -17.89 13.15
C VAL J 99 -56.37 -18.32 14.61
N THR J 100 -55.38 -17.94 15.40
CA THR J 100 -55.36 -18.32 16.81
C THR J 100 -55.42 -17.10 17.72
N VAL J 101 -56.34 -17.11 18.67
CA VAL J 101 -56.48 -16.03 19.61
C VAL J 101 -56.06 -16.76 20.88
N ARG J 102 -54.94 -16.36 21.45
CA ARG J 102 -54.43 -17.01 22.66
C ARG J 102 -54.51 -16.13 23.89
N ASP J 103 -54.39 -16.76 25.06
CA ASP J 103 -54.43 -16.10 26.35
C ASP J 103 -55.63 -15.19 26.60
N ILE J 104 -56.82 -15.69 26.27
CA ILE J 104 -58.05 -14.95 26.49
C ILE J 104 -58.31 -15.04 28.00
N THR J 105 -58.46 -13.90 28.67
CA THR J 105 -58.72 -13.91 30.12
C THR J 105 -60.06 -14.57 30.38
N LEU J 106 -60.07 -15.56 31.26
CA LEU J 106 -61.31 -16.26 31.59
C LEU J 106 -61.51 -16.42 33.09
N THR J 107 -62.66 -15.99 33.56
CA THR J 107 -63.02 -16.09 34.97
C THR J 107 -64.40 -16.70 34.97
N SER J 108 -64.55 -17.80 35.69
CA SER J 108 -65.81 -18.51 35.78
C SER J 108 -66.05 -18.96 37.23
N THR J 109 -67.05 -19.82 37.43
CA THR J 109 -67.40 -20.30 38.76
C THR J 109 -67.65 -21.80 38.77
N CYS J 110 -66.99 -22.53 39.65
CA CYS J 110 -67.16 -23.97 39.75
C CYS J 110 -68.51 -24.21 40.43
N GLU J 111 -69.49 -24.67 39.65
CA GLU J 111 -70.86 -24.94 40.14
C GLU J 111 -71.04 -25.86 41.34
N HIS J 112 -70.03 -26.65 41.69
CA HIS J 112 -70.14 -27.55 42.83
C HIS J 112 -69.96 -26.86 44.17
N HIS J 113 -69.37 -25.67 44.16
CA HIS J 113 -69.14 -24.92 45.39
C HIS J 113 -69.30 -23.42 45.20
N PHE J 114 -69.60 -23.01 43.97
CA PHE J 114 -69.77 -21.60 43.63
C PHE J 114 -68.54 -20.78 43.97
N VAL J 115 -67.36 -21.34 43.66
CA VAL J 115 -66.08 -20.69 43.92
C VAL J 115 -65.37 -20.36 42.60
N THR J 116 -64.52 -19.34 42.63
CA THR J 116 -63.79 -18.87 41.47
C THR J 116 -62.94 -19.86 40.69
N ILE J 117 -62.99 -19.73 39.37
CA ILE J 117 -62.22 -20.54 38.43
C ILE J 117 -61.51 -19.40 37.67
N ASP J 118 -60.19 -19.37 37.72
CA ASP J 118 -59.45 -18.34 37.04
C ASP J 118 -58.54 -19.04 36.04
N GLY J 119 -58.65 -18.66 34.77
CA GLY J 119 -57.83 -19.29 33.76
C GLY J 119 -57.70 -18.51 32.48
N LYS J 120 -57.19 -19.18 31.45
CA LYS J 120 -57.00 -18.58 30.15
C LYS J 120 -57.37 -19.58 29.08
N ALA J 121 -58.02 -19.07 28.03
CA ALA J 121 -58.45 -19.90 26.93
C ALA J 121 -57.73 -19.55 25.64
N THR J 122 -57.51 -20.57 24.82
CA THR J 122 -56.84 -20.43 23.54
C THR J 122 -57.87 -20.99 22.56
N VAL J 123 -58.27 -20.17 21.60
CA VAL J 123 -59.26 -20.52 20.60
C VAL J 123 -58.64 -20.32 19.25
N ALA J 124 -58.88 -21.24 18.33
CA ALA J 124 -58.36 -21.15 16.98
C ALA J 124 -59.42 -21.70 16.06
N TYR J 125 -59.43 -21.24 14.82
CA TYR J 125 -60.39 -21.70 13.83
C TYR J 125 -59.84 -21.43 12.43
N ILE J 126 -60.29 -22.19 11.44
CA ILE J 126 -59.84 -22.02 10.06
C ILE J 126 -61.03 -21.35 9.34
N PRO J 127 -60.87 -20.07 8.96
CA PRO J 127 -61.91 -19.28 8.29
C PRO J 127 -62.46 -19.95 7.04
N LYS J 128 -63.79 -20.00 6.94
CA LYS J 128 -64.41 -20.60 5.76
C LYS J 128 -64.92 -19.42 4.92
N ASP J 129 -66.21 -19.11 4.98
CA ASP J 129 -66.76 -17.99 4.21
C ASP J 129 -66.57 -16.65 4.90
N SER J 130 -66.55 -16.64 6.24
CA SER J 130 -66.39 -15.38 6.97
C SER J 130 -65.35 -15.42 8.08
N VAL J 131 -64.82 -14.23 8.38
CA VAL J 131 -63.81 -14.00 9.41
C VAL J 131 -64.54 -13.23 10.50
N ILE J 132 -64.37 -13.66 11.75
CA ILE J 132 -65.04 -13.02 12.87
C ILE J 132 -64.14 -11.96 13.52
N GLY J 133 -64.76 -10.93 14.10
CA GLY J 133 -63.98 -9.90 14.76
C GLY J 133 -63.30 -10.54 15.96
N LEU J 134 -61.99 -10.35 16.08
CA LEU J 134 -61.22 -10.91 17.20
C LEU J 134 -61.85 -10.67 18.56
N SER J 135 -62.28 -9.44 18.81
CA SER J 135 -62.92 -9.10 20.09
C SER J 135 -64.11 -10.00 20.39
N LYS J 136 -64.90 -10.31 19.35
CA LYS J 136 -66.08 -11.15 19.50
C LYS J 136 -65.74 -12.52 20.11
N ILE J 137 -64.60 -13.08 19.74
CA ILE J 137 -64.18 -14.37 20.29
C ILE J 137 -64.01 -14.24 21.81
N ASN J 138 -63.33 -13.18 22.24
CA ASN J 138 -63.13 -12.96 23.67
C ASN J 138 -64.48 -12.83 24.35
N ARG J 139 -65.40 -12.08 23.74
CA ARG J 139 -66.74 -11.88 24.30
C ARG J 139 -67.53 -13.17 24.44
N ILE J 140 -67.52 -14.02 23.42
CA ILE J 140 -68.24 -15.28 23.47
C ILE J 140 -67.68 -16.14 24.63
N VAL J 141 -66.36 -16.18 24.77
CA VAL J 141 -65.71 -16.95 25.85
C VAL J 141 -66.21 -16.41 27.20
N GLN J 142 -66.19 -15.09 27.34
CA GLN J 142 -66.65 -14.47 28.57
C GLN J 142 -68.12 -14.85 28.85
N PHE J 143 -68.99 -14.75 27.85
CA PHE J 143 -70.40 -15.08 27.99
C PHE J 143 -70.61 -16.43 28.67
N PHE J 144 -70.12 -17.48 28.04
CA PHE J 144 -70.27 -18.81 28.61
C PHE J 144 -69.52 -19.01 29.93
N ALA J 145 -68.48 -18.19 30.16
CA ALA J 145 -67.71 -18.28 31.38
C ALA J 145 -68.53 -17.73 32.54
N GLN J 146 -69.38 -16.73 32.27
CA GLN J 146 -70.24 -16.10 33.27
C GLN J 146 -71.48 -16.98 33.58
N ARG J 147 -71.25 -18.19 34.07
CA ARG J 147 -72.31 -19.15 34.40
C ARG J 147 -71.73 -20.14 35.39
N PRO J 148 -72.60 -20.86 36.14
CA PRO J 148 -72.05 -21.83 37.11
C PRO J 148 -71.54 -22.89 36.11
N GLN J 149 -70.24 -23.14 36.10
CA GLN J 149 -69.67 -24.10 35.17
C GLN J 149 -68.95 -25.29 35.76
N VAL J 150 -68.52 -26.12 34.83
CA VAL J 150 -67.76 -27.34 35.02
C VAL J 150 -66.91 -27.14 33.77
N GLN J 151 -65.60 -26.99 33.95
CA GLN J 151 -64.68 -26.76 32.85
C GLN J 151 -64.91 -27.63 31.62
N GLU J 152 -65.25 -28.91 31.86
CA GLU J 152 -65.52 -29.85 30.77
C GLU J 152 -66.69 -29.39 29.90
N ARG J 153 -67.70 -28.81 30.53
CA ARG J 153 -68.86 -28.31 29.79
C ARG J 153 -68.52 -26.98 29.13
N LEU J 154 -67.90 -26.06 29.89
CA LEU J 154 -67.51 -24.73 29.39
C LEU J 154 -66.75 -24.79 28.07
N THR J 155 -65.75 -25.65 28.00
CA THR J 155 -64.95 -25.81 26.79
C THR J 155 -65.84 -26.26 25.63
N GLN J 156 -66.71 -27.25 25.86
CA GLN J 156 -67.63 -27.76 24.82
C GLN J 156 -68.55 -26.66 24.31
N GLN J 157 -69.17 -25.92 25.23
CA GLN J 157 -70.08 -24.84 24.88
C GLN J 157 -69.44 -23.81 23.99
N ILE J 158 -68.25 -23.35 24.34
CA ILE J 158 -67.54 -22.35 23.54
C ILE J 158 -67.30 -22.89 22.13
N LEU J 159 -66.84 -24.14 22.05
CA LEU J 159 -66.58 -24.78 20.78
C LEU J 159 -67.81 -24.71 19.88
N ILE J 160 -68.93 -25.27 20.36
CA ILE J 160 -70.18 -25.28 19.60
C ILE J 160 -70.67 -23.90 19.20
N ALA J 161 -70.71 -22.96 20.14
CA ALA J 161 -71.16 -21.61 19.85
C ALA J 161 -70.36 -21.06 18.66
N LEU J 162 -69.03 -21.25 18.69
CA LEU J 162 -68.16 -20.77 17.61
C LEU J 162 -68.40 -21.49 16.29
N GLN J 163 -68.51 -22.81 16.33
CA GLN J 163 -68.74 -23.58 15.12
C GLN J 163 -70.02 -23.07 14.45
N THR J 164 -71.06 -22.91 15.26
CA THR J 164 -72.36 -22.43 14.80
C THR J 164 -72.28 -21.05 14.14
N LEU J 165 -71.69 -20.09 14.84
CA LEU J 165 -71.55 -18.75 14.30
C LEU J 165 -70.64 -18.62 13.09
N LEU J 166 -69.50 -19.33 13.10
CA LEU J 166 -68.57 -19.27 11.98
C LEU J 166 -68.98 -20.14 10.79
N GLY J 167 -69.85 -21.11 11.04
CA GLY J 167 -70.30 -21.99 9.99
C GLY J 167 -69.19 -22.89 9.52
N THR J 168 -68.41 -23.38 10.48
CA THR J 168 -67.29 -24.26 10.19
C THR J 168 -67.10 -25.14 11.41
N ASN J 169 -66.78 -26.41 11.20
CA ASN J 169 -66.56 -27.31 12.32
C ASN J 169 -65.09 -27.22 12.75
N ASN J 170 -64.27 -26.60 11.91
CA ASN J 170 -62.85 -26.43 12.17
C ASN J 170 -62.63 -25.36 13.21
N VAL J 171 -62.86 -25.72 14.46
CA VAL J 171 -62.70 -24.80 15.58
C VAL J 171 -62.07 -25.65 16.68
N ALA J 172 -61.23 -25.03 17.50
CA ALA J 172 -60.55 -25.71 18.58
C ALA J 172 -60.55 -24.76 19.76
N VAL J 173 -60.78 -25.31 20.95
CA VAL J 173 -60.80 -24.53 22.18
C VAL J 173 -60.06 -25.31 23.23
N SER J 174 -59.15 -24.62 23.94
CA SER J 174 -58.37 -25.23 25.00
C SER J 174 -58.42 -24.23 26.14
N ILE J 175 -58.69 -24.72 27.34
CA ILE J 175 -58.78 -23.87 28.52
C ILE J 175 -57.93 -24.46 29.62
N ASP J 176 -57.10 -23.62 30.21
CA ASP J 176 -56.20 -24.01 31.29
C ASP J 176 -56.66 -23.11 32.41
N ALA J 177 -57.02 -23.68 33.56
CA ALA J 177 -57.51 -22.89 34.69
C ALA J 177 -57.24 -23.47 36.04
N VAL J 178 -57.22 -22.58 37.03
CA VAL J 178 -56.99 -22.91 38.43
C VAL J 178 -58.35 -22.83 39.10
N HIS J 179 -58.71 -23.88 39.82
CA HIS J 179 -59.99 -23.91 40.51
C HIS J 179 -59.79 -23.64 42.00
N TYR J 180 -60.35 -22.55 42.51
CA TYR J 180 -60.19 -22.27 43.93
C TYR J 180 -60.98 -23.25 44.76
N CYS J 181 -61.83 -24.01 44.06
CA CYS J 181 -62.67 -25.08 44.63
C CYS J 181 -61.67 -26.08 45.23
N VAL J 182 -60.53 -26.21 44.54
CA VAL J 182 -59.43 -27.11 44.91
C VAL J 182 -58.34 -26.44 45.75
N LYS J 183 -57.96 -25.23 45.36
CA LYS J 183 -56.91 -24.48 46.04
C LYS J 183 -57.27 -23.79 47.36
N ALA J 184 -58.32 -23.00 47.34
CA ALA J 184 -58.75 -22.26 48.53
C ALA J 184 -59.39 -23.05 49.64
N ARG J 185 -59.81 -24.27 49.33
CA ARG J 185 -60.47 -25.09 50.31
C ARG J 185 -60.32 -26.58 49.94
N GLY J 186 -60.90 -27.47 50.75
CA GLY J 186 -60.82 -28.90 50.47
C GLY J 186 -59.42 -29.42 50.65
N ILE J 187 -58.86 -30.00 49.59
CA ILE J 187 -57.50 -30.52 49.66
C ILE J 187 -56.45 -29.39 49.68
N ARG J 188 -56.85 -28.19 49.25
CA ARG J 188 -55.98 -27.03 49.22
C ARG J 188 -54.66 -27.25 48.48
N ASP J 189 -54.76 -27.69 47.23
CA ASP J 189 -53.58 -27.91 46.42
C ASP J 189 -53.26 -26.54 45.82
N ALA J 190 -52.15 -25.96 46.25
CA ALA J 190 -51.71 -24.65 45.79
C ALA J 190 -51.04 -24.58 44.41
N THR J 191 -50.75 -25.71 43.77
CA THR J 191 -50.10 -25.68 42.47
C THR J 191 -50.80 -26.28 41.24
N SER J 192 -51.73 -27.20 41.45
CA SER J 192 -52.42 -27.82 40.32
C SER J 192 -53.31 -26.92 39.49
N ALA J 193 -53.39 -27.23 38.20
CA ALA J 193 -54.20 -26.50 37.24
C ALA J 193 -54.77 -27.56 36.32
N THR J 194 -55.97 -27.33 35.80
CA THR J 194 -56.63 -28.27 34.91
C THR J 194 -56.67 -27.74 33.48
N THR J 195 -56.43 -28.61 32.52
CA THR J 195 -56.43 -28.24 31.13
C THR J 195 -57.43 -29.13 30.43
N THR J 196 -58.33 -28.53 29.67
CA THR J 196 -59.35 -29.26 28.93
C THR J 196 -59.37 -28.74 27.51
N THR J 197 -59.53 -29.62 26.53
CA THR J 197 -59.55 -29.18 25.15
C THR J 197 -60.69 -29.86 24.42
N SER J 198 -61.27 -29.16 23.45
CA SER J 198 -62.35 -29.68 22.64
C SER J 198 -61.94 -29.31 21.21
N LEU J 199 -61.90 -30.31 20.35
CA LEU J 199 -61.47 -30.10 18.96
C LEU J 199 -62.55 -30.48 17.97
N GLY J 200 -62.76 -29.63 16.98
CA GLY J 200 -63.75 -29.88 15.97
C GLY J 200 -63.08 -29.90 14.60
N GLY J 201 -63.77 -30.52 13.64
CA GLY J 201 -63.26 -30.59 12.28
C GLY J 201 -61.86 -31.15 12.13
N LEU J 202 -61.07 -30.50 11.28
CA LEU J 202 -59.70 -30.88 11.00
C LEU J 202 -58.84 -30.98 12.26
N PHE J 203 -59.16 -30.17 13.27
CA PHE J 203 -58.39 -30.18 14.52
C PHE J 203 -58.52 -31.49 15.25
N LYS J 204 -59.50 -32.31 14.85
CA LYS J 204 -59.70 -33.60 15.48
C LYS J 204 -59.33 -34.70 14.51
N SER J 205 -59.66 -34.49 13.25
CA SER J 205 -59.38 -35.45 12.18
C SER J 205 -57.91 -35.46 11.76
N SER J 206 -57.44 -34.32 11.26
CA SER J 206 -56.07 -34.17 10.80
C SER J 206 -55.08 -34.09 11.93
N GLN J 207 -54.26 -35.13 12.08
CA GLN J 207 -53.25 -35.16 13.13
C GLN J 207 -52.28 -34.00 12.95
N ASN J 208 -52.04 -33.63 11.70
CA ASN J 208 -51.16 -32.52 11.35
C ASN J 208 -51.70 -31.21 11.94
N THR J 209 -52.95 -30.90 11.61
CA THR J 209 -53.62 -29.70 12.08
C THR J 209 -53.76 -29.73 13.60
N ARG J 210 -54.15 -30.88 14.12
CA ARG J 210 -54.34 -31.10 15.54
C ARG J 210 -53.11 -30.73 16.34
N HIS J 211 -51.96 -31.28 15.95
CA HIS J 211 -50.72 -30.98 16.64
C HIS J 211 -50.25 -29.55 16.48
N GLU J 212 -50.50 -28.94 15.33
CA GLU J 212 -50.09 -27.55 15.11
C GLU J 212 -50.78 -26.69 16.16
N PHE J 213 -52.07 -26.94 16.38
CA PHE J 213 -52.84 -26.19 17.36
C PHE J 213 -52.35 -26.52 18.77
N LEU J 214 -52.27 -27.80 19.11
CA LEU J 214 -51.81 -28.22 20.42
C LEU J 214 -50.44 -27.65 20.77
N ARG J 215 -49.55 -27.59 19.80
CA ARG J 215 -48.20 -27.05 19.99
C ARG J 215 -48.27 -25.56 20.34
N ALA J 216 -49.24 -24.85 19.77
CA ALA J 216 -49.40 -23.43 20.03
C ALA J 216 -50.03 -23.12 21.38
N VAL J 217 -50.85 -24.04 21.87
CA VAL J 217 -51.53 -23.90 23.14
C VAL J 217 -50.61 -23.68 24.34
N ARG J 218 -51.04 -22.75 25.20
CA ARG J 218 -50.35 -22.35 26.43
C ARG J 218 -49.04 -21.59 26.26
N HIS J 219 -48.84 -20.62 27.15
CA HIS J 219 -47.66 -19.77 27.19
C HIS J 219 -47.29 -19.65 28.67
N HIS J 220 -46.57 -18.60 29.06
CA HIS J 220 -46.18 -18.44 30.46
C HIS J 220 -46.53 -17.06 30.97
N ASN J 221 -46.97 -16.99 32.22
CA ASN J 221 -47.36 -15.75 32.88
C ASN J 221 -48.40 -14.97 32.09
N PRO K 1 19.92 -21.56 -2.57
CA PRO K 1 20.65 -22.47 -1.67
C PRO K 1 22.14 -22.61 -2.01
N SER K 2 22.49 -22.28 -3.25
CA SER K 2 23.87 -22.35 -3.73
C SER K 2 23.91 -21.58 -5.06
N LEU K 3 23.62 -22.27 -6.16
CA LEU K 3 23.62 -21.64 -7.48
C LEU K 3 22.19 -21.45 -7.90
N SER K 4 21.92 -20.36 -8.61
CA SER K 4 20.58 -20.06 -9.08
C SER K 4 20.31 -20.96 -10.29
N LYS K 5 19.06 -21.06 -10.70
CA LYS K 5 18.69 -21.87 -11.85
C LYS K 5 19.49 -21.41 -13.07
N GLU K 6 19.58 -20.09 -13.22
CA GLU K 6 20.31 -19.47 -14.32
C GLU K 6 21.79 -19.84 -14.30
N ALA K 7 22.45 -19.63 -13.15
CA ALA K 7 23.86 -19.95 -13.01
C ALA K 7 24.12 -21.41 -13.39
N ALA K 8 23.28 -22.31 -12.89
CA ALA K 8 23.39 -23.75 -13.18
C ALA K 8 23.28 -24.02 -14.68
N LEU K 9 22.22 -23.49 -15.30
CA LEU K 9 21.98 -23.67 -16.73
C LEU K 9 23.16 -23.22 -17.56
N VAL K 10 23.60 -21.98 -17.35
CA VAL K 10 24.72 -21.41 -18.07
C VAL K 10 25.99 -22.26 -17.88
N HIS K 11 26.28 -22.64 -16.65
CA HIS K 11 27.46 -23.46 -16.39
C HIS K 11 27.42 -24.77 -17.16
N GLU K 12 26.27 -25.45 -17.13
CA GLU K 12 26.10 -26.72 -17.83
C GLU K 12 26.28 -26.49 -19.32
N ALA K 13 25.62 -25.48 -19.88
CA ALA K 13 25.71 -25.15 -21.31
C ALA K 13 27.18 -25.02 -21.72
N LEU K 14 27.94 -24.23 -20.98
CA LEU K 14 29.36 -24.03 -21.27
C LEU K 14 30.16 -25.32 -21.19
N VAL K 15 29.94 -26.12 -20.15
CA VAL K 15 30.65 -27.38 -19.99
C VAL K 15 30.31 -28.32 -21.17
N ALA K 16 29.05 -28.33 -21.57
CA ALA K 16 28.56 -29.16 -22.67
C ALA K 16 29.33 -28.83 -23.94
N ARG K 17 29.40 -27.54 -24.28
CA ARG K 17 30.11 -27.12 -25.48
C ARG K 17 31.64 -27.15 -25.31
N GLY K 18 32.09 -27.42 -24.09
CA GLY K 18 33.53 -27.47 -23.83
C GLY K 18 34.14 -26.10 -23.92
N LEU K 19 33.35 -25.09 -23.52
CA LEU K 19 33.78 -23.71 -23.54
C LEU K 19 33.99 -23.10 -22.14
N GLU K 20 33.92 -23.94 -21.12
CA GLU K 20 34.14 -23.44 -19.76
C GLU K 20 35.60 -23.13 -19.52
N THR K 21 35.84 -22.25 -18.55
CA THR K 21 37.20 -21.85 -18.20
C THR K 21 37.84 -23.07 -17.55
N PRO K 22 39.09 -23.41 -17.93
CA PRO K 22 39.80 -24.57 -17.36
C PRO K 22 39.85 -24.54 -15.84
N LEU K 23 38.94 -25.26 -15.20
CA LEU K 23 38.89 -25.30 -13.75
C LEU K 23 38.97 -26.71 -13.21
N ARG K 24 39.56 -26.84 -12.04
CA ARG K 24 39.70 -28.11 -11.37
C ARG K 24 38.77 -28.02 -10.16
N PRO K 25 38.13 -29.13 -9.79
CA PRO K 25 37.23 -29.08 -8.63
C PRO K 25 38.04 -28.71 -7.37
N PRO K 26 37.44 -27.93 -6.46
CA PRO K 26 38.14 -27.53 -5.23
C PRO K 26 38.70 -28.73 -4.48
N VAL K 27 40.02 -28.78 -4.41
CA VAL K 27 40.75 -29.87 -3.74
C VAL K 27 40.26 -30.10 -2.30
N HIS K 28 39.90 -29.00 -1.63
CA HIS K 28 39.38 -29.02 -0.27
C HIS K 28 38.52 -27.79 -0.06
N GLU K 29 37.46 -27.94 0.71
CA GLU K 29 36.56 -26.83 1.00
C GLU K 29 37.27 -25.81 1.89
N MET K 30 37.83 -24.77 1.27
CA MET K 30 38.52 -23.73 2.02
C MET K 30 37.64 -22.49 1.99
N ASP K 31 37.73 -21.68 3.04
CA ASP K 31 36.96 -20.45 3.11
C ASP K 31 37.71 -19.49 2.19
N ASN K 32 37.00 -18.57 1.54
CA ASN K 32 37.67 -17.61 0.66
C ASN K 32 38.72 -16.88 1.50
N GLU K 33 38.43 -16.73 2.80
CA GLU K 33 39.31 -16.07 3.77
C GLU K 33 40.65 -16.78 3.87
N THR K 34 40.64 -18.10 3.99
CA THR K 34 41.88 -18.87 4.08
C THR K 34 42.61 -18.85 2.74
N ARG K 35 41.85 -18.87 1.64
CA ARG K 35 42.46 -18.83 0.32
C ARG K 35 43.18 -17.51 0.15
N LYS K 36 42.52 -16.42 0.53
CA LYS K 36 43.10 -15.08 0.44
C LYS K 36 44.40 -15.02 1.20
N SER K 37 44.36 -15.48 2.46
CA SER K 37 45.56 -15.46 3.29
C SER K 37 46.70 -16.27 2.68
N LEU K 38 46.40 -17.45 2.14
CA LEU K 38 47.43 -18.28 1.50
C LEU K 38 48.03 -17.57 0.28
N ILE K 39 47.18 -17.02 -0.56
CA ILE K 39 47.61 -16.30 -1.76
C ILE K 39 48.49 -15.12 -1.32
N ALA K 40 48.04 -14.42 -0.28
CA ALA K 40 48.76 -13.28 0.28
C ALA K 40 50.16 -13.73 0.66
N GLY K 41 50.24 -14.87 1.35
CA GLY K 41 51.52 -15.41 1.75
C GLY K 41 52.45 -15.59 0.56
N HIS K 42 51.95 -16.26 -0.48
CA HIS K 42 52.74 -16.49 -1.70
C HIS K 42 53.17 -15.18 -2.33
N MET K 43 52.30 -14.17 -2.29
CA MET K 43 52.63 -12.86 -2.84
C MET K 43 53.75 -12.24 -2.03
N THR K 44 53.70 -12.38 -0.71
CA THR K 44 54.73 -11.83 0.17
C THR K 44 56.10 -12.39 -0.25
N GLU K 45 56.14 -13.69 -0.51
CA GLU K 45 57.36 -14.34 -0.93
C GLU K 45 57.84 -13.79 -2.27
N ILE K 46 56.93 -13.67 -3.24
CA ILE K 46 57.27 -13.15 -4.57
C ILE K 46 57.84 -11.73 -4.46
N MET K 47 57.18 -10.86 -3.71
CA MET K 47 57.64 -9.49 -3.53
C MET K 47 59.03 -9.49 -2.91
N GLN K 48 59.26 -10.36 -1.92
CA GLN K 48 60.56 -10.46 -1.27
C GLN K 48 61.62 -10.93 -2.28
N LEU K 49 61.25 -11.85 -3.15
CA LEU K 49 62.18 -12.35 -4.18
C LEU K 49 62.54 -11.20 -5.13
N LEU K 50 61.63 -10.24 -5.28
CA LEU K 50 61.86 -9.08 -6.13
C LEU K 50 62.67 -8.02 -5.37
N ASN K 51 62.97 -8.31 -4.10
CA ASN K 51 63.73 -7.43 -3.21
C ASN K 51 63.00 -6.18 -2.74
N LEU K 52 61.68 -6.22 -2.74
CA LEU K 52 60.91 -5.07 -2.30
C LEU K 52 60.87 -5.03 -0.77
N ASP K 53 61.08 -3.84 -0.22
CA ASP K 53 61.08 -3.67 1.23
C ASP K 53 59.65 -3.63 1.75
N LEU K 54 59.13 -4.81 2.09
CA LEU K 54 57.77 -4.92 2.61
C LEU K 54 57.49 -4.19 3.93
N ALA K 55 58.51 -3.55 4.49
CA ALA K 55 58.35 -2.80 5.73
C ALA K 55 57.79 -1.41 5.41
N ASP K 56 57.90 -1.00 4.15
CA ASP K 56 57.42 0.31 3.71
C ASP K 56 55.90 0.35 3.82
N ASP K 57 55.38 1.39 4.47
CA ASP K 57 53.94 1.55 4.66
C ASP K 57 53.12 1.35 3.39
N SER K 58 53.62 1.89 2.27
CA SER K 58 52.92 1.78 1.00
C SER K 58 52.86 0.36 0.41
N LEU K 59 53.92 -0.43 0.60
CA LEU K 59 53.99 -1.79 0.09
C LEU K 59 53.46 -2.85 1.06
N MET K 60 53.48 -2.51 2.34
CA MET K 60 53.03 -3.37 3.43
C MET K 60 51.75 -4.16 3.19
N GLU K 61 50.67 -3.47 2.87
CA GLU K 61 49.39 -4.12 2.64
C GLU K 61 49.16 -4.72 1.24
N THR K 62 50.11 -4.54 0.33
CA THR K 62 49.96 -5.06 -1.02
C THR K 62 49.62 -6.56 -1.13
N PRO K 63 50.37 -7.46 -0.45
CA PRO K 63 50.05 -8.89 -0.56
C PRO K 63 48.58 -9.18 -0.27
N HIS K 64 48.03 -8.49 0.72
CA HIS K 64 46.62 -8.69 1.07
C HIS K 64 45.73 -8.10 -0.01
N ARG K 65 46.05 -6.88 -0.45
CA ARG K 65 45.27 -6.21 -1.50
C ARG K 65 45.20 -7.02 -2.77
N ILE K 66 46.30 -7.62 -3.17
CA ILE K 66 46.33 -8.44 -4.37
C ILE K 66 45.46 -9.67 -4.15
N ALA K 67 45.65 -10.33 -3.00
CA ALA K 67 44.88 -11.52 -2.66
C ALA K 67 43.39 -11.27 -2.74
N LYS K 68 42.94 -10.18 -2.12
CA LYS K 68 41.52 -9.82 -2.12
C LYS K 68 41.04 -9.53 -3.54
N MET K 69 41.83 -8.78 -4.30
CA MET K 69 41.51 -8.44 -5.68
C MET K 69 41.26 -9.69 -6.51
N TYR K 70 42.16 -10.68 -6.38
CA TYR K 70 42.04 -11.93 -7.11
C TYR K 70 40.77 -12.66 -6.77
N VAL K 71 40.64 -13.07 -5.51
CA VAL K 71 39.49 -13.82 -5.04
C VAL K 71 38.14 -13.10 -5.12
N ASP K 72 38.08 -11.86 -4.64
CA ASP K 72 36.83 -11.10 -4.63
C ASP K 72 36.50 -10.26 -5.84
N GLU K 73 37.52 -9.74 -6.51
CA GLU K 73 37.27 -8.89 -7.67
C GLU K 73 37.57 -9.42 -9.07
N ILE K 74 38.77 -9.15 -9.58
CA ILE K 74 39.12 -9.57 -10.94
C ILE K 74 38.92 -11.02 -11.35
N PHE K 75 38.87 -11.95 -10.40
CA PHE K 75 38.66 -13.36 -10.77
C PHE K 75 37.37 -13.92 -10.16
N SER K 76 36.50 -13.02 -9.68
CA SER K 76 35.24 -13.44 -9.07
C SER K 76 34.32 -14.19 -10.03
N GLY K 77 34.50 -13.98 -11.33
CA GLY K 77 33.68 -14.65 -12.33
C GLY K 77 33.84 -16.15 -12.33
N LEU K 78 34.93 -16.65 -11.74
CA LEU K 78 35.18 -18.08 -11.67
C LEU K 78 34.20 -18.80 -10.74
N ASP K 79 33.56 -18.04 -9.85
CA ASP K 79 32.62 -18.61 -8.89
C ASP K 79 31.20 -18.25 -9.28
N TYR K 80 30.44 -19.25 -9.73
CA TYR K 80 29.05 -19.03 -10.14
C TYR K 80 28.11 -18.55 -9.04
N ALA K 81 28.63 -18.41 -7.82
CA ALA K 81 27.82 -17.92 -6.72
C ALA K 81 27.73 -16.41 -6.89
N ASN K 82 28.53 -15.88 -7.81
CA ASN K 82 28.57 -14.46 -8.12
C ASN K 82 27.81 -14.12 -9.39
N PHE K 83 27.17 -15.11 -9.99
CA PHE K 83 26.41 -14.91 -11.21
C PHE K 83 25.27 -13.94 -10.91
N PRO K 84 25.04 -12.96 -11.78
CA PRO K 84 23.98 -11.97 -11.59
C PRO K 84 22.58 -12.56 -11.60
N LYS K 85 21.64 -11.81 -11.01
CA LYS K 85 20.25 -12.24 -10.97
C LYS K 85 19.66 -11.80 -12.29
N ILE K 86 19.06 -12.73 -13.03
CA ILE K 86 18.47 -12.39 -14.32
C ILE K 86 16.97 -12.07 -14.25
N THR K 87 16.60 -10.93 -14.83
CA THR K 87 15.20 -10.51 -14.87
C THR K 87 14.76 -10.46 -16.32
N LEU K 88 13.71 -11.21 -16.65
CA LEU K 88 13.19 -11.24 -18.01
C LEU K 88 11.72 -10.83 -17.98
N ILE K 89 11.30 -10.05 -18.96
CA ILE K 89 9.91 -9.61 -19.02
C ILE K 89 9.36 -10.23 -20.30
N GLU K 90 8.06 -10.49 -20.30
CA GLU K 90 7.38 -11.09 -21.44
C GLU K 90 7.44 -10.13 -22.63
N ASN K 91 7.77 -10.67 -23.81
CA ASN K 91 7.88 -9.87 -25.01
C ASN K 91 6.49 -9.52 -25.55
N LYS K 92 5.71 -8.78 -24.76
CA LYS K 92 4.37 -8.38 -25.17
C LYS K 92 4.47 -7.30 -26.26
N MET K 93 5.61 -6.60 -26.31
CA MET K 93 5.83 -5.55 -27.31
C MET K 93 5.89 -6.17 -28.70
N LYS K 94 6.12 -7.48 -28.73
CA LYS K 94 6.22 -8.25 -29.96
C LYS K 94 7.37 -7.70 -30.82
N VAL K 95 8.53 -7.58 -30.19
CA VAL K 95 9.73 -7.08 -30.85
C VAL K 95 10.27 -8.23 -31.70
N ASP K 96 10.49 -7.95 -32.98
CA ASP K 96 11.02 -8.95 -33.91
C ASP K 96 12.31 -8.47 -34.54
N GLU K 97 12.75 -7.27 -34.16
CA GLU K 97 13.98 -6.68 -34.66
C GLU K 97 15.02 -6.78 -33.55
N MET K 98 16.29 -6.81 -33.91
CA MET K 98 17.34 -6.92 -32.91
C MET K 98 17.47 -5.70 -32.02
N VAL K 99 17.82 -5.98 -30.77
CA VAL K 99 18.04 -4.98 -29.73
C VAL K 99 19.55 -5.02 -29.59
N THR K 100 20.20 -3.86 -29.73
CA THR K 100 21.64 -3.76 -29.62
C THR K 100 22.09 -2.93 -28.44
N VAL K 101 23.02 -3.46 -27.66
CA VAL K 101 23.56 -2.78 -26.50
C VAL K 101 25.02 -2.64 -26.93
N ARG K 102 25.43 -1.41 -27.18
CA ARG K 102 26.80 -1.15 -27.63
C ARG K 102 27.66 -0.45 -26.59
N ASP K 103 28.96 -0.54 -26.78
CA ASP K 103 29.96 0.07 -25.91
C ASP K 103 29.89 -0.33 -24.44
N ILE K 104 29.75 -1.62 -24.19
CA ILE K 104 29.68 -2.14 -22.82
C ILE K 104 31.14 -2.15 -22.33
N THR K 105 31.42 -1.45 -21.23
CA THR K 105 32.77 -1.39 -20.67
C THR K 105 33.19 -2.80 -20.24
N LEU K 106 34.34 -3.24 -20.75
CA LEU K 106 34.84 -4.57 -20.43
C LEU K 106 36.30 -4.50 -20.01
N THR K 107 36.61 -5.09 -18.86
CA THR K 107 37.95 -5.14 -18.32
C THR K 107 38.15 -6.59 -17.90
N SER K 108 39.14 -7.24 -18.49
CA SER K 108 39.44 -8.64 -18.21
C SER K 108 40.96 -8.82 -18.00
N THR K 109 41.42 -10.07 -17.95
CA THR K 109 42.83 -10.37 -17.73
C THR K 109 43.35 -11.44 -18.69
N CYS K 110 44.42 -11.15 -19.42
CA CYS K 110 44.98 -12.12 -20.36
C CYS K 110 45.68 -13.19 -19.52
N GLU K 111 45.10 -14.40 -19.50
CA GLU K 111 45.60 -15.54 -18.74
C GLU K 111 47.03 -16.01 -18.99
N HIS K 112 47.64 -15.57 -20.08
CA HIS K 112 49.02 -15.98 -20.40
C HIS K 112 50.07 -15.19 -19.61
N HIS K 113 49.71 -14.03 -19.08
CA HIS K 113 50.64 -13.20 -18.32
C HIS K 113 49.93 -12.51 -17.16
N PHE K 114 48.62 -12.70 -17.06
CA PHE K 114 47.80 -12.08 -16.02
C PHE K 114 47.89 -10.56 -16.07
N VAL K 115 47.76 -10.01 -17.27
CA VAL K 115 47.83 -8.56 -17.49
C VAL K 115 46.50 -8.06 -18.02
N THR K 116 46.17 -6.80 -17.71
CA THR K 116 44.93 -6.17 -18.12
C THR K 116 44.57 -6.26 -19.60
N ILE K 117 43.26 -6.41 -19.84
CA ILE K 117 42.65 -6.45 -21.17
C ILE K 117 41.59 -5.37 -20.96
N ASP K 118 41.64 -4.31 -21.74
CA ASP K 118 40.67 -3.24 -21.59
C ASP K 118 40.00 -3.09 -22.94
N GLY K 119 38.68 -3.18 -22.98
CA GLY K 119 37.97 -3.05 -24.24
C GLY K 119 36.50 -2.76 -24.08
N LYS K 120 35.76 -2.94 -25.17
CA LYS K 120 34.33 -2.71 -25.20
C LYS K 120 33.63 -3.80 -25.96
N ALA K 121 32.44 -4.19 -25.51
CA ALA K 121 31.66 -5.24 -26.15
C ALA K 121 30.36 -4.68 -26.70
N THR K 122 29.90 -5.26 -27.81
CA THR K 122 28.66 -4.88 -28.45
C THR K 122 27.91 -6.18 -28.52
N VAL K 123 26.76 -6.21 -27.88
CA VAL K 123 25.91 -7.39 -27.82
C VAL K 123 24.59 -7.05 -28.49
N ALA K 124 24.05 -7.99 -29.25
CA ALA K 124 22.77 -7.77 -29.91
C ALA K 124 22.04 -9.09 -29.95
N TYR K 125 20.72 -9.04 -29.92
CA TYR K 125 19.91 -10.25 -29.96
C TYR K 125 18.52 -9.90 -30.46
N ILE K 126 17.80 -10.89 -30.98
CA ILE K 126 16.45 -10.68 -31.48
C ILE K 126 15.56 -11.39 -30.43
N PRO K 127 14.75 -10.61 -29.68
CA PRO K 127 13.86 -11.14 -28.65
C PRO K 127 12.90 -12.19 -29.18
N LYS K 128 12.77 -13.28 -28.44
CA LYS K 128 11.84 -14.34 -28.85
C LYS K 128 10.67 -14.21 -27.88
N ASP K 129 10.60 -15.06 -26.88
CA ASP K 129 9.50 -14.99 -25.92
C ASP K 129 9.69 -13.95 -24.83
N SER K 130 10.94 -13.67 -24.47
CA SER K 130 11.22 -12.69 -23.43
C SER K 130 12.28 -11.67 -23.80
N VAL K 131 12.20 -10.52 -23.14
CA VAL K 131 13.12 -9.39 -23.32
C VAL K 131 13.88 -9.34 -22.00
N ILE K 132 15.20 -9.17 -22.06
CA ILE K 132 16.03 -9.13 -20.85
C ILE K 132 16.29 -7.68 -20.41
N GLY K 133 16.48 -7.48 -19.11
CA GLY K 133 16.77 -6.13 -18.62
C GLY K 133 18.14 -5.74 -19.17
N LEU K 134 18.22 -4.59 -19.83
CA LEU K 134 19.47 -4.10 -20.42
C LEU K 134 20.68 -4.21 -19.49
N SER K 135 20.54 -3.76 -18.25
CA SER K 135 21.62 -3.83 -17.28
C SER K 135 22.17 -5.26 -17.14
N LYS K 136 21.28 -6.25 -17.18
CA LYS K 136 21.67 -7.66 -17.06
C LYS K 136 22.70 -8.06 -18.11
N ILE K 137 22.55 -7.54 -19.33
CA ILE K 137 23.50 -7.86 -20.40
C ILE K 137 24.90 -7.38 -19.99
N ASN K 138 24.97 -6.15 -19.49
CA ASN K 138 26.24 -5.59 -19.06
C ASN K 138 26.81 -6.46 -17.93
N ARG K 139 25.97 -6.83 -16.98
CA ARG K 139 26.40 -7.66 -15.84
C ARG K 139 26.94 -9.01 -16.27
N ILE K 140 26.27 -9.67 -17.21
CA ILE K 140 26.71 -10.98 -17.72
C ILE K 140 28.09 -10.81 -18.37
N VAL K 141 28.25 -9.77 -19.18
CA VAL K 141 29.53 -9.50 -19.84
C VAL K 141 30.62 -9.36 -18.76
N GLN K 142 30.36 -8.53 -17.75
CA GLN K 142 31.32 -8.30 -16.67
C GLN K 142 31.66 -9.61 -15.96
N PHE K 143 30.65 -10.44 -15.69
CA PHE K 143 30.85 -11.72 -15.02
C PHE K 143 31.94 -12.54 -15.69
N PHE K 144 31.74 -12.88 -16.95
CA PHE K 144 32.72 -13.68 -17.68
C PHE K 144 34.03 -12.95 -17.89
N ALA K 145 34.00 -11.62 -17.90
CA ALA K 145 35.19 -10.81 -18.07
C ALA K 145 36.07 -10.95 -16.83
N GLN K 146 35.46 -11.05 -15.65
CA GLN K 146 36.20 -11.19 -14.39
C GLN K 146 36.77 -12.61 -14.24
N ARG K 147 37.63 -13.04 -15.17
CA ARG K 147 38.24 -14.37 -15.15
C ARG K 147 39.51 -14.30 -15.96
N PRO K 148 40.44 -15.26 -15.75
CA PRO K 148 41.67 -15.24 -16.55
C PRO K 148 41.11 -15.65 -17.91
N GLN K 149 41.20 -14.77 -18.88
CA GLN K 149 40.65 -15.03 -20.19
C GLN K 149 41.62 -15.06 -21.36
N VAL K 150 41.01 -15.33 -22.49
CA VAL K 150 41.62 -15.41 -23.81
C VAL K 150 40.39 -14.85 -24.52
N GLN K 151 40.54 -13.67 -25.13
CA GLN K 151 39.43 -13.01 -25.81
C GLN K 151 38.58 -13.94 -26.67
N GLU K 152 39.22 -14.89 -27.35
CA GLU K 152 38.49 -15.83 -28.20
C GLU K 152 37.46 -16.62 -27.39
N ARG K 153 37.86 -17.07 -26.21
CA ARG K 153 36.99 -17.83 -25.34
C ARG K 153 35.93 -16.91 -24.72
N LEU K 154 36.36 -15.77 -24.20
CA LEU K 154 35.47 -14.79 -23.57
C LEU K 154 34.24 -14.49 -24.43
N THR K 155 34.47 -14.16 -25.70
CA THR K 155 33.41 -13.86 -26.65
C THR K 155 32.44 -15.04 -26.76
N GLN K 156 32.97 -16.26 -26.93
CA GLN K 156 32.15 -17.47 -27.03
C GLN K 156 31.28 -17.67 -25.80
N GLN K 157 31.89 -17.55 -24.62
CA GLN K 157 31.19 -17.72 -23.35
C GLN K 157 30.00 -16.78 -23.23
N ILE K 158 30.22 -15.49 -23.45
CA ILE K 158 29.14 -14.51 -23.35
C ILE K 158 28.01 -14.90 -24.30
N LEU K 159 28.36 -15.31 -25.51
CA LEU K 159 27.38 -15.71 -26.52
C LEU K 159 26.49 -16.80 -25.97
N ILE K 160 27.10 -17.92 -25.58
CA ILE K 160 26.36 -19.06 -25.05
C ILE K 160 25.52 -18.71 -23.84
N ALA K 161 26.09 -17.99 -22.89
CA ALA K 161 25.36 -17.59 -21.69
C ALA K 161 24.06 -16.87 -22.08
N LEU K 162 24.17 -15.91 -22.98
CA LEU K 162 23.02 -15.17 -23.44
C LEU K 162 22.01 -16.03 -24.18
N GLN K 163 22.48 -16.89 -25.07
CA GLN K 163 21.58 -17.77 -25.83
C GLN K 163 20.76 -18.62 -24.86
N THR K 164 21.45 -19.20 -23.90
CA THR K 164 20.84 -20.05 -22.89
C THR K 164 19.76 -19.30 -22.13
N LEU K 165 20.11 -18.14 -21.57
CA LEU K 165 19.16 -17.34 -20.80
C LEU K 165 17.98 -16.77 -21.59
N LEU K 166 18.23 -16.27 -22.80
CA LEU K 166 17.18 -15.71 -23.63
C LEU K 166 16.36 -16.75 -24.37
N GLY K 167 16.86 -17.97 -24.43
CA GLY K 167 16.13 -19.02 -25.12
C GLY K 167 16.01 -18.74 -26.60
N THR K 168 17.08 -18.19 -27.18
CA THR K 168 17.14 -17.87 -28.60
C THR K 168 18.58 -18.02 -29.02
N ASN K 169 18.82 -18.51 -30.23
CA ASN K 169 20.17 -18.66 -30.72
C ASN K 169 20.57 -17.38 -31.43
N ASN K 170 19.58 -16.52 -31.71
CA ASN K 170 19.82 -15.25 -32.39
C ASN K 170 20.45 -14.25 -31.44
N VAL K 171 21.73 -14.43 -31.20
CA VAL K 171 22.51 -13.58 -30.32
C VAL K 171 23.83 -13.36 -31.05
N ALA K 172 24.43 -12.18 -30.87
CA ALA K 172 25.70 -11.87 -31.49
C ALA K 172 26.50 -11.09 -30.48
N VAL K 173 27.79 -11.38 -30.39
CA VAL K 173 28.67 -10.70 -29.47
C VAL K 173 29.94 -10.33 -30.22
N SER K 174 30.37 -9.09 -30.05
CA SER K 174 31.59 -8.60 -30.69
C SER K 174 32.33 -7.87 -29.59
N ILE K 175 33.62 -8.15 -29.47
CA ILE K 175 34.46 -7.51 -28.46
C ILE K 175 35.71 -6.97 -29.14
N ASP K 176 36.03 -5.72 -28.84
CA ASP K 176 37.19 -5.05 -29.38
C ASP K 176 37.97 -4.66 -28.11
N ALA K 177 39.23 -5.09 -28.03
CA ALA K 177 40.03 -4.78 -26.84
C ALA K 177 41.53 -4.64 -27.04
N VAL K 178 42.15 -3.92 -26.10
CA VAL K 178 43.56 -3.67 -26.09
C VAL K 178 44.13 -4.59 -25.04
N HIS K 179 45.17 -5.33 -25.40
CA HIS K 179 45.83 -6.26 -24.49
C HIS K 179 47.12 -5.63 -24.02
N TYR K 180 47.25 -5.39 -22.71
CA TYR K 180 48.49 -4.81 -22.21
C TYR K 180 49.59 -5.85 -22.25
N CYS K 181 49.18 -7.10 -22.46
CA CYS K 181 50.07 -8.24 -22.60
C CYS K 181 50.98 -7.89 -23.81
N VAL K 182 50.38 -7.21 -24.79
CA VAL K 182 51.02 -6.78 -26.03
C VAL K 182 51.59 -5.36 -25.98
N LYS K 183 50.83 -4.45 -25.38
CA LYS K 183 51.24 -3.05 -25.28
C LYS K 183 52.26 -2.67 -24.23
N ALA K 184 51.99 -3.03 -22.98
CA ALA K 184 52.86 -2.71 -21.86
C ALA K 184 54.16 -3.48 -21.75
N ARG K 185 54.29 -4.55 -22.52
CA ARG K 185 55.49 -5.37 -22.45
C ARG K 185 55.63 -6.19 -23.74
N GLY K 186 56.64 -7.03 -23.82
CA GLY K 186 56.86 -7.84 -25.01
C GLY K 186 57.21 -6.98 -26.19
N ILE K 187 56.42 -7.09 -27.26
CA ILE K 187 56.66 -6.30 -28.46
C ILE K 187 56.30 -4.81 -28.27
N ARG K 188 55.53 -4.52 -27.23
CA ARG K 188 55.11 -3.16 -26.88
C ARG K 188 54.48 -2.35 -28.02
N ASP K 189 53.51 -2.94 -28.69
CA ASP K 189 52.84 -2.27 -29.79
C ASP K 189 51.81 -1.35 -29.14
N ALA K 190 52.06 -0.04 -29.24
CA ALA K 190 51.18 0.96 -28.66
C ALA K 190 49.87 1.28 -29.39
N THR K 191 49.66 0.74 -30.59
CA THR K 191 48.42 1.05 -31.30
C THR K 191 47.45 -0.08 -31.67
N SER K 192 47.91 -1.34 -31.67
CA SER K 192 47.05 -2.46 -32.03
C SER K 192 45.95 -2.83 -31.04
N ALA K 193 44.84 -3.31 -31.58
CA ALA K 193 43.69 -3.73 -30.80
C ALA K 193 43.15 -4.98 -31.51
N THR K 194 42.58 -5.90 -30.74
CA THR K 194 42.03 -7.13 -31.30
C THR K 194 40.52 -7.11 -31.30
N THR K 195 39.92 -7.65 -32.34
CA THR K 195 38.47 -7.70 -32.45
C THR K 195 38.10 -9.15 -32.74
N THR K 196 37.18 -9.67 -31.94
CA THR K 196 36.70 -11.04 -32.08
C THR K 196 35.18 -10.96 -32.03
N THR K 197 34.51 -11.79 -32.80
CA THR K 197 33.06 -11.80 -32.83
C THR K 197 32.59 -13.24 -32.84
N SER K 198 31.42 -13.47 -32.25
CA SER K 198 30.84 -14.81 -32.22
C SER K 198 29.40 -14.52 -32.60
N LEU K 199 28.89 -15.25 -33.60
CA LEU K 199 27.53 -15.03 -34.07
C LEU K 199 26.69 -16.29 -33.97
N GLY K 200 25.45 -16.14 -33.51
CA GLY K 200 24.54 -17.26 -33.37
C GLY K 200 23.26 -17.02 -34.16
N GLY K 201 22.53 -18.09 -34.43
CA GLY K 201 21.29 -17.99 -35.18
C GLY K 201 21.36 -17.22 -36.48
N LEU K 202 20.38 -16.35 -36.70
CA LEU K 202 20.29 -15.52 -37.90
C LEU K 202 21.53 -14.67 -38.16
N PHE K 203 22.20 -14.25 -37.09
CA PHE K 203 23.40 -13.42 -37.20
C PHE K 203 24.53 -14.15 -37.91
N LYS K 204 24.40 -15.47 -38.05
CA LYS K 204 25.41 -16.26 -38.72
C LYS K 204 24.86 -16.75 -40.04
N SER K 205 23.59 -17.19 -40.00
CA SER K 205 22.90 -17.72 -41.18
C SER K 205 22.50 -16.65 -42.20
N SER K 206 21.68 -15.71 -41.77
CA SER K 206 21.20 -14.63 -42.62
C SER K 206 22.25 -13.58 -42.87
N GLN K 207 22.75 -13.50 -44.10
CA GLN K 207 23.78 -12.52 -44.48
C GLN K 207 23.25 -11.11 -44.24
N ASN K 208 21.96 -10.93 -44.46
CA ASN K 208 21.28 -9.66 -44.27
C ASN K 208 21.37 -9.23 -42.81
N THR K 209 20.97 -10.12 -41.91
CA THR K 209 21.00 -9.86 -40.48
C THR K 209 22.45 -9.67 -39.98
N ARG K 210 23.31 -10.59 -40.40
CA ARG K 210 24.72 -10.60 -40.06
C ARG K 210 25.38 -9.26 -40.33
N HIS K 211 25.23 -8.76 -41.56
CA HIS K 211 25.81 -7.48 -41.91
C HIS K 211 25.19 -6.30 -41.19
N GLU K 212 23.90 -6.34 -40.93
CA GLU K 212 23.25 -5.24 -40.20
C GLU K 212 23.93 -5.12 -38.84
N PHE K 213 24.20 -6.25 -38.20
CA PHE K 213 24.87 -6.24 -36.91
C PHE K 213 26.28 -5.72 -37.05
N LEU K 214 27.07 -6.35 -37.91
CA LEU K 214 28.47 -5.95 -38.14
C LEU K 214 28.60 -4.47 -38.47
N ARG K 215 27.67 -3.95 -39.25
CA ARG K 215 27.68 -2.54 -39.62
C ARG K 215 27.51 -1.65 -38.39
N ALA K 216 26.76 -2.14 -37.42
CA ALA K 216 26.52 -1.38 -36.19
C ALA K 216 27.69 -1.48 -35.19
N VAL K 217 28.48 -2.53 -35.32
CA VAL K 217 29.61 -2.77 -34.44
C VAL K 217 30.68 -1.68 -34.47
N ARG K 218 31.13 -1.31 -33.27
CA ARG K 218 32.17 -0.30 -33.02
C ARG K 218 31.78 1.15 -33.28
N HIS K 219 32.31 2.03 -32.45
CA HIS K 219 32.08 3.47 -32.52
C HIS K 219 33.45 4.11 -32.26
N HIS K 220 33.48 5.36 -31.81
CA HIS K 220 34.76 6.02 -31.55
C HIS K 220 34.77 6.64 -30.17
N ASN K 221 35.92 6.55 -29.50
CA ASN K 221 36.13 7.09 -28.16
C ASN K 221 35.10 6.56 -27.17
N PRO L 1 69.71 -24.75 -33.74
CA PRO L 1 71.06 -24.88 -34.29
C PRO L 1 71.41 -23.81 -35.33
N SER L 2 70.39 -23.21 -35.92
CA SER L 2 70.55 -22.17 -36.92
C SER L 2 69.17 -21.51 -37.11
N LEU L 3 68.33 -22.08 -37.96
CA LEU L 3 67.00 -21.55 -38.20
C LEU L 3 65.99 -22.48 -37.53
N SER L 4 64.93 -21.89 -36.99
CA SER L 4 63.88 -22.66 -36.34
C SER L 4 63.04 -23.33 -37.43
N LYS L 5 62.24 -24.33 -37.05
CA LYS L 5 61.39 -25.02 -38.02
C LYS L 5 60.51 -24.00 -38.74
N GLU L 6 59.95 -23.08 -37.96
CA GLU L 6 59.09 -22.02 -38.49
C GLU L 6 59.84 -21.16 -39.50
N ALA L 7 61.01 -20.64 -39.11
CA ALA L 7 61.81 -19.79 -39.99
C ALA L 7 62.09 -20.49 -41.32
N ALA L 8 62.44 -21.77 -41.26
CA ALA L 8 62.73 -22.57 -42.44
C ALA L 8 61.49 -22.67 -43.33
N LEU L 9 60.37 -23.10 -42.74
CA LEU L 9 59.11 -23.24 -43.46
C LEU L 9 58.73 -21.96 -44.20
N VAL L 10 58.64 -20.86 -43.45
CA VAL L 10 58.29 -19.56 -44.02
C VAL L 10 59.23 -19.20 -45.17
N HIS L 11 60.53 -19.35 -44.95
CA HIS L 11 61.51 -19.03 -45.98
C HIS L 11 61.25 -19.82 -47.25
N GLU L 12 61.07 -21.13 -47.10
CA GLU L 12 60.82 -22.00 -48.23
C GLU L 12 59.55 -21.59 -48.97
N ALA L 13 58.48 -21.37 -48.21
CA ALA L 13 57.18 -20.97 -48.78
C ALA L 13 57.34 -19.74 -49.66
N LEU L 14 58.03 -18.72 -49.13
CA LEU L 14 58.27 -17.49 -49.86
C LEU L 14 59.07 -17.76 -51.13
N VAL L 15 60.18 -18.51 -51.01
CA VAL L 15 61.02 -18.84 -52.17
C VAL L 15 60.22 -19.59 -53.23
N ALA L 16 59.38 -20.53 -52.81
CA ALA L 16 58.55 -21.31 -53.72
C ALA L 16 57.63 -20.39 -54.53
N ARG L 17 56.95 -19.47 -53.85
CA ARG L 17 56.06 -18.53 -54.54
C ARG L 17 56.84 -17.47 -55.28
N GLY L 18 58.13 -17.35 -54.99
CA GLY L 18 58.95 -16.36 -55.65
C GLY L 18 58.68 -14.99 -55.06
N LEU L 19 58.29 -14.98 -53.79
CA LEU L 19 57.97 -13.78 -53.07
C LEU L 19 59.03 -13.35 -52.07
N GLU L 20 60.20 -13.99 -52.11
CA GLU L 20 61.28 -13.64 -51.21
C GLU L 20 61.98 -12.36 -51.65
N THR L 21 62.58 -11.67 -50.69
CA THR L 21 63.29 -10.45 -50.96
C THR L 21 64.50 -10.82 -51.81
N PRO L 22 64.78 -10.07 -52.88
CA PRO L 22 65.93 -10.35 -53.77
C PRO L 22 67.25 -10.42 -53.00
N LEU L 23 67.69 -11.61 -52.68
CA LEU L 23 68.94 -11.76 -51.96
C LEU L 23 69.89 -12.65 -52.72
N ARG L 24 71.17 -12.46 -52.44
CA ARG L 24 72.25 -13.23 -53.04
C ARG L 24 72.87 -13.99 -51.89
N PRO L 25 73.30 -15.24 -52.12
CA PRO L 25 73.91 -16.01 -51.03
C PRO L 25 75.18 -15.29 -50.56
N PRO L 26 75.47 -15.34 -49.24
CA PRO L 26 76.66 -14.68 -48.71
C PRO L 26 77.93 -15.12 -49.43
N VAL L 27 78.52 -14.16 -50.13
CA VAL L 27 79.75 -14.37 -50.91
C VAL L 27 80.86 -15.03 -50.08
N HIS L 28 80.92 -14.66 -48.79
CA HIS L 28 81.90 -15.18 -47.85
C HIS L 28 81.33 -15.04 -46.44
N GLU L 29 81.62 -16.01 -45.59
CA GLU L 29 81.13 -15.98 -44.21
C GLU L 29 81.84 -14.86 -43.44
N MET L 30 81.19 -13.70 -43.37
CA MET L 30 81.73 -12.55 -42.65
C MET L 30 80.95 -12.36 -41.37
N ASP L 31 81.63 -11.97 -40.31
CA ASP L 31 80.98 -11.73 -39.02
C ASP L 31 80.16 -10.47 -39.24
N ASN L 32 79.01 -10.35 -38.60
CA ASN L 32 78.21 -9.13 -38.75
C ASN L 32 79.10 -7.96 -38.34
N GLU L 33 80.04 -8.23 -37.44
CA GLU L 33 80.99 -7.23 -36.94
C GLU L 33 81.84 -6.66 -38.07
N THR L 34 82.37 -7.53 -38.92
CA THR L 34 83.21 -7.09 -40.04
C THR L 34 82.36 -6.39 -41.10
N ARG L 35 81.13 -6.86 -41.30
CA ARG L 35 80.24 -6.24 -42.28
C ARG L 35 79.94 -4.82 -41.82
N LYS L 36 79.60 -4.66 -40.55
CA LYS L 36 79.30 -3.35 -39.99
C LYS L 36 80.47 -2.41 -40.23
N SER L 37 81.69 -2.85 -39.92
CA SER L 37 82.87 -2.01 -40.12
C SER L 37 83.06 -1.61 -41.58
N LEU L 38 82.87 -2.55 -42.50
CA LEU L 38 83.02 -2.24 -43.92
C LEU L 38 81.96 -1.21 -44.35
N ILE L 39 80.72 -1.42 -43.95
CA ILE L 39 79.63 -0.50 -44.29
C ILE L 39 79.98 0.87 -43.70
N ALA L 40 80.39 0.90 -42.43
CA ALA L 40 80.77 2.14 -41.75
C ALA L 40 81.83 2.86 -42.57
N GLY L 41 82.76 2.11 -43.12
CA GLY L 41 83.81 2.69 -43.92
C GLY L 41 83.27 3.39 -45.14
N HIS L 42 82.41 2.70 -45.90
CA HIS L 42 81.82 3.30 -47.11
C HIS L 42 81.01 4.52 -46.73
N MET L 43 80.31 4.48 -45.59
CA MET L 43 79.52 5.62 -45.15
C MET L 43 80.45 6.78 -44.90
N THR L 44 81.59 6.54 -44.25
CA THR L 44 82.57 7.58 -43.96
C THR L 44 82.94 8.30 -45.26
N GLU L 45 83.19 7.50 -46.29
CA GLU L 45 83.54 8.05 -47.60
C GLU L 45 82.42 8.89 -48.18
N ILE L 46 81.18 8.39 -48.11
CA ILE L 46 80.00 9.12 -48.63
C ILE L 46 79.81 10.46 -47.89
N MET L 47 79.94 10.45 -46.57
CA MET L 47 79.78 11.68 -45.80
C MET L 47 80.86 12.67 -46.22
N GLN L 48 82.09 12.17 -46.41
CA GLN L 48 83.19 13.03 -46.82
C GLN L 48 82.90 13.62 -48.19
N LEU L 49 82.35 12.80 -49.10
CA LEU L 49 82.00 13.27 -50.46
C LEU L 49 80.90 14.35 -50.37
N LEU L 50 80.15 14.34 -49.28
CA LEU L 50 79.09 15.33 -49.08
C LEU L 50 79.68 16.56 -48.41
N ASN L 51 80.96 16.48 -48.05
CA ASN L 51 81.73 17.56 -47.40
C ASN L 51 81.43 17.77 -45.93
N LEU L 52 81.00 16.72 -45.25
CA LEU L 52 80.70 16.84 -43.84
C LEU L 52 81.99 16.70 -43.02
N ASP L 53 82.15 17.58 -42.03
CA ASP L 53 83.33 17.56 -41.19
C ASP L 53 83.21 16.46 -40.16
N LEU L 54 83.71 15.27 -40.52
CA LEU L 54 83.66 14.12 -39.64
C LEU L 54 84.41 14.25 -38.31
N ALA L 55 85.06 15.39 -38.11
CA ALA L 55 85.79 15.64 -36.88
C ALA L 55 84.83 16.13 -35.78
N ASP L 56 83.65 16.60 -36.20
CA ASP L 56 82.65 17.10 -35.26
C ASP L 56 82.13 15.98 -34.37
N ASP L 57 82.12 16.21 -33.06
CA ASP L 57 81.66 15.21 -32.08
C ASP L 57 80.32 14.57 -32.43
N SER L 58 79.37 15.38 -32.87
CA SER L 58 78.05 14.88 -33.23
C SER L 58 78.04 13.99 -34.48
N LEU L 59 78.88 14.28 -35.46
CA LEU L 59 78.93 13.49 -36.71
C LEU L 59 79.89 12.32 -36.68
N MET L 60 80.89 12.44 -35.83
CA MET L 60 81.94 11.45 -35.65
C MET L 60 81.49 9.98 -35.64
N GLU L 61 80.55 9.65 -34.75
CA GLU L 61 80.06 8.27 -34.66
C GLU L 61 78.98 7.85 -35.65
N THR L 62 78.50 8.78 -36.48
CA THR L 62 77.45 8.45 -37.45
C THR L 62 77.69 7.24 -38.35
N PRO L 63 78.85 7.16 -39.05
CA PRO L 63 79.09 5.99 -39.91
C PRO L 63 78.89 4.66 -39.19
N HIS L 64 79.27 4.60 -37.91
CA HIS L 64 79.12 3.37 -37.13
C HIS L 64 77.65 3.19 -36.78
N ARG L 65 77.00 4.26 -36.33
CA ARG L 65 75.59 4.19 -35.97
C ARG L 65 74.75 3.68 -37.15
N ILE L 66 75.05 4.18 -38.34
CA ILE L 66 74.33 3.79 -39.55
C ILE L 66 74.57 2.32 -39.85
N ALA L 67 75.83 1.89 -39.81
CA ALA L 67 76.18 0.50 -40.08
C ALA L 67 75.45 -0.45 -39.13
N LYS L 68 75.44 -0.12 -37.83
CA LYS L 68 74.77 -0.96 -36.85
C LYS L 68 73.27 -0.97 -37.13
N MET L 69 72.69 0.20 -37.44
CA MET L 69 71.26 0.32 -37.73
C MET L 69 70.87 -0.59 -38.89
N TYR L 70 71.67 -0.58 -39.94
CA TYR L 70 71.41 -1.40 -41.11
C TYR L 70 71.44 -2.88 -40.78
N VAL L 71 72.59 -3.38 -40.34
CA VAL L 71 72.78 -4.79 -40.00
C VAL L 71 71.94 -5.30 -38.83
N ASP L 72 71.94 -4.58 -37.72
CA ASP L 72 71.20 -5.00 -36.54
C ASP L 72 69.75 -4.59 -36.42
N GLU L 73 69.41 -3.42 -36.93
CA GLU L 73 68.04 -2.97 -36.79
C GLU L 73 67.14 -2.96 -38.02
N ILE L 74 67.05 -1.82 -38.71
CA ILE L 74 66.18 -1.71 -39.86
C ILE L 74 66.23 -2.77 -40.94
N PHE L 75 67.34 -3.49 -41.09
CA PHE L 75 67.39 -4.53 -42.11
C PHE L 75 67.61 -5.92 -41.50
N SER L 76 67.34 -6.06 -40.21
CA SER L 76 67.52 -7.34 -39.53
C SER L 76 66.60 -8.44 -40.05
N GLY L 77 65.50 -8.06 -40.68
CA GLY L 77 64.55 -9.02 -41.20
C GLY L 77 65.11 -9.88 -42.32
N LEU L 78 66.19 -9.42 -42.94
CA LEU L 78 66.82 -10.16 -44.02
C LEU L 78 67.49 -11.43 -43.50
N ASP L 79 67.71 -11.49 -42.19
CA ASP L 79 68.35 -12.65 -41.58
C ASP L 79 67.33 -13.45 -40.79
N TYR L 80 66.94 -14.60 -41.33
CA TYR L 80 65.96 -15.45 -40.65
C TYR L 80 66.35 -15.92 -39.26
N ALA L 81 67.59 -15.66 -38.85
CA ALA L 81 68.05 -16.04 -37.52
C ALA L 81 67.32 -15.16 -36.51
N ASN L 82 66.73 -14.07 -37.01
CA ASN L 82 66.00 -13.12 -36.20
C ASN L 82 64.51 -13.37 -36.21
N PHE L 83 64.07 -14.43 -36.88
CA PHE L 83 62.64 -14.75 -36.98
C PHE L 83 62.14 -14.99 -35.57
N PRO L 84 60.97 -14.43 -35.22
CA PRO L 84 60.41 -14.61 -33.89
C PRO L 84 60.02 -16.05 -33.56
N LYS L 85 59.92 -16.35 -32.27
CA LYS L 85 59.54 -17.69 -31.83
C LYS L 85 58.02 -17.70 -31.86
N ILE L 86 57.45 -18.64 -32.60
CA ILE L 86 55.99 -18.73 -32.71
C ILE L 86 55.34 -19.68 -31.69
N THR L 87 54.33 -19.17 -31.00
CA THR L 87 53.59 -19.94 -30.01
C THR L 87 52.15 -20.10 -30.49
N LEU L 88 51.72 -21.35 -30.62
CA LEU L 88 50.36 -21.67 -31.07
C LEU L 88 49.67 -22.50 -30.02
N ILE L 89 48.42 -22.18 -29.73
CA ILE L 89 47.66 -22.94 -28.75
C ILE L 89 46.55 -23.64 -29.53
N GLU L 90 46.13 -24.80 -29.03
CA GLU L 90 45.07 -25.58 -29.67
C GLU L 90 43.77 -24.80 -29.65
N ASN L 91 43.08 -24.78 -30.79
CA ASN L 91 41.82 -24.07 -30.94
C ASN L 91 40.67 -24.83 -30.23
N LYS L 92 40.80 -25.00 -28.92
CA LYS L 92 39.79 -25.71 -28.15
C LYS L 92 38.54 -24.84 -28.05
N MET L 93 38.70 -23.52 -28.16
CA MET L 93 37.56 -22.59 -28.08
C MET L 93 36.64 -22.77 -29.28
N LYS L 94 37.11 -23.54 -30.27
CA LYS L 94 36.36 -23.81 -31.49
C LYS L 94 35.89 -22.52 -32.18
N VAL L 95 36.84 -21.61 -32.37
CA VAL L 95 36.59 -20.33 -33.01
C VAL L 95 36.50 -20.57 -34.52
N ASP L 96 35.38 -20.16 -35.09
CA ASP L 96 35.15 -20.31 -36.53
C ASP L 96 34.97 -18.96 -37.20
N GLU L 97 35.03 -17.90 -36.41
CA GLU L 97 34.88 -16.54 -36.92
C GLU L 97 36.27 -15.93 -36.95
N MET L 98 36.49 -14.95 -37.81
CA MET L 98 37.80 -14.32 -37.92
C MET L 98 38.20 -13.51 -36.71
N VAL L 99 39.50 -13.55 -36.43
CA VAL L 99 40.10 -12.80 -35.34
C VAL L 99 40.84 -11.70 -36.10
N THR L 100 40.64 -10.45 -35.71
CA THR L 100 41.28 -9.33 -36.37
C THR L 100 42.17 -8.54 -35.43
N VAL L 101 43.41 -8.31 -35.85
CA VAL L 101 44.38 -7.56 -35.08
C VAL L 101 44.55 -6.32 -35.94
N ARG L 102 44.08 -5.19 -35.44
CA ARG L 102 44.16 -3.95 -36.20
C ARG L 102 45.19 -2.96 -35.68
N ASP L 103 45.52 -1.98 -36.52
CA ASP L 103 46.48 -0.93 -36.21
C ASP L 103 47.84 -1.36 -35.70
N ILE L 104 48.41 -2.39 -36.30
CA ILE L 104 49.73 -2.87 -35.90
C ILE L 104 50.71 -1.82 -36.40
N THR L 105 51.57 -1.30 -35.53
CA THR L 105 52.56 -0.29 -35.93
C THR L 105 53.55 -0.93 -36.89
N LEU L 106 53.80 -0.28 -38.02
CA LEU L 106 54.72 -0.79 -39.00
C LEU L 106 55.61 0.31 -39.54
N THR L 107 56.92 0.06 -39.50
CA THR L 107 57.92 0.99 -39.99
C THR L 107 58.83 0.15 -40.88
N SER L 108 58.94 0.53 -42.15
CA SER L 108 59.77 -0.18 -43.11
C SER L 108 60.59 0.82 -43.93
N THR L 109 61.26 0.36 -44.97
CA THR L 109 62.11 1.20 -45.81
C THR L 109 61.84 0.99 -47.30
N CYS L 110 61.56 2.07 -48.05
CA CYS L 110 61.31 1.95 -49.48
C CYS L 110 62.64 1.70 -50.18
N GLU L 111 62.83 0.46 -50.63
CA GLU L 111 64.05 0.02 -51.31
C GLU L 111 64.53 0.82 -52.51
N HIS L 112 63.70 1.69 -53.07
CA HIS L 112 64.10 2.50 -54.22
C HIS L 112 64.91 3.74 -53.84
N HIS L 113 64.79 4.20 -52.61
CA HIS L 113 65.51 5.38 -52.12
C HIS L 113 65.99 5.20 -50.69
N PHE L 114 65.73 4.03 -50.11
CA PHE L 114 66.12 3.72 -48.73
C PHE L 114 65.61 4.77 -47.76
N VAL L 115 64.34 5.14 -47.91
CA VAL L 115 63.71 6.14 -47.06
C VAL L 115 62.56 5.50 -46.27
N THR L 116 62.23 6.09 -45.13
CA THR L 116 61.18 5.59 -44.25
C THR L 116 59.76 5.41 -44.82
N ILE L 117 59.15 4.30 -44.44
CA ILE L 117 57.78 3.94 -44.81
C ILE L 117 57.19 3.81 -43.42
N ASP L 118 56.18 4.63 -43.13
CA ASP L 118 55.53 4.59 -41.83
C ASP L 118 54.04 4.31 -42.04
N GLY L 119 53.57 3.23 -41.45
CA GLY L 119 52.17 2.87 -41.59
C GLY L 119 51.62 1.92 -40.54
N LYS L 120 50.44 1.38 -40.83
CA LYS L 120 49.76 0.47 -39.94
C LYS L 120 49.17 -0.67 -40.72
N ALA L 121 49.29 -1.87 -40.16
CA ALA L 121 48.78 -3.09 -40.77
C ALA L 121 47.58 -3.65 -40.02
N THR L 122 46.64 -4.24 -40.75
CA THR L 122 45.46 -4.86 -40.17
C THR L 122 45.50 -6.27 -40.71
N VAL L 123 45.60 -7.22 -39.79
CA VAL L 123 45.68 -8.64 -40.12
C VAL L 123 44.51 -9.36 -39.51
N ALA L 124 43.95 -10.31 -40.26
CA ALA L 124 42.82 -11.08 -39.78
C ALA L 124 42.97 -12.50 -40.32
N TYR L 125 42.44 -13.46 -39.57
CA TYR L 125 42.49 -14.85 -39.99
C TYR L 125 41.37 -15.63 -39.29
N ILE L 126 40.97 -16.75 -39.89
CA ILE L 126 39.93 -17.60 -39.32
C ILE L 126 40.67 -18.85 -38.80
N PRO L 127 40.74 -19.01 -37.47
CA PRO L 127 41.41 -20.12 -36.80
C PRO L 127 40.96 -21.50 -37.28
N LYS L 128 41.93 -22.35 -37.59
CA LYS L 128 41.61 -23.70 -38.03
C LYS L 128 41.92 -24.60 -36.82
N ASP L 129 43.06 -25.27 -36.83
CA ASP L 129 43.41 -26.13 -35.71
C ASP L 129 44.05 -25.40 -34.55
N SER L 130 44.76 -24.31 -34.82
CA SER L 130 45.40 -23.55 -33.75
C SER L 130 45.16 -22.05 -33.82
N VAL L 131 45.33 -21.41 -32.67
CA VAL L 131 45.17 -19.98 -32.51
C VAL L 131 46.58 -19.48 -32.20
N ILE L 132 46.97 -18.37 -32.81
CA ILE L 132 48.31 -17.82 -32.60
C ILE L 132 48.30 -16.72 -31.55
N GLY L 133 49.40 -16.57 -30.83
CA GLY L 133 49.47 -15.52 -29.83
C GLY L 133 49.43 -14.18 -30.55
N LEU L 134 48.51 -13.31 -30.13
CA LEU L 134 48.36 -12.00 -30.74
C LEU L 134 49.69 -11.28 -30.96
N SER L 135 50.52 -11.21 -29.93
CA SER L 135 51.83 -10.57 -30.03
C SER L 135 52.64 -11.11 -31.21
N LYS L 136 52.58 -12.42 -31.43
CA LYS L 136 53.32 -13.04 -32.54
C LYS L 136 52.98 -12.42 -33.90
N ILE L 137 51.72 -12.06 -34.10
CA ILE L 137 51.29 -11.45 -35.35
C ILE L 137 52.04 -10.15 -35.53
N ASN L 138 52.03 -9.32 -34.48
CA ASN L 138 52.74 -8.04 -34.52
C ASN L 138 54.22 -8.27 -34.83
N ARG L 139 54.82 -9.28 -34.19
CA ARG L 139 56.24 -9.59 -34.41
C ARG L 139 56.54 -10.01 -35.85
N ILE L 140 55.68 -10.85 -36.43
CA ILE L 140 55.89 -11.29 -37.80
C ILE L 140 55.83 -10.07 -38.74
N VAL L 141 54.88 -9.18 -38.49
CA VAL L 141 54.74 -7.98 -39.31
C VAL L 141 56.03 -7.18 -39.23
N GLN L 142 56.51 -6.92 -38.02
CA GLN L 142 57.74 -6.17 -37.83
C GLN L 142 58.93 -6.85 -38.54
N PHE L 143 59.05 -8.17 -38.42
CA PHE L 143 60.14 -8.92 -39.06
C PHE L 143 60.24 -8.57 -40.54
N PHE L 144 59.19 -8.84 -41.29
CA PHE L 144 59.21 -8.54 -42.72
C PHE L 144 59.33 -7.05 -43.03
N ALA L 145 58.86 -6.22 -42.11
CA ALA L 145 58.93 -4.76 -42.27
C ALA L 145 60.37 -4.31 -42.20
N GLN L 146 61.16 -4.99 -41.37
CA GLN L 146 62.59 -4.66 -41.21
C GLN L 146 63.40 -5.21 -42.41
N ARG L 147 63.12 -4.70 -43.60
CA ARG L 147 63.79 -5.12 -44.84
C ARG L 147 63.58 -4.04 -45.89
N PRO L 148 64.47 -3.98 -46.90
CA PRO L 148 64.27 -2.96 -47.92
C PRO L 148 63.01 -3.52 -48.59
N GLN L 149 61.92 -2.78 -48.53
CA GLN L 149 60.67 -3.23 -49.11
C GLN L 149 60.09 -2.40 -50.21
N VAL L 150 58.97 -2.92 -50.69
CA VAL L 150 58.10 -2.38 -51.72
C VAL L 150 56.83 -2.87 -51.05
N GLN L 151 55.97 -1.94 -50.63
CA GLN L 151 54.72 -2.30 -49.96
C GLN L 151 53.97 -3.48 -50.61
N GLU L 152 53.90 -3.50 -51.95
CA GLU L 152 53.23 -4.59 -52.66
C GLU L 152 53.81 -5.95 -52.29
N ARG L 153 55.12 -6.01 -52.10
CA ARG L 153 55.78 -7.26 -51.73
C ARG L 153 55.59 -7.54 -50.25
N LEU L 154 55.82 -6.52 -49.42
CA LEU L 154 55.69 -6.62 -47.96
C LEU L 154 54.37 -7.29 -47.56
N THR L 155 53.26 -6.79 -48.10
CA THR L 155 51.94 -7.32 -47.82
C THR L 155 51.89 -8.82 -48.19
N GLN L 156 52.34 -9.16 -49.40
CA GLN L 156 52.36 -10.55 -49.86
C GLN L 156 53.13 -11.45 -48.92
N GLN L 157 54.31 -11.00 -48.52
CA GLN L 157 55.16 -11.78 -47.61
C GLN L 157 54.49 -12.09 -46.29
N ILE L 158 53.91 -11.06 -45.65
CA ILE L 158 53.24 -11.25 -44.37
C ILE L 158 52.11 -12.26 -44.51
N LEU L 159 51.32 -12.14 -45.58
CA LEU L 159 50.21 -13.04 -45.84
C LEU L 159 50.71 -14.48 -45.85
N ILE L 160 51.65 -14.79 -46.74
CA ILE L 160 52.19 -16.13 -46.86
C ILE L 160 52.78 -16.66 -45.55
N ALA L 161 53.61 -15.87 -44.88
CA ALA L 161 54.22 -16.28 -43.62
C ALA L 161 53.13 -16.75 -42.67
N LEU L 162 52.07 -15.95 -42.54
CA LEU L 162 50.97 -16.29 -41.65
C LEU L 162 50.22 -17.54 -42.10
N GLN L 163 49.91 -17.63 -43.38
CA GLN L 163 49.20 -18.81 -43.89
C GLN L 163 49.97 -20.07 -43.52
N THR L 164 51.28 -20.06 -43.80
CA THR L 164 52.18 -21.16 -43.54
C THR L 164 52.19 -21.56 -42.06
N LEU L 165 52.39 -20.59 -41.18
CA LEU L 165 52.41 -20.87 -39.75
C LEU L 165 51.09 -21.33 -39.14
N LEU L 166 49.99 -20.71 -39.56
CA LEU L 166 48.65 -21.05 -39.05
C LEU L 166 48.05 -22.29 -39.70
N GLY L 167 48.56 -22.66 -40.86
CA GLY L 167 48.05 -23.83 -41.54
C GLY L 167 46.66 -23.59 -42.08
N THR L 168 46.38 -22.36 -42.50
CA THR L 168 45.09 -21.96 -43.05
C THR L 168 45.36 -20.94 -44.15
N ASN L 169 44.60 -21.00 -45.24
CA ASN L 169 44.75 -20.04 -46.32
C ASN L 169 43.87 -18.83 -46.02
N ASN L 170 42.98 -18.98 -45.05
CA ASN L 170 42.07 -17.91 -44.64
C ASN L 170 42.79 -16.87 -43.81
N VAL L 171 43.57 -16.04 -44.47
CA VAL L 171 44.33 -14.98 -43.82
C VAL L 171 44.15 -13.78 -44.75
N ALA L 172 44.12 -12.58 -44.17
CA ALA L 172 43.98 -11.35 -44.94
C ALA L 172 44.89 -10.32 -44.31
N VAL L 173 45.57 -9.56 -45.16
CA VAL L 173 46.50 -8.53 -44.70
C VAL L 173 46.29 -7.25 -45.48
N SER L 174 46.11 -6.15 -44.77
CA SER L 174 45.92 -4.85 -45.39
C SER L 174 46.92 -3.91 -44.73
N ILE L 175 47.66 -3.15 -45.51
CA ILE L 175 48.64 -2.21 -44.99
C ILE L 175 48.38 -0.85 -45.60
N ASP L 176 48.31 0.16 -44.75
CA ASP L 176 48.08 1.53 -45.17
C ASP L 176 49.34 2.21 -44.66
N ALA L 177 50.08 2.90 -45.54
CA ALA L 177 51.31 3.57 -45.15
C ALA L 177 51.65 4.83 -45.93
N VAL L 178 52.47 5.67 -45.30
CA VAL L 178 52.94 6.93 -45.87
C VAL L 178 54.38 6.68 -46.25
N HIS L 179 54.74 7.01 -47.49
CA HIS L 179 56.11 6.81 -47.95
C HIS L 179 56.82 8.15 -48.01
N TYR L 180 57.92 8.27 -47.26
CA TYR L 180 58.67 9.51 -47.28
C TYR L 180 59.43 9.68 -48.58
N CYS L 181 59.48 8.58 -49.34
CA CYS L 181 60.11 8.51 -50.66
C CYS L 181 59.31 9.54 -51.49
N VAL L 182 58.00 9.63 -51.21
CA VAL L 182 57.04 10.52 -51.86
C VAL L 182 56.83 11.87 -51.20
N LYS L 183 56.74 11.85 -49.87
CA LYS L 183 56.53 13.06 -49.10
C LYS L 183 57.73 13.95 -48.85
N ALA L 184 58.79 13.37 -48.31
CA ALA L 184 60.00 14.11 -47.98
C ALA L 184 60.87 14.60 -49.13
N ARG L 185 60.61 14.11 -50.33
CA ARG L 185 61.41 14.48 -51.47
C ARG L 185 60.67 14.19 -52.77
N GLY L 186 61.29 14.44 -53.92
CA GLY L 186 60.64 14.17 -55.20
C GLY L 186 59.45 15.08 -55.43
N ILE L 187 58.26 14.51 -55.57
CA ILE L 187 57.07 15.32 -55.78
C ILE L 187 56.62 16.01 -54.48
N ARG L 188 57.06 15.48 -53.35
CA ARG L 188 56.72 16.03 -52.02
C ARG L 188 55.23 16.20 -51.75
N ASP L 189 54.49 15.12 -51.94
CA ASP L 189 53.05 15.14 -51.70
C ASP L 189 52.87 14.91 -50.20
N ALA L 190 52.47 15.95 -49.49
CA ALA L 190 52.26 15.87 -48.04
C ALA L 190 51.03 15.16 -47.53
N THR L 191 50.10 14.77 -48.40
CA THR L 191 48.89 14.10 -47.93
C THR L 191 48.59 12.67 -48.38
N SER L 192 49.17 12.21 -49.48
CA SER L 192 48.88 10.87 -49.96
C SER L 192 49.40 9.76 -49.08
N ALA L 193 48.68 8.64 -49.14
CA ALA L 193 49.00 7.42 -48.39
C ALA L 193 48.61 6.28 -49.32
N THR L 194 49.35 5.18 -49.26
CA THR L 194 49.08 4.02 -50.10
C THR L 194 48.50 2.86 -49.28
N THR L 195 47.53 2.18 -49.86
CA THR L 195 46.87 1.05 -49.22
C THR L 195 46.99 -0.16 -50.13
N THR L 196 47.49 -1.26 -49.58
CA THR L 196 47.65 -2.48 -50.33
C THR L 196 47.04 -3.60 -49.51
N THR L 197 46.35 -4.53 -50.15
CA THR L 197 45.75 -5.65 -49.45
C THR L 197 46.04 -6.95 -50.17
N SER L 198 46.17 -8.02 -49.41
CA SER L 198 46.40 -9.34 -49.99
C SER L 198 45.42 -10.23 -49.23
N LEU L 199 44.57 -10.94 -49.97
CA LEU L 199 43.55 -11.80 -49.37
C LEU L 199 43.74 -13.26 -49.74
N GLY L 200 43.66 -14.12 -48.73
CA GLY L 200 43.81 -15.55 -48.92
C GLY L 200 42.53 -16.26 -48.54
N GLY L 201 42.35 -17.47 -49.06
CA GLY L 201 41.17 -18.28 -48.77
C GLY L 201 39.81 -17.61 -48.95
N LEU L 202 38.95 -17.80 -47.95
CA LEU L 202 37.62 -17.23 -47.92
C LEU L 202 37.61 -15.74 -48.11
N PHE L 203 38.64 -15.06 -47.63
CA PHE L 203 38.74 -13.60 -47.75
C PHE L 203 38.81 -13.14 -49.19
N LYS L 204 39.09 -14.07 -50.09
CA LYS L 204 39.19 -13.74 -51.50
C LYS L 204 38.01 -14.35 -52.24
N SER L 205 37.68 -15.58 -51.89
CA SER L 205 36.58 -16.33 -52.50
C SER L 205 35.19 -15.86 -52.10
N SER L 206 34.91 -15.88 -50.79
CA SER L 206 33.63 -15.48 -50.25
C SER L 206 33.50 -13.97 -50.18
N GLN L 207 32.63 -13.42 -51.00
CA GLN L 207 32.40 -11.97 -51.03
C GLN L 207 31.92 -11.49 -49.67
N ASN L 208 31.15 -12.34 -48.99
CA ASN L 208 30.61 -12.05 -47.66
C ASN L 208 31.76 -11.82 -46.68
N THR L 209 32.67 -12.79 -46.60
CA THR L 209 33.82 -12.73 -45.72
C THR L 209 34.75 -11.59 -46.12
N ARG L 210 35.00 -11.49 -47.41
CA ARG L 210 35.85 -10.47 -47.98
C ARG L 210 35.45 -9.08 -47.54
N HIS L 211 34.18 -8.74 -47.72
CA HIS L 211 33.69 -7.43 -47.34
C HIS L 211 33.69 -7.20 -45.85
N GLU L 212 33.42 -8.22 -45.05
CA GLU L 212 33.42 -8.05 -43.60
C GLU L 212 34.80 -7.57 -43.19
N PHE L 213 35.84 -8.19 -43.75
CA PHE L 213 37.20 -7.81 -43.45
C PHE L 213 37.48 -6.39 -43.93
N LEU L 214 37.24 -6.13 -45.21
CA LEU L 214 37.46 -4.81 -45.78
C LEU L 214 36.73 -3.69 -45.04
N ARG L 215 35.52 -3.94 -44.58
CA ARG L 215 34.74 -2.95 -43.85
C ARG L 215 35.44 -2.64 -42.52
N ALA L 216 36.10 -3.63 -41.92
CA ALA L 216 36.80 -3.44 -40.65
C ALA L 216 38.13 -2.71 -40.80
N VAL L 217 38.75 -2.84 -41.97
CA VAL L 217 40.02 -2.21 -42.26
C VAL L 217 40.03 -0.69 -42.11
N ARG L 218 41.12 -0.24 -41.49
CA ARG L 218 41.41 1.19 -41.22
C ARG L 218 40.53 1.84 -40.15
N HIS L 219 41.16 2.75 -39.42
CA HIS L 219 40.54 3.53 -38.36
C HIS L 219 41.09 4.95 -38.49
N HIS L 220 41.07 5.74 -37.43
CA HIS L 220 41.59 7.11 -37.51
C HIS L 220 42.56 7.38 -36.38
N ASN L 221 43.61 8.13 -36.71
CA ASN L 221 44.66 8.52 -35.76
C ASN L 221 45.28 7.31 -35.08
N PRO M 1 65.22 12.59 -77.07
CA PRO M 1 65.43 13.56 -78.15
C PRO M 1 64.36 14.66 -78.19
N SER M 2 63.20 14.39 -77.59
CA SER M 2 62.09 15.32 -77.55
C SER M 2 61.10 14.77 -76.51
N LEU M 3 60.19 13.89 -76.93
CA LEU M 3 59.22 13.30 -76.03
C LEU M 3 59.64 11.88 -75.75
N SER M 4 59.37 11.41 -74.53
CA SER M 4 59.71 10.05 -74.15
C SER M 4 58.69 9.12 -74.77
N LYS M 5 59.00 7.82 -74.79
CA LYS M 5 58.08 6.84 -75.35
C LYS M 5 56.73 6.97 -74.64
N GLU M 6 56.80 7.10 -73.32
CA GLU M 6 55.61 7.23 -72.48
C GLU M 6 54.79 8.47 -72.86
N ALA M 7 55.44 9.64 -72.89
CA ALA M 7 54.77 10.89 -73.23
C ALA M 7 54.03 10.79 -74.55
N ALA M 8 54.71 10.23 -75.55
CA ALA M 8 54.11 10.05 -76.86
C ALA M 8 52.88 9.13 -76.79
N LEU M 9 53.03 7.98 -76.12
CA LEU M 9 51.93 7.02 -75.97
C LEU M 9 50.71 7.66 -75.35
N VAL M 10 50.90 8.28 -74.19
CA VAL M 10 49.81 8.95 -73.47
C VAL M 10 49.14 10.00 -74.35
N HIS M 11 49.94 10.85 -74.97
CA HIS M 11 49.40 11.89 -75.83
C HIS M 11 48.55 11.31 -76.95
N GLU M 12 49.06 10.29 -77.64
CA GLU M 12 48.33 9.66 -78.73
C GLU M 12 47.02 9.06 -78.20
N ALA M 13 47.10 8.38 -77.05
CA ALA M 13 45.95 7.75 -76.41
C ALA M 13 44.85 8.78 -76.19
N LEU M 14 45.23 9.92 -75.60
CA LEU M 14 44.29 10.99 -75.34
C LEU M 14 43.68 11.55 -76.63
N VAL M 15 44.52 11.81 -77.63
CA VAL M 15 44.04 12.34 -78.90
C VAL M 15 43.07 11.36 -79.57
N ALA M 16 43.41 10.07 -79.51
CA ALA M 16 42.58 9.02 -80.08
C ALA M 16 41.19 9.07 -79.46
N ARG M 17 41.12 9.14 -78.13
CA ARG M 17 39.84 9.18 -77.42
C ARG M 17 39.18 10.55 -77.50
N GLY M 18 39.89 11.56 -78.00
CA GLY M 18 39.32 12.88 -78.08
C GLY M 18 39.20 13.48 -76.71
N LEU M 19 40.16 13.16 -75.85
CA LEU M 19 40.18 13.66 -74.49
C LEU M 19 41.34 14.61 -74.21
N GLU M 20 42.08 14.98 -75.24
CA GLU M 20 43.20 15.90 -75.06
C GLU M 20 42.71 17.30 -74.80
N THR M 21 43.55 18.10 -74.17
CA THR M 21 43.18 19.47 -73.87
C THR M 21 43.14 20.21 -75.20
N PRO M 22 42.11 21.05 -75.44
CA PRO M 22 42.01 21.79 -76.70
C PRO M 22 43.27 22.60 -76.99
N LEU M 23 44.15 22.06 -77.83
CA LEU M 23 45.39 22.74 -78.19
C LEU M 23 45.53 22.96 -79.70
N ARG M 24 46.18 24.06 -80.07
CA ARG M 24 46.42 24.40 -81.45
C ARG M 24 47.92 24.23 -81.61
N PRO M 25 48.36 23.71 -82.76
CA PRO M 25 49.80 23.53 -82.97
C PRO M 25 50.51 24.89 -82.90
N PRO M 26 51.73 24.93 -82.33
CA PRO M 26 52.48 26.18 -82.23
C PRO M 26 52.60 26.90 -83.57
N VAL M 27 51.95 28.06 -83.65
CA VAL M 27 51.93 28.91 -84.84
C VAL M 27 53.34 29.17 -85.37
N HIS M 28 54.29 29.33 -84.46
CA HIS M 28 55.70 29.58 -84.79
C HIS M 28 56.54 29.08 -83.63
N GLU M 29 57.72 28.56 -83.94
CA GLU M 29 58.62 28.06 -82.91
C GLU M 29 59.19 29.23 -82.12
N MET M 30 58.59 29.50 -80.97
CA MET M 30 59.03 30.58 -80.09
C MET M 30 59.70 29.96 -78.87
N ASP M 31 60.70 30.64 -78.35
CA ASP M 31 61.41 30.16 -77.16
C ASP M 31 60.44 30.43 -76.03
N ASN M 32 60.43 29.59 -74.99
CA ASN M 32 59.53 29.83 -73.87
C ASN M 32 59.85 31.22 -73.31
N GLU M 33 61.10 31.65 -73.50
CA GLU M 33 61.59 32.96 -73.05
C GLU M 33 60.84 34.08 -73.76
N THR M 34 60.69 33.98 -75.08
CA THR M 34 59.97 35.00 -75.82
C THR M 34 58.48 34.96 -75.49
N ARG M 35 57.94 33.75 -75.28
CA ARG M 35 56.52 33.64 -74.93
C ARG M 35 56.29 34.32 -73.59
N LYS M 36 57.15 34.05 -72.63
CA LYS M 36 57.04 34.64 -71.32
C LYS M 36 57.05 36.15 -71.41
N SER M 37 58.01 36.71 -72.15
CA SER M 37 58.08 38.17 -72.29
C SER M 37 56.83 38.73 -72.95
N LEU M 38 56.29 38.06 -73.96
CA LEU M 38 55.07 38.52 -74.61
C LEU M 38 53.89 38.51 -73.64
N ILE M 39 53.74 37.40 -72.91
CA ILE M 39 52.66 37.25 -71.92
C ILE M 39 52.82 38.36 -70.88
N ALA M 40 54.04 38.56 -70.40
CA ALA M 40 54.34 39.59 -69.43
C ALA M 40 53.93 40.96 -69.96
N GLY M 41 54.10 41.16 -71.27
CA GLY M 41 53.71 42.42 -71.91
C GLY M 41 52.21 42.62 -71.82
N HIS M 42 51.46 41.59 -72.21
CA HIS M 42 50.00 41.66 -72.15
C HIS M 42 49.54 41.87 -70.71
N MET M 43 50.18 41.21 -69.74
CA MET M 43 49.81 41.40 -68.34
C MET M 43 50.03 42.85 -67.92
N THR M 44 51.14 43.44 -68.34
CA THR M 44 51.46 44.83 -68.01
C THR M 44 50.30 45.73 -68.47
N GLU M 45 49.86 45.52 -69.69
CA GLU M 45 48.77 46.30 -70.21
C GLU M 45 47.51 46.07 -69.38
N ILE M 46 47.20 44.82 -69.04
CA ILE M 46 46.02 44.51 -68.25
C ILE M 46 46.04 45.23 -66.90
N MET M 47 47.17 45.14 -66.19
CA MET M 47 47.32 45.79 -64.90
C MET M 47 47.13 47.29 -65.04
N GLN M 48 47.63 47.86 -66.12
CA GLN M 48 47.48 49.29 -66.36
C GLN M 48 46.00 49.62 -66.60
N LEU M 49 45.29 48.74 -67.30
CA LEU M 49 43.86 48.94 -67.56
C LEU M 49 43.11 48.92 -66.25
N LEU M 50 43.64 48.18 -65.27
CA LEU M 50 43.04 48.08 -63.94
C LEU M 50 43.47 49.28 -63.08
N ASN M 51 44.32 50.14 -63.64
CA ASN M 51 44.85 51.35 -63.00
C ASN M 51 45.83 51.11 -61.88
N LEU M 52 46.52 49.96 -61.93
CA LEU M 52 47.50 49.65 -60.91
C LEU M 52 48.79 50.41 -61.21
N ASP M 53 49.38 50.98 -60.18
CA ASP M 53 50.62 51.73 -60.32
C ASP M 53 51.78 50.76 -60.37
N LEU M 54 52.15 50.34 -61.58
CA LEU M 54 53.25 49.41 -61.77
C LEU M 54 54.64 49.90 -61.30
N ALA M 55 54.73 51.16 -60.89
CA ALA M 55 55.99 51.70 -60.42
C ALA M 55 56.26 51.23 -59.00
N ASP M 56 55.22 50.75 -58.32
CA ASP M 56 55.34 50.27 -56.95
C ASP M 56 56.21 49.02 -56.91
N ASP M 57 57.18 49.01 -56.01
CA ASP M 57 58.10 47.89 -55.90
C ASP M 57 57.44 46.53 -55.79
N SER M 58 56.33 46.45 -55.08
CA SER M 58 55.64 45.19 -54.93
C SER M 58 54.95 44.70 -56.20
N LEU M 59 54.39 45.60 -56.97
CA LEU M 59 53.68 45.25 -58.21
C LEU M 59 54.57 45.17 -59.45
N MET M 60 55.66 45.89 -59.42
CA MET M 60 56.63 45.97 -60.50
C MET M 60 56.96 44.68 -61.24
N GLU M 61 57.36 43.65 -60.51
CA GLU M 61 57.71 42.36 -61.12
C GLU M 61 56.56 41.38 -61.35
N THR M 62 55.35 41.76 -60.98
CA THR M 62 54.20 40.89 -61.16
C THR M 62 53.99 40.37 -62.58
N PRO M 63 53.98 41.25 -63.61
CA PRO M 63 53.80 40.79 -64.99
C PRO M 63 54.73 39.63 -65.36
N HIS M 64 55.97 39.73 -64.91
CA HIS M 64 56.98 38.69 -65.18
C HIS M 64 56.67 37.43 -64.37
N ARG M 65 56.39 37.61 -63.07
CA ARG M 65 56.07 36.49 -62.20
C ARG M 65 54.87 35.69 -62.75
N ILE M 66 53.82 36.38 -63.15
CA ILE M 66 52.65 35.73 -63.72
C ILE M 66 53.05 34.98 -64.99
N ALA M 67 53.79 35.64 -65.88
CA ALA M 67 54.23 35.02 -67.13
C ALA M 67 54.99 33.72 -66.88
N LYS M 68 55.92 33.74 -65.94
CA LYS M 68 56.71 32.57 -65.63
C LYS M 68 55.81 31.48 -65.01
N MET M 69 54.90 31.87 -64.13
CA MET M 69 53.98 30.93 -63.48
C MET M 69 53.18 30.17 -64.50
N TYR M 70 52.63 30.88 -65.48
CA TYR M 70 51.84 30.28 -66.54
C TYR M 70 52.63 29.27 -67.36
N VAL M 71 53.70 29.75 -68.00
CA VAL M 71 54.55 28.92 -68.85
C VAL M 71 55.30 27.80 -68.14
N ASP M 72 55.99 28.13 -67.06
CA ASP M 72 56.78 27.17 -66.30
C ASP M 72 56.09 26.38 -65.22
N GLU M 73 55.10 26.96 -64.55
CA GLU M 73 54.43 26.25 -63.48
C GLU M 73 53.00 25.75 -63.67
N ILE M 74 52.00 26.57 -63.33
CA ILE M 74 50.62 26.14 -63.43
C ILE M 74 50.10 25.59 -64.75
N PHE M 75 50.74 25.92 -65.89
CA PHE M 75 50.28 25.40 -67.17
C PHE M 75 51.35 24.55 -67.85
N SER M 76 52.35 24.11 -67.09
CA SER M 76 53.44 23.31 -67.63
C SER M 76 52.97 21.95 -68.15
N GLY M 77 51.83 21.49 -67.66
CA GLY M 77 51.28 20.21 -68.08
C GLY M 77 50.90 20.20 -69.54
N LEU M 78 50.79 21.38 -70.16
CA LEU M 78 50.44 21.49 -71.57
C LEU M 78 51.57 21.06 -72.48
N ASP M 79 52.78 21.00 -71.94
CA ASP M 79 53.95 20.63 -72.72
C ASP M 79 54.39 19.24 -72.30
N TYR M 80 54.23 18.26 -73.19
CA TYR M 80 54.63 16.89 -72.88
C TYR M 80 56.13 16.69 -72.64
N ALA M 81 56.92 17.74 -72.83
CA ALA M 81 58.35 17.65 -72.58
C ALA M 81 58.54 17.63 -71.05
N ASN M 82 57.47 17.94 -70.33
CA ASN M 82 57.48 17.96 -68.87
C ASN M 82 56.86 16.71 -68.28
N PHE M 83 56.51 15.75 -69.13
CA PHE M 83 55.91 14.50 -68.67
C PHE M 83 56.92 13.80 -67.80
N PRO M 84 56.50 13.29 -66.64
CA PRO M 84 57.41 12.59 -65.70
C PRO M 84 58.02 11.31 -66.27
N LYS M 85 59.14 10.89 -65.69
CA LYS M 85 59.82 9.67 -66.13
C LYS M 85 59.10 8.56 -65.40
N ILE M 86 58.60 7.57 -66.13
CA ILE M 86 57.88 6.46 -65.53
C ILE M 86 58.78 5.26 -65.25
N THR M 87 58.72 4.75 -64.02
CA THR M 87 59.50 3.58 -63.61
C THR M 87 58.51 2.48 -63.27
N LEU M 88 58.65 1.33 -63.92
CA LEU M 88 57.77 0.20 -63.68
C LEU M 88 58.59 -1.01 -63.28
N ILE M 89 58.16 -1.74 -62.26
CA ILE M 89 58.89 -2.94 -61.86
C ILE M 89 58.01 -4.12 -62.21
N GLU M 90 58.63 -5.27 -62.47
CA GLU M 90 57.91 -6.49 -62.81
C GLU M 90 57.08 -6.92 -61.61
N ASN M 91 55.82 -7.28 -61.87
CA ASN M 91 54.89 -7.71 -60.83
C ASN M 91 55.21 -9.14 -60.38
N LYS M 92 56.41 -9.31 -59.83
CA LYS M 92 56.84 -10.61 -59.33
C LYS M 92 56.09 -10.96 -58.07
N MET M 93 55.57 -9.94 -57.37
CA MET M 93 54.82 -10.16 -56.14
C MET M 93 53.49 -10.85 -56.42
N LYS M 94 53.13 -10.89 -57.71
CA LYS M 94 51.89 -11.50 -58.15
C LYS M 94 50.70 -10.89 -57.41
N VAL M 95 50.64 -9.56 -57.45
CA VAL M 95 49.58 -8.80 -56.82
C VAL M 95 48.36 -8.88 -57.73
N ASP M 96 47.24 -9.33 -57.18
CA ASP M 96 46.02 -9.45 -57.97
C ASP M 96 44.92 -8.61 -57.36
N GLU M 97 45.24 -7.93 -56.27
CA GLU M 97 44.28 -7.07 -55.58
C GLU M 97 44.64 -5.63 -55.91
N MET M 98 43.70 -4.71 -55.81
CA MET M 98 43.99 -3.33 -56.14
C MET M 98 44.92 -2.62 -55.16
N VAL M 99 45.72 -1.72 -55.71
CA VAL M 99 46.67 -0.89 -54.95
C VAL M 99 45.99 0.48 -55.01
N THR M 100 45.78 1.10 -53.86
CA THR M 100 45.13 2.39 -53.80
C THR M 100 46.01 3.47 -53.22
N VAL M 101 46.16 4.57 -53.96
CA VAL M 101 46.95 5.71 -53.52
C VAL M 101 45.89 6.74 -53.26
N ARG M 102 45.69 7.09 -51.99
CA ARG M 102 44.68 8.06 -51.62
C ARG M 102 45.21 9.40 -51.17
N ASP M 103 44.33 10.39 -51.19
CA ASP M 103 44.63 11.75 -50.79
C ASP M 103 45.78 12.42 -51.51
N ILE M 104 45.87 12.24 -52.81
CA ILE M 104 46.93 12.85 -53.61
C ILE M 104 46.59 14.35 -53.71
N THR M 105 47.51 15.21 -53.32
CA THR M 105 47.29 16.65 -53.37
C THR M 105 47.15 17.05 -54.83
N LEU M 106 46.14 17.85 -55.13
CA LEU M 106 45.89 18.27 -56.50
C LEU M 106 45.46 19.70 -56.56
N THR M 107 46.18 20.50 -57.34
CA THR M 107 45.87 21.90 -57.51
C THR M 107 45.83 22.11 -59.01
N SER M 108 44.70 22.59 -59.52
CA SER M 108 44.53 22.83 -60.94
C SER M 108 43.89 24.22 -61.13
N THR M 109 43.45 24.53 -62.35
CA THR M 109 42.85 25.81 -62.70
C THR M 109 41.57 25.62 -63.51
N CYS M 110 40.46 26.23 -63.10
CA CYS M 110 39.21 26.11 -63.85
C CYS M 110 39.32 27.01 -65.06
N GLU M 111 39.43 26.39 -66.23
CA GLU M 111 39.58 27.07 -67.53
C GLU M 111 38.55 28.11 -67.92
N HIS M 112 37.42 28.15 -67.22
CA HIS M 112 36.38 29.13 -67.55
C HIS M 112 36.65 30.50 -66.96
N HIS M 113 37.47 30.57 -65.91
CA HIS M 113 37.79 31.84 -65.26
C HIS M 113 39.25 31.89 -64.82
N PHE M 114 40.00 30.83 -65.12
CA PHE M 114 41.41 30.75 -64.74
C PHE M 114 41.60 30.98 -63.24
N VAL M 115 40.78 30.28 -62.44
CA VAL M 115 40.83 30.39 -60.99
C VAL M 115 41.20 29.03 -60.40
N THR M 116 41.75 29.05 -59.19
CA THR M 116 42.18 27.84 -58.49
C THR M 116 41.16 26.76 -58.22
N ILE M 117 41.60 25.53 -58.41
CA ILE M 117 40.81 24.32 -58.15
C ILE M 117 41.73 23.64 -57.15
N ASP M 118 41.26 23.41 -55.95
CA ASP M 118 42.08 22.75 -54.93
C ASP M 118 41.33 21.53 -54.48
N GLY M 119 41.97 20.38 -54.56
CA GLY M 119 41.32 19.15 -54.14
C GLY M 119 42.28 18.01 -53.92
N LYS M 120 41.73 16.81 -53.87
CA LYS M 120 42.51 15.62 -53.65
C LYS M 120 41.98 14.53 -54.54
N ALA M 121 42.90 13.71 -55.05
CA ALA M 121 42.56 12.61 -55.93
C ALA M 121 42.87 11.27 -55.27
N THR M 122 42.05 10.27 -55.59
CA THR M 122 42.23 8.90 -55.09
C THR M 122 42.31 8.07 -56.35
N VAL M 123 43.43 7.38 -56.51
CA VAL M 123 43.72 6.54 -57.66
C VAL M 123 43.92 5.11 -57.19
N ALA M 124 43.38 4.16 -57.95
CA ALA M 124 43.55 2.76 -57.61
C ALA M 124 43.67 1.98 -58.91
N TYR M 125 44.35 0.84 -58.86
CA TYR M 125 44.53 -0.01 -60.04
C TYR M 125 44.87 -1.43 -59.61
N ILE M 126 44.60 -2.40 -60.48
CA ILE M 126 44.89 -3.79 -60.19
C ILE M 126 46.08 -4.12 -61.09
N PRO M 127 47.27 -4.33 -60.50
CA PRO M 127 48.50 -4.65 -61.22
C PRO M 127 48.36 -5.84 -62.16
N LYS M 128 48.82 -5.67 -63.39
CA LYS M 128 48.78 -6.75 -64.35
C LYS M 128 50.22 -7.28 -64.46
N ASP M 129 50.96 -6.89 -65.50
CA ASP M 129 52.33 -7.36 -65.64
C ASP M 129 53.35 -6.54 -64.86
N SER M 130 53.06 -5.27 -64.64
CA SER M 130 53.97 -4.40 -63.91
C SER M 130 53.31 -3.54 -62.84
N VAL M 131 54.11 -3.19 -61.84
CA VAL M 131 53.70 -2.37 -60.70
C VAL M 131 54.42 -1.04 -60.95
N ILE M 132 53.73 0.07 -60.71
CA ILE M 132 54.31 1.40 -60.92
C ILE M 132 54.80 2.00 -59.61
N GLY M 133 55.84 2.82 -59.68
CA GLY M 133 56.35 3.46 -58.49
C GLY M 133 55.27 4.41 -57.97
N LEU M 134 54.93 4.30 -56.69
CA LEU M 134 53.90 5.13 -56.08
C LEU M 134 54.01 6.62 -56.41
N SER M 135 55.20 7.18 -56.27
CA SER M 135 55.44 8.60 -56.57
C SER M 135 54.99 8.95 -57.99
N LYS M 136 55.24 8.05 -58.93
CA LYS M 136 54.87 8.27 -60.33
C LYS M 136 53.39 8.58 -60.49
N ILE M 137 52.55 7.94 -59.68
CA ILE M 137 51.10 8.19 -59.75
C ILE M 137 50.83 9.64 -59.37
N ASN M 138 51.44 10.08 -58.26
CA ASN M 138 51.26 11.44 -57.80
C ASN M 138 51.72 12.39 -58.90
N ARG M 139 52.85 12.08 -59.52
CA ARG M 139 53.40 12.93 -60.59
C ARG M 139 52.49 13.02 -61.81
N ILE M 140 51.93 11.90 -62.25
CA ILE M 140 51.04 11.90 -63.40
C ILE M 140 49.81 12.76 -63.08
N VAL M 141 49.28 12.65 -61.87
CA VAL M 141 48.12 13.44 -61.46
C VAL M 141 48.48 14.93 -61.57
N GLN M 142 49.61 15.31 -60.97
CA GLN M 142 50.08 16.69 -61.00
C GLN M 142 50.27 17.20 -62.42
N PHE M 143 50.83 16.38 -63.29
CA PHE M 143 51.05 16.77 -64.68
C PHE M 143 49.77 17.27 -65.30
N PHE M 144 48.75 16.42 -65.36
CA PHE M 144 47.49 16.82 -65.96
C PHE M 144 46.75 17.90 -65.19
N ALA M 145 47.03 18.01 -63.90
CA ALA M 145 46.40 19.03 -63.07
C ALA M 145 46.97 20.40 -63.47
N GLN M 146 48.24 20.45 -63.87
CA GLN M 146 48.90 21.69 -64.30
C GLN M 146 48.48 22.09 -65.73
N ARG M 147 47.17 22.33 -65.93
CA ARG M 147 46.61 22.72 -67.22
C ARG M 147 45.28 23.41 -66.98
N PRO M 148 44.79 24.21 -67.95
CA PRO M 148 43.50 24.87 -67.74
C PRO M 148 42.59 23.65 -67.81
N GLN M 149 41.89 23.35 -66.74
CA GLN M 149 41.01 22.19 -66.70
C GLN M 149 39.55 22.42 -66.45
N VAL M 150 38.84 21.31 -66.51
CA VAL M 150 37.41 21.17 -66.28
C VAL M 150 37.57 19.82 -65.60
N GLN M 151 37.18 19.74 -64.33
CA GLN M 151 37.31 18.52 -63.55
C GLN M 151 36.87 17.25 -64.27
N GLU M 152 35.79 17.35 -65.03
CA GLU M 152 35.27 16.21 -65.79
C GLU M 152 36.32 15.66 -66.75
N ARG M 153 37.05 16.56 -67.41
CA ARG M 153 38.08 16.15 -68.35
C ARG M 153 39.32 15.66 -67.61
N LEU M 154 39.74 16.41 -66.58
CA LEU M 154 40.93 16.07 -65.77
C LEU M 154 40.89 14.62 -65.31
N THR M 155 39.78 14.24 -64.70
CA THR M 155 39.59 12.87 -64.21
C THR M 155 39.78 11.86 -65.35
N GLN M 156 39.15 12.11 -66.49
CA GLN M 156 39.25 11.23 -67.66
C GLN M 156 40.69 11.08 -68.14
N GLN M 157 41.39 12.21 -68.26
CA GLN M 157 42.79 12.21 -68.70
C GLN M 157 43.70 11.37 -67.82
N ILE M 158 43.61 11.54 -66.51
CA ILE M 158 44.44 10.77 -65.59
C ILE M 158 44.15 9.27 -65.74
N LEU M 159 42.88 8.92 -65.86
CA LEU M 159 42.48 7.52 -66.04
C LEU M 159 43.17 6.94 -67.26
N ILE M 160 42.98 7.56 -68.43
CA ILE M 160 43.58 7.08 -69.66
C ILE M 160 45.11 6.98 -69.61
N ALA M 161 45.76 8.05 -69.14
CA ALA M 161 47.22 8.06 -69.02
C ALA M 161 47.68 6.83 -68.24
N LEU M 162 47.05 6.60 -67.09
CA LEU M 162 47.40 5.46 -66.27
C LEU M 162 47.12 4.13 -66.95
N GLN M 163 45.95 3.98 -67.55
CA GLN M 163 45.61 2.75 -68.24
C GLN M 163 46.69 2.42 -69.25
N THR M 164 47.03 3.41 -70.06
CA THR M 164 48.04 3.30 -71.10
C THR M 164 49.39 2.84 -70.54
N LEU M 165 49.91 3.56 -69.56
CA LEU M 165 51.20 3.24 -68.96
C LEU M 165 51.25 1.88 -68.25
N LEU M 166 50.20 1.52 -67.52
CA LEU M 166 50.17 0.25 -66.80
C LEU M 166 49.77 -0.94 -67.66
N GLY M 167 49.18 -0.66 -68.81
CA GLY M 167 48.76 -1.73 -69.70
C GLY M 167 47.62 -2.54 -69.10
N THR M 168 46.71 -1.85 -68.42
CA THR M 168 45.57 -2.49 -67.78
C THR M 168 44.45 -1.46 -67.82
N ASN M 169 43.23 -1.90 -68.11
CA ASN M 169 42.10 -0.98 -68.13
C ASN M 169 41.56 -0.89 -66.70
N ASN M 170 42.03 -1.78 -65.83
CA ASN M 170 41.57 -1.80 -64.44
C ASN M 170 42.20 -0.68 -63.66
N VAL M 171 41.72 0.54 -63.89
CA VAL M 171 42.21 1.73 -63.20
C VAL M 171 40.98 2.53 -62.85
N ALA M 172 41.03 3.21 -61.70
CA ALA M 172 39.92 4.02 -61.23
C ALA M 172 40.50 5.31 -60.70
N VAL M 173 39.83 6.42 -61.01
CA VAL M 173 40.27 7.72 -60.56
C VAL M 173 39.08 8.46 -60.02
N SER M 174 39.21 9.03 -58.83
CA SER M 174 38.16 9.82 -58.20
C SER M 174 38.83 11.12 -57.73
N ILE M 175 38.22 12.26 -58.04
CA ILE M 175 38.76 13.56 -57.64
C ILE M 175 37.67 14.35 -56.93
N ASP M 176 38.00 14.88 -55.77
CA ASP M 176 37.08 15.68 -54.97
C ASP M 176 37.81 17.01 -54.87
N ALA M 177 37.15 18.09 -55.27
CA ALA M 177 37.78 19.41 -55.25
C ALA M 177 36.85 20.58 -55.05
N VAL M 178 37.43 21.68 -54.58
CA VAL M 178 36.75 22.94 -54.33
C VAL M 178 37.17 23.86 -55.47
N HIS M 179 36.20 24.51 -56.10
CA HIS M 179 36.46 25.42 -57.21
C HIS M 179 36.30 26.84 -56.74
N TYR M 180 37.38 27.62 -56.74
CA TYR M 180 37.24 29.00 -56.30
C TYR M 180 36.44 29.81 -57.29
N CYS M 181 36.24 29.21 -58.48
CA CYS M 181 35.43 29.78 -59.58
C CYS M 181 34.01 29.97 -58.97
N VAL M 182 33.65 29.05 -58.07
CA VAL M 182 32.36 29.01 -57.37
C VAL M 182 32.38 29.70 -55.99
N LYS M 183 33.45 29.45 -55.24
CA LYS M 183 33.60 30.01 -53.90
C LYS M 183 34.03 31.45 -53.81
N ALA M 184 35.14 31.78 -54.45
CA ALA M 184 35.71 33.12 -54.40
C ALA M 184 35.01 34.20 -55.17
N ARG M 185 34.07 33.82 -56.01
CA ARG M 185 33.36 34.81 -56.80
C ARG M 185 32.05 34.23 -57.32
N GLY M 186 31.28 35.02 -58.08
CA GLY M 186 30.02 34.54 -58.62
C GLY M 186 29.00 34.29 -57.54
N ILE M 187 28.55 33.04 -57.40
CA ILE M 187 27.58 32.71 -56.37
C ILE M 187 28.20 32.70 -54.97
N ARG M 188 29.51 32.51 -54.91
CA ARG M 188 30.26 32.49 -53.65
C ARG M 188 29.74 31.50 -52.62
N ASP M 189 29.62 30.25 -53.03
CA ASP M 189 29.14 29.19 -52.16
C ASP M 189 30.40 28.75 -51.42
N ALA M 190 30.47 29.05 -50.13
CA ALA M 190 31.60 28.69 -49.31
C ALA M 190 31.73 27.22 -48.85
N THR M 191 30.72 26.38 -49.10
CA THR M 191 30.79 24.98 -48.66
C THR M 191 30.78 23.85 -49.68
N SER M 192 30.27 24.10 -50.89
CA SER M 192 30.20 23.05 -51.90
C SER M 192 31.53 22.58 -52.43
N ALA M 193 31.56 21.30 -52.81
CA ALA M 193 32.72 20.61 -53.34
C ALA M 193 32.18 19.69 -54.43
N THR M 194 32.95 19.46 -55.48
CA THR M 194 32.53 18.60 -56.58
C THR M 194 33.38 17.33 -56.56
N THR M 195 32.73 16.20 -56.82
CA THR M 195 33.39 14.92 -56.85
C THR M 195 33.08 14.32 -58.21
N THR M 196 34.11 13.84 -58.88
CA THR M 196 33.92 13.23 -60.19
C THR M 196 34.76 11.96 -60.18
N THR M 197 34.28 10.91 -60.82
CA THR M 197 35.02 9.66 -60.87
C THR M 197 34.95 9.11 -62.28
N SER M 198 35.99 8.38 -62.67
CA SER M 198 36.04 7.77 -63.98
C SER M 198 36.55 6.37 -63.65
N LEU M 199 35.81 5.35 -64.07
CA LEU M 199 36.16 3.97 -63.78
C LEU M 199 36.47 3.16 -65.04
N GLY M 200 37.56 2.39 -65.00
CA GLY M 200 37.93 1.57 -66.13
C GLY M 200 37.97 0.11 -65.72
N GLY M 201 37.85 -0.78 -66.70
CA GLY M 201 37.88 -2.22 -66.45
C GLY M 201 36.91 -2.76 -65.43
N LEU M 202 37.41 -3.62 -64.54
CA LEU M 202 36.61 -4.22 -63.49
C LEU M 202 35.95 -3.18 -62.60
N PHE M 203 36.59 -2.02 -62.44
CA PHE M 203 36.03 -0.97 -61.60
C PHE M 203 34.71 -0.45 -62.13
N LYS M 204 34.39 -0.80 -63.37
CA LYS M 204 33.16 -0.37 -63.98
C LYS M 204 32.25 -1.56 -64.20
N SER M 205 32.85 -2.68 -64.60
CA SER M 205 32.12 -3.92 -64.87
C SER M 205 31.65 -4.63 -63.61
N SER M 206 32.60 -5.06 -62.79
CA SER M 206 32.35 -5.77 -61.56
C SER M 206 31.80 -4.84 -60.48
N GLN M 207 30.54 -5.04 -60.11
CA GLN M 207 29.90 -4.22 -59.08
C GLN M 207 30.63 -4.40 -57.75
N ASN M 208 31.19 -5.58 -57.55
CA ASN M 208 31.93 -5.94 -56.35
C ASN M 208 33.17 -5.05 -56.26
N THR M 209 33.99 -5.09 -57.30
CA THR M 209 35.22 -4.30 -57.35
C THR M 209 34.91 -2.81 -57.29
N ARG M 210 33.91 -2.41 -58.06
CA ARG M 210 33.46 -1.03 -58.14
C ARG M 210 33.17 -0.46 -56.76
N HIS M 211 32.34 -1.16 -56.01
CA HIS M 211 31.98 -0.71 -54.68
C HIS M 211 33.11 -0.74 -53.67
N GLU M 212 34.05 -1.67 -53.83
CA GLU M 212 35.20 -1.74 -52.92
C GLU M 212 35.99 -0.45 -53.08
N PHE M 213 36.18 -0.02 -54.33
CA PHE M 213 36.90 1.20 -54.62
C PHE M 213 36.14 2.40 -54.08
N LEU M 214 34.88 2.55 -54.50
CA LEU M 214 34.04 3.65 -54.05
C LEU M 214 33.97 3.77 -52.54
N ARG M 215 33.91 2.65 -51.84
CA ARG M 215 33.85 2.63 -50.38
C ARG M 215 35.13 3.22 -49.79
N ALA M 216 36.26 2.99 -50.45
CA ALA M 216 37.55 3.50 -49.98
C ALA M 216 37.76 4.97 -50.30
N VAL M 217 37.02 5.49 -51.28
CA VAL M 217 37.14 6.87 -51.69
C VAL M 217 36.76 7.88 -50.62
N ARG M 218 37.59 8.93 -50.53
CA ARG M 218 37.45 10.06 -49.60
C ARG M 218 37.72 9.74 -48.14
N HIS M 219 38.32 10.72 -47.46
CA HIS M 219 38.66 10.64 -46.05
C HIS M 219 38.30 12.02 -45.46
N HIS M 220 38.90 12.41 -44.35
CA HIS M 220 38.59 13.71 -43.75
C HIS M 220 39.86 14.49 -43.45
N ASN M 221 39.80 15.79 -43.67
CA ASN M 221 40.92 16.70 -43.43
C ASN M 221 42.18 16.27 -44.18
N PRO N 1 14.02 39.29 -73.78
CA PRO N 1 12.88 40.20 -73.81
C PRO N 1 12.00 40.15 -72.56
N SER N 2 12.10 39.04 -71.82
CA SER N 2 11.31 38.82 -70.60
C SER N 2 11.92 37.60 -69.90
N LEU N 3 11.49 36.41 -70.29
CA LEU N 3 12.01 35.18 -69.69
C LEU N 3 12.92 34.51 -70.70
N SER N 4 14.00 33.90 -70.22
CA SER N 4 14.94 33.21 -71.09
C SER N 4 14.29 31.89 -71.51
N LYS N 5 14.86 31.26 -72.54
CA LYS N 5 14.34 29.99 -73.03
C LYS N 5 14.34 28.99 -71.87
N GLU N 6 15.42 29.01 -71.10
CA GLU N 6 15.57 28.12 -69.96
C GLU N 6 14.49 28.37 -68.91
N ALA N 7 14.31 29.63 -68.50
CA ALA N 7 13.31 29.99 -67.51
C ALA N 7 11.93 29.50 -67.92
N ALA N 8 11.58 29.75 -69.18
CA ALA N 8 10.31 29.33 -69.74
C ALA N 8 10.14 27.81 -69.65
N LEU N 9 11.13 27.07 -70.14
CA LEU N 9 11.10 25.60 -70.11
C LEU N 9 10.88 25.06 -68.71
N VAL N 10 11.74 25.48 -67.78
CA VAL N 10 11.64 25.04 -66.39
C VAL N 10 10.26 25.33 -65.82
N HIS N 11 9.78 26.57 -65.99
CA HIS N 11 8.47 26.97 -65.49
C HIS N 11 7.37 26.07 -66.03
N GLU N 12 7.36 25.84 -67.34
CA GLU N 12 6.38 24.99 -67.98
C GLU N 12 6.44 23.58 -67.41
N ALA N 13 7.65 23.02 -67.34
CA ALA N 13 7.88 21.68 -66.80
C ALA N 13 7.25 21.53 -65.41
N LEU N 14 7.55 22.48 -64.53
CA LEU N 14 7.01 22.46 -63.19
C LEU N 14 5.48 22.53 -63.20
N VAL N 15 4.92 23.48 -63.96
CA VAL N 15 3.46 23.62 -64.04
C VAL N 15 2.81 22.32 -64.52
N ALA N 16 3.38 21.73 -65.57
CA ALA N 16 2.91 20.48 -66.14
C ALA N 16 2.83 19.39 -65.07
N ARG N 17 3.91 19.23 -64.29
CA ARG N 17 3.92 18.21 -63.23
C ARG N 17 3.11 18.65 -62.02
N GLY N 18 2.68 19.90 -62.01
CA GLY N 18 1.91 20.39 -60.88
C GLY N 18 2.78 20.56 -59.65
N LEU N 19 4.03 20.92 -59.88
CA LEU N 19 5.00 21.12 -58.80
C LEU N 19 5.39 22.58 -58.60
N GLU N 20 4.75 23.49 -59.33
CA GLU N 20 5.06 24.90 -59.18
C GLU N 20 4.54 25.46 -57.86
N THR N 21 5.20 26.48 -57.37
CA THR N 21 4.81 27.11 -56.12
C THR N 21 3.44 27.76 -56.36
N PRO N 22 2.49 27.59 -55.43
CA PRO N 22 1.14 28.14 -55.53
C PRO N 22 1.16 29.64 -55.80
N LEU N 23 1.02 30.01 -57.06
CA LEU N 23 1.03 31.42 -57.45
C LEU N 23 -0.23 31.84 -58.20
N ARG N 24 -0.63 33.07 -57.98
CA ARG N 24 -1.80 33.65 -58.64
C ARG N 24 -1.24 34.67 -59.62
N PRO N 25 -1.84 34.78 -60.81
CA PRO N 25 -1.33 35.76 -61.78
C PRO N 25 -1.42 37.17 -61.20
N PRO N 26 -0.45 38.04 -61.53
CA PRO N 26 -0.47 39.42 -61.02
C PRO N 26 -1.79 40.13 -61.30
N VAL N 27 -2.52 40.42 -60.24
CA VAL N 27 -3.83 41.10 -60.30
C VAL N 27 -3.76 42.38 -61.14
N HIS N 28 -2.63 43.09 -61.03
CA HIS N 28 -2.39 44.34 -61.76
C HIS N 28 -0.88 44.52 -61.90
N GLU N 29 -0.45 45.08 -63.02
CA GLU N 29 0.96 45.29 -63.27
C GLU N 29 1.50 46.40 -62.36
N MET N 30 2.07 46.00 -61.22
CA MET N 30 2.64 46.95 -60.27
C MET N 30 4.14 46.90 -60.35
N ASP N 31 4.79 48.04 -60.15
CA ASP N 31 6.25 48.11 -60.17
C ASP N 31 6.68 47.45 -58.87
N ASN N 32 7.83 46.78 -58.86
CA ASN N 32 8.32 46.14 -57.64
C ASN N 32 8.43 47.23 -56.56
N GLU N 33 8.70 48.46 -57.01
CA GLU N 33 8.83 49.61 -56.14
C GLU N 33 7.52 49.87 -55.37
N THR N 34 6.39 49.86 -56.09
CA THR N 34 5.09 50.09 -55.46
C THR N 34 4.72 48.93 -54.55
N ARG N 35 5.09 47.71 -54.96
CA ARG N 35 4.79 46.53 -54.14
C ARG N 35 5.55 46.63 -52.84
N LYS N 36 6.82 47.01 -52.93
CA LYS N 36 7.67 47.16 -51.75
C LYS N 36 7.04 48.15 -50.81
N SER N 37 6.70 49.33 -51.32
CA SER N 37 6.08 50.36 -50.49
C SER N 37 4.80 49.87 -49.81
N LEU N 38 3.95 49.16 -50.56
CA LEU N 38 2.71 48.64 -49.97
C LEU N 38 3.03 47.66 -48.85
N ILE N 39 3.96 46.74 -49.10
CA ILE N 39 4.35 45.74 -48.11
C ILE N 39 4.92 46.45 -46.89
N ALA N 40 5.77 47.45 -47.11
CA ALA N 40 6.37 48.24 -46.04
C ALA N 40 5.27 48.83 -45.18
N GLY N 41 4.23 49.34 -45.84
CA GLY N 41 3.10 49.91 -45.13
C GLY N 41 2.45 48.88 -44.20
N HIS N 42 2.13 47.71 -44.73
CA HIS N 42 1.52 46.67 -43.91
C HIS N 42 2.42 46.29 -42.74
N MET N 43 3.72 46.25 -42.98
CA MET N 43 4.67 45.92 -41.92
C MET N 43 4.62 46.99 -40.84
N THR N 44 4.59 48.26 -41.25
CA THR N 44 4.52 49.40 -40.32
C THR N 44 3.35 49.18 -39.36
N GLU N 45 2.20 48.82 -39.93
CA GLU N 45 0.98 48.56 -39.16
C GLU N 45 1.18 47.38 -38.20
N ILE N 46 1.79 46.30 -38.69
CA ILE N 46 2.05 45.10 -37.88
C ILE N 46 2.96 45.42 -36.68
N MET N 47 4.05 46.13 -36.95
CA MET N 47 4.99 46.51 -35.89
C MET N 47 4.27 47.39 -34.88
N GLN N 48 3.42 48.31 -35.36
CA GLN N 48 2.68 49.18 -34.45
C GLN N 48 1.73 48.34 -33.59
N LEU N 49 1.10 47.32 -34.17
CA LEU N 49 0.19 46.44 -33.45
C LEU N 49 0.96 45.68 -32.36
N LEU N 50 2.27 45.50 -32.59
CA LEU N 50 3.14 44.81 -31.63
C LEU N 50 3.64 45.82 -30.58
N ASN N 51 3.25 47.07 -30.76
CA ASN N 51 3.60 48.19 -29.87
C ASN N 51 5.05 48.63 -29.95
N LEU N 52 5.68 48.42 -31.09
CA LEU N 52 7.06 48.81 -31.26
C LEU N 52 7.13 50.30 -31.60
N ASP N 53 8.04 51.00 -30.93
CA ASP N 53 8.22 52.43 -31.14
C ASP N 53 8.98 52.68 -32.43
N LEU N 54 8.26 52.79 -33.53
CA LEU N 54 8.88 53.04 -34.83
C LEU N 54 9.64 54.38 -34.96
N ALA N 55 9.66 55.17 -33.89
CA ALA N 55 10.38 56.44 -33.90
C ALA N 55 11.86 56.18 -33.63
N ASP N 56 12.16 55.02 -33.04
CA ASP N 56 13.52 54.62 -32.71
C ASP N 56 14.34 54.45 -33.98
N ASP N 57 15.51 55.07 -34.02
CA ASP N 57 16.40 55.00 -35.18
C ASP N 57 16.67 53.59 -35.72
N SER N 58 16.86 52.65 -34.80
CA SER N 58 17.13 51.27 -35.17
C SER N 58 15.93 50.56 -35.81
N LEU N 59 14.72 50.86 -35.35
CA LEU N 59 13.50 50.23 -35.87
C LEU N 59 12.87 50.95 -37.06
N MET N 60 13.10 52.25 -37.11
CA MET N 60 12.58 53.13 -38.15
C MET N 60 12.56 52.60 -39.59
N GLU N 61 13.71 52.15 -40.08
CA GLU N 61 13.80 51.64 -41.44
C GLU N 61 13.40 50.18 -41.64
N THR N 62 13.09 49.47 -40.56
CA THR N 62 12.72 48.06 -40.66
C THR N 62 11.62 47.73 -41.68
N PRO N 63 10.44 48.40 -41.64
CA PRO N 63 9.38 48.11 -42.60
C PRO N 63 9.85 48.11 -44.07
N HIS N 64 10.77 49.02 -44.38
CA HIS N 64 11.31 49.11 -45.72
C HIS N 64 12.29 47.95 -45.95
N ARG N 65 13.19 47.73 -45.00
CA ARG N 65 14.16 46.65 -45.12
C ARG N 65 13.48 45.32 -45.35
N ILE N 66 12.43 45.04 -44.58
CA ILE N 66 11.66 43.79 -44.72
C ILE N 66 11.02 43.69 -46.10
N ALA N 67 10.41 44.78 -46.55
CA ALA N 67 9.76 44.82 -47.86
C ALA N 67 10.77 44.51 -48.96
N LYS N 68 11.94 45.15 -48.91
CA LYS N 68 12.97 44.92 -49.92
C LYS N 68 13.49 43.48 -49.86
N MET N 69 13.70 42.96 -48.65
CA MET N 69 14.17 41.60 -48.45
C MET N 69 13.21 40.61 -49.12
N TYR N 70 11.91 40.78 -48.87
CA TYR N 70 10.88 39.94 -49.45
C TYR N 70 10.88 39.96 -50.97
N VAL N 71 10.67 41.15 -51.53
CA VAL N 71 10.62 41.33 -52.99
C VAL N 71 11.93 41.06 -53.75
N ASP N 72 13.01 41.63 -53.27
CA ASP N 72 14.31 41.48 -53.93
C ASP N 72 15.18 40.32 -53.51
N GLU N 73 15.11 39.91 -52.25
CA GLU N 73 15.95 38.84 -51.79
C GLU N 73 15.34 37.47 -51.52
N ILE N 74 14.96 37.19 -50.27
CA ILE N 74 14.41 35.89 -49.93
C ILE N 74 13.28 35.29 -50.74
N PHE N 75 12.48 36.10 -51.43
CA PHE N 75 11.39 35.58 -52.24
C PHE N 75 11.56 35.90 -53.73
N SER N 76 12.78 36.30 -54.13
CA SER N 76 13.07 36.65 -55.52
C SER N 76 12.90 35.45 -56.45
N GLY N 77 12.95 34.24 -55.90
CA GLY N 77 12.80 33.03 -56.69
C GLY N 77 11.43 32.90 -57.35
N LEU N 78 10.44 33.61 -56.81
CA LEU N 78 9.09 33.56 -57.35
C LEU N 78 9.00 34.24 -58.72
N ASP N 79 9.99 35.08 -59.03
CA ASP N 79 10.02 35.79 -60.31
C ASP N 79 11.03 35.16 -61.25
N TYR N 80 10.54 34.50 -62.30
CA TYR N 80 11.43 33.85 -63.27
C TYR N 80 12.33 34.79 -64.05
N ALA N 81 12.19 36.09 -63.82
CA ALA N 81 13.05 37.05 -64.49
C ALA N 81 14.41 36.99 -63.80
N ASN N 82 14.44 36.36 -62.62
CA ASN N 82 15.65 36.22 -61.82
C ASN N 82 16.33 34.86 -62.01
N PHE N 83 15.79 34.04 -62.90
CA PHE N 83 16.35 32.71 -63.17
C PHE N 83 17.77 32.92 -63.71
N PRO N 84 18.75 32.14 -63.22
CA PRO N 84 20.14 32.25 -63.66
C PRO N 84 20.35 31.93 -65.14
N LYS N 85 21.48 32.38 -65.67
CA LYS N 85 21.81 32.11 -67.06
C LYS N 85 22.49 30.76 -67.03
N ILE N 86 22.02 29.82 -67.85
CA ILE N 86 22.60 28.49 -67.87
C ILE N 86 23.63 28.31 -68.98
N THR N 87 24.80 27.81 -68.62
CA THR N 87 25.87 27.58 -69.57
C THR N 87 26.12 26.07 -69.59
N LEU N 88 26.12 25.49 -70.78
CA LEU N 88 26.34 24.05 -70.93
C LEU N 88 27.45 23.86 -71.95
N ILE N 89 28.34 22.91 -71.71
CA ILE N 89 29.41 22.64 -72.65
C ILE N 89 29.18 21.23 -73.17
N GLU N 90 29.56 20.98 -74.42
CA GLU N 90 29.38 19.68 -75.05
C GLU N 90 30.15 18.63 -74.27
N ASN N 91 29.51 17.49 -73.99
CA ASN N 91 30.13 16.40 -73.26
C ASN N 91 31.14 15.65 -74.12
N LYS N 92 32.18 16.36 -74.54
CA LYS N 92 33.22 15.76 -75.36
C LYS N 92 34.06 14.82 -74.51
N MET N 93 34.12 15.07 -73.20
CA MET N 93 34.90 14.22 -72.29
C MET N 93 34.31 12.82 -72.22
N LYS N 94 33.08 12.68 -72.73
CA LYS N 94 32.37 11.41 -72.74
C LYS N 94 32.24 10.84 -71.34
N VAL N 95 31.76 11.68 -70.43
CA VAL N 95 31.56 11.31 -69.04
C VAL N 95 30.29 10.47 -68.98
N ASP N 96 30.41 9.29 -68.39
CA ASP N 96 29.27 8.39 -68.26
C ASP N 96 28.98 8.08 -66.80
N GLU N 97 29.82 8.60 -65.91
CA GLU N 97 29.66 8.38 -64.48
C GLU N 97 29.05 9.65 -63.90
N MET N 98 28.43 9.55 -62.73
CA MET N 98 27.81 10.72 -62.12
C MET N 98 28.77 11.76 -61.56
N VAL N 99 28.38 13.01 -61.73
CA VAL N 99 29.13 14.14 -61.24
C VAL N 99 28.31 14.58 -60.03
N THR N 100 28.94 14.69 -58.87
CA THR N 100 28.24 15.07 -57.65
C THR N 100 28.74 16.41 -57.13
N VAL N 101 27.82 17.30 -56.81
CA VAL N 101 28.13 18.62 -56.26
C VAL N 101 27.52 18.50 -54.87
N ARG N 102 28.37 18.40 -53.86
CA ARG N 102 27.90 18.25 -52.49
C ARG N 102 28.03 19.49 -51.63
N ASP N 103 27.30 19.49 -50.51
CA ASP N 103 27.29 20.57 -49.55
C ASP N 103 26.97 21.95 -50.08
N ILE N 104 25.98 22.03 -50.96
CA ILE N 104 25.56 23.30 -51.53
C ILE N 104 24.83 24.05 -50.41
N THR N 105 25.26 25.27 -50.10
CA THR N 105 24.63 26.07 -49.06
C THR N 105 23.22 26.43 -49.51
N LEU N 106 22.24 26.14 -48.65
CA LEU N 106 20.86 26.42 -48.99
C LEU N 106 20.15 27.08 -47.82
N THR N 107 19.51 28.20 -48.10
CA THR N 107 18.77 28.95 -47.12
C THR N 107 17.41 29.23 -47.76
N SER N 108 16.35 28.74 -47.13
CA SER N 108 15.00 28.92 -47.64
C SER N 108 14.11 29.39 -46.49
N THR N 109 12.79 29.40 -46.73
CA THR N 109 11.79 29.85 -45.75
C THR N 109 10.61 28.88 -45.67
N CYS N 110 10.29 28.38 -44.47
CA CYS N 110 9.16 27.47 -44.30
C CYS N 110 7.90 28.30 -44.42
N GLU N 111 7.17 28.10 -45.53
CA GLU N 111 5.93 28.83 -45.83
C GLU N 111 4.79 28.79 -44.82
N HIS N 112 4.83 27.88 -43.86
CA HIS N 112 3.77 27.78 -42.84
C HIS N 112 3.92 28.81 -41.72
N HIS N 113 5.12 29.37 -41.55
CA HIS N 113 5.37 30.36 -40.51
C HIS N 113 6.31 31.46 -40.99
N PHE N 114 6.80 31.34 -42.21
CA PHE N 114 7.74 32.29 -42.79
C PHE N 114 9.01 32.41 -41.93
N VAL N 115 9.56 31.27 -41.53
CA VAL N 115 10.76 31.25 -40.72
C VAL N 115 11.87 30.51 -41.47
N THR N 116 13.11 30.86 -41.18
CA THR N 116 14.30 30.29 -41.79
C THR N 116 14.42 28.77 -41.82
N ILE N 117 14.94 28.29 -42.95
CA ILE N 117 15.22 26.87 -43.22
C ILE N 117 16.69 26.98 -43.64
N ASP N 118 17.58 26.37 -42.87
CA ASP N 118 18.99 26.43 -43.19
C ASP N 118 19.48 25.02 -43.35
N GLY N 119 20.01 24.71 -44.52
CA GLY N 119 20.49 23.37 -44.77
C GLY N 119 21.48 23.30 -45.90
N LYS N 120 21.75 22.08 -46.36
CA LYS N 120 22.68 21.84 -47.44
C LYS N 120 22.11 20.83 -48.40
N ALA N 121 22.36 21.06 -49.69
CA ALA N 121 21.89 20.18 -50.76
C ALA N 121 23.02 19.44 -51.44
N THR N 122 22.75 18.22 -51.88
CA THR N 122 23.72 17.40 -52.58
C THR N 122 23.00 17.02 -53.87
N VAL N 123 23.56 17.45 -54.99
CA VAL N 123 22.99 17.20 -56.30
C VAL N 123 23.97 16.38 -57.12
N ALA N 124 23.45 15.41 -57.87
CA ALA N 124 24.27 14.57 -58.70
C ALA N 124 23.51 14.28 -59.98
N TYR N 125 24.23 14.03 -61.06
CA TYR N 125 23.62 13.74 -62.34
C TYR N 125 24.62 13.02 -63.22
N ILE N 126 24.12 12.27 -64.19
CA ILE N 126 24.97 11.54 -65.12
C ILE N 126 24.85 12.33 -66.43
N PRO N 127 25.93 12.97 -66.86
CA PRO N 127 25.98 13.76 -68.09
C PRO N 127 25.55 12.98 -69.31
N LYS N 128 24.68 13.57 -70.12
CA LYS N 128 24.24 12.92 -71.34
C LYS N 128 24.97 13.63 -72.49
N ASP N 129 24.31 14.56 -73.17
CA ASP N 129 24.95 15.27 -74.27
C ASP N 129 25.73 16.49 -73.80
N SER N 130 25.36 17.06 -72.67
CA SER N 130 26.06 18.23 -72.17
C SER N 130 26.38 18.19 -70.68
N VAL N 131 27.41 18.94 -70.32
CA VAL N 131 27.89 19.06 -68.95
C VAL N 131 27.54 20.49 -68.56
N ILE N 132 27.01 20.68 -67.36
CA ILE N 132 26.61 22.01 -66.90
C ILE N 132 27.70 22.63 -66.02
N GLY N 133 27.80 23.95 -66.03
CA GLY N 133 28.79 24.63 -65.21
C GLY N 133 28.44 24.39 -63.75
N LEU N 134 29.39 23.89 -62.97
CA LEU N 134 29.18 23.61 -61.56
C LEU N 134 28.47 24.74 -60.80
N SER N 135 28.89 25.97 -61.02
CA SER N 135 28.28 27.12 -60.35
C SER N 135 26.78 27.19 -60.64
N LYS N 136 26.39 26.91 -61.89
CA LYS N 136 24.98 26.95 -62.27
C LYS N 136 24.11 26.07 -61.39
N ILE N 137 24.62 24.91 -61.01
CA ILE N 137 23.86 24.00 -60.14
C ILE N 137 23.56 24.72 -58.83
N ASN N 138 24.58 25.31 -58.22
CA ASN N 138 24.41 26.05 -56.96
C ASN N 138 23.37 27.16 -57.15
N ARG N 139 23.44 27.85 -58.28
CA ARG N 139 22.51 28.95 -58.57
C ARG N 139 21.07 28.47 -58.69
N ILE N 140 20.85 27.37 -59.41
CA ILE N 140 19.49 26.84 -59.55
C ILE N 140 18.95 26.48 -58.17
N VAL N 141 19.79 25.84 -57.34
CA VAL N 141 19.39 25.47 -55.97
C VAL N 141 18.95 26.72 -55.21
N GLN N 142 19.77 27.76 -55.28
CA GLN N 142 19.48 29.02 -54.60
C GLN N 142 18.17 29.63 -55.12
N PHE N 143 17.99 29.65 -56.44
CA PHE N 143 16.79 30.21 -57.05
C PHE N 143 15.51 29.67 -56.42
N PHE N 144 15.33 28.35 -56.47
CA PHE N 144 14.14 27.75 -55.89
C PHE N 144 14.09 27.84 -54.38
N ALA N 145 15.25 27.95 -53.75
CA ALA N 145 15.31 28.07 -52.30
C ALA N 145 14.74 29.42 -51.89
N GLN N 146 14.96 30.44 -52.72
CA GLN N 146 14.47 31.80 -52.46
C GLN N 146 12.96 31.96 -52.70
N ARG N 147 12.16 31.14 -52.04
CA ARG N 147 10.70 31.15 -52.17
C ARG N 147 10.08 30.58 -50.91
N PRO N 148 8.78 30.85 -50.66
CA PRO N 148 8.16 30.30 -49.46
C PRO N 148 8.12 28.81 -49.85
N GLN N 149 8.82 27.98 -49.09
CA GLN N 149 8.87 26.56 -49.39
C GLN N 149 8.38 25.60 -48.34
N VAL N 150 8.41 24.34 -48.76
CA VAL N 150 8.04 23.15 -48.01
C VAL N 150 9.17 22.32 -48.59
N GLN N 151 10.07 21.83 -47.74
CA GLN N 151 11.21 21.04 -48.20
C GLN N 151 10.87 19.94 -49.19
N GLU N 152 9.71 19.28 -49.00
CA GLU N 152 9.28 18.22 -49.91
C GLU N 152 9.08 18.73 -51.34
N ARG N 153 8.58 19.96 -51.48
CA ARG N 153 8.36 20.55 -52.79
C ARG N 153 9.69 21.01 -53.35
N LEU N 154 10.45 21.74 -52.53
CA LEU N 154 11.77 22.29 -52.90
C LEU N 154 12.66 21.27 -53.58
N THR N 155 12.79 20.10 -52.96
CA THR N 155 13.61 19.02 -53.51
C THR N 155 13.10 18.65 -54.90
N GLN N 156 11.78 18.47 -55.04
CA GLN N 156 11.15 18.12 -56.30
C GLN N 156 11.42 19.14 -57.39
N GLN N 157 11.22 20.41 -57.07
CA GLN N 157 11.43 21.50 -58.01
C GLN N 157 12.85 21.53 -58.58
N ILE N 158 13.84 21.43 -57.70
CA ILE N 158 15.24 21.43 -58.13
C ILE N 158 15.48 20.23 -59.06
N LEU N 159 14.93 19.07 -58.70
CA LEU N 159 15.09 17.86 -59.51
C LEU N 159 14.61 18.10 -60.94
N ILE N 160 13.35 18.50 -61.08
CA ILE N 160 12.76 18.74 -62.40
C ILE N 160 13.51 19.81 -63.17
N ALA N 161 13.83 20.93 -62.51
CA ALA N 161 14.55 22.02 -63.14
C ALA N 161 15.83 21.49 -63.80
N LEU N 162 16.59 20.70 -63.05
CA LEU N 162 17.83 20.15 -63.57
C LEU N 162 17.61 19.14 -64.69
N GLN N 163 16.62 18.27 -64.54
CA GLN N 163 16.32 17.27 -65.57
C GLN N 163 16.01 17.97 -66.89
N THR N 164 15.19 19.00 -66.80
CA THR N 164 14.80 19.79 -67.98
C THR N 164 16.01 20.42 -68.65
N LEU N 165 16.80 21.17 -67.90
CA LEU N 165 17.99 21.83 -68.44
C LEU N 165 19.07 20.88 -68.97
N LEU N 166 19.34 19.80 -68.26
CA LEU N 166 20.36 18.85 -68.68
C LEU N 166 19.91 17.85 -69.73
N GLY N 167 18.59 17.73 -69.91
CA GLY N 167 18.05 16.81 -70.89
C GLY N 167 18.34 15.36 -70.55
N THR N 168 18.24 15.04 -69.26
CA THR N 168 18.49 13.71 -68.75
C THR N 168 17.60 13.56 -67.54
N ASN N 169 17.05 12.36 -67.34
CA ASN N 169 16.22 12.11 -66.17
C ASN N 169 17.12 11.62 -65.05
N ASN N 170 18.37 11.31 -65.39
CA ASN N 170 19.34 10.82 -64.41
C ASN N 170 19.87 11.96 -63.54
N VAL N 171 19.02 12.43 -62.63
CA VAL N 171 19.37 13.50 -61.71
C VAL N 171 18.86 13.08 -60.34
N ALA N 172 19.58 13.46 -59.29
CA ALA N 172 19.21 13.11 -57.92
C ALA N 172 19.48 14.33 -57.07
N VAL N 173 18.54 14.62 -56.17
CA VAL N 173 18.67 15.75 -55.28
C VAL N 173 18.33 15.31 -53.88
N SER N 174 19.20 15.62 -52.93
CA SER N 174 19.00 15.30 -51.53
C SER N 174 19.25 16.59 -50.77
N ILE N 175 18.35 16.94 -49.86
CA ILE N 175 18.48 18.15 -49.07
C ILE N 175 18.31 17.79 -47.59
N ASP N 176 19.25 18.25 -46.77
CA ASP N 176 19.24 18.00 -45.33
C ASP N 176 19.17 19.41 -44.77
N ALA N 177 18.15 19.69 -43.95
CA ALA N 177 17.99 21.02 -43.39
C ALA N 177 17.38 21.09 -42.00
N VAL N 178 17.64 22.20 -41.34
CA VAL N 178 17.14 22.49 -40.02
C VAL N 178 16.05 23.54 -40.21
N HIS N 179 14.89 23.29 -39.62
CA HIS N 179 13.77 24.22 -39.72
C HIS N 179 13.62 24.99 -38.43
N TYR N 180 13.78 26.32 -38.48
CA TYR N 180 13.61 27.09 -37.26
C TYR N 180 12.14 27.15 -36.85
N CYS N 181 11.28 26.72 -37.78
CA CYS N 181 9.82 26.62 -37.60
C CYS N 181 9.66 25.62 -36.41
N VAL N 182 10.56 24.63 -36.36
CA VAL N 182 10.60 23.57 -35.35
C VAL N 182 11.53 23.89 -34.16
N LYS N 183 12.70 24.44 -34.46
CA LYS N 183 13.67 24.77 -33.41
C LYS N 183 13.46 26.04 -32.61
N ALA N 184 13.31 27.16 -33.30
CA ALA N 184 13.14 28.45 -32.66
C ALA N 184 11.84 28.69 -31.93
N ARG N 185 10.83 27.90 -32.25
CA ARG N 185 9.52 28.08 -31.64
C ARG N 185 8.73 26.76 -31.66
N GLY N 186 7.48 26.78 -31.20
CA GLY N 186 6.66 25.58 -31.21
C GLY N 186 7.22 24.54 -30.25
N ILE N 187 7.52 23.36 -30.75
CA ILE N 187 8.08 22.32 -29.89
C ILE N 187 9.53 22.61 -29.45
N ARG N 188 10.20 23.50 -30.16
CA ARG N 188 11.59 23.89 -29.87
C ARG N 188 12.57 22.73 -29.75
N ASP N 189 12.59 21.86 -30.74
CA ASP N 189 13.50 20.72 -30.74
C ASP N 189 14.84 21.26 -31.30
N ALA N 190 15.82 21.38 -30.42
CA ALA N 190 17.13 21.90 -30.78
C ALA N 190 18.07 21.00 -31.58
N THR N 191 17.71 19.72 -31.78
CA THR N 191 18.61 18.84 -32.53
C THR N 191 18.12 18.18 -33.82
N SER N 192 16.81 18.06 -34.01
CA SER N 192 16.30 17.42 -35.22
C SER N 192 16.59 18.16 -36.53
N ALA N 193 16.73 17.37 -37.60
CA ALA N 193 17.00 17.87 -38.95
C ALA N 193 16.22 16.98 -39.88
N THR N 194 15.70 17.53 -40.96
CA THR N 194 14.93 16.76 -41.93
C THR N 194 15.71 16.53 -43.21
N THR N 195 15.61 15.32 -43.73
CA THR N 195 16.29 14.94 -44.97
C THR N 195 15.22 14.47 -45.95
N THR N 196 15.29 15.00 -47.16
CA THR N 196 14.34 14.64 -48.21
C THR N 196 15.15 14.41 -49.49
N THR N 197 14.80 13.39 -50.24
CA THR N 197 15.50 13.09 -51.48
C THR N 197 14.49 12.88 -52.60
N SER N 198 14.91 13.20 -53.81
CA SER N 198 14.06 13.02 -54.99
C SER N 198 15.05 12.43 -55.98
N LEU N 199 14.70 11.26 -56.52
CA LEU N 199 15.57 10.57 -57.45
C LEU N 199 14.91 10.42 -58.83
N GLY N 200 15.69 10.65 -59.87
CA GLY N 200 15.20 10.52 -61.23
C GLY N 200 16.07 9.52 -61.97
N GLY N 201 15.54 9.02 -63.07
CA GLY N 201 16.25 8.06 -63.90
C GLY N 201 16.83 6.87 -63.17
N LEU N 202 18.06 6.53 -63.54
CA LEU N 202 18.81 5.42 -62.97
C LEU N 202 18.92 5.52 -61.45
N PHE N 203 18.91 6.74 -60.91
CA PHE N 203 19.02 6.96 -59.47
C PHE N 203 17.84 6.37 -58.71
N LYS N 204 16.76 6.11 -59.43
CA LYS N 204 15.56 5.55 -58.84
C LYS N 204 15.42 4.09 -59.28
N SER N 205 15.68 3.85 -60.56
CA SER N 205 15.59 2.52 -61.15
C SER N 205 16.71 1.59 -60.72
N SER N 206 17.94 1.93 -61.07
CA SER N 206 19.11 1.13 -60.75
C SER N 206 19.45 1.19 -59.28
N GLN N 207 19.24 0.10 -58.56
CA GLN N 207 19.55 0.05 -57.13
C GLN N 207 21.03 0.34 -56.93
N ASN N 208 21.85 -0.12 -57.88
CA ASN N 208 23.29 0.06 -57.85
C ASN N 208 23.63 1.56 -57.87
N THR N 209 23.10 2.28 -58.85
CA THR N 209 23.34 3.71 -58.99
C THR N 209 22.75 4.48 -57.81
N ARG N 210 21.53 4.12 -57.44
CA ARG N 210 20.80 4.72 -56.34
C ARG N 210 21.63 4.71 -55.06
N HIS N 211 22.11 3.54 -54.69
CA HIS N 211 22.91 3.43 -53.48
C HIS N 211 24.24 4.14 -53.55
N GLU N 212 24.87 4.17 -54.73
CA GLU N 212 26.14 4.86 -54.88
C GLU N 212 25.92 6.33 -54.49
N PHE N 213 24.85 6.91 -55.00
CA PHE N 213 24.50 8.28 -54.69
C PHE N 213 24.19 8.45 -53.21
N LEU N 214 23.24 7.66 -52.70
CA LEU N 214 22.86 7.72 -51.30
C LEU N 214 24.03 7.60 -50.35
N ARG N 215 24.97 6.71 -50.64
CA ARG N 215 26.17 6.50 -49.82
C ARG N 215 27.03 7.76 -49.79
N ALA N 216 27.04 8.52 -50.87
CA ALA N 216 27.82 9.75 -50.96
C ALA N 216 27.15 10.92 -50.24
N VAL N 217 25.82 10.89 -50.14
CA VAL N 217 25.06 11.93 -49.49
C VAL N 217 25.46 12.18 -48.05
N ARG N 218 25.50 13.47 -47.71
CA ARG N 218 25.83 14.02 -46.39
C ARG N 218 27.28 13.84 -45.94
N HIS N 219 27.75 14.84 -45.21
CA HIS N 219 29.10 14.88 -44.66
C HIS N 219 28.95 15.45 -43.26
N HIS N 220 30.01 16.04 -42.69
CA HIS N 220 29.92 16.60 -41.35
C HIS N 220 30.45 18.01 -41.32
N ASN N 221 29.79 18.87 -40.53
CA ASN N 221 30.15 20.27 -40.37
C ASN N 221 30.23 21.00 -41.71
N PRO O 1 -14.33 17.47 -27.27
CA PRO O 1 -15.14 17.18 -26.08
C PRO O 1 -14.40 16.35 -25.02
N SER O 2 -13.36 15.65 -25.43
CA SER O 2 -12.55 14.82 -24.55
C SER O 2 -11.28 14.43 -25.31
N LEU O 3 -11.35 13.38 -26.14
CA LEU O 3 -10.21 12.95 -26.93
C LEU O 3 -10.49 13.31 -28.37
N SER O 4 -9.44 13.69 -29.10
CA SER O 4 -9.57 14.04 -30.50
C SER O 4 -9.72 12.74 -31.29
N LYS O 5 -10.11 12.86 -32.56
CA LYS O 5 -10.28 11.67 -33.40
C LYS O 5 -8.95 10.92 -33.45
N GLU O 6 -7.87 11.68 -33.63
CA GLU O 6 -6.52 11.13 -33.71
C GLU O 6 -6.16 10.37 -32.43
N ALA O 7 -6.31 11.03 -31.29
CA ALA O 7 -6.01 10.42 -29.98
C ALA O 7 -6.75 9.10 -29.83
N ALA O 8 -8.03 9.10 -30.17
CA ALA O 8 -8.87 7.92 -30.07
C ALA O 8 -8.31 6.80 -30.96
N LEU O 9 -8.09 7.11 -32.23
CA LEU O 9 -7.55 6.16 -33.19
C LEU O 9 -6.27 5.50 -32.70
N VAL O 10 -5.28 6.34 -32.37
CA VAL O 10 -4.00 5.87 -31.90
C VAL O 10 -4.17 4.94 -30.69
N HIS O 11 -4.95 5.39 -29.71
CA HIS O 11 -5.20 4.60 -28.51
C HIS O 11 -5.78 3.23 -28.85
N GLU O 12 -6.81 3.21 -29.69
CA GLU O 12 -7.44 1.96 -30.09
C GLU O 12 -6.43 1.06 -30.79
N ALA O 13 -5.67 1.63 -31.73
CA ALA O 13 -4.65 0.89 -32.50
C ALA O 13 -3.69 0.19 -31.55
N LEU O 14 -3.19 0.94 -30.58
CA LEU O 14 -2.27 0.41 -29.59
C LEU O 14 -2.89 -0.70 -28.77
N VAL O 15 -4.13 -0.50 -28.30
CA VAL O 15 -4.83 -1.50 -27.50
C VAL O 15 -5.04 -2.78 -28.31
N ALA O 16 -5.44 -2.63 -29.57
CA ALA O 16 -5.68 -3.74 -30.47
C ALA O 16 -4.42 -4.60 -30.60
N ARG O 17 -3.27 -3.96 -30.84
CA ARG O 17 -2.01 -4.68 -30.96
C ARG O 17 -1.45 -5.16 -29.62
N GLY O 18 -2.05 -4.68 -28.53
CA GLY O 18 -1.59 -5.07 -27.21
C GLY O 18 -0.28 -4.39 -26.90
N LEU O 19 -0.10 -3.19 -27.44
CA LEU O 19 1.11 -2.40 -27.25
C LEU O 19 0.93 -1.18 -26.35
N GLU O 20 -0.25 -1.04 -25.75
CA GLU O 20 -0.49 0.09 -24.87
C GLU O 20 0.25 -0.06 -23.57
N THR O 21 0.52 1.06 -22.92
CA THR O 21 1.22 1.04 -21.64
C THR O 21 0.26 0.38 -20.62
N PRO O 22 0.78 -0.51 -19.77
CA PRO O 22 -0.06 -1.18 -18.77
C PRO O 22 -0.79 -0.18 -17.87
N LEU O 23 -2.06 0.08 -18.18
CA LEU O 23 -2.87 1.01 -17.41
C LEU O 23 -4.15 0.36 -16.89
N ARG O 24 -4.61 0.84 -15.74
CA ARG O 24 -5.84 0.36 -15.11
C ARG O 24 -6.79 1.53 -15.20
N PRO O 25 -8.08 1.27 -15.46
CA PRO O 25 -9.05 2.37 -15.55
C PRO O 25 -9.11 3.14 -14.24
N PRO O 26 -9.26 4.48 -14.31
CA PRO O 26 -9.32 5.30 -13.10
C PRO O 26 -10.36 4.78 -12.11
N VAL O 27 -9.86 4.32 -10.97
CA VAL O 27 -10.68 3.77 -9.89
C VAL O 27 -11.81 4.73 -9.48
N HIS O 28 -11.51 6.03 -9.52
CA HIS O 28 -12.47 7.08 -9.18
C HIS O 28 -12.05 8.34 -9.89
N GLU O 29 -13.03 9.13 -10.33
CA GLU O 29 -12.75 10.36 -11.03
C GLU O 29 -12.15 11.38 -10.07
N MET O 30 -10.83 11.45 -10.04
CA MET O 30 -10.13 12.39 -9.17
C MET O 30 -9.59 13.53 -10.01
N ASP O 31 -9.56 14.72 -9.44
CA ASP O 31 -9.03 15.89 -10.14
C ASP O 31 -7.52 15.68 -10.13
N ASN O 32 -6.83 16.09 -11.18
CA ASN O 32 -5.37 15.94 -11.19
C ASN O 32 -4.83 16.64 -9.95
N GLU O 33 -5.55 17.66 -9.49
CA GLU O 33 -5.18 18.44 -8.30
C GLU O 33 -5.13 17.55 -7.06
N THR O 34 -6.15 16.72 -6.87
CA THR O 34 -6.20 15.82 -5.71
C THR O 34 -5.17 14.71 -5.85
N ARG O 35 -4.96 14.23 -7.08
CA ARG O 35 -3.96 13.19 -7.30
C ARG O 35 -2.60 13.75 -6.93
N LYS O 36 -2.29 14.97 -7.39
CA LYS O 36 -1.02 15.60 -7.11
C LYS O 36 -0.81 15.71 -5.62
N SER O 37 -1.82 16.19 -4.90
CA SER O 37 -1.69 16.32 -3.45
C SER O 37 -1.43 14.97 -2.78
N LEU O 38 -2.15 13.94 -3.19
CA LEU O 38 -1.96 12.59 -2.62
C LEU O 38 -0.55 12.07 -2.88
N ILE O 39 -0.07 12.27 -4.10
CA ILE O 39 1.28 11.83 -4.49
C ILE O 39 2.30 12.60 -3.65
N ALA O 40 2.10 13.91 -3.53
CA ALA O 40 2.99 14.76 -2.76
C ALA O 40 3.05 14.23 -1.33
N GLY O 41 1.89 13.79 -0.83
CA GLY O 41 1.82 13.24 0.51
C GLY O 41 2.68 12.00 0.66
N HIS O 42 2.57 11.09 -0.29
CA HIS O 42 3.39 9.86 -0.23
C HIS O 42 4.85 10.21 -0.32
N MET O 43 5.19 11.20 -1.15
CA MET O 43 6.57 11.64 -1.30
C MET O 43 7.09 12.19 0.00
N THR O 44 6.26 12.99 0.69
CA THR O 44 6.65 13.56 1.99
C THR O 44 7.07 12.42 2.92
N GLU O 45 6.26 11.36 2.97
CA GLU O 45 6.53 10.20 3.81
C GLU O 45 7.82 9.48 3.41
N ILE O 46 8.05 9.33 2.11
CA ILE O 46 9.27 8.68 1.63
C ILE O 46 10.51 9.50 2.03
N MET O 47 10.46 10.81 1.80
CA MET O 47 11.58 11.68 2.15
C MET O 47 11.86 11.58 3.65
N GLN O 48 10.80 11.58 4.46
CA GLN O 48 10.95 11.46 5.90
C GLN O 48 11.59 10.12 6.26
N LEU O 49 11.21 9.05 5.56
CA LEU O 49 11.80 7.74 5.81
C LEU O 49 13.29 7.78 5.48
N LEU O 50 13.67 8.68 4.56
CA LEU O 50 15.07 8.84 4.16
C LEU O 50 15.81 9.77 5.14
N ASN O 51 15.08 10.27 6.12
CA ASN O 51 15.60 11.16 7.16
C ASN O 51 15.93 12.57 6.67
N LEU O 52 15.27 13.00 5.60
CA LEU O 52 15.54 14.33 5.09
C LEU O 52 14.75 15.37 5.88
N ASP O 53 15.44 16.43 6.29
CA ASP O 53 14.82 17.49 7.05
C ASP O 53 13.97 18.36 6.15
N LEU O 54 12.71 17.98 6.01
CA LEU O 54 11.77 18.72 5.18
C LEU O 54 11.50 20.16 5.61
N ALA O 55 12.09 20.59 6.71
CA ALA O 55 11.93 21.96 7.20
C ALA O 55 12.83 22.91 6.42
N ASP O 56 13.86 22.36 5.78
CA ASP O 56 14.81 23.12 4.99
C ASP O 56 14.12 23.75 3.79
N ASP O 57 14.32 25.05 3.61
CA ASP O 57 13.71 25.79 2.50
C ASP O 57 13.87 25.13 1.13
N SER O 58 15.05 24.59 0.86
CA SER O 58 15.31 23.96 -0.42
C SER O 58 14.53 22.64 -0.64
N LEU O 59 14.37 21.83 0.42
CA LEU O 59 13.66 20.55 0.34
C LEU O 59 12.15 20.65 0.53
N MET O 60 11.74 21.64 1.30
CA MET O 60 10.34 21.91 1.63
C MET O 60 9.32 21.68 0.50
N GLU O 61 9.52 22.32 -0.64
CA GLU O 61 8.59 22.18 -1.77
C GLU O 61 8.78 20.98 -2.68
N THR O 62 9.83 20.19 -2.45
CA THR O 62 10.11 19.02 -3.28
C THR O 62 8.92 18.06 -3.47
N PRO O 63 8.25 17.63 -2.38
CA PRO O 63 7.12 16.71 -2.52
C PRO O 63 6.09 17.20 -3.53
N HIS O 64 5.83 18.51 -3.52
CA HIS O 64 4.88 19.11 -4.44
C HIS O 64 5.47 19.15 -5.85
N ARG O 65 6.73 19.58 -5.96
CA ARG O 65 7.39 19.65 -7.25
C ARG O 65 7.44 18.31 -7.94
N ILE O 66 7.69 17.23 -7.18
CA ILE O 66 7.75 15.90 -7.76
C ILE O 66 6.36 15.47 -8.22
N ALA O 67 5.35 15.76 -7.40
CA ALA O 67 3.97 15.42 -7.72
C ALA O 67 3.55 16.05 -9.03
N LYS O 68 3.82 17.34 -9.18
CA LYS O 68 3.47 18.07 -10.40
C LYS O 68 4.25 17.53 -11.62
N MET O 69 5.52 17.25 -11.42
CA MET O 69 6.37 16.72 -12.48
C MET O 69 5.80 15.41 -13.00
N TYR O 70 5.38 14.53 -12.10
CA TYR O 70 4.80 13.25 -12.48
C TYR O 70 3.52 13.40 -13.28
N VAL O 71 2.50 13.98 -12.66
CA VAL O 71 1.20 14.17 -13.29
C VAL O 71 1.17 15.09 -14.52
N ASP O 72 1.79 16.26 -14.41
CA ASP O 72 1.80 17.23 -15.51
C ASP O 72 2.91 17.15 -16.53
N GLU O 73 4.10 16.72 -16.11
CA GLU O 73 5.21 16.64 -17.05
C GLU O 73 5.68 15.27 -17.51
N ILE O 74 6.68 14.69 -16.84
CA ILE O 74 7.23 13.41 -17.26
C ILE O 74 6.30 12.24 -17.53
N PHE O 75 5.10 12.22 -16.95
CA PHE O 75 4.17 11.10 -17.19
C PHE O 75 2.88 11.59 -17.85
N SER O 76 2.90 12.79 -18.42
CA SER O 76 1.72 13.36 -19.07
C SER O 76 1.28 12.55 -20.29
N GLY O 77 2.20 11.77 -20.85
CA GLY O 77 1.90 10.96 -22.01
C GLY O 77 0.85 9.90 -21.74
N LEU O 78 0.68 9.55 -20.47
CA LEU O 78 -0.31 8.54 -20.07
C LEU O 78 -1.75 9.02 -20.29
N ASP O 79 -1.94 10.35 -20.38
CA ASP O 79 -3.27 10.90 -20.57
C ASP O 79 -3.44 11.39 -22.00
N TYR O 80 -4.26 10.68 -22.78
CA TYR O 80 -4.50 11.06 -24.19
C TYR O 80 -5.11 12.44 -24.40
N ALA O 81 -5.47 13.11 -23.31
CA ALA O 81 -6.03 14.45 -23.42
C ALA O 81 -4.89 15.39 -23.80
N ASN O 82 -3.65 14.91 -23.62
CA ASN O 82 -2.44 15.68 -23.93
C ASN O 82 -1.87 15.34 -25.30
N PHE O 83 -2.56 14.48 -26.05
CA PHE O 83 -2.08 14.09 -27.37
C PHE O 83 -2.02 15.36 -28.24
N PRO O 84 -0.94 15.52 -29.02
CA PRO O 84 -0.81 16.70 -29.88
C PRO O 84 -1.86 16.79 -30.99
N LYS O 85 -2.06 17.99 -31.52
CA LYS O 85 -3.02 18.21 -32.59
C LYS O 85 -2.25 17.88 -33.87
N ILE O 86 -2.76 16.94 -34.66
CA ILE O 86 -2.10 16.54 -35.88
C ILE O 86 -2.57 17.32 -37.11
N THR O 87 -1.61 17.84 -37.87
CA THR O 87 -1.90 18.60 -39.09
C THR O 87 -1.30 17.82 -40.26
N LEU O 88 -2.12 17.51 -41.25
CA LEU O 88 -1.69 16.77 -42.44
C LEU O 88 -2.06 17.56 -43.68
N ILE O 89 -1.12 17.68 -44.61
CA ILE O 89 -1.38 18.40 -45.84
C ILE O 89 -1.44 17.36 -46.96
N GLU O 90 -2.19 17.67 -48.02
CA GLU O 90 -2.33 16.76 -49.14
C GLU O 90 -0.99 16.59 -49.84
N ASN O 91 -0.61 15.34 -50.13
CA ASN O 91 0.66 15.05 -50.81
C ASN O 91 0.57 15.42 -52.29
N LYS O 92 0.41 16.72 -52.57
CA LYS O 92 0.32 17.22 -53.93
C LYS O 92 1.69 17.16 -54.59
N MET O 93 2.75 17.25 -53.77
CA MET O 93 4.12 17.22 -54.27
C MET O 93 4.42 15.85 -54.87
N LYS O 94 3.55 14.88 -54.59
CA LYS O 94 3.68 13.51 -55.08
C LYS O 94 5.03 12.92 -54.67
N VAL O 95 5.30 12.99 -53.38
CA VAL O 95 6.53 12.48 -52.81
C VAL O 95 6.40 10.96 -52.70
N ASP O 96 7.33 10.25 -53.30
CA ASP O 96 7.32 8.79 -53.27
C ASP O 96 8.56 8.26 -52.57
N GLU O 97 9.44 9.16 -52.17
CA GLU O 97 10.67 8.80 -51.49
C GLU O 97 10.49 9.08 -50.00
N MET O 98 11.25 8.41 -49.15
CA MET O 98 11.10 8.62 -47.71
C MET O 98 11.60 9.97 -47.20
N VAL O 99 10.88 10.48 -46.21
CA VAL O 99 11.17 11.73 -45.55
C VAL O 99 11.71 11.24 -44.20
N THR O 100 12.91 11.70 -43.85
CA THR O 100 13.54 11.30 -42.60
C THR O 100 13.73 12.49 -41.67
N VAL O 101 13.32 12.34 -40.42
CA VAL O 101 13.46 13.38 -39.43
C VAL O 101 14.41 12.69 -38.49
N ARG O 102 15.62 13.22 -38.38
CA ARG O 102 16.63 12.64 -37.53
C ARG O 102 16.96 13.46 -36.30
N ASP O 103 17.62 12.79 -35.36
CA ASP O 103 18.06 13.38 -34.10
C ASP O 103 16.99 14.10 -33.31
N ILE O 104 15.83 13.46 -33.17
CA ILE O 104 14.72 14.04 -32.41
C ILE O 104 15.12 13.86 -30.94
N THR O 105 15.07 14.92 -30.15
CA THR O 105 15.45 14.84 -28.75
C THR O 105 14.41 13.99 -28.03
N LEU O 106 14.87 13.03 -27.24
CA LEU O 106 13.96 12.15 -26.51
C LEU O 106 14.43 11.93 -25.10
N THR O 107 13.54 12.19 -24.16
CA THR O 107 13.81 12.01 -22.73
C THR O 107 12.62 11.22 -22.19
N SER O 108 12.90 10.04 -21.64
CA SER O 108 11.87 9.17 -21.09
C SER O 108 12.29 8.66 -19.71
N THR O 109 11.57 7.68 -19.17
CA THR O 109 11.85 7.12 -17.84
C THR O 109 11.79 5.59 -17.83
N CYS O 110 12.86 4.93 -17.40
CA CYS O 110 12.88 3.46 -17.36
C CYS O 110 11.96 3.05 -16.22
N GLU O 111 10.84 2.45 -16.57
CA GLU O 111 9.82 1.99 -15.62
C GLU O 111 10.24 1.01 -14.53
N HIS O 112 11.39 0.37 -14.69
CA HIS O 112 11.87 -0.58 -13.69
C HIS O 112 12.53 0.08 -12.48
N HIS O 113 12.92 1.34 -12.60
CA HIS O 113 13.56 2.06 -11.52
C HIS O 113 13.19 3.52 -11.52
N PHE O 114 12.31 3.91 -12.43
CA PHE O 114 11.88 5.29 -12.54
C PHE O 114 13.05 6.28 -12.65
N VAL O 115 14.00 5.94 -13.53
CA VAL O 115 15.20 6.75 -13.76
C VAL O 115 15.25 7.25 -15.22
N THR O 116 15.93 8.36 -15.46
CA THR O 116 16.06 8.96 -16.77
C THR O 116 16.63 8.09 -17.90
N ILE O 117 16.04 8.25 -19.07
CA ILE O 117 16.45 7.58 -20.31
C ILE O 117 16.66 8.82 -21.19
N ASP O 118 17.88 9.02 -21.67
CA ASP O 118 18.15 10.18 -22.51
C ASP O 118 18.68 9.66 -23.83
N GLY O 119 18.03 10.03 -24.92
CA GLY O 119 18.48 9.57 -26.21
C GLY O 119 17.92 10.37 -27.37
N LYS O 120 18.06 9.82 -28.58
CA LYS O 120 17.58 10.47 -29.78
C LYS O 120 16.92 9.46 -30.68
N ALA O 121 15.84 9.90 -31.34
CA ALA O 121 15.10 9.04 -32.24
C ALA O 121 15.18 9.52 -33.69
N THR O 122 15.18 8.57 -34.62
CA THR O 122 15.22 8.85 -36.04
C THR O 122 13.95 8.19 -36.58
N VAL O 123 13.09 9.00 -37.18
CA VAL O 123 11.83 8.52 -37.72
C VAL O 123 11.82 8.83 -39.21
N ALA O 124 11.30 7.90 -39.99
CA ALA O 124 11.23 8.09 -41.44
C ALA O 124 9.94 7.43 -41.91
N TYR O 125 9.41 7.91 -43.03
CA TYR O 125 8.19 7.35 -43.60
C TYR O 125 8.11 7.74 -45.05
N ILE O 126 7.34 6.98 -45.83
CA ILE O 126 7.17 7.26 -47.26
C ILE O 126 5.73 7.78 -47.35
N PRO O 127 5.55 9.07 -47.69
CA PRO O 127 4.23 9.71 -47.82
C PRO O 127 3.31 8.99 -48.78
N LYS O 128 2.06 8.79 -48.38
CA LYS O 128 1.09 8.14 -49.25
C LYS O 128 0.14 9.25 -49.72
N ASP O 129 -1.02 9.39 -49.08
CA ASP O 129 -1.97 10.43 -49.47
C ASP O 129 -1.70 11.78 -48.79
N SER O 130 -1.05 11.75 -47.62
CA SER O 130 -0.74 12.99 -46.91
C SER O 130 0.65 13.06 -46.32
N VAL O 131 1.12 14.29 -46.16
CA VAL O 131 2.43 14.61 -45.59
C VAL O 131 2.10 15.24 -44.24
N ILE O 132 2.83 14.86 -43.21
CA ILE O 132 2.60 15.37 -41.86
C ILE O 132 3.58 16.51 -41.55
N GLY O 133 3.14 17.43 -40.69
CA GLY O 133 3.99 18.54 -40.31
C GLY O 133 5.16 17.98 -39.54
N LEU O 134 6.38 18.33 -39.94
CA LEU O 134 7.59 17.84 -39.30
C LEU O 134 7.56 17.96 -37.78
N SER O 135 7.13 19.11 -37.26
CA SER O 135 7.04 19.32 -35.82
C SER O 135 6.17 18.25 -35.14
N LYS O 136 5.08 17.85 -35.81
CA LYS O 136 4.16 16.84 -35.28
C LYS O 136 4.87 15.53 -34.97
N ILE O 137 5.83 15.15 -35.81
CA ILE O 137 6.59 13.92 -35.59
C ILE O 137 7.32 14.05 -34.26
N ASN O 138 8.01 15.16 -34.05
CA ASN O 138 8.73 15.38 -32.79
C ASN O 138 7.76 15.33 -31.60
N ARG O 139 6.59 15.95 -31.76
CA ARG O 139 5.60 15.96 -30.69
C ARG O 139 5.07 14.56 -30.35
N ILE O 140 4.77 13.75 -31.36
CA ILE O 140 4.28 12.40 -31.12
C ILE O 140 5.35 11.61 -30.38
N VAL O 141 6.62 11.77 -30.77
CA VAL O 141 7.73 11.06 -30.11
C VAL O 141 7.75 11.48 -28.64
N GLN O 142 7.70 12.79 -28.39
CA GLN O 142 7.71 13.30 -27.01
C GLN O 142 6.55 12.72 -26.20
N PHE O 143 5.35 12.72 -26.77
CA PHE O 143 4.16 12.20 -26.09
C PHE O 143 4.42 10.83 -25.49
N PHE O 144 4.73 9.86 -26.34
CA PHE O 144 4.98 8.50 -25.85
C PHE O 144 6.23 8.40 -25.00
N ALA O 145 7.13 9.36 -25.13
CA ALA O 145 8.36 9.36 -24.34
C ALA O 145 8.03 9.74 -22.91
N GLN O 146 7.01 10.59 -22.73
CA GLN O 146 6.57 11.05 -21.42
C GLN O 146 5.69 10.00 -20.72
N ARG O 147 6.25 8.81 -20.49
CA ARG O 147 5.55 7.69 -19.84
C ARG O 147 6.59 6.75 -19.25
N PRO O 148 6.20 5.94 -18.25
CA PRO O 148 7.17 5.01 -17.67
C PRO O 148 7.33 4.06 -18.85
N GLN O 149 8.53 4.01 -19.42
CA GLN O 149 8.78 3.17 -20.57
C GLN O 149 9.80 2.09 -20.41
N VAL O 150 9.91 1.34 -21.49
CA VAL O 150 10.81 0.22 -21.70
C VAL O 150 11.04 0.61 -23.16
N GLN O 151 12.28 0.93 -23.52
CA GLN O 151 12.60 1.34 -24.87
C GLN O 151 11.98 0.45 -25.94
N GLU O 152 11.96 -0.87 -25.71
CA GLU O 152 11.38 -1.82 -26.67
C GLU O 152 9.92 -1.50 -26.99
N ARG O 153 9.17 -1.10 -25.97
CA ARG O 153 7.77 -0.76 -26.16
C ARG O 153 7.65 0.62 -26.79
N LEU O 154 8.40 1.59 -26.27
CA LEU O 154 8.41 2.98 -26.76
C LEU O 154 8.53 3.06 -28.27
N THR O 155 9.54 2.37 -28.82
CA THR O 155 9.78 2.35 -30.25
C THR O 155 8.54 1.79 -30.99
N GLN O 156 7.97 0.69 -30.49
CA GLN O 156 6.78 0.07 -31.09
C GLN O 156 5.60 1.04 -31.09
N GLN O 157 5.33 1.66 -29.96
CA GLN O 157 4.24 2.62 -29.84
C GLN O 157 4.35 3.75 -30.84
N ILE O 158 5.51 4.38 -30.92
CA ILE O 158 5.71 5.49 -31.86
C ILE O 158 5.43 5.00 -33.29
N LEU O 159 5.96 3.83 -33.65
CA LEU O 159 5.75 3.26 -34.98
C LEU O 159 4.28 3.16 -35.32
N ILE O 160 3.51 2.49 -34.46
CA ILE O 160 2.07 2.33 -34.67
C ILE O 160 1.32 3.66 -34.71
N ALA O 161 1.59 4.55 -33.77
CA ALA O 161 0.93 5.85 -33.73
C ALA O 161 1.08 6.53 -35.10
N LEU O 162 2.30 6.56 -35.62
CA LEU O 162 2.58 7.17 -36.91
C LEU O 162 1.90 6.45 -38.07
N GLN O 163 1.97 5.11 -38.09
CA GLN O 163 1.34 4.35 -39.15
C GLN O 163 -0.14 4.72 -39.21
N THR O 164 -0.79 4.71 -38.05
CA THR O 164 -2.20 5.03 -37.89
C THR O 164 -2.54 6.42 -38.44
N LEU O 165 -1.84 7.43 -37.96
CA LEU O 165 -2.07 8.80 -38.41
C LEU O 165 -1.74 9.09 -39.89
N LEU O 166 -0.67 8.49 -40.40
CA LEU O 166 -0.27 8.70 -41.79
C LEU O 166 -1.02 7.82 -42.77
N GLY O 167 -1.63 6.75 -42.25
CA GLY O 167 -2.37 5.82 -43.08
C GLY O 167 -1.46 5.11 -44.05
N THR O 168 -0.29 4.70 -43.57
CA THR O 168 0.71 4.00 -44.37
C THR O 168 1.48 3.14 -43.39
N ASN O 169 1.81 1.92 -43.79
CA ASN O 169 2.58 1.03 -42.92
C ASN O 169 4.06 1.31 -43.12
N ASN O 170 4.38 2.09 -44.15
CA ASN O 170 5.75 2.44 -44.48
C ASN O 170 6.28 3.50 -43.53
N VAL O 171 6.59 3.08 -42.31
CA VAL O 171 7.12 3.95 -41.28
C VAL O 171 8.24 3.14 -40.64
N ALA O 172 9.25 3.83 -40.13
CA ALA O 172 10.37 3.17 -39.49
C ALA O 172 10.77 4.08 -38.36
N VAL O 173 11.12 3.49 -37.22
CA VAL O 173 11.53 4.24 -36.05
C VAL O 173 12.73 3.56 -35.43
N SER O 174 13.77 4.34 -35.14
CA SER O 174 14.98 3.84 -34.51
C SER O 174 15.25 4.78 -33.36
N ILE O 175 15.56 4.22 -32.19
CA ILE O 175 15.84 4.99 -30.99
C ILE O 175 17.12 4.50 -30.37
N ASP O 176 18.04 5.44 -30.14
CA ASP O 176 19.34 5.16 -29.54
C ASP O 176 19.29 5.96 -28.26
N ALA O 177 19.46 5.31 -27.11
CA ALA O 177 19.40 6.00 -25.84
C ALA O 177 20.31 5.46 -24.75
N VAL O 178 20.60 6.31 -23.77
CA VAL O 178 21.44 5.97 -22.63
C VAL O 178 20.50 5.84 -21.47
N HIS O 179 20.62 4.75 -20.72
CA HIS O 179 19.76 4.51 -19.56
C HIS O 179 20.50 4.77 -18.26
N TYR O 180 20.05 5.74 -17.47
CA TYR O 180 20.74 6.00 -16.20
C TYR O 180 20.45 4.88 -15.20
N CYS O 181 19.52 4.01 -15.59
CA CYS O 181 19.12 2.82 -14.81
C CYS O 181 20.39 1.96 -14.80
N VAL O 182 21.15 2.02 -15.89
CA VAL O 182 22.40 1.28 -16.10
C VAL O 182 23.66 2.07 -15.73
N LYS O 183 23.67 3.34 -16.11
CA LYS O 183 24.81 4.22 -15.85
C LYS O 183 24.98 4.79 -14.45
N ALA O 184 23.93 5.40 -13.94
CA ALA O 184 23.95 6.04 -12.63
C ALA O 184 23.91 5.14 -11.42
N ARG O 185 23.60 3.88 -11.63
CA ARG O 185 23.50 2.96 -10.51
C ARG O 185 23.62 1.51 -11.00
N GLY O 186 23.51 0.54 -10.08
CA GLY O 186 23.61 -0.85 -10.49
C GLY O 186 25.00 -1.18 -10.98
N ILE O 187 25.11 -1.63 -12.23
CA ILE O 187 26.42 -1.97 -12.78
C ILE O 187 27.26 -0.71 -13.09
N ARG O 188 26.59 0.44 -13.22
CA ARG O 188 27.23 1.72 -13.51
C ARG O 188 28.16 1.73 -14.72
N ASP O 189 27.62 1.31 -15.84
CA ASP O 189 28.40 1.27 -17.08
C ASP O 189 28.29 2.68 -17.64
N ALA O 190 29.40 3.39 -17.67
CA ALA O 190 29.46 4.76 -18.17
C ALA O 190 29.48 4.94 -19.68
N THR O 191 29.63 3.86 -20.44
CA THR O 191 29.68 4.01 -21.88
C THR O 191 28.61 3.37 -22.76
N SER O 192 27.96 2.30 -22.30
CA SER O 192 26.96 1.63 -23.10
C SER O 192 25.70 2.42 -23.42
N ALA O 193 25.15 2.15 -24.60
CA ALA O 193 23.94 2.80 -25.08
C ALA O 193 23.16 1.70 -25.77
N THR O 194 21.84 1.80 -25.77
CA THR O 194 20.98 0.80 -26.40
C THR O 194 20.31 1.35 -27.63
N THR O 195 20.21 0.53 -28.67
CA THR O 195 19.57 0.93 -29.92
C THR O 195 18.49 -0.10 -30.25
N THR O 196 17.28 0.38 -30.51
CA THR O 196 16.16 -0.46 -30.84
C THR O 196 15.51 0.13 -32.08
N THR O 197 15.02 -0.71 -32.97
CA THR O 197 14.38 -0.23 -34.18
C THR O 197 13.11 -1.04 -34.43
N SER O 198 12.11 -0.40 -35.04
CA SER O 198 10.86 -1.06 -35.37
C SER O 198 10.61 -0.60 -36.79
N LEU O 199 10.42 -1.56 -37.70
CA LEU O 199 10.21 -1.27 -39.11
C LEU O 199 8.86 -1.77 -39.62
N GLY O 200 8.18 -0.94 -40.37
CA GLY O 200 6.90 -1.31 -40.92
C GLY O 200 6.97 -1.20 -42.44
N GLY O 201 6.00 -1.80 -43.11
CA GLY O 201 5.95 -1.75 -44.56
C GLY O 201 7.21 -2.12 -45.31
N LEU O 202 7.52 -1.34 -46.33
CA LEU O 202 8.69 -1.53 -47.17
C LEU O 202 9.99 -1.56 -46.37
N PHE O 203 10.03 -0.83 -45.26
CA PHE O 203 11.22 -0.76 -44.41
C PHE O 203 11.57 -2.11 -43.80
N LYS O 204 10.62 -3.03 -43.82
CA LYS O 204 10.85 -4.36 -43.28
C LYS O 204 10.92 -5.35 -44.43
N SER O 205 10.00 -5.19 -45.39
CA SER O 205 9.92 -6.06 -46.57
C SER O 205 11.07 -5.90 -47.56
N SER O 206 11.22 -4.68 -48.08
CA SER O 206 12.23 -4.33 -49.06
C SER O 206 13.57 -4.14 -48.41
N GLN O 207 14.52 -5.02 -48.73
CA GLN O 207 15.87 -4.95 -48.18
C GLN O 207 16.54 -3.65 -48.62
N ASN O 208 16.20 -3.22 -49.83
CA ASN O 208 16.71 -2.00 -50.45
C ASN O 208 16.32 -0.80 -49.59
N THR O 209 15.02 -0.68 -49.33
CA THR O 209 14.45 0.40 -48.52
C THR O 209 14.95 0.33 -47.07
N ARG O 210 14.96 -0.88 -46.55
CA ARG O 210 15.38 -1.14 -45.19
C ARG O 210 16.79 -0.62 -44.94
N HIS O 211 17.72 -1.03 -45.80
CA HIS O 211 19.09 -0.59 -45.65
C HIS O 211 19.30 0.89 -45.87
N GLU O 212 18.52 1.50 -46.76
CA GLU O 212 18.64 2.94 -47.00
C GLU O 212 18.36 3.67 -45.70
N PHE O 213 17.32 3.25 -45.00
CA PHE O 213 16.96 3.84 -43.73
C PHE O 213 18.04 3.57 -42.69
N LEU O 214 18.36 2.29 -42.50
CA LEU O 214 19.37 1.89 -41.53
C LEU O 214 20.70 2.61 -41.70
N ARG O 215 21.12 2.81 -42.95
CA ARG O 215 22.36 3.51 -43.28
C ARG O 215 22.30 4.97 -42.81
N ALA O 216 21.12 5.57 -42.91
CA ALA O 216 20.94 6.96 -42.49
C ALA O 216 20.87 7.12 -40.97
N VAL O 217 20.41 6.08 -40.29
CA VAL O 217 20.28 6.10 -38.83
C VAL O 217 21.57 6.44 -38.10
N ARG O 218 21.40 7.26 -37.05
CA ARG O 218 22.49 7.72 -36.17
C ARG O 218 23.50 8.69 -36.79
N HIS O 219 23.95 9.63 -35.96
CA HIS O 219 24.93 10.64 -36.33
C HIS O 219 25.87 10.76 -35.12
N HIS O 220 26.56 11.89 -34.99
CA HIS O 220 27.47 12.06 -33.85
C HIS O 220 27.21 13.37 -33.13
N ASN O 221 27.31 13.33 -31.81
CA ASN O 221 27.09 14.50 -30.95
C ASN O 221 25.74 15.15 -31.19
N PRO P 1 33.01 -0.03 14.99
CA PRO P 1 31.82 -0.26 15.82
C PRO P 1 30.56 0.43 15.30
N SER P 2 30.74 1.46 14.48
CA SER P 2 29.64 2.21 13.89
C SER P 2 30.22 3.08 12.76
N LEU P 3 30.75 4.24 13.10
CA LEU P 3 31.35 5.13 12.12
C LEU P 3 32.86 5.09 12.31
N SER P 4 33.60 5.18 11.22
CA SER P 4 35.05 5.17 11.28
C SER P 4 35.50 6.54 11.77
N LYS P 5 36.77 6.65 12.18
CA LYS P 5 37.31 7.91 12.65
C LYS P 5 37.10 8.94 11.55
N GLU P 6 37.44 8.55 10.32
CA GLU P 6 37.32 9.40 9.15
C GLU P 6 35.89 9.89 8.95
N ALA P 7 34.93 8.96 8.92
CA ALA P 7 33.53 9.31 8.74
C ALA P 7 33.06 10.34 9.78
N ALA P 8 33.44 10.11 11.03
CA ALA P 8 33.10 10.99 12.14
C ALA P 8 33.66 12.38 11.93
N LEU P 9 34.96 12.46 11.64
CA LEU P 9 35.64 13.72 11.38
C LEU P 9 34.96 14.53 10.28
N VAL P 10 34.79 13.90 9.11
CA VAL P 10 34.16 14.55 7.96
C VAL P 10 32.78 15.04 8.33
N HIS P 11 31.96 14.18 8.96
CA HIS P 11 30.62 14.59 9.35
C HIS P 11 30.63 15.82 10.23
N GLU P 12 31.48 15.80 11.26
CA GLU P 12 31.60 16.92 12.19
C GLU P 12 32.01 18.19 11.45
N ALA P 13 33.04 18.08 10.61
CA ALA P 13 33.55 19.21 9.82
C ALA P 13 32.42 19.86 9.03
N LEU P 14 31.64 19.04 8.33
CA LEU P 14 30.53 19.54 7.55
C LEU P 14 29.49 20.24 8.42
N VAL P 15 29.09 19.59 9.52
CA VAL P 15 28.10 20.16 10.45
C VAL P 15 28.58 21.51 11.01
N ALA P 16 29.87 21.57 11.36
CA ALA P 16 30.49 22.78 11.90
C ALA P 16 30.34 23.93 10.91
N ARG P 17 30.67 23.67 9.64
CA ARG P 17 30.55 24.68 8.59
C ARG P 17 29.11 24.93 8.16
N GLY P 18 28.21 24.06 8.59
CA GLY P 18 26.81 24.20 8.22
C GLY P 18 26.61 23.80 6.77
N LEU P 19 27.43 22.87 6.30
CA LEU P 19 27.36 22.40 4.92
C LEU P 19 26.79 20.98 4.78
N GLU P 20 26.32 20.41 5.88
CA GLU P 20 25.77 19.06 5.83
C GLU P 20 24.44 19.06 5.10
N THR P 21 24.07 17.88 4.59
CA THR P 21 22.81 17.74 3.88
C THR P 21 21.72 17.83 4.95
N PRO P 22 20.65 18.60 4.68
CA PRO P 22 19.54 18.76 5.62
C PRO P 22 18.97 17.42 6.09
N LEU P 23 19.41 16.96 7.24
CA LEU P 23 18.94 15.70 7.79
C LEU P 23 18.32 15.85 9.17
N ARG P 24 17.34 15.01 9.46
CA ARG P 24 16.66 14.99 10.75
C ARG P 24 17.09 13.68 11.38
N PRO P 25 17.30 13.67 12.70
CA PRO P 25 17.72 12.43 13.37
C PRO P 25 16.63 11.37 13.21
N PRO P 26 17.04 10.09 13.04
CA PRO P 26 16.08 8.99 12.87
C PRO P 26 15.02 8.97 13.97
N VAL P 27 13.78 9.27 13.58
CA VAL P 27 12.63 9.30 14.48
C VAL P 27 12.53 8.03 15.33
N HIS P 28 12.87 6.90 14.72
CA HIS P 28 12.84 5.60 15.38
C HIS P 28 13.83 4.70 14.68
N GLU P 29 14.47 3.81 15.44
CA GLU P 29 15.44 2.89 14.88
C GLU P 29 14.75 1.83 14.03
N MET P 30 14.68 2.07 12.73
CA MET P 30 14.06 1.15 11.79
C MET P 30 15.14 0.44 11.01
N ASP P 31 14.89 -0.81 10.64
CA ASP P 31 15.84 -1.59 9.86
C ASP P 31 15.73 -1.01 8.46
N ASN P 32 16.81 -0.99 7.69
CA ASN P 32 16.75 -0.47 6.33
C ASN P 32 15.69 -1.29 5.58
N GLU P 33 15.53 -2.55 6.02
CA GLU P 33 14.55 -3.49 5.45
C GLU P 33 13.13 -2.95 5.61
N THR P 34 12.79 -2.49 6.81
CA THR P 34 11.46 -1.96 7.06
C THR P 34 11.27 -0.64 6.32
N ARG P 35 12.33 0.18 6.26
CA ARG P 35 12.24 1.45 5.55
C ARG P 35 11.96 1.20 4.08
N LYS P 36 12.68 0.25 3.50
CA LYS P 36 12.52 -0.10 2.10
C LYS P 36 11.10 -0.53 1.84
N SER P 37 10.58 -1.44 2.67
CA SER P 37 9.22 -1.90 2.47
C SER P 37 8.22 -0.74 2.57
N LEU P 38 8.40 0.14 3.54
CA LEU P 38 7.50 1.28 3.67
C LEU P 38 7.54 2.17 2.43
N ILE P 39 8.75 2.48 1.95
CA ILE P 39 8.93 3.30 0.76
C ILE P 39 8.26 2.61 -0.42
N ALA P 40 8.47 1.30 -0.53
CA ALA P 40 7.88 0.49 -1.60
C ALA P 40 6.35 0.64 -1.57
N GLY P 41 5.79 0.61 -0.37
CA GLY P 41 4.35 0.76 -0.21
C GLY P 41 3.88 2.09 -0.74
N HIS P 42 4.57 3.17 -0.36
CA HIS P 42 4.20 4.49 -0.82
C HIS P 42 4.31 4.58 -2.34
N MET P 43 5.35 3.96 -2.90
CA MET P 43 5.52 3.95 -4.35
C MET P 43 4.37 3.24 -5.01
N THR P 44 3.94 2.12 -4.43
CA THR P 44 2.82 1.35 -4.97
C THR P 44 1.62 2.28 -5.11
N GLU P 45 1.34 3.03 -4.05
CA GLU P 45 0.23 3.97 -4.07
C GLU P 45 0.40 5.02 -5.16
N ILE P 46 1.59 5.61 -5.27
CA ILE P 46 1.86 6.63 -6.29
C ILE P 46 1.61 6.05 -7.69
N MET P 47 2.18 4.88 -7.97
CA MET P 47 2.01 4.25 -9.26
C MET P 47 0.54 3.99 -9.57
N GLN P 48 -0.22 3.61 -8.55
CA GLN P 48 -1.64 3.37 -8.73
C GLN P 48 -2.34 4.70 -9.03
N LEU P 49 -1.90 5.77 -8.38
CA LEU P 49 -2.46 7.10 -8.60
C LEU P 49 -2.18 7.56 -10.03
N LEU P 50 -1.13 7.02 -10.62
CA LEU P 50 -0.76 7.35 -12.00
C LEU P 50 -1.49 6.42 -12.96
N ASN P 51 -2.31 5.52 -12.40
CA ASN P 51 -3.12 4.53 -13.13
C ASN P 51 -2.33 3.42 -13.81
N LEU P 52 -1.15 3.12 -13.30
CA LEU P 52 -0.32 2.07 -13.88
C LEU P 52 -0.80 0.70 -13.40
N ASP P 53 -0.94 -0.23 -14.32
CA ASP P 53 -1.39 -1.58 -14.00
C ASP P 53 -0.26 -2.37 -13.38
N LEU P 54 -0.16 -2.27 -12.08
CA LEU P 54 0.86 -2.96 -11.32
C LEU P 54 0.82 -4.50 -11.40
N ALA P 55 -0.15 -5.05 -12.13
CA ALA P 55 -0.27 -6.49 -12.28
C ALA P 55 0.65 -6.95 -13.42
N ASP P 56 1.10 -6.01 -14.24
CA ASP P 56 1.98 -6.28 -15.36
C ASP P 56 3.33 -6.75 -14.84
N ASP P 57 3.83 -7.86 -15.37
CA ASP P 57 5.12 -8.40 -14.94
C ASP P 57 6.28 -7.42 -14.91
N SER P 58 6.31 -6.53 -15.89
CA SER P 58 7.37 -5.54 -15.96
C SER P 58 7.28 -4.47 -14.87
N LEU P 59 6.06 -4.04 -14.54
CA LEU P 59 5.86 -3.01 -13.52
C LEU P 59 5.77 -3.53 -12.08
N MET P 60 5.39 -4.79 -11.96
CA MET P 60 5.23 -5.48 -10.69
C MET P 60 6.29 -5.23 -9.63
N GLU P 61 7.55 -5.51 -9.93
CA GLU P 61 8.61 -5.30 -8.94
C GLU P 61 9.17 -3.87 -8.82
N THR P 62 8.67 -2.93 -9.62
CA THR P 62 9.16 -1.57 -9.56
C THR P 62 9.15 -0.92 -8.16
N PRO P 63 8.01 -0.94 -7.43
CA PRO P 63 7.99 -0.32 -6.10
C PRO P 63 9.13 -0.80 -5.21
N HIS P 64 9.49 -2.06 -5.32
CA HIS P 64 10.57 -2.62 -4.52
C HIS P 64 11.91 -2.14 -5.07
N ARG P 65 12.08 -2.22 -6.41
CA ARG P 65 13.31 -1.78 -7.05
C ARG P 65 13.65 -0.33 -6.71
N ILE P 66 12.66 0.55 -6.75
CA ILE P 66 12.87 1.95 -6.43
C ILE P 66 13.26 2.10 -4.97
N ALA P 67 12.54 1.42 -4.08
CA ALA P 67 12.84 1.51 -2.64
C ALA P 67 14.28 1.10 -2.36
N LYS P 68 14.72 -0.01 -2.95
CA LYS P 68 16.08 -0.48 -2.75
C LYS P 68 17.09 0.49 -3.34
N MET P 69 16.77 1.06 -4.51
CA MET P 69 17.65 2.03 -5.17
C MET P 69 17.88 3.24 -4.27
N TYR P 70 16.81 3.78 -3.70
CA TYR P 70 16.89 4.93 -2.82
C TYR P 70 17.75 4.63 -1.60
N VAL P 71 17.32 3.67 -0.78
CA VAL P 71 18.02 3.30 0.43
C VAL P 71 19.43 2.76 0.24
N ASP P 72 19.59 1.79 -0.65
CA ASP P 72 20.90 1.17 -0.89
C ASP P 72 21.82 1.79 -1.92
N GLU P 73 21.26 2.41 -2.95
CA GLU P 73 22.09 2.98 -3.99
C GLU P 73 22.19 4.50 -4.08
N ILE P 74 21.37 5.12 -4.94
CA ILE P 74 21.42 6.55 -5.13
C ILE P 74 21.38 7.51 -3.93
N PHE P 75 20.92 7.05 -2.77
CA PHE P 75 20.90 7.93 -1.59
C PHE P 75 21.69 7.33 -0.44
N SER P 76 22.51 6.34 -0.73
CA SER P 76 23.32 5.69 0.29
C SER P 76 24.30 6.64 0.98
N GLY P 77 24.68 7.70 0.27
CA GLY P 77 25.61 8.68 0.83
C GLY P 77 25.12 9.37 2.08
N LEU P 78 23.81 9.34 2.32
CA LEU P 78 23.23 9.97 3.50
C LEU P 78 23.61 9.22 4.78
N ASP P 79 24.03 7.97 4.63
CA ASP P 79 24.42 7.15 5.77
C ASP P 79 25.92 7.04 5.85
N TYR P 80 26.51 7.66 6.87
CA TYR P 80 27.97 7.61 7.04
C TYR P 80 28.56 6.23 7.31
N ALA P 81 27.69 5.23 7.40
CA ALA P 81 28.12 3.86 7.62
C ALA P 81 28.65 3.35 6.29
N ASN P 82 28.36 4.11 5.23
CA ASN P 82 28.79 3.80 3.86
C ASN P 82 30.01 4.60 3.42
N PHE P 83 30.55 5.43 4.30
CA PHE P 83 31.73 6.23 3.98
C PHE P 83 32.87 5.25 3.65
N PRO P 84 33.63 5.53 2.57
CA PRO P 84 34.74 4.66 2.19
C PRO P 84 35.90 4.58 3.18
N LYS P 85 36.70 3.54 3.06
CA LYS P 85 37.86 3.38 3.95
C LYS P 85 38.97 4.21 3.32
N ILE P 86 39.54 5.15 4.06
CA ILE P 86 40.60 5.99 3.54
C ILE P 86 42.00 5.46 3.84
N THR P 87 42.83 5.39 2.79
CA THR P 87 44.20 4.94 2.92
C THR P 87 45.12 6.10 2.56
N LEU P 88 46.03 6.42 3.46
CA LEU P 88 46.98 7.52 3.26
C LEU P 88 48.41 6.97 3.42
N ILE P 89 49.30 7.37 2.53
CA ILE P 89 50.69 6.92 2.63
C ILE P 89 51.50 8.17 2.95
N GLU P 90 52.61 8.00 3.66
CA GLU P 90 53.47 9.11 4.04
C GLU P 90 54.06 9.74 2.78
N ASN P 91 54.02 11.07 2.73
CA ASN P 91 54.53 11.83 1.59
C ASN P 91 56.07 11.83 1.60
N LYS P 92 56.67 10.65 1.49
CA LYS P 92 58.11 10.51 1.47
C LYS P 92 58.66 11.06 0.15
N MET P 93 57.82 11.04 -0.90
CA MET P 93 58.24 11.54 -2.20
C MET P 93 58.49 13.03 -2.15
N LYS P 94 58.04 13.66 -1.06
CA LYS P 94 58.17 15.09 -0.84
C LYS P 94 57.57 15.88 -2.00
N VAL P 95 56.33 15.54 -2.30
CA VAL P 95 55.58 16.17 -3.38
C VAL P 95 55.13 17.55 -2.87
N ASP P 96 55.44 18.59 -3.63
CA ASP P 96 55.06 19.96 -3.28
C ASP P 96 54.22 20.60 -4.37
N GLU P 97 53.99 19.86 -5.45
CA GLU P 97 53.21 20.33 -6.58
C GLU P 97 51.85 19.63 -6.49
N MET P 98 50.81 20.23 -7.05
CA MET P 98 49.50 19.63 -7.00
C MET P 98 49.35 18.37 -7.82
N VAL P 99 48.51 17.46 -7.30
CA VAL P 99 48.18 16.20 -7.92
C VAL P 99 46.75 16.45 -8.36
N THR P 100 46.45 16.18 -9.62
CA THR P 100 45.11 16.40 -10.15
C THR P 100 44.50 15.10 -10.64
N VAL P 101 43.27 14.84 -10.23
CA VAL P 101 42.54 13.66 -10.65
C VAL P 101 41.42 14.31 -11.44
N ARG P 102 41.42 14.09 -12.74
CA ARG P 102 40.41 14.69 -13.60
C ARG P 102 39.42 13.70 -14.17
N ASP P 103 38.28 14.23 -14.61
CA ASP P 103 37.21 13.44 -15.21
C ASP P 103 36.69 12.30 -14.37
N ILE P 104 36.45 12.57 -13.10
CA ILE P 104 35.92 11.58 -12.18
C ILE P 104 34.43 11.49 -12.53
N THR P 105 33.94 10.28 -12.80
CA THR P 105 32.54 10.10 -13.14
C THR P 105 31.68 10.45 -11.95
N LEU P 106 30.68 11.30 -12.15
CA LEU P 106 29.80 11.72 -11.08
C LEU P 106 28.34 11.68 -11.52
N THR P 107 27.52 10.99 -10.75
CA THR P 107 26.10 10.87 -11.01
C THR P 107 25.44 11.17 -9.68
N SER P 108 24.57 12.18 -9.67
CA SER P 108 23.87 12.58 -8.47
C SER P 108 22.39 12.83 -8.79
N THR P 109 21.66 13.42 -7.84
CA THR P 109 20.23 13.70 -8.01
C THR P 109 19.86 15.11 -7.57
N CYS P 110 19.23 15.88 -8.44
CA CYS P 110 18.82 17.25 -8.10
C CYS P 110 17.65 17.14 -7.12
N GLU P 111 17.89 17.49 -5.86
CA GLU P 111 16.88 17.44 -4.79
C GLU P 111 15.56 18.19 -4.98
N HIS P 112 15.48 19.09 -5.95
CA HIS P 112 14.26 19.84 -6.18
C HIS P 112 13.21 19.05 -6.99
N HIS P 113 13.66 18.03 -7.71
CA HIS P 113 12.76 17.21 -8.53
C HIS P 113 13.14 15.74 -8.51
N PHE P 114 14.21 15.41 -7.78
CA PHE P 114 14.71 14.05 -7.68
C PHE P 114 15.01 13.45 -9.05
N VAL P 115 15.64 14.26 -9.91
CA VAL P 115 16.00 13.84 -11.27
C VAL P 115 17.52 13.79 -11.39
N THR P 116 18.00 12.97 -12.31
CA THR P 116 19.42 12.77 -12.57
C THR P 116 20.28 14.00 -12.87
N ILE P 117 21.50 13.96 -12.34
CA ILE P 117 22.52 14.99 -12.53
C ILE P 117 23.65 14.09 -13.02
N ASP P 118 24.16 14.35 -14.20
CA ASP P 118 25.24 13.54 -14.74
C ASP P 118 26.36 14.49 -15.05
N GLY P 119 27.55 14.23 -14.54
CA GLY P 119 28.66 15.12 -14.79
C GLY P 119 30.00 14.54 -14.47
N LYS P 120 31.01 15.39 -14.42
CA LYS P 120 32.38 15.00 -14.13
C LYS P 120 33.04 15.99 -13.18
N ALA P 121 33.84 15.46 -12.26
CA ALA P 121 34.53 16.28 -11.27
C ALA P 121 36.03 16.23 -11.45
N THR P 122 36.69 17.36 -11.19
CA THR P 122 38.13 17.50 -11.29
C THR P 122 38.55 17.96 -9.90
N VAL P 123 39.35 17.14 -9.24
CA VAL P 123 39.83 17.41 -7.90
C VAL P 123 41.34 17.48 -7.92
N ALA P 124 41.88 18.45 -7.20
CA ALA P 124 43.32 18.62 -7.13
C ALA P 124 43.65 19.04 -5.73
N TYR P 125 44.85 18.71 -5.29
CA TYR P 125 45.30 19.06 -3.95
C TYR P 125 46.83 19.02 -3.94
N ILE P 126 47.44 19.76 -3.02
CA ILE P 126 48.89 19.81 -2.88
C ILE P 126 49.19 19.00 -1.61
N PRO P 127 49.83 17.84 -1.77
CA PRO P 127 50.17 16.95 -0.65
C PRO P 127 50.97 17.61 0.47
N LYS P 128 50.53 17.43 1.71
CA LYS P 128 51.26 18.01 2.84
C LYS P 128 52.02 16.83 3.45
N ASP P 129 51.54 16.30 4.56
CA ASP P 129 52.23 15.18 5.19
C ASP P 129 51.91 13.83 4.57
N SER P 130 50.72 13.69 4.00
CA SER P 130 50.32 12.41 3.39
C SER P 130 49.68 12.53 2.02
N VAL P 131 49.86 11.46 1.25
CA VAL P 131 49.35 11.33 -0.11
C VAL P 131 48.20 10.33 0.02
N ILE P 132 47.07 10.63 -0.60
CA ILE P 132 45.90 9.76 -0.53
C ILE P 132 45.82 8.85 -1.76
N GLY P 133 45.23 7.67 -1.58
CA GLY P 133 45.09 6.73 -2.68
C GLY P 133 44.15 7.35 -3.72
N LEU P 134 44.60 7.44 -4.96
CA LEU P 134 43.80 8.03 -6.05
C LEU P 134 42.35 7.54 -6.07
N SER P 135 42.15 6.23 -5.96
CA SER P 135 40.81 5.64 -5.96
C SER P 135 39.93 6.26 -4.88
N LYS P 136 40.51 6.48 -3.70
CA LYS P 136 39.79 7.08 -2.58
C LYS P 136 39.14 8.41 -2.94
N ILE P 137 39.83 9.20 -3.78
CA ILE P 137 39.27 10.49 -4.21
C ILE P 137 37.97 10.25 -4.97
N ASN P 138 38.03 9.31 -5.92
CA ASN P 138 36.86 8.97 -6.70
C ASN P 138 35.73 8.51 -5.76
N ARG P 139 36.06 7.65 -4.79
CA ARG P 139 35.08 7.12 -3.84
C ARG P 139 34.43 8.21 -3.01
N ILE P 140 35.22 9.17 -2.51
CA ILE P 140 34.67 10.26 -1.70
C ILE P 140 33.71 11.09 -2.55
N VAL P 141 34.07 11.33 -3.81
CA VAL P 141 33.21 12.10 -4.72
C VAL P 141 31.89 11.36 -4.89
N GLN P 142 31.98 10.05 -5.16
CA GLN P 142 30.78 9.24 -5.34
C GLN P 142 29.90 9.31 -4.09
N PHE P 143 30.49 9.09 -2.92
CA PHE P 143 29.76 9.13 -1.63
C PHE P 143 28.84 10.34 -1.52
N PHE P 144 29.39 11.54 -1.57
CA PHE P 144 28.56 12.75 -1.47
C PHE P 144 27.64 12.94 -2.65
N ALA P 145 27.99 12.34 -3.79
CA ALA P 145 27.16 12.45 -4.99
C ALA P 145 25.88 11.63 -4.80
N GLN P 146 25.98 10.51 -4.09
CA GLN P 146 24.83 9.63 -3.80
C GLN P 146 23.96 10.22 -2.69
N ARG P 147 23.39 11.40 -2.93
CA ARG P 147 22.53 12.10 -1.96
C ARG P 147 21.67 13.07 -2.76
N PRO P 148 20.55 13.53 -2.19
CA PRO P 148 19.71 14.49 -2.93
C PRO P 148 20.60 15.73 -2.83
N GLN P 149 21.09 16.20 -3.96
CA GLN P 149 21.97 17.35 -3.97
C GLN P 149 21.51 18.59 -4.68
N VAL P 150 22.39 19.59 -4.57
CA VAL P 150 22.28 20.90 -5.16
C VAL P 150 23.77 21.02 -5.47
N GLN P 151 24.11 21.12 -6.75
CA GLN P 151 25.50 21.18 -7.18
C GLN P 151 26.37 22.10 -6.34
N GLU P 152 25.83 23.27 -5.97
CA GLU P 152 26.56 24.23 -5.15
C GLU P 152 26.99 23.64 -3.80
N ARG P 153 26.12 22.81 -3.21
CA ARG P 153 26.42 22.19 -1.94
C ARG P 153 27.36 21.01 -2.14
N LEU P 154 27.09 20.20 -3.17
CA LEU P 154 27.90 19.02 -3.49
C LEU P 154 29.40 19.34 -3.60
N THR P 155 29.72 20.40 -4.34
CA THR P 155 31.10 20.83 -4.53
C THR P 155 31.73 21.21 -3.18
N GLN P 156 31.03 22.00 -2.38
CA GLN P 156 31.52 22.41 -1.06
C GLN P 156 31.81 21.20 -0.18
N GLN P 157 30.85 20.28 -0.10
CA GLN P 157 30.99 19.08 0.72
C GLN P 157 32.22 18.27 0.36
N ILE P 158 32.46 18.05 -0.93
CA ILE P 158 33.63 17.27 -1.37
C ILE P 158 34.93 17.97 -0.95
N LEU P 159 34.94 19.30 -1.09
CA LEU P 159 36.09 20.12 -0.73
C LEU P 159 36.44 19.89 0.74
N ILE P 160 35.49 20.20 1.62
CA ILE P 160 35.70 20.04 3.05
C ILE P 160 36.12 18.62 3.45
N ALA P 161 35.43 17.61 2.94
CA ALA P 161 35.76 16.22 3.26
C ALA P 161 37.24 15.98 2.95
N LEU P 162 37.69 16.41 1.77
CA LEU P 162 39.08 16.22 1.38
C LEU P 162 40.05 17.00 2.24
N GLN P 163 39.75 18.28 2.50
CA GLN P 163 40.61 19.10 3.34
C GLN P 163 40.80 18.41 4.68
N THR P 164 39.69 17.96 5.26
CA THR P 164 39.68 17.28 6.54
C THR P 164 40.55 16.03 6.54
N LEU P 165 40.33 15.13 5.59
CA LEU P 165 41.11 13.89 5.50
C LEU P 165 42.59 14.06 5.18
N LEU P 166 42.92 14.98 4.27
CA LEU P 166 44.29 15.22 3.87
C LEU P 166 45.07 16.10 4.85
N GLY P 167 44.34 16.88 5.64
CA GLY P 167 44.98 17.76 6.61
C GLY P 167 45.65 18.95 5.92
N THR P 168 45.03 19.41 4.84
CA THR P 168 45.55 20.53 4.06
C THR P 168 44.35 21.30 3.52
N ASN P 169 44.42 22.62 3.54
CA ASN P 169 43.32 23.42 2.99
C ASN P 169 43.53 23.58 1.50
N ASN P 170 44.72 23.21 1.01
CA ASN P 170 45.06 23.31 -0.41
C ASN P 170 44.39 22.23 -1.22
N VAL P 171 43.09 22.37 -1.41
CA VAL P 171 42.29 21.42 -2.16
C VAL P 171 41.39 22.25 -3.04
N ALA P 172 41.09 21.75 -4.22
CA ALA P 172 40.23 22.45 -5.16
C ALA P 172 39.34 21.41 -5.81
N VAL P 173 38.09 21.76 -6.00
CA VAL P 173 37.12 20.87 -6.61
C VAL P 173 36.34 21.69 -7.63
N SER P 174 36.14 21.10 -8.80
CA SER P 174 35.40 21.73 -9.88
C SER P 174 34.52 20.63 -10.44
N ILE P 175 33.23 20.90 -10.57
CA ILE P 175 32.27 19.92 -11.08
C ILE P 175 31.49 20.57 -12.20
N ASP P 176 31.44 19.88 -13.33
CA ASP P 176 30.72 20.32 -14.51
C ASP P 176 29.67 19.21 -14.67
N ALA P 177 28.40 19.59 -14.74
CA ALA P 177 27.33 18.60 -14.88
C ALA P 177 26.09 19.07 -15.61
N VAL P 178 25.38 18.10 -16.16
CA VAL P 178 24.13 18.32 -16.89
C VAL P 178 23.02 17.94 -15.94
N HIS P 179 22.01 18.79 -15.82
CA HIS P 179 20.88 18.52 -14.95
C HIS P 179 19.67 18.15 -15.78
N TYR P 180 19.15 16.94 -15.60
CA TYR P 180 17.96 16.55 -16.38
C TYR P 180 16.74 17.27 -15.86
N CYS P 181 16.90 17.91 -14.69
CA CYS P 181 15.87 18.71 -14.01
C CYS P 181 15.58 19.83 -15.04
N VAL P 182 16.63 20.23 -15.76
CA VAL P 182 16.60 21.29 -16.78
C VAL P 182 16.37 20.77 -18.20
N LYS P 183 17.05 19.68 -18.55
CA LYS P 183 16.96 19.09 -19.89
C LYS P 183 15.75 18.23 -20.21
N ALA P 184 15.48 17.25 -19.37
CA ALA P 184 14.38 16.32 -19.55
C ALA P 184 12.99 16.86 -19.30
N ARG P 185 12.90 18.02 -18.67
CA ARG P 185 11.62 18.60 -18.35
C ARG P 185 11.74 20.12 -18.10
N GLY P 186 10.63 20.79 -17.81
CA GLY P 186 10.65 22.22 -17.55
C GLY P 186 10.96 22.98 -18.82
N ILE P 187 12.05 23.74 -18.82
CA ILE P 187 12.43 24.52 -19.99
C ILE P 187 13.00 23.62 -21.11
N ARG P 188 13.45 22.42 -20.74
CA ARG P 188 14.00 21.46 -21.67
C ARG P 188 15.15 21.99 -22.54
N ASP P 189 16.17 22.54 -21.89
CA ASP P 189 17.32 23.07 -22.59
C ASP P 189 18.25 21.86 -22.80
N ALA P 190 18.35 21.42 -24.04
CA ALA P 190 19.18 20.27 -24.40
C ALA P 190 20.70 20.49 -24.44
N THR P 191 21.17 21.74 -24.36
CA THR P 191 22.62 21.98 -24.43
C THR P 191 23.35 22.54 -23.21
N SER P 192 22.65 23.24 -22.31
CA SER P 192 23.30 23.81 -21.15
C SER P 192 23.85 22.84 -20.10
N ALA P 193 24.93 23.25 -19.46
CA ALA P 193 25.61 22.49 -18.43
C ALA P 193 26.07 23.53 -17.39
N THR P 194 26.13 23.12 -16.13
CA THR P 194 26.53 24.01 -15.05
C THR P 194 27.88 23.63 -14.48
N THR P 195 28.70 24.64 -14.22
CA THR P 195 30.03 24.43 -13.67
C THR P 195 30.12 25.21 -12.36
N THR P 196 30.57 24.53 -11.32
CA THR P 196 30.73 25.13 -10.01
C THR P 196 32.09 24.72 -9.49
N THR P 197 32.76 25.62 -8.79
CA THR P 197 34.08 25.33 -8.26
C THR P 197 34.14 25.82 -6.83
N SER P 198 34.97 25.18 -6.03
CA SER P 198 35.17 25.56 -4.64
C SER P 198 36.68 25.43 -4.51
N LEU P 199 37.32 26.50 -4.05
CA LEU P 199 38.78 26.52 -3.91
C LEU P 199 39.21 26.77 -2.48
N GLY P 200 40.17 25.98 -2.02
CA GLY P 200 40.67 26.14 -0.68
C GLY P 200 42.16 26.42 -0.70
N GLY P 201 42.65 27.00 0.38
CA GLY P 201 44.06 27.33 0.49
C GLY P 201 44.65 28.18 -0.63
N LEU P 202 45.83 27.74 -1.10
CA LEU P 202 46.55 28.41 -2.18
C LEU P 202 45.73 28.54 -3.45
N PHE P 203 44.82 27.60 -3.68
CA PHE P 203 43.97 27.61 -4.86
C PHE P 203 43.03 28.80 -4.87
N LYS P 204 42.93 29.49 -3.73
CA LYS P 204 42.06 30.65 -3.64
C LYS P 204 42.90 31.89 -3.44
N SER P 205 43.94 31.76 -2.62
CA SER P 205 44.87 32.85 -2.27
C SER P 205 45.85 33.20 -3.38
N SER P 206 46.61 32.21 -3.82
CA SER P 206 47.60 32.36 -4.86
C SER P 206 46.98 32.37 -6.25
N GLN P 207 46.94 33.53 -6.88
CA GLN P 207 46.39 33.66 -8.23
C GLN P 207 47.12 32.73 -9.19
N ASN P 208 48.40 32.51 -8.92
CA ASN P 208 49.25 31.66 -9.74
C ASN P 208 48.77 30.22 -9.67
N THR P 209 48.60 29.72 -8.45
CA THR P 209 48.13 28.35 -8.24
C THR P 209 46.69 28.19 -8.72
N ARG P 210 45.84 29.16 -8.38
CA ARG P 210 44.44 29.18 -8.75
C ARG P 210 44.27 28.98 -10.26
N HIS P 211 44.97 29.79 -11.05
CA HIS P 211 44.88 29.70 -12.49
C HIS P 211 45.48 28.43 -13.06
N GLU P 212 46.53 27.89 -12.44
CA GLU P 212 47.12 26.65 -12.92
C GLU P 212 46.06 25.55 -12.85
N PHE P 213 45.29 25.57 -11.76
CA PHE P 213 44.23 24.60 -11.55
C PHE P 213 43.11 24.84 -12.56
N LEU P 214 42.58 26.07 -12.58
CA LEU P 214 41.50 26.43 -13.50
C LEU P 214 41.81 26.13 -14.97
N ARG P 215 43.07 26.30 -15.36
CA ARG P 215 43.49 26.04 -16.72
C ARG P 215 43.40 24.55 -17.02
N ALA P 216 43.70 23.71 -16.03
CA ALA P 216 43.64 22.25 -16.20
C ALA P 216 42.22 21.68 -16.20
N VAL P 217 41.30 22.39 -15.55
CA VAL P 217 39.90 21.98 -15.46
C VAL P 217 39.22 21.81 -16.80
N ARG P 218 38.43 20.73 -16.89
CA ARG P 218 37.65 20.32 -18.05
C ARG P 218 38.42 19.83 -19.27
N HIS P 219 37.85 18.86 -19.95
CA HIS P 219 38.43 18.26 -21.15
C HIS P 219 37.26 18.07 -22.11
N HIS P 220 37.36 17.15 -23.07
CA HIS P 220 36.27 16.93 -24.01
C HIS P 220 35.92 15.46 -24.10
N ASN P 221 34.62 15.19 -24.22
CA ASN P 221 34.08 13.83 -24.31
C ASN P 221 34.53 12.95 -23.15
N PRO Q 1 -1.80 39.73 -9.76
CA PRO Q 1 -2.88 40.57 -10.29
C PRO Q 1 -2.62 41.12 -11.69
N SER Q 2 -1.34 41.19 -12.06
CA SER Q 2 -0.91 41.67 -13.36
C SER Q 2 0.56 41.25 -13.55
N LEU Q 3 1.49 42.06 -13.04
CA LEU Q 3 2.91 41.74 -13.16
C LEU Q 3 3.41 41.30 -11.79
N SER Q 4 4.34 40.36 -11.78
CA SER Q 4 4.90 39.87 -10.52
C SER Q 4 5.85 40.95 -10.00
N LYS Q 5 6.26 40.82 -8.74
CA LYS Q 5 7.19 41.77 -8.15
C LYS Q 5 8.46 41.77 -9.01
N GLU Q 6 8.91 40.58 -9.36
CA GLU Q 6 10.11 40.40 -10.18
C GLU Q 6 9.97 41.11 -11.52
N ALA Q 7 8.91 40.80 -12.27
CA ALA Q 7 8.66 41.41 -13.57
C ALA Q 7 8.70 42.93 -13.49
N ALA Q 8 8.06 43.49 -12.46
CA ALA Q 8 8.03 44.94 -12.25
C ALA Q 8 9.43 45.48 -12.02
N LEU Q 9 10.16 44.88 -11.08
CA LEU Q 9 11.54 45.29 -10.76
C LEU Q 9 12.40 45.32 -12.01
N VAL Q 10 12.48 44.19 -12.70
CA VAL Q 10 13.28 44.08 -13.91
C VAL Q 10 12.90 45.14 -14.93
N HIS Q 11 11.60 45.29 -15.21
CA HIS Q 11 11.14 46.29 -16.17
C HIS Q 11 11.59 47.69 -15.77
N GLU Q 12 11.45 48.03 -14.49
CA GLU Q 12 11.84 49.34 -13.99
C GLU Q 12 13.33 49.55 -14.16
N ALA Q 13 14.11 48.55 -13.75
CA ALA Q 13 15.58 48.60 -13.85
C ALA Q 13 15.99 48.91 -15.29
N LEU Q 14 15.41 48.19 -16.25
CA LEU Q 14 15.72 48.38 -17.65
C LEU Q 14 15.37 49.80 -18.11
N VAL Q 15 14.16 50.26 -17.80
CA VAL Q 15 13.72 51.61 -18.19
C VAL Q 15 14.66 52.67 -17.58
N ALA Q 16 15.05 52.45 -16.32
CA ALA Q 16 15.95 53.35 -15.60
C ALA Q 16 17.26 53.51 -16.37
N ARG Q 17 17.88 52.39 -16.75
CA ARG Q 17 19.13 52.42 -17.50
C ARG Q 17 18.92 52.78 -18.97
N GLY Q 18 17.66 52.82 -19.40
CA GLY Q 18 17.36 53.16 -20.79
C GLY Q 18 17.72 52.02 -21.71
N LEU Q 19 17.64 50.80 -21.20
CA LEU Q 19 17.96 49.60 -21.95
C LEU Q 19 16.75 48.77 -22.36
N GLU Q 20 15.55 49.33 -22.14
CA GLU Q 20 14.32 48.63 -22.51
C GLU Q 20 14.10 48.64 -24.01
N THR Q 21 13.40 47.63 -24.49
CA THR Q 21 13.11 47.52 -25.92
C THR Q 21 12.20 48.70 -26.26
N PRO Q 22 12.47 49.40 -27.38
CA PRO Q 22 11.67 50.54 -27.82
C PRO Q 22 10.19 50.19 -27.96
N LEU Q 23 9.41 50.48 -26.91
CA LEU Q 23 7.99 50.18 -26.91
C LEU Q 23 7.14 51.44 -26.68
N ARG Q 24 5.97 51.43 -27.28
CA ARG Q 24 5.01 52.52 -27.14
C ARG Q 24 3.87 51.94 -26.31
N PRO Q 25 3.29 52.76 -25.41
CA PRO Q 25 2.20 52.24 -24.60
C PRO Q 25 1.03 51.82 -25.51
N PRO Q 26 0.32 50.74 -25.14
CA PRO Q 26 -0.81 50.28 -25.96
C PRO Q 26 -1.82 51.39 -26.22
N VAL Q 27 -1.94 51.73 -27.50
CA VAL Q 27 -2.84 52.78 -27.97
C VAL Q 27 -4.29 52.56 -27.48
N HIS Q 28 -4.70 51.29 -27.43
CA HIS Q 28 -6.04 50.88 -26.98
C HIS Q 28 -5.93 49.47 -26.45
N GLU Q 29 -6.69 49.18 -25.40
CA GLU Q 29 -6.69 47.84 -24.80
C GLU Q 29 -7.35 46.84 -25.74
N MET Q 30 -6.53 46.18 -26.55
CA MET Q 30 -7.00 45.17 -27.50
C MET Q 30 -6.70 43.79 -26.96
N ASP Q 31 -7.58 42.84 -27.26
CA ASP Q 31 -7.38 41.46 -26.79
C ASP Q 31 -6.29 40.92 -27.71
N ASN Q 32 -5.42 40.05 -27.20
CA ASN Q 32 -4.37 39.48 -28.05
C ASN Q 32 -5.05 38.84 -29.26
N GLU Q 33 -6.27 38.34 -29.05
CA GLU Q 33 -7.08 37.71 -30.08
C GLU Q 33 -7.35 38.68 -31.24
N THR Q 34 -7.75 39.91 -30.92
CA THR Q 34 -8.03 40.92 -31.95
C THR Q 34 -6.74 41.37 -32.64
N ARG Q 35 -5.66 41.46 -31.88
CA ARG Q 35 -4.36 41.86 -32.44
C ARG Q 35 -3.93 40.81 -33.45
N LYS Q 36 -3.99 39.55 -33.04
CA LYS Q 36 -3.63 38.44 -33.89
C LYS Q 36 -4.42 38.54 -35.19
N SER Q 37 -5.74 38.63 -35.10
CA SER Q 37 -6.57 38.73 -36.30
C SER Q 37 -6.16 39.89 -37.19
N LEU Q 38 -5.86 41.04 -36.58
CA LEU Q 38 -5.45 42.21 -37.36
C LEU Q 38 -4.13 41.95 -38.09
N ILE Q 39 -3.15 41.39 -37.37
CA ILE Q 39 -1.85 41.08 -37.94
C ILE Q 39 -2.06 40.10 -39.09
N ALA Q 40 -2.82 39.03 -38.84
CA ALA Q 40 -3.12 38.02 -39.84
C ALA Q 40 -3.65 38.70 -41.09
N GLY Q 41 -4.53 39.68 -40.89
CA GLY Q 41 -5.09 40.41 -42.02
C GLY Q 41 -4.03 41.10 -42.84
N HIS Q 42 -3.10 41.79 -42.17
CA HIS Q 42 -2.04 42.47 -42.89
C HIS Q 42 -1.16 41.47 -43.62
N MET Q 43 -0.90 40.32 -43.00
CA MET Q 43 -0.09 39.28 -43.61
C MET Q 43 -0.78 38.78 -44.87
N THR Q 44 -2.10 38.58 -44.80
CA THR Q 44 -2.88 38.12 -45.95
C THR Q 44 -2.62 39.06 -47.13
N GLU Q 45 -2.68 40.35 -46.86
CA GLU Q 45 -2.44 41.36 -47.88
C GLU Q 45 -1.02 41.25 -48.46
N ILE Q 46 -0.02 41.15 -47.58
CA ILE Q 46 1.39 41.04 -48.00
C ILE Q 46 1.59 39.81 -48.90
N MET Q 47 1.10 38.65 -48.45
CA MET Q 47 1.22 37.41 -49.22
C MET Q 47 0.59 37.60 -50.59
N GLN Q 48 -0.58 38.24 -50.64
CA GLN Q 48 -1.25 38.50 -51.90
C GLN Q 48 -0.40 39.40 -52.78
N LEU Q 49 0.27 40.37 -52.18
CA LEU Q 49 1.13 41.30 -52.91
C LEU Q 49 2.31 40.54 -53.51
N LEU Q 50 2.69 39.43 -52.85
CA LEU Q 50 3.78 38.58 -53.31
C LEU Q 50 3.28 37.60 -54.39
N ASN Q 51 1.96 37.63 -54.63
CA ASN Q 51 1.26 36.81 -55.62
C ASN Q 51 1.08 35.36 -55.21
N LEU Q 52 1.08 35.10 -53.92
CA LEU Q 52 0.89 33.74 -53.43
C LEU Q 52 -0.59 33.36 -53.48
N ASP Q 53 -0.88 32.17 -53.97
CA ASP Q 53 -2.24 31.69 -54.07
C ASP Q 53 -2.70 31.20 -52.71
N LEU Q 54 -3.32 32.10 -51.96
CA LEU Q 54 -3.82 31.77 -50.63
C LEU Q 54 -4.92 30.71 -50.56
N ALA Q 55 -5.35 30.23 -51.72
CA ALA Q 55 -6.39 29.21 -51.79
C ALA Q 55 -5.77 27.83 -51.55
N ASP Q 56 -4.45 27.73 -51.70
CA ASP Q 56 -3.72 26.48 -51.50
C ASP Q 56 -3.79 26.06 -50.04
N ASP Q 57 -4.19 24.81 -49.80
CA ASP Q 57 -4.30 24.27 -48.45
C ASP Q 57 -3.12 24.54 -47.54
N SER Q 58 -1.91 24.40 -48.08
CA SER Q 58 -0.69 24.61 -47.32
C SER Q 58 -0.44 26.08 -46.93
N LEU Q 59 -0.79 27.02 -47.81
CA LEU Q 59 -0.59 28.44 -47.55
C LEU Q 59 -1.74 29.12 -46.82
N MET Q 60 -2.93 28.56 -46.99
CA MET Q 60 -4.16 29.05 -46.40
C MET Q 60 -4.08 29.55 -44.95
N GLU Q 61 -3.62 28.69 -44.05
CA GLU Q 61 -3.51 29.06 -42.64
C GLU Q 61 -2.29 29.86 -42.21
N THR Q 62 -1.37 30.11 -43.15
CA THR Q 62 -0.15 30.86 -42.83
C THR Q 62 -0.34 32.21 -42.14
N PRO Q 63 -1.17 33.12 -42.69
CA PRO Q 63 -1.36 34.43 -42.04
C PRO Q 63 -1.73 34.30 -40.56
N HIS Q 64 -2.53 33.30 -40.23
CA HIS Q 64 -2.94 33.07 -38.85
C HIS Q 64 -1.74 32.53 -38.06
N ARG Q 65 -1.07 31.53 -38.62
CA ARG Q 65 0.10 30.92 -37.97
C ARG Q 65 1.17 31.96 -37.65
N ILE Q 66 1.43 32.86 -38.59
CA ILE Q 66 2.43 33.90 -38.40
C ILE Q 66 1.96 34.82 -37.27
N ALA Q 67 0.72 35.29 -37.37
CA ALA Q 67 0.13 36.17 -36.36
C ALA Q 67 0.27 35.59 -34.95
N LYS Q 68 -0.12 34.33 -34.79
CA LYS Q 68 -0.03 33.68 -33.49
C LYS Q 68 1.43 33.58 -33.04
N MET Q 69 2.33 33.21 -33.95
CA MET Q 69 3.75 33.09 -33.66
C MET Q 69 4.29 34.40 -33.09
N TYR Q 70 3.96 35.51 -33.76
CA TYR Q 70 4.40 36.82 -33.31
C TYR Q 70 3.92 37.14 -31.89
N VAL Q 71 2.61 37.26 -31.74
CA VAL Q 71 1.99 37.58 -30.46
C VAL Q 71 2.26 36.58 -29.32
N ASP Q 72 2.05 35.30 -29.56
CA ASP Q 72 2.25 34.27 -28.56
C ASP Q 72 3.62 33.67 -28.40
N GLU Q 73 4.36 33.57 -29.49
CA GLU Q 73 5.68 32.95 -29.42
C GLU Q 73 6.94 33.81 -29.52
N ILE Q 74 7.45 34.00 -30.74
CA ILE Q 74 8.69 34.76 -30.93
C ILE Q 74 8.78 36.18 -30.38
N PHE Q 75 7.66 36.84 -30.12
CA PHE Q 75 7.71 38.18 -29.56
C PHE Q 75 6.99 38.26 -28.20
N SER Q 76 6.75 37.09 -27.59
CA SER Q 76 6.08 37.05 -26.30
C SER Q 76 6.85 37.77 -25.20
N GLY Q 77 8.17 37.88 -25.37
CA GLY Q 77 9.00 38.55 -24.39
C GLY Q 77 8.69 40.01 -24.20
N LEU Q 78 7.97 40.62 -25.15
CA LEU Q 78 7.61 42.02 -25.06
C LEU Q 78 6.54 42.25 -23.97
N ASP Q 79 5.85 41.19 -23.58
CA ASP Q 79 4.81 41.27 -22.57
C ASP Q 79 5.33 40.69 -21.25
N TYR Q 80 5.53 41.56 -20.27
CA TYR Q 80 6.01 41.12 -18.96
C TYR Q 80 5.07 40.19 -18.21
N ALA Q 81 3.89 39.95 -18.77
CA ALA Q 81 2.93 39.06 -18.14
C ALA Q 81 3.48 37.63 -18.32
N ASN Q 82 4.41 37.48 -19.26
CA ASN Q 82 5.05 36.21 -19.58
C ASN Q 82 6.37 35.99 -18.86
N PHE Q 83 6.76 36.94 -18.02
CA PHE Q 83 8.01 36.84 -17.27
C PHE Q 83 7.95 35.58 -16.41
N PRO Q 84 9.01 34.77 -16.40
CA PRO Q 84 9.04 33.55 -15.60
C PRO Q 84 8.95 33.78 -14.09
N LYS Q 85 8.58 32.73 -13.36
CA LYS Q 85 8.46 32.81 -11.91
C LYS Q 85 9.86 32.53 -11.40
N ILE Q 86 10.41 33.43 -10.59
CA ILE Q 86 11.76 33.25 -10.06
C ILE Q 86 11.79 32.60 -8.67
N THR Q 87 12.60 31.55 -8.55
CA THR Q 87 12.77 30.83 -7.30
C THR Q 87 14.21 31.02 -6.86
N LEU Q 88 14.39 31.48 -5.62
CA LEU Q 88 15.70 31.72 -5.04
C LEU Q 88 15.80 30.98 -3.72
N ILE Q 89 16.91 30.31 -3.48
CA ILE Q 89 17.08 29.62 -2.22
C ILE Q 89 18.19 30.35 -1.48
N GLU Q 90 18.14 30.31 -0.16
CA GLU Q 90 19.13 30.97 0.67
C GLU Q 90 20.50 30.35 0.42
N ASN Q 91 21.52 31.18 0.25
CA ASN Q 91 22.88 30.73 0.00
C ASN Q 91 23.52 30.18 1.28
N LYS Q 92 22.91 29.14 1.82
CA LYS Q 92 23.42 28.51 3.04
C LYS Q 92 24.73 27.79 2.73
N MET Q 93 24.90 27.36 1.49
CA MET Q 93 26.13 26.66 1.09
C MET Q 93 27.35 27.58 1.20
N LYS Q 94 27.09 28.88 1.31
CA LYS Q 94 28.11 29.92 1.42
C LYS Q 94 29.07 29.85 0.22
N VAL Q 95 28.47 29.90 -0.96
CA VAL Q 95 29.19 29.86 -2.22
C VAL Q 95 29.76 31.24 -2.47
N ASP Q 96 31.07 31.31 -2.64
CA ASP Q 96 31.74 32.59 -2.90
C ASP Q 96 32.43 32.59 -4.26
N GLU Q 97 32.34 31.47 -4.96
CA GLU Q 97 32.94 31.33 -6.28
C GLU Q 97 31.81 31.46 -7.29
N MET Q 98 32.13 31.77 -8.55
CA MET Q 98 31.09 31.92 -9.56
C MET Q 98 30.48 30.61 -10.01
N VAL Q 99 29.20 30.67 -10.33
CA VAL Q 99 28.43 29.54 -10.81
C VAL Q 99 28.24 29.90 -12.28
N THR Q 100 28.62 28.99 -13.17
CA THR Q 100 28.50 29.23 -14.61
C THR Q 100 27.52 28.29 -15.30
N VAL Q 101 26.58 28.85 -16.04
CA VAL Q 101 25.61 28.07 -16.78
C VAL Q 101 26.04 28.33 -18.21
N ARG Q 102 26.57 27.32 -18.88
CA ARG Q 102 27.03 27.48 -20.24
C ARG Q 102 26.14 26.84 -21.29
N ASP Q 103 26.32 27.26 -22.54
CA ASP Q 103 25.58 26.75 -23.68
C ASP Q 103 24.07 26.79 -23.59
N ILE Q 104 23.54 27.91 -23.12
CA ILE Q 104 22.09 28.08 -23.01
C ILE Q 104 21.60 28.31 -24.44
N THR Q 105 20.65 27.51 -24.90
CA THR Q 105 20.11 27.65 -26.26
C THR Q 105 19.40 28.99 -26.37
N LEU Q 106 19.74 29.77 -27.38
CA LEU Q 106 19.13 31.07 -27.57
C LEU Q 106 18.72 31.27 -29.01
N THR Q 107 17.45 31.61 -29.20
CA THR Q 107 16.91 31.87 -30.52
C THR Q 107 16.19 33.20 -30.37
N SER Q 108 16.57 34.17 -31.20
CA SER Q 108 16.00 35.51 -31.18
C SER Q 108 15.73 35.99 -32.63
N THR Q 109 15.38 37.26 -32.78
CA THR Q 109 15.08 37.85 -34.09
C THR Q 109 15.77 39.19 -34.31
N CYS Q 110 16.54 39.33 -35.38
CA CYS Q 110 17.22 40.59 -35.67
C CYS Q 110 16.16 41.58 -36.15
N GLU Q 111 15.85 42.55 -35.28
CA GLU Q 111 14.85 43.60 -35.53
C GLU Q 111 14.98 44.45 -36.79
N HIS Q 112 16.14 44.40 -37.43
CA HIS Q 112 16.35 45.18 -38.66
C HIS Q 112 15.74 44.52 -39.89
N HIS Q 113 15.57 43.19 -39.85
CA HIS Q 113 15.01 42.43 -40.96
C HIS Q 113 14.04 41.37 -40.50
N PHE Q 114 13.86 41.26 -39.20
CA PHE Q 114 12.96 40.27 -38.59
C PHE Q 114 13.32 38.85 -39.04
N VAL Q 115 14.62 38.54 -38.95
CA VAL Q 115 15.13 37.24 -39.34
C VAL Q 115 15.77 36.56 -38.13
N THR Q 116 15.85 35.24 -38.19
CA THR Q 116 16.40 34.45 -37.12
C THR Q 116 17.83 34.74 -36.66
N ILE Q 117 18.02 34.69 -35.34
CA ILE Q 117 19.30 34.87 -34.69
C ILE Q 117 19.35 33.53 -33.94
N ASP Q 118 20.39 32.74 -34.17
CA ASP Q 118 20.50 31.46 -33.50
C ASP Q 118 21.85 31.47 -32.81
N GLY Q 119 21.86 31.26 -31.50
CA GLY Q 119 23.12 31.25 -30.78
C GLY Q 119 23.04 30.57 -29.43
N LYS Q 120 24.09 30.77 -28.64
CA LYS Q 120 24.17 30.21 -27.32
C LYS Q 120 24.72 31.25 -26.37
N ALA Q 121 24.17 31.29 -25.16
CA ALA Q 121 24.59 32.24 -24.14
C ALA Q 121 25.27 31.54 -22.98
N THR Q 122 26.24 32.20 -22.37
CA THR Q 122 26.98 31.68 -21.23
C THR Q 122 26.75 32.75 -20.20
N VAL Q 123 26.17 32.37 -19.06
CA VAL Q 123 25.86 33.27 -17.97
C VAL Q 123 26.59 32.80 -16.72
N ALA Q 124 27.15 33.73 -15.97
CA ALA Q 124 27.86 33.37 -14.74
C ALA Q 124 27.60 34.45 -13.73
N TYR Q 125 27.61 34.07 -12.44
CA TYR Q 125 27.38 35.03 -11.37
C TYR Q 125 27.98 34.50 -10.08
N ILE Q 126 28.28 35.40 -9.15
CA ILE Q 126 28.85 35.01 -7.86
C ILE Q 126 27.70 35.23 -6.87
N PRO Q 127 27.19 34.13 -6.28
CA PRO Q 127 26.10 34.14 -5.31
C PRO Q 127 26.36 35.06 -4.11
N LYS Q 128 25.38 35.90 -3.78
CA LYS Q 128 25.54 36.77 -2.63
C LYS Q 128 24.67 36.16 -1.53
N ASP Q 129 23.48 36.71 -1.30
CA ASP Q 129 22.60 36.16 -0.27
C ASP Q 129 21.77 34.98 -0.76
N SER Q 130 21.47 34.94 -2.05
CA SER Q 130 20.67 33.84 -2.60
C SER Q 130 21.23 33.21 -3.88
N VAL Q 131 20.88 31.93 -4.07
CA VAL Q 131 21.27 31.14 -5.22
C VAL Q 131 19.99 30.98 -6.04
N ILE Q 132 20.07 31.17 -7.35
CA ILE Q 132 18.90 31.05 -8.20
C ILE Q 132 18.81 29.67 -8.81
N GLY Q 133 17.60 29.23 -9.11
CA GLY Q 133 17.41 27.92 -9.72
C GLY Q 133 17.99 27.98 -11.12
N LEU Q 134 18.89 27.05 -11.45
CA LEU Q 134 19.53 27.01 -12.75
C LEU Q 134 18.56 27.20 -13.93
N SER Q 135 17.47 26.46 -13.92
CA SER Q 135 16.46 26.56 -14.97
C SER Q 135 15.99 27.99 -15.17
N LYS Q 136 15.82 28.72 -14.07
CA LYS Q 136 15.38 30.11 -14.13
C LYS Q 136 16.28 30.97 -15.00
N ILE Q 137 17.59 30.72 -14.94
CA ILE Q 137 18.54 31.49 -15.75
C ILE Q 137 18.20 31.26 -17.22
N ASN Q 138 18.06 30.00 -17.61
CA ASN Q 138 17.73 29.66 -18.99
C ASN Q 138 16.44 30.37 -19.40
N ARG Q 139 15.45 30.38 -18.50
CA ARG Q 139 14.16 31.01 -18.77
C ARG Q 139 14.24 32.52 -18.97
N ILE Q 140 15.03 33.20 -18.15
CA ILE Q 140 15.18 34.64 -18.29
C ILE Q 140 15.83 34.94 -19.64
N VAL Q 141 16.85 34.16 -20.00
CA VAL Q 141 17.54 34.36 -21.28
C VAL Q 141 16.47 34.26 -22.39
N GLN Q 142 15.71 33.17 -22.38
CA GLN Q 142 14.66 32.95 -23.38
C GLN Q 142 13.66 34.09 -23.44
N PHE Q 143 13.23 34.58 -22.29
CA PHE Q 143 12.27 35.68 -22.23
C PHE Q 143 12.74 36.86 -23.09
N PHE Q 144 13.91 37.40 -22.76
CA PHE Q 144 14.45 38.54 -23.50
C PHE Q 144 14.83 38.21 -24.93
N ALA Q 145 15.10 36.94 -25.20
CA ALA Q 145 15.45 36.50 -26.54
C ALA Q 145 14.20 36.60 -27.41
N GLN Q 146 13.04 36.32 -26.82
CA GLN Q 146 11.76 36.36 -27.54
C GLN Q 146 11.28 37.80 -27.78
N ARG Q 147 12.08 38.60 -28.46
CA ARG Q 147 11.75 40.00 -28.76
C ARG Q 147 12.54 40.42 -29.99
N PRO Q 148 12.11 41.51 -30.67
CA PRO Q 148 12.85 41.96 -31.85
C PRO Q 148 14.13 42.47 -31.17
N GLN Q 149 15.25 41.84 -31.45
CA GLN Q 149 16.50 42.26 -30.83
C GLN Q 149 17.60 42.75 -31.72
N VAL Q 150 18.67 43.14 -31.04
CA VAL Q 150 19.93 43.64 -31.56
C VAL Q 150 20.75 42.96 -30.47
N GLN Q 151 21.62 42.03 -30.86
CA GLN Q 151 22.43 41.31 -29.90
C GLN Q 151 23.07 42.17 -28.81
N GLU Q 152 23.55 43.36 -29.18
CA GLU Q 152 24.18 44.29 -28.22
C GLU Q 152 23.23 44.65 -27.08
N ARG Q 153 21.96 44.86 -27.41
CA ARG Q 153 20.96 45.19 -26.42
C ARG Q 153 20.59 43.96 -25.61
N LEU Q 154 20.29 42.86 -26.32
CA LEU Q 154 19.90 41.59 -25.67
C LEU Q 154 20.87 41.22 -24.53
N THR Q 155 22.17 41.24 -24.81
CA THR Q 155 23.18 40.92 -23.81
C THR Q 155 23.03 41.84 -22.60
N GLN Q 156 22.87 43.15 -22.84
CA GLN Q 156 22.69 44.13 -21.76
C GLN Q 156 21.48 43.83 -20.90
N GLN Q 157 20.35 43.57 -21.55
CA GLN Q 157 19.10 43.28 -20.87
C GLN Q 157 19.20 42.08 -19.94
N ILE Q 158 19.74 40.97 -20.44
CA ILE Q 158 19.88 39.77 -19.62
C ILE Q 158 20.75 40.07 -18.39
N LEU Q 159 21.84 40.81 -18.59
CA LEU Q 159 22.74 41.18 -17.51
C LEU Q 159 21.99 41.93 -16.39
N ILE Q 160 21.35 43.03 -16.74
CA ILE Q 160 20.60 43.82 -15.77
C ILE Q 160 19.52 43.01 -15.06
N ALA Q 161 18.71 42.29 -15.83
CA ALA Q 161 17.64 41.46 -15.28
C ALA Q 161 18.20 40.56 -14.17
N LEU Q 162 19.29 39.87 -14.47
CA LEU Q 162 19.90 38.99 -13.49
C LEU Q 162 20.45 39.75 -12.29
N GLN Q 163 21.15 40.85 -12.53
CA GLN Q 163 21.71 41.62 -11.42
C GLN Q 163 20.61 42.01 -10.46
N THR Q 164 19.50 42.50 -11.02
CA THR Q 164 18.35 42.93 -10.25
C THR Q 164 17.76 41.80 -9.39
N LEU Q 165 17.48 40.67 -10.02
CA LEU Q 165 16.90 39.52 -9.32
C LEU Q 165 17.82 38.91 -8.27
N LEU Q 166 19.10 38.73 -8.61
CA LEU Q 166 20.06 38.14 -7.69
C LEU Q 166 20.58 39.10 -6.62
N GLY Q 167 20.37 40.39 -6.83
CA GLY Q 167 20.83 41.37 -5.86
C GLY Q 167 22.35 41.43 -5.77
N THR Q 168 23.01 41.25 -6.91
CA THR Q 168 24.46 41.29 -6.98
C THR Q 168 24.79 41.86 -8.34
N ASN Q 169 25.86 42.65 -8.41
CA ASN Q 169 26.28 43.23 -9.67
C ASN Q 169 27.23 42.25 -10.34
N ASN Q 170 27.73 41.29 -9.55
CA ASN Q 170 28.66 40.29 -10.06
C ASN Q 170 27.96 39.28 -10.94
N VAL Q 171 27.67 39.69 -12.17
CA VAL Q 171 27.00 38.83 -13.14
C VAL Q 171 27.74 39.13 -14.45
N ALA Q 172 27.83 38.13 -15.31
CA ALA Q 172 28.49 38.25 -16.59
C ALA Q 172 27.65 37.48 -17.60
N VAL Q 173 27.48 38.06 -18.78
CA VAL Q 173 26.69 37.44 -19.84
C VAL Q 173 27.44 37.57 -21.14
N SER Q 174 27.62 36.46 -21.83
CA SER Q 174 28.30 36.43 -23.11
C SER Q 174 27.38 35.66 -24.05
N ILE Q 175 27.14 36.19 -25.23
CA ILE Q 175 26.27 35.55 -26.21
C ILE Q 175 27.02 35.46 -27.54
N ASP Q 176 27.06 34.26 -28.09
CA ASP Q 176 27.72 33.99 -29.37
C ASP Q 176 26.56 33.55 -30.25
N ALA Q 177 26.35 34.23 -31.38
CA ALA Q 177 25.25 33.90 -32.26
C ALA Q 177 25.49 34.12 -33.75
N VAL Q 178 24.69 33.42 -34.56
CA VAL Q 178 24.75 33.49 -36.02
C VAL Q 178 23.51 34.26 -36.41
N HIS Q 179 23.68 35.27 -37.26
CA HIS Q 179 22.55 36.09 -37.71
C HIS Q 179 22.19 35.74 -39.13
N TYR Q 180 20.99 35.23 -39.38
CA TYR Q 180 20.59 34.90 -40.74
C TYR Q 180 20.36 36.16 -41.56
N CYS Q 181 20.32 37.29 -40.85
CA CYS Q 181 20.18 38.62 -41.44
C CYS Q 181 21.45 38.77 -42.34
N VAL Q 182 22.54 38.15 -41.90
CA VAL Q 182 23.86 38.16 -42.55
C VAL Q 182 24.12 36.94 -43.43
N LYS Q 183 23.71 35.77 -42.96
CA LYS Q 183 23.90 34.53 -43.70
C LYS Q 183 22.93 34.18 -44.82
N ALA Q 184 21.65 34.20 -44.50
CA ALA Q 184 20.60 33.85 -45.46
C ALA Q 184 20.32 34.86 -46.55
N ARG Q 185 20.82 36.08 -46.37
CA ARG Q 185 20.57 37.13 -47.34
C ARG Q 185 21.64 38.23 -47.24
N GLY Q 186 21.51 39.28 -48.07
CA GLY Q 186 22.47 40.38 -48.04
C GLY Q 186 23.83 39.91 -48.53
N ILE Q 187 24.84 40.04 -47.68
CA ILE Q 187 26.19 39.60 -48.07
C ILE Q 187 26.34 38.07 -48.07
N ARG Q 188 25.40 37.39 -47.43
CA ARG Q 188 25.40 35.93 -47.36
C ARG Q 188 26.72 35.29 -46.93
N ASP Q 189 27.21 35.71 -45.77
CA ASP Q 189 28.46 35.17 -45.23
C ASP Q 189 28.04 33.91 -44.48
N ALA Q 190 28.44 32.76 -44.99
CA ALA Q 190 28.10 31.48 -44.40
C ALA Q 190 28.91 31.03 -43.18
N THR Q 191 29.94 31.78 -42.79
CA THR Q 191 30.73 31.37 -41.63
C THR Q 191 30.84 32.29 -40.41
N SER Q 192 30.64 33.59 -40.60
CA SER Q 192 30.74 34.53 -39.49
C SER Q 192 29.69 34.37 -38.40
N ALA Q 193 30.10 34.70 -37.17
CA ALA Q 193 29.28 34.64 -35.97
C ALA Q 193 29.72 35.83 -35.11
N THR Q 194 28.77 36.42 -34.39
CA THR Q 194 29.03 37.58 -33.55
C THR Q 194 29.02 37.21 -32.07
N THR Q 195 29.97 37.75 -31.33
CA THR Q 195 30.08 37.50 -29.91
C THR Q 195 30.00 38.84 -29.19
N THR Q 196 29.16 38.92 -28.19
CA THR Q 196 29.00 40.15 -27.42
C THR Q 196 29.01 39.75 -25.95
N THR Q 197 29.64 40.57 -25.11
CA THR Q 197 29.71 40.28 -23.69
C THR Q 197 29.40 41.54 -22.89
N SER Q 198 28.78 41.36 -21.73
CA SER Q 198 28.46 42.44 -20.84
C SER Q 198 28.89 41.90 -19.48
N LEU Q 199 29.75 42.65 -18.79
CA LEU Q 199 30.28 42.24 -17.51
C LEU Q 199 29.88 43.22 -16.44
N GLY Q 200 29.50 42.70 -15.28
CA GLY Q 200 29.10 43.53 -14.17
C GLY Q 200 29.95 43.19 -12.97
N GLY Q 201 30.04 44.11 -12.02
CA GLY Q 201 30.81 43.89 -10.81
C GLY Q 201 32.25 43.43 -10.99
N LEU Q 202 32.65 42.45 -10.19
CA LEU Q 202 34.00 41.89 -10.24
C LEU Q 202 34.40 41.41 -11.63
N PHE Q 203 33.42 40.97 -12.43
CA PHE Q 203 33.69 40.49 -13.77
C PHE Q 203 34.21 41.58 -14.69
N LYS Q 204 34.09 42.83 -14.24
CA LYS Q 204 34.55 43.96 -15.03
C LYS Q 204 35.74 44.61 -14.33
N SER Q 205 35.66 44.67 -13.00
CA SER Q 205 36.68 45.27 -12.17
C SER Q 205 37.91 44.38 -11.99
N SER Q 206 37.72 43.20 -11.43
CA SER Q 206 38.79 42.26 -11.18
C SER Q 206 39.23 41.57 -12.45
N GLN Q 207 40.45 41.87 -12.90
CA GLN Q 207 41.00 41.27 -14.11
C GLN Q 207 41.09 39.77 -13.92
N ASN Q 208 41.33 39.36 -12.68
CA ASN Q 208 41.45 37.96 -12.31
C ASN Q 208 40.12 37.23 -12.56
N THR Q 209 39.04 37.77 -11.99
CA THR Q 209 37.70 37.22 -12.15
C THR Q 209 37.24 37.28 -13.61
N ARG Q 210 37.46 38.44 -14.22
CA ARG Q 210 37.11 38.70 -15.61
C ARG Q 210 37.69 37.66 -16.55
N HIS Q 211 38.99 37.41 -16.44
CA HIS Q 211 39.61 36.44 -17.31
C HIS Q 211 39.19 35.01 -17.03
N GLU Q 212 38.91 34.69 -15.77
CA GLU Q 212 38.47 33.33 -15.40
C GLU Q 212 37.17 33.05 -16.13
N PHE Q 213 36.29 34.05 -16.18
CA PHE Q 213 35.02 33.93 -16.86
C PHE Q 213 35.27 33.77 -18.36
N LEU Q 214 35.92 34.77 -18.95
CA LEU Q 214 36.24 34.78 -20.36
C LEU Q 214 36.87 33.49 -20.86
N ARG Q 215 37.77 32.92 -20.07
CA ARG Q 215 38.44 31.68 -20.42
C ARG Q 215 37.43 30.54 -20.52
N ALA Q 216 36.40 30.57 -19.67
CA ALA Q 216 35.39 29.54 -19.66
C ALA Q 216 34.39 29.67 -20.82
N VAL Q 217 34.19 30.89 -21.29
CA VAL Q 217 33.26 31.18 -22.38
C VAL Q 217 33.54 30.41 -23.67
N ARG Q 218 32.44 29.93 -24.25
CA ARG Q 218 32.41 29.17 -25.51
C ARG Q 218 33.02 27.76 -25.48
N HIS Q 219 32.35 26.86 -26.21
CA HIS Q 219 32.75 25.47 -26.33
C HIS Q 219 32.62 25.13 -27.80
N HIS Q 220 32.46 23.85 -28.15
CA HIS Q 220 32.33 23.47 -29.55
C HIS Q 220 31.11 22.58 -29.76
N ASN Q 221 30.43 22.78 -30.89
CA ASN Q 221 29.24 22.03 -31.26
C ASN Q 221 28.17 22.07 -30.17
N PRO R 1 26.11 61.17 -55.98
CA PRO R 1 26.54 61.73 -57.26
C PRO R 1 27.79 61.06 -57.86
N SER R 2 28.55 60.38 -56.99
CA SER R 2 29.76 59.67 -57.39
C SER R 2 30.15 58.79 -56.20
N LEU R 3 30.92 59.34 -55.26
CA LEU R 3 31.33 58.60 -54.08
C LEU R 3 30.51 59.06 -52.90
N SER R 4 30.21 58.14 -51.99
CA SER R 4 29.43 58.47 -50.80
C SER R 4 30.37 59.16 -49.83
N LYS R 5 29.80 59.82 -48.82
CA LYS R 5 30.62 60.51 -47.81
C LYS R 5 31.58 59.51 -47.17
N GLU R 6 31.07 58.29 -46.93
CA GLU R 6 31.85 57.23 -46.32
C GLU R 6 33.02 56.83 -47.21
N ALA R 7 32.72 56.54 -48.48
CA ALA R 7 33.75 56.14 -49.46
C ALA R 7 34.87 57.17 -49.50
N ALA R 8 34.49 58.44 -49.62
CA ALA R 8 35.44 59.55 -49.66
C ALA R 8 36.32 59.58 -48.42
N LEU R 9 35.69 59.58 -47.24
CA LEU R 9 36.42 59.59 -45.97
C LEU R 9 37.46 58.47 -45.87
N VAL R 10 37.00 57.23 -46.08
CA VAL R 10 37.86 56.05 -46.01
C VAL R 10 39.02 56.20 -46.99
N HIS R 11 38.72 56.57 -48.23
CA HIS R 11 39.75 56.73 -49.23
C HIS R 11 40.79 57.74 -48.78
N GLU R 12 40.34 58.90 -48.32
CA GLU R 12 41.25 59.94 -47.84
C GLU R 12 42.12 59.44 -46.69
N ALA R 13 41.49 58.78 -45.72
CA ALA R 13 42.20 58.26 -44.56
C ALA R 13 43.32 57.34 -44.99
N LEU R 14 43.01 56.42 -45.90
CA LEU R 14 44.00 55.48 -46.41
C LEU R 14 45.15 56.22 -47.12
N VAL R 15 44.81 57.15 -48.02
CA VAL R 15 45.82 57.92 -48.75
C VAL R 15 46.72 58.68 -47.76
N ALA R 16 46.10 59.29 -46.75
CA ALA R 16 46.81 60.04 -45.73
C ALA R 16 47.85 59.16 -45.05
N ARG R 17 47.46 57.96 -44.62
CA ARG R 17 48.38 57.03 -43.97
C ARG R 17 49.31 56.35 -44.95
N GLY R 18 49.06 56.56 -46.23
CA GLY R 18 49.89 55.95 -47.25
C GLY R 18 49.64 54.45 -47.31
N LEU R 19 48.41 54.05 -47.00
CA LEU R 19 48.02 52.65 -47.00
C LEU R 19 47.09 52.26 -48.15
N GLU R 20 46.91 53.16 -49.10
CA GLU R 20 46.06 52.86 -50.23
C GLU R 20 46.73 51.91 -51.19
N THR R 21 45.94 51.20 -51.97
CA THR R 21 46.47 50.28 -52.95
C THR R 21 47.16 51.13 -54.02
N PRO R 22 48.37 50.73 -54.46
CA PRO R 22 49.13 51.46 -55.49
C PRO R 22 48.29 51.64 -56.75
N LEU R 23 47.67 52.81 -56.88
CA LEU R 23 46.85 53.11 -58.04
C LEU R 23 47.33 54.35 -58.78
N ARG R 24 47.09 54.37 -60.09
CA ARG R 24 47.44 55.49 -60.95
C ARG R 24 46.12 56.05 -61.41
N PRO R 25 46.01 57.39 -61.49
CA PRO R 25 44.75 57.98 -61.95
C PRO R 25 44.40 57.49 -63.35
N PRO R 26 43.12 57.28 -63.64
CA PRO R 26 42.70 56.81 -64.96
C PRO R 26 43.23 57.71 -66.07
N VAL R 27 44.10 57.13 -66.88
CA VAL R 27 44.75 57.80 -68.01
C VAL R 27 43.73 58.47 -68.93
N HIS R 28 42.57 57.82 -69.11
CA HIS R 28 41.49 58.32 -69.94
C HIS R 28 40.19 57.72 -69.43
N GLU R 29 39.12 58.48 -69.52
CA GLU R 29 37.81 58.02 -69.07
C GLU R 29 37.27 56.94 -70.04
N MET R 30 37.50 55.68 -69.69
CA MET R 30 37.03 54.57 -70.50
C MET R 30 35.87 53.92 -69.78
N ASP R 31 34.90 53.41 -70.54
CA ASP R 31 33.75 52.75 -69.96
C ASP R 31 34.27 51.41 -69.47
N ASN R 32 33.71 50.88 -68.38
CA ASN R 32 34.17 49.58 -67.90
C ASN R 32 34.00 48.57 -69.03
N GLU R 33 33.03 48.84 -69.91
CA GLU R 33 32.76 47.98 -71.07
C GLU R 33 33.96 47.92 -72.00
N THR R 34 34.55 49.07 -72.32
CA THR R 34 35.71 49.12 -73.21
C THR R 34 36.95 48.52 -72.51
N ARG R 35 37.07 48.75 -71.20
CA ARG R 35 38.19 48.19 -70.45
C ARG R 35 38.08 46.67 -70.50
N LYS R 36 36.89 46.14 -70.24
CA LYS R 36 36.68 44.71 -70.26
C LYS R 36 37.06 44.14 -71.60
N SER R 37 36.58 44.74 -72.67
CA SER R 37 36.92 44.26 -74.01
C SER R 37 38.42 44.28 -74.29
N LEU R 38 39.10 45.36 -73.89
CA LEU R 38 40.54 45.43 -74.10
C LEU R 38 41.24 44.32 -73.32
N ILE R 39 40.87 44.13 -72.05
CA ILE R 39 41.46 43.09 -71.21
C ILE R 39 41.19 41.73 -71.87
N ALA R 40 39.95 41.50 -72.29
CA ALA R 40 39.57 40.26 -72.97
C ALA R 40 40.50 40.01 -74.15
N GLY R 41 40.82 41.08 -74.88
CA GLY R 41 41.71 40.98 -76.01
C GLY R 41 43.09 40.50 -75.59
N HIS R 42 43.62 41.12 -74.54
CA HIS R 42 44.93 40.72 -74.04
C HIS R 42 44.91 39.27 -73.62
N MET R 43 43.84 38.86 -72.93
CA MET R 43 43.74 37.48 -72.49
C MET R 43 43.72 36.53 -73.68
N THR R 44 43.00 36.91 -74.75
CA THR R 44 42.93 36.08 -75.97
C THR R 44 44.34 35.81 -76.47
N GLU R 45 45.15 36.85 -76.53
CA GLU R 45 46.50 36.72 -76.98
C GLU R 45 47.27 35.79 -76.05
N ILE R 46 47.16 36.00 -74.75
CA ILE R 46 47.86 35.17 -73.77
C ILE R 46 47.50 33.68 -73.93
N MET R 47 46.21 33.39 -74.07
CA MET R 47 45.76 32.02 -74.24
C MET R 47 46.34 31.43 -75.51
N GLN R 48 46.38 32.23 -76.58
CA GLN R 48 46.93 31.76 -77.84
C GLN R 48 48.43 31.47 -77.67
N LEU R 49 49.13 32.32 -76.93
CA LEU R 49 50.57 32.13 -76.68
C LEU R 49 50.77 30.82 -75.90
N LEU R 50 49.75 30.37 -75.17
CA LEU R 50 49.82 29.13 -74.42
C LEU R 50 49.38 27.95 -75.29
N ASN R 51 49.05 28.25 -76.55
CA ASN R 51 48.62 27.26 -77.54
C ASN R 51 47.23 26.65 -77.29
N LEU R 52 46.38 27.38 -76.60
CA LEU R 52 45.04 26.87 -76.34
C LEU R 52 44.16 27.12 -77.55
N ASP R 53 43.41 26.09 -77.96
CA ASP R 53 42.52 26.20 -79.10
C ASP R 53 41.25 26.93 -78.69
N LEU R 54 41.28 28.25 -78.84
CA LEU R 54 40.13 29.09 -78.50
C LEU R 54 38.86 28.80 -79.29
N ALA R 55 38.94 27.87 -80.26
CA ALA R 55 37.78 27.51 -81.06
C ALA R 55 36.87 26.57 -80.27
N ASP R 56 37.44 25.93 -79.24
CA ASP R 56 36.71 25.00 -78.39
C ASP R 56 35.62 25.72 -77.63
N ASP R 57 34.41 25.19 -77.66
CA ASP R 57 33.27 25.78 -76.98
C ASP R 57 33.52 26.14 -75.52
N SER R 58 34.25 25.29 -74.81
CA SER R 58 34.53 25.55 -73.41
C SER R 58 35.51 26.69 -73.15
N LEU R 59 36.50 26.87 -74.03
CA LEU R 59 37.49 27.93 -73.88
C LEU R 59 37.12 29.24 -74.53
N MET R 60 36.27 29.15 -75.55
CA MET R 60 35.80 30.29 -76.33
C MET R 60 35.45 31.56 -75.54
N GLU R 61 34.57 31.44 -74.55
CA GLU R 61 34.17 32.61 -73.77
C GLU R 61 35.07 33.01 -72.61
N THR R 62 36.12 32.23 -72.35
CA THR R 62 37.05 32.52 -71.25
C THR R 62 37.65 33.93 -71.20
N PRO R 63 38.23 34.45 -72.32
CA PRO R 63 38.81 35.80 -72.28
C PRO R 63 37.81 36.83 -71.77
N HIS R 64 36.54 36.67 -72.15
CA HIS R 64 35.51 37.61 -71.70
C HIS R 64 35.21 37.37 -70.24
N ARG R 65 35.00 36.10 -69.86
CA ARG R 65 34.70 35.76 -68.47
C ARG R 65 35.76 36.28 -67.52
N ILE R 66 37.03 36.12 -67.87
CA ILE R 66 38.13 36.61 -67.02
C ILE R 66 38.08 38.13 -66.95
N ALA R 67 37.90 38.79 -68.08
CA ALA R 67 37.83 40.25 -68.13
C ALA R 67 36.72 40.76 -67.20
N LYS R 68 35.55 40.14 -67.27
CA LYS R 68 34.43 40.55 -66.43
C LYS R 68 34.74 40.30 -64.95
N MET R 69 35.36 39.15 -64.67
CA MET R 69 35.72 38.78 -63.30
C MET R 69 36.64 39.85 -62.70
N TYR R 70 37.66 40.24 -63.45
CA TYR R 70 38.62 41.26 -63.01
C TYR R 70 37.96 42.60 -62.71
N VAL R 71 37.33 43.19 -63.71
CA VAL R 71 36.68 44.49 -63.58
C VAL R 71 35.45 44.54 -62.67
N ASP R 72 34.55 43.58 -62.79
CA ASP R 72 33.33 43.55 -61.98
C ASP R 72 33.39 42.78 -60.67
N GLU R 73 34.16 41.70 -60.63
CA GLU R 73 34.21 40.91 -59.42
C GLU R 73 35.45 40.97 -58.52
N ILE R 74 36.43 40.11 -58.76
CA ILE R 74 37.62 40.06 -57.92
C ILE R 74 38.45 41.33 -57.67
N PHE R 75 38.35 42.32 -58.56
CA PHE R 75 39.11 43.56 -58.37
C PHE R 75 38.18 44.78 -58.25
N SER R 76 36.89 44.52 -58.06
CA SER R 76 35.89 45.59 -57.93
C SER R 76 36.17 46.52 -56.75
N GLY R 77 36.94 46.05 -55.77
CA GLY R 77 37.26 46.85 -54.60
C GLY R 77 38.13 48.06 -54.92
N LEU R 78 38.77 48.04 -56.09
CA LEU R 78 39.61 49.14 -56.51
C LEU R 78 38.79 50.38 -56.84
N ASP R 79 37.49 50.18 -57.07
CA ASP R 79 36.61 51.28 -57.40
C ASP R 79 35.70 51.61 -56.22
N TYR R 80 35.95 52.74 -55.58
CA TYR R 80 35.15 53.18 -54.44
C TYR R 80 33.69 53.45 -54.74
N ALA R 81 33.30 53.30 -56.00
CA ALA R 81 31.91 53.50 -56.39
C ALA R 81 31.18 52.25 -55.90
N ASN R 82 31.94 51.20 -55.59
CA ASN R 82 31.41 49.93 -55.10
C ASN R 82 31.46 49.81 -53.59
N PHE R 83 31.87 50.88 -52.91
CA PHE R 83 31.95 50.86 -51.45
C PHE R 83 30.55 50.63 -50.93
N PRO R 84 30.39 49.76 -49.93
CA PRO R 84 29.08 49.46 -49.35
C PRO R 84 28.44 50.66 -48.66
N LYS R 85 27.13 50.61 -48.49
CA LYS R 85 26.39 51.68 -47.82
C LYS R 85 26.52 51.36 -46.34
N ILE R 86 26.99 52.31 -45.54
CA ILE R 86 27.16 52.10 -44.11
C ILE R 86 25.98 52.59 -43.30
N THR R 87 25.48 51.72 -42.42
CA THR R 87 24.37 52.04 -41.55
C THR R 87 24.89 51.99 -40.13
N LEU R 88 24.65 53.06 -39.37
CA LEU R 88 25.09 53.14 -37.98
C LEU R 88 23.90 53.51 -37.11
N ILE R 89 23.78 52.86 -35.96
CA ILE R 89 22.68 53.15 -35.03
C ILE R 89 23.32 53.72 -33.78
N GLU R 90 22.62 54.63 -33.13
CA GLU R 90 23.09 55.29 -31.91
C GLU R 90 23.32 54.24 -30.82
N ASN R 91 24.47 54.31 -30.16
CA ASN R 91 24.80 53.38 -29.10
C ASN R 91 24.01 53.71 -27.83
N LYS R 92 22.69 53.56 -27.90
CA LYS R 92 21.83 53.83 -26.75
C LYS R 92 21.98 52.68 -25.75
N MET R 93 22.41 51.50 -26.23
CA MET R 93 22.60 50.35 -25.36
C MET R 93 23.76 50.59 -24.39
N LYS R 94 24.53 51.64 -24.68
CA LYS R 94 25.67 52.02 -23.87
C LYS R 94 26.63 50.84 -23.72
N VAL R 95 27.02 50.29 -24.86
CA VAL R 95 27.93 49.16 -24.90
C VAL R 95 29.35 49.70 -24.71
N ASP R 96 30.05 49.17 -23.72
CA ASP R 96 31.42 49.58 -23.44
C ASP R 96 32.41 48.44 -23.58
N GLU R 97 31.90 47.26 -23.88
CA GLU R 97 32.73 46.07 -24.06
C GLU R 97 32.84 45.84 -25.56
N MET R 98 33.86 45.11 -26.00
CA MET R 98 34.03 44.86 -27.41
C MET R 98 33.02 43.91 -28.03
N VAL R 99 32.71 44.20 -29.29
CA VAL R 99 31.80 43.40 -30.10
C VAL R 99 32.76 42.72 -31.08
N THR R 100 32.71 41.40 -31.16
CA THR R 100 33.60 40.65 -32.04
C THR R 100 32.81 39.89 -33.09
N VAL R 101 33.21 40.04 -34.35
CA VAL R 101 32.58 39.36 -35.46
C VAL R 101 33.70 38.46 -35.91
N ARG R 102 33.52 37.17 -35.72
CA ARG R 102 34.54 36.20 -36.07
C ARG R 102 34.20 35.37 -37.30
N ASP R 103 35.23 34.72 -37.85
CA ASP R 103 35.13 33.87 -39.02
C ASP R 103 34.46 34.48 -40.25
N ILE R 104 34.84 35.71 -40.57
CA ILE R 104 34.28 36.39 -41.73
C ILE R 104 34.96 35.74 -42.92
N THR R 105 34.20 35.25 -43.89
CA THR R 105 34.75 34.61 -45.08
C THR R 105 35.49 35.67 -45.89
N LEU R 106 36.73 35.36 -46.25
CA LEU R 106 37.54 36.30 -47.02
C LEU R 106 38.27 35.60 -48.15
N THR R 107 38.11 36.13 -49.35
CA THR R 107 38.75 35.60 -50.55
C THR R 107 39.38 36.82 -51.22
N SER R 108 40.70 36.77 -51.40
CA SER R 108 41.42 37.87 -52.02
C SER R 108 42.41 37.30 -53.05
N THR R 109 43.31 38.13 -53.57
CA THR R 109 44.29 37.74 -54.57
C THR R 109 45.69 38.24 -54.22
N CYS R 110 46.68 37.36 -54.19
CA CYS R 110 48.05 37.76 -53.88
C CYS R 110 48.59 38.46 -55.13
N GLU R 111 48.79 39.78 -55.02
CA GLU R 111 49.27 40.62 -56.13
C GLU R 111 50.58 40.26 -56.79
N HIS R 112 51.39 39.43 -56.16
CA HIS R 112 52.66 39.02 -56.74
C HIS R 112 52.52 37.96 -57.82
N HIS R 113 51.42 37.22 -57.83
CA HIS R 113 51.20 36.17 -58.83
C HIS R 113 49.76 36.10 -59.28
N PHE R 114 48.93 36.99 -58.74
CA PHE R 114 47.50 37.04 -59.05
C PHE R 114 46.84 35.69 -58.84
N VAL R 115 47.08 35.11 -57.67
CA VAL R 115 46.53 33.81 -57.32
C VAL R 115 45.68 33.98 -56.06
N THR R 116 44.70 33.09 -55.89
CA THR R 116 43.79 33.10 -54.77
C THR R 116 44.39 33.07 -53.36
N ILE R 117 43.77 33.84 -52.47
CA ILE R 117 44.12 33.93 -51.05
C ILE R 117 42.76 33.59 -50.44
N ASP R 118 42.70 32.53 -49.66
CA ASP R 118 41.46 32.13 -49.06
C ASP R 118 41.66 32.08 -47.57
N GLY R 119 40.87 32.84 -46.83
CA GLY R 119 41.01 32.86 -45.39
C GLY R 119 39.80 33.40 -44.65
N LYS R 120 40.00 33.68 -43.37
CA LYS R 120 38.95 34.21 -42.53
C LYS R 120 39.49 35.35 -41.70
N ALA R 121 38.64 36.33 -41.46
CA ALA R 121 38.99 37.50 -40.69
C ALA R 121 38.16 37.59 -39.43
N THR R 122 38.77 38.08 -38.35
CA THR R 122 38.11 38.27 -37.08
C THR R 122 38.27 39.76 -36.81
N VAL R 123 37.16 40.46 -36.65
CA VAL R 123 37.16 41.89 -36.41
C VAL R 123 36.45 42.18 -35.11
N ALA R 124 37.01 43.07 -34.31
CA ALA R 124 36.41 43.44 -33.03
C ALA R 124 36.59 44.94 -32.85
N TYR R 125 35.69 45.55 -32.11
CA TYR R 125 35.74 46.98 -31.84
C TYR R 125 34.92 47.29 -30.60
N ILE R 126 35.24 48.40 -29.95
CA ILE R 126 34.53 48.82 -28.75
C ILE R 126 33.70 50.02 -29.19
N PRO R 127 32.37 49.87 -29.22
CA PRO R 127 31.43 50.92 -29.61
C PRO R 127 31.60 52.22 -28.85
N LYS R 128 31.68 53.32 -29.58
CA LYS R 128 31.80 54.63 -28.95
C LYS R 128 30.41 55.25 -29.06
N ASP R 129 30.23 56.21 -29.95
CA ASP R 129 28.92 56.84 -30.09
C ASP R 129 27.93 56.03 -30.92
N SER R 130 28.42 55.21 -31.83
CA SER R 130 27.53 54.41 -32.67
C SER R 130 27.94 52.95 -32.82
N VAL R 131 26.95 52.12 -33.12
CA VAL R 131 27.12 50.68 -33.32
C VAL R 131 26.87 50.47 -34.81
N ILE R 132 27.72 49.68 -35.46
CA ILE R 132 27.60 49.40 -36.89
C ILE R 132 26.84 48.09 -37.14
N GLY R 133 26.12 48.05 -38.27
CA GLY R 133 25.39 46.84 -38.61
C GLY R 133 26.41 45.74 -38.87
N LEU R 134 26.23 44.60 -38.19
CA LEU R 134 27.12 43.46 -38.33
C LEU R 134 27.45 43.12 -39.79
N SER R 135 26.43 43.07 -40.64
CA SER R 135 26.62 42.77 -42.05
C SER R 135 27.62 43.72 -42.68
N LYS R 136 27.53 45.01 -42.31
CA LYS R 136 28.42 46.03 -42.85
C LYS R 136 29.91 45.69 -42.65
N ILE R 137 30.24 45.09 -41.51
CA ILE R 137 31.62 44.71 -41.21
C ILE R 137 32.09 43.69 -42.24
N ASN R 138 31.25 42.68 -42.50
CA ASN R 138 31.58 41.65 -43.47
C ASN R 138 31.73 42.30 -44.85
N ARG R 139 30.86 43.25 -45.18
CA ARG R 139 30.93 43.92 -46.47
C ARG R 139 32.22 44.73 -46.66
N ILE R 140 32.64 45.45 -45.63
CA ILE R 140 33.85 46.26 -45.70
C ILE R 140 35.05 45.34 -45.91
N VAL R 141 35.08 44.21 -45.20
CA VAL R 141 36.17 43.24 -45.33
C VAL R 141 36.22 42.74 -46.77
N GLN R 142 35.08 42.35 -47.32
CA GLN R 142 34.99 41.86 -48.69
C GLN R 142 35.50 42.92 -49.68
N PHE R 143 35.04 44.17 -49.53
CA PHE R 143 35.44 45.28 -50.39
C PHE R 143 36.95 45.34 -50.57
N PHE R 144 37.68 45.50 -49.48
CA PHE R 144 39.13 45.58 -49.57
C PHE R 144 39.75 44.26 -50.00
N ALA R 145 39.08 43.15 -49.72
CA ALA R 145 39.59 41.86 -50.10
C ALA R 145 39.56 41.71 -51.62
N GLN R 146 38.56 42.33 -52.26
CA GLN R 146 38.42 42.29 -53.72
C GLN R 146 39.41 43.26 -54.39
N ARG R 147 40.70 43.04 -54.16
CA ARG R 147 41.77 43.87 -54.73
C ARG R 147 43.05 43.06 -54.79
N PRO R 148 44.01 43.46 -55.65
CA PRO R 148 45.25 42.68 -55.69
C PRO R 148 45.84 43.08 -54.34
N GLN R 149 46.00 42.12 -53.44
CA GLN R 149 46.52 42.41 -52.12
C GLN R 149 47.81 41.74 -51.71
N VAL R 150 48.21 42.12 -50.52
CA VAL R 150 49.38 41.66 -49.81
C VAL R 150 48.67 41.65 -48.45
N GLN R 151 48.53 40.47 -47.84
CA GLN R 151 47.84 40.35 -46.57
C GLN R 151 48.22 41.41 -45.54
N GLU R 152 49.51 41.76 -45.49
CA GLU R 152 49.98 42.79 -44.56
C GLU R 152 49.26 44.12 -44.77
N ARG R 153 49.01 44.47 -46.04
CA ARG R 153 48.32 45.71 -46.38
C ARG R 153 46.83 45.56 -46.12
N LEU R 154 46.24 44.47 -46.61
CA LEU R 154 44.81 44.17 -46.44
C LEU R 154 44.34 44.38 -45.00
N THR R 155 45.04 43.78 -44.05
CA THR R 155 44.70 43.90 -42.65
C THR R 155 44.71 45.38 -42.22
N GLN R 156 45.75 46.12 -42.64
CA GLN R 156 45.89 47.54 -42.32
C GLN R 156 44.72 48.36 -42.85
N GLN R 157 44.37 48.14 -44.12
CA GLN R 157 43.29 48.86 -44.77
C GLN R 157 41.96 48.67 -44.05
N ILE R 158 41.61 47.42 -43.76
CA ILE R 158 40.36 47.14 -43.06
C ILE R 158 40.32 47.88 -41.74
N LEU R 159 41.43 47.80 -40.97
CA LEU R 159 41.52 48.48 -39.66
C LEU R 159 41.17 49.96 -39.79
N ILE R 160 41.89 50.67 -40.66
CA ILE R 160 41.66 52.09 -40.87
C ILE R 160 40.25 52.41 -41.34
N ALA R 161 39.75 51.67 -42.33
CA ALA R 161 38.41 51.89 -42.86
C ALA R 161 37.40 51.86 -41.72
N LEU R 162 37.52 50.84 -40.85
CA LEU R 162 36.64 50.71 -39.71
C LEU R 162 36.82 51.83 -38.70
N GLN R 163 38.06 52.12 -38.31
CA GLN R 163 38.32 53.20 -37.34
C GLN R 163 37.65 54.49 -37.80
N THR R 164 37.87 54.83 -39.07
CA THR R 164 37.30 56.02 -39.70
C THR R 164 35.77 56.04 -39.58
N LEU R 165 35.12 54.99 -40.07
CA LEU R 165 33.67 54.89 -40.04
C LEU R 165 33.04 54.86 -38.63
N LEU R 166 33.65 54.12 -37.72
CA LEU R 166 33.13 54.02 -36.36
C LEU R 166 33.46 55.20 -35.49
N GLY R 167 34.49 55.96 -35.88
CA GLY R 167 34.88 57.12 -35.09
C GLY R 167 35.52 56.69 -33.77
N THR R 168 36.28 55.59 -33.81
CA THR R 168 36.96 55.06 -32.63
C THR R 168 38.23 54.41 -33.13
N ASN R 169 39.32 54.54 -32.38
CA ASN R 169 40.57 53.91 -32.78
C ASN R 169 40.58 52.50 -32.23
N ASN R 170 39.66 52.21 -31.31
CA ASN R 170 39.54 50.90 -30.67
C ASN R 170 38.96 49.87 -31.63
N VAL R 171 39.77 49.45 -32.58
CA VAL R 171 39.38 48.46 -33.56
C VAL R 171 40.56 47.51 -33.66
N ALA R 172 40.29 46.24 -33.96
CA ALA R 172 41.31 45.23 -34.08
C ALA R 172 40.87 44.35 -35.22
N VAL R 173 41.82 43.94 -36.05
CA VAL R 173 41.55 43.08 -37.18
C VAL R 173 42.64 42.03 -37.23
N SER R 174 42.23 40.78 -37.38
CA SER R 174 43.14 39.66 -37.49
C SER R 174 42.68 38.87 -38.70
N ILE R 175 43.61 38.47 -39.55
CA ILE R 175 43.28 37.71 -40.74
C ILE R 175 44.20 36.52 -40.80
N ASP R 176 43.61 35.35 -40.99
CA ASP R 176 44.34 34.08 -41.08
C ASP R 176 43.95 33.57 -42.48
N ALA R 177 44.94 33.33 -43.33
CA ALA R 177 44.65 32.86 -44.67
C ALA R 177 45.71 31.96 -45.28
N VAL R 178 45.27 31.21 -46.30
CA VAL R 178 46.10 30.28 -47.06
C VAL R 178 46.37 30.95 -48.39
N HIS R 179 47.62 30.95 -48.81
CA HIS R 179 47.98 31.59 -50.07
C HIS R 179 48.28 30.54 -51.11
N TYR R 180 47.50 30.48 -52.18
CA TYR R 180 47.76 29.49 -53.21
C TYR R 180 49.04 29.83 -53.95
N CYS R 181 49.52 31.06 -53.74
CA CYS R 181 50.76 31.58 -54.30
C CYS R 181 51.88 30.65 -53.73
N VAL R 182 51.63 30.13 -52.53
CA VAL R 182 52.53 29.24 -51.78
C VAL R 182 52.18 27.75 -51.90
N LYS R 183 50.89 27.46 -51.86
CA LYS R 183 50.42 26.08 -51.94
C LYS R 183 50.33 25.45 -53.32
N ALA R 184 49.67 26.14 -54.23
CA ALA R 184 49.46 25.64 -55.59
C ALA R 184 50.65 25.65 -56.52
N ARG R 185 51.70 26.36 -56.16
CA ARG R 185 52.85 26.44 -57.02
C ARG R 185 54.07 26.87 -56.20
N GLY R 186 55.23 27.04 -56.83
CA GLY R 186 56.43 27.44 -56.11
C GLY R 186 56.91 26.37 -55.17
N ILE R 187 56.99 26.68 -53.88
CA ILE R 187 57.45 25.69 -52.91
C ILE R 187 56.37 24.63 -52.61
N ARG R 188 55.13 24.92 -53.02
CA ARG R 188 54.00 24.02 -52.82
C ARG R 188 53.86 23.45 -51.41
N ASP R 189 53.77 24.35 -50.44
CA ASP R 189 53.61 23.94 -49.04
C ASP R 189 52.11 23.76 -48.83
N ALA R 190 51.69 22.51 -48.70
CA ALA R 190 50.28 22.16 -48.51
C ALA R 190 49.66 22.41 -47.12
N THR R 191 50.44 22.80 -46.12
CA THR R 191 49.88 23.02 -44.78
C THR R 191 50.00 24.41 -44.14
N SER R 192 50.97 25.21 -44.57
CA SER R 192 51.15 26.53 -43.97
C SER R 192 50.01 27.53 -44.20
N ALA R 193 49.84 28.41 -43.22
CA ALA R 193 48.82 29.46 -43.23
C ALA R 193 49.48 30.67 -42.58
N THR R 194 49.12 31.86 -43.03
CA THR R 194 49.68 33.10 -42.51
C THR R 194 48.64 33.88 -41.71
N THR R 195 49.06 34.41 -40.58
CA THR R 195 48.20 35.16 -39.70
C THR R 195 48.80 36.53 -39.52
N THR R 196 48.00 37.56 -39.72
CA THR R 196 48.45 38.95 -39.58
C THR R 196 47.41 39.67 -38.76
N THR R 197 47.85 40.55 -37.87
CA THR R 197 46.93 41.31 -37.04
C THR R 197 47.32 42.78 -37.02
N SER R 198 46.33 43.64 -36.89
CA SER R 198 46.55 45.08 -36.82
C SER R 198 45.64 45.49 -35.66
N LEU R 199 46.25 46.15 -34.69
CA LEU R 199 45.53 46.58 -33.50
C LEU R 199 45.55 48.10 -33.33
N GLY R 200 44.39 48.66 -33.02
CA GLY R 200 44.28 50.08 -32.80
C GLY R 200 43.76 50.35 -31.40
N GLY R 201 43.96 51.57 -30.94
CA GLY R 201 43.51 51.99 -29.63
C GLY R 201 43.91 51.09 -28.49
N LEU R 202 42.94 50.82 -27.62
CA LEU R 202 43.13 49.98 -26.44
C LEU R 202 43.66 48.60 -26.79
N PHE R 203 43.32 48.12 -27.99
CA PHE R 203 43.76 46.79 -28.44
C PHE R 203 45.27 46.71 -28.60
N LYS R 204 45.92 47.86 -28.64
CA LYS R 204 47.37 47.91 -28.77
C LYS R 204 47.96 48.38 -27.46
N SER R 205 47.34 49.40 -26.87
CA SER R 205 47.76 50.00 -25.60
C SER R 205 47.55 49.08 -24.41
N SER R 206 46.29 48.80 -24.09
CA SER R 206 45.91 47.95 -22.97
C SER R 206 46.24 46.50 -23.22
N GLN R 207 47.20 45.97 -22.46
CA GLN R 207 47.62 44.58 -22.59
C GLN R 207 46.44 43.67 -22.26
N ASN R 208 45.59 44.14 -21.35
CA ASN R 208 44.40 43.42 -20.90
C ASN R 208 43.44 43.24 -22.08
N THR R 209 43.10 44.35 -22.74
CA THR R 209 42.20 44.35 -23.89
C THR R 209 42.81 43.58 -25.05
N ARG R 210 44.08 43.84 -25.29
CA ARG R 210 44.83 43.19 -26.36
C ARG R 210 44.76 41.67 -26.27
N HIS R 211 45.07 41.13 -25.10
CA HIS R 211 45.04 39.69 -24.92
C HIS R 211 43.63 39.12 -24.96
N GLU R 212 42.63 39.86 -24.48
CA GLU R 212 41.25 39.36 -24.54
C GLU R 212 40.89 39.11 -26.00
N PHE R 213 41.20 40.08 -26.87
CA PHE R 213 40.92 39.95 -28.28
C PHE R 213 41.71 38.78 -28.87
N LEU R 214 43.03 38.81 -28.71
CA LEU R 214 43.89 37.75 -29.23
C LEU R 214 43.46 36.36 -28.81
N ARG R 215 43.04 36.19 -27.56
CA ARG R 215 42.58 34.90 -27.05
C ARG R 215 41.33 34.44 -27.82
N ALA R 216 40.49 35.39 -28.23
CA ALA R 216 39.27 35.08 -28.97
C ALA R 216 39.53 34.73 -30.45
N VAL R 217 40.62 35.26 -30.99
CA VAL R 217 40.98 35.03 -32.37
C VAL R 217 41.16 33.58 -32.72
N ARG R 218 40.68 33.24 -33.91
CA ARG R 218 40.73 31.90 -34.51
C ARG R 218 39.89 30.82 -33.85
N HIS R 219 39.34 29.94 -34.68
CA HIS R 219 38.52 28.82 -34.27
C HIS R 219 38.96 27.64 -35.14
N HIS R 220 38.11 26.63 -35.31
CA HIS R 220 38.49 25.48 -36.13
C HIS R 220 37.42 25.18 -37.16
N ASN R 221 37.85 24.79 -38.36
CA ASN R 221 36.97 24.45 -39.48
C ASN R 221 36.00 25.57 -39.80
N PRO S 1 77.10 35.28 -59.91
CA PRO S 1 78.36 34.67 -60.32
C PRO S 1 78.72 33.39 -59.54
N SER S 2 78.14 33.25 -58.35
CA SER S 2 78.37 32.09 -57.49
C SER S 2 77.29 32.12 -56.41
N LEU S 3 77.52 32.88 -55.33
CA LEU S 3 76.56 32.99 -54.24
C LEU S 3 75.93 34.36 -54.28
N SER S 4 74.65 34.44 -53.98
CA SER S 4 73.95 35.71 -53.97
C SER S 4 74.39 36.49 -52.74
N LYS S 5 74.10 37.78 -52.71
CA LYS S 5 74.46 38.62 -51.56
C LYS S 5 73.85 38.02 -50.31
N GLU S 6 72.60 37.59 -50.43
CA GLU S 6 71.86 36.99 -49.32
C GLU S 6 72.55 35.72 -48.83
N ALA S 7 72.83 34.79 -49.75
CA ALA S 7 73.48 33.54 -49.39
C ALA S 7 74.76 33.80 -48.63
N ALA S 8 75.57 34.71 -49.14
CA ALA S 8 76.84 35.08 -48.52
C ALA S 8 76.63 35.61 -47.10
N LEU S 9 75.75 36.60 -46.95
CA LEU S 9 75.44 37.17 -45.64
C LEU S 9 75.05 36.11 -44.63
N VAL S 10 74.01 35.33 -44.95
CA VAL S 10 73.51 34.28 -44.08
C VAL S 10 74.62 33.31 -43.69
N HIS S 11 75.38 32.86 -44.67
CA HIS S 11 76.48 31.93 -44.40
C HIS S 11 77.48 32.51 -43.42
N GLU S 12 77.89 33.76 -43.65
CA GLU S 12 78.83 34.45 -42.78
C GLU S 12 78.26 34.56 -41.37
N ALA S 13 77.01 35.02 -41.28
CA ALA S 13 76.31 35.18 -39.99
C ALA S 13 76.36 33.89 -39.20
N LEU S 14 76.04 32.77 -39.85
CA LEU S 14 76.05 31.47 -39.21
C LEU S 14 77.44 31.09 -38.75
N VAL S 15 78.44 31.28 -39.61
CA VAL S 15 79.82 30.95 -39.28
C VAL S 15 80.28 31.78 -38.07
N ALA S 16 79.96 33.08 -38.08
CA ALA S 16 80.32 33.98 -36.99
C ALA S 16 79.78 33.46 -35.66
N ARG S 17 78.49 33.12 -35.62
CA ARG S 17 77.88 32.59 -34.39
C ARG S 17 78.32 31.16 -34.11
N GLY S 18 79.00 30.53 -35.06
CA GLY S 18 79.43 29.16 -34.86
C GLY S 18 78.25 28.21 -34.87
N LEU S 19 77.27 28.51 -35.71
CA LEU S 19 76.06 27.70 -35.83
C LEU S 19 75.93 27.04 -37.19
N GLU S 20 76.98 27.09 -37.99
CA GLU S 20 76.95 26.47 -39.31
C GLU S 20 77.05 24.98 -39.18
N THR S 21 76.56 24.27 -40.19
CA THR S 21 76.59 22.82 -40.20
C THR S 21 78.07 22.43 -40.36
N PRO S 22 78.55 21.46 -39.57
CA PRO S 22 79.95 21.01 -39.65
C PRO S 22 80.36 20.63 -41.08
N LEU S 23 81.03 21.53 -41.76
CA LEU S 23 81.49 21.30 -43.13
C LEU S 23 83.00 21.50 -43.30
N ARG S 24 83.57 20.70 -44.19
CA ARG S 24 84.99 20.77 -44.50
C ARG S 24 85.04 21.33 -45.92
N PRO S 25 86.00 22.21 -46.21
CA PRO S 25 86.09 22.78 -47.55
C PRO S 25 86.31 21.66 -48.55
N PRO S 26 85.71 21.75 -49.75
CA PRO S 26 85.87 20.71 -50.77
C PRO S 26 87.33 20.38 -51.05
N VAL S 27 87.70 19.15 -50.70
CA VAL S 27 89.06 18.62 -50.87
C VAL S 27 89.56 18.84 -52.30
N HIS S 28 88.64 18.75 -53.26
CA HIS S 28 88.91 18.94 -54.68
C HIS S 28 87.65 19.34 -55.37
N GLU S 29 87.79 20.14 -56.43
CA GLU S 29 86.65 20.60 -57.20
C GLU S 29 86.08 19.47 -58.05
N MET S 30 85.09 18.77 -57.51
CA MET S 30 84.45 17.66 -58.20
C MET S 30 83.11 18.11 -58.70
N ASP S 31 82.70 17.58 -59.85
CA ASP S 31 81.40 17.91 -60.43
C ASP S 31 80.41 17.14 -59.57
N ASN S 32 79.20 17.68 -59.39
CA ASN S 32 78.20 16.96 -58.60
C ASN S 32 77.98 15.60 -59.23
N GLU S 33 78.15 15.51 -60.55
CA GLU S 33 77.99 14.29 -61.32
C GLU S 33 78.97 13.21 -60.86
N THR S 34 80.25 13.58 -60.68
CA THR S 34 81.26 12.62 -60.24
C THR S 34 81.00 12.25 -58.78
N ARG S 35 80.54 13.22 -57.98
CA ARG S 35 80.25 12.95 -56.58
C ARG S 35 79.13 11.93 -56.49
N LYS S 36 78.09 12.12 -57.30
CA LYS S 36 76.97 11.21 -57.32
C LYS S 36 77.46 9.83 -57.71
N SER S 37 78.20 9.72 -58.81
CA SER S 37 78.69 8.41 -59.21
C SER S 37 79.53 7.75 -58.12
N LEU S 38 80.38 8.51 -57.46
CA LEU S 38 81.18 7.95 -56.40
C LEU S 38 80.32 7.46 -55.25
N ILE S 39 79.34 8.26 -54.84
CA ILE S 39 78.43 7.90 -53.75
C ILE S 39 77.66 6.64 -54.15
N ALA S 40 77.18 6.60 -55.39
CA ALA S 40 76.44 5.46 -55.92
C ALA S 40 77.29 4.20 -55.78
N GLY S 41 78.58 4.32 -56.08
CA GLY S 41 79.49 3.19 -55.98
C GLY S 41 79.54 2.69 -54.56
N HIS S 42 79.68 3.61 -53.60
CA HIS S 42 79.74 3.21 -52.20
C HIS S 42 78.46 2.52 -51.78
N MET S 43 77.32 3.02 -52.27
CA MET S 43 76.03 2.43 -51.95
C MET S 43 75.95 1.05 -52.54
N THR S 44 76.47 0.87 -53.75
CA THR S 44 76.47 -0.44 -54.41
C THR S 44 77.16 -1.46 -53.51
N GLU S 45 78.30 -1.06 -52.95
CA GLU S 45 79.06 -1.93 -52.08
C GLU S 45 78.27 -2.25 -50.82
N ILE S 46 77.67 -1.22 -50.21
CA ILE S 46 76.89 -1.39 -49.00
C ILE S 46 75.74 -2.35 -49.24
N MET S 47 75.00 -2.16 -50.33
CA MET S 47 73.89 -3.04 -50.64
C MET S 47 74.37 -4.49 -50.78
N GLN S 48 75.52 -4.67 -51.41
CA GLN S 48 76.08 -6.00 -51.61
C GLN S 48 76.45 -6.61 -50.27
N LEU S 49 76.97 -5.79 -49.36
CA LEU S 49 77.34 -6.26 -48.03
C LEU S 49 76.08 -6.72 -47.26
N LEU S 50 74.94 -6.13 -47.63
CA LEU S 50 73.67 -6.48 -47.03
C LEU S 50 73.09 -7.71 -47.72
N ASN S 51 73.77 -8.17 -48.77
CA ASN S 51 73.41 -9.34 -49.57
C ASN S 51 72.23 -9.14 -50.50
N LEU S 52 71.97 -7.89 -50.85
CA LEU S 52 70.85 -7.60 -51.74
C LEU S 52 71.23 -7.92 -53.18
N ASP S 53 70.34 -8.60 -53.89
CA ASP S 53 70.57 -8.97 -55.28
C ASP S 53 70.35 -7.78 -56.19
N LEU S 54 71.41 -7.03 -56.40
CA LEU S 54 71.36 -5.85 -57.26
C LEU S 54 70.99 -6.11 -58.72
N ALA S 55 70.82 -7.38 -59.10
CA ALA S 55 70.45 -7.73 -60.46
C ALA S 55 68.95 -7.54 -60.66
N ASP S 56 68.21 -7.50 -59.55
CA ASP S 56 66.77 -7.31 -59.55
C ASP S 56 66.40 -5.95 -60.12
N ASP S 57 65.49 -5.93 -61.09
CA ASP S 57 65.06 -4.68 -61.71
C ASP S 57 64.65 -3.58 -60.75
N SER S 58 64.03 -3.95 -59.64
CA SER S 58 63.60 -2.98 -58.66
C SER S 58 64.74 -2.38 -57.82
N LEU S 59 65.77 -3.18 -57.53
CA LEU S 59 66.93 -2.72 -56.72
C LEU S 59 68.07 -2.12 -57.53
N MET S 60 68.17 -2.55 -58.78
CA MET S 60 69.19 -2.12 -59.73
C MET S 60 69.55 -0.64 -59.74
N GLU S 61 68.56 0.23 -59.88
CA GLU S 61 68.83 1.66 -59.92
C GLU S 61 68.92 2.37 -58.56
N THR S 62 68.71 1.64 -57.47
CA THR S 62 68.77 2.25 -56.15
C THR S 62 70.06 3.02 -55.81
N PRO S 63 71.25 2.41 -56.00
CA PRO S 63 72.48 3.14 -55.68
C PRO S 63 72.52 4.53 -56.32
N HIS S 64 72.04 4.63 -57.56
CA HIS S 64 72.02 5.90 -58.27
C HIS S 64 70.96 6.81 -57.69
N ARG S 65 69.75 6.28 -57.46
CA ARG S 65 68.65 7.07 -56.89
C ARG S 65 69.03 7.67 -55.54
N ILE S 66 69.67 6.88 -54.68
CA ILE S 66 70.10 7.37 -53.37
C ILE S 66 71.15 8.47 -53.52
N ALA S 67 72.12 8.26 -54.40
CA ALA S 67 73.18 9.22 -54.65
C ALA S 67 72.57 10.55 -55.08
N LYS S 68 71.65 10.51 -56.05
CA LYS S 68 70.99 11.72 -56.55
C LYS S 68 70.16 12.39 -55.46
N MET S 69 69.47 11.59 -54.66
CA MET S 69 68.66 12.09 -53.57
C MET S 69 69.52 12.89 -52.59
N TYR S 70 70.66 12.32 -52.19
CA TYR S 70 71.60 12.97 -51.27
C TYR S 70 72.10 14.30 -51.80
N VAL S 71 72.81 14.24 -52.93
CA VAL S 71 73.40 15.41 -53.57
C VAL S 71 72.39 16.46 -54.05
N ASP S 72 71.39 16.03 -54.80
CA ASP S 72 70.38 16.96 -55.33
C ASP S 72 69.17 17.29 -54.48
N GLU S 73 68.74 16.35 -53.65
CA GLU S 73 67.57 16.59 -52.84
C GLU S 73 67.71 16.79 -51.34
N ILE S 74 67.61 15.72 -50.56
CA ILE S 74 67.68 15.85 -49.11
C ILE S 74 68.86 16.55 -48.46
N PHE S 75 69.99 16.66 -49.16
CA PHE S 75 71.16 17.35 -48.58
C PHE S 75 71.58 18.56 -49.42
N SER S 76 70.66 19.05 -50.27
CA SER S 76 70.96 20.19 -51.12
C SER S 76 71.19 21.47 -50.32
N GLY S 77 70.68 21.51 -49.10
CA GLY S 77 70.85 22.68 -48.25
C GLY S 77 72.29 22.97 -47.88
N LEU S 78 73.15 21.97 -47.99
CA LEU S 78 74.58 22.14 -47.67
C LEU S 78 75.28 23.03 -48.70
N ASP S 79 74.66 23.22 -49.86
CA ASP S 79 75.24 24.02 -50.93
C ASP S 79 74.50 25.34 -51.07
N TYR S 80 75.16 26.43 -50.66
CA TYR S 80 74.56 27.77 -50.75
C TYR S 80 74.26 28.25 -52.17
N ALA S 81 74.58 27.43 -53.16
CA ALA S 81 74.29 27.79 -54.53
C ALA S 81 72.78 27.53 -54.72
N ASN S 82 72.19 26.80 -53.77
CA ASN S 82 70.78 26.45 -53.77
C ASN S 82 69.92 27.35 -52.89
N PHE S 83 70.54 28.35 -52.27
CA PHE S 83 69.83 29.26 -51.40
C PHE S 83 68.77 29.97 -52.26
N PRO S 84 67.55 30.12 -51.73
CA PRO S 84 66.46 30.79 -52.45
C PRO S 84 66.69 32.27 -52.73
N LYS S 85 65.99 32.80 -53.73
CA LYS S 85 66.09 34.21 -54.08
C LYS S 85 65.15 34.91 -53.11
N ILE S 86 65.67 35.89 -52.38
CA ILE S 86 64.85 36.62 -51.42
C ILE S 86 64.24 37.90 -51.98
N THR S 87 62.92 38.04 -51.83
CA THR S 87 62.22 39.23 -52.30
C THR S 87 61.67 39.94 -51.06
N LEU S 88 62.00 41.22 -50.94
CA LEU S 88 61.55 42.04 -49.82
C LEU S 88 60.85 43.28 -50.37
N ILE S 89 59.73 43.66 -49.78
CA ILE S 89 59.01 44.85 -50.22
C ILE S 89 59.12 45.86 -49.06
N GLU S 90 59.10 47.15 -49.39
CA GLU S 90 59.19 48.20 -48.40
C GLU S 90 57.97 48.15 -47.50
N ASN S 91 58.19 48.21 -46.19
CA ASN S 91 57.12 48.18 -45.20
C ASN S 91 56.34 49.49 -45.17
N LYS S 92 55.70 49.82 -46.29
CA LYS S 92 54.91 51.04 -46.39
C LYS S 92 53.63 50.88 -45.57
N MET S 93 53.19 49.63 -45.39
CA MET S 93 51.98 49.34 -44.62
C MET S 93 52.15 49.75 -43.16
N LYS S 94 53.40 49.95 -42.76
CA LYS S 94 53.75 50.34 -41.41
C LYS S 94 53.23 49.31 -40.40
N VAL S 95 53.58 48.06 -40.67
CA VAL S 95 53.20 46.94 -39.82
C VAL S 95 54.14 46.94 -38.62
N ASP S 96 53.58 46.99 -37.43
CA ASP S 96 54.36 46.99 -36.19
C ASP S 96 54.01 45.79 -35.34
N GLU S 97 53.08 44.97 -35.83
CA GLU S 97 52.64 43.77 -35.14
C GLU S 97 53.26 42.59 -35.84
N MET S 98 53.44 41.47 -35.13
CA MET S 98 54.06 40.30 -35.74
C MET S 98 53.22 39.62 -36.80
N VAL S 99 53.92 39.09 -37.80
CA VAL S 99 53.36 38.35 -38.92
C VAL S 99 53.80 36.92 -38.61
N THR S 100 52.83 36.00 -38.49
CA THR S 100 53.10 34.61 -38.18
C THR S 100 52.74 33.70 -39.33
N VAL S 101 53.67 32.83 -39.70
CA VAL S 101 53.47 31.87 -40.77
C VAL S 101 53.54 30.57 -39.99
N ARG S 102 52.41 29.89 -39.88
CA ARG S 102 52.33 28.65 -39.13
C ARG S 102 52.19 27.42 -40.00
N ASP S 103 52.46 26.27 -39.38
CA ASP S 103 52.38 24.98 -40.05
C ASP S 103 53.18 24.82 -41.32
N ILE S 104 54.41 25.29 -41.31
CA ILE S 104 55.29 25.19 -42.45
C ILE S 104 55.74 23.70 -42.49
N THR S 105 55.49 23.01 -43.59
CA THR S 105 55.89 21.61 -43.73
C THR S 105 57.41 21.51 -43.67
N LEU S 106 57.91 20.68 -42.77
CA LEU S 106 59.34 20.51 -42.62
C LEU S 106 59.75 19.05 -42.58
N THR S 107 60.65 18.67 -43.48
CA THR S 107 61.14 17.31 -43.56
C THR S 107 62.67 17.44 -43.53
N SER S 108 63.30 16.81 -42.56
CA SER S 108 64.75 16.86 -42.40
C SER S 108 65.33 15.47 -42.14
N THR S 109 66.61 15.40 -41.77
CA THR S 109 67.28 14.13 -41.51
C THR S 109 68.10 14.19 -40.23
N CYS S 110 67.88 13.27 -39.30
CA CYS S 110 68.64 13.25 -38.06
C CYS S 110 70.04 12.75 -38.39
N GLU S 111 71.02 13.64 -38.32
CA GLU S 111 72.43 13.33 -38.63
C GLU S 111 73.11 12.20 -37.87
N HIS S 112 72.51 11.75 -36.77
CA HIS S 112 73.09 10.66 -36.00
C HIS S 112 72.85 9.29 -36.61
N HIS S 113 71.79 9.15 -37.42
CA HIS S 113 71.46 7.88 -38.05
C HIS S 113 70.97 8.06 -39.48
N PHE S 114 70.96 9.30 -39.96
CA PHE S 114 70.48 9.62 -41.30
C PHE S 114 69.06 9.13 -41.58
N VAL S 115 68.17 9.33 -40.63
CA VAL S 115 66.78 8.92 -40.74
C VAL S 115 65.87 10.13 -40.70
N THR S 116 64.70 10.00 -41.30
CA THR S 116 63.70 11.05 -41.41
C THR S 116 63.26 11.77 -40.12
N ILE S 117 63.05 13.07 -40.24
CA ILE S 117 62.57 13.94 -39.17
C ILE S 117 61.42 14.58 -39.91
N ASP S 118 60.20 14.38 -39.45
CA ASP S 118 59.04 14.95 -40.10
C ASP S 118 58.37 15.84 -39.09
N GLY S 119 58.18 17.10 -39.43
CA GLY S 119 57.56 18.03 -38.51
C GLY S 119 57.01 19.27 -39.15
N LYS S 120 56.67 20.25 -38.31
CA LYS S 120 56.11 21.52 -38.77
C LYS S 120 56.74 22.65 -38.00
N ALA S 121 57.02 23.74 -38.70
CA ALA S 121 57.63 24.92 -38.10
C ALA S 121 56.70 26.11 -38.11
N THR S 122 56.79 26.94 -37.09
CA THR S 122 55.98 28.14 -36.97
C THR S 122 57.00 29.26 -36.81
N VAL S 123 56.96 30.19 -37.75
CA VAL S 123 57.88 31.32 -37.79
C VAL S 123 57.10 32.61 -37.65
N ALA S 124 57.62 33.54 -36.86
CA ALA S 124 56.96 34.82 -36.68
C ALA S 124 58.03 35.89 -36.61
N TYR S 125 57.70 37.10 -37.05
CA TYR S 125 58.65 38.22 -37.01
C TYR S 125 57.88 39.53 -37.02
N ILE S 126 58.50 40.58 -36.50
CA ILE S 126 57.88 41.90 -36.46
C ILE S 126 58.63 42.71 -37.52
N PRO S 127 57.94 43.05 -38.61
CA PRO S 127 58.50 43.82 -39.73
C PRO S 127 59.14 45.14 -39.32
N LYS S 128 60.35 45.39 -39.79
CA LYS S 128 61.02 46.64 -39.48
C LYS S 128 60.92 47.49 -40.74
N ASP S 129 61.98 47.57 -41.54
CA ASP S 129 61.96 48.37 -42.76
C ASP S 129 61.36 47.64 -43.94
N SER S 130 61.43 46.31 -43.96
CA SER S 130 60.87 45.55 -45.07
C SER S 130 60.08 44.33 -44.64
N VAL S 131 59.16 43.93 -45.51
CA VAL S 131 58.27 42.79 -45.32
C VAL S 131 58.77 41.75 -46.33
N ILE S 132 58.86 40.49 -45.92
CA ILE S 132 59.35 39.43 -46.81
C ILE S 132 58.20 38.65 -47.45
N GLY S 133 58.44 38.11 -48.64
CA GLY S 133 57.41 37.33 -49.31
C GLY S 133 57.17 36.08 -48.48
N LEU S 134 55.90 35.82 -48.13
CA LEU S 134 55.55 34.66 -47.31
C LEU S 134 56.21 33.37 -47.79
N SER S 135 56.14 33.10 -49.09
CA SER S 135 56.74 31.90 -49.66
C SER S 135 58.22 31.78 -49.33
N LYS S 136 58.93 32.90 -49.32
CA LYS S 136 60.36 32.90 -49.01
C LYS S 136 60.64 32.30 -47.64
N ILE S 137 59.77 32.56 -46.67
CA ILE S 137 59.95 32.00 -45.30
C ILE S 137 59.93 30.47 -45.38
N ASN S 138 58.94 29.94 -46.08
CA ASN S 138 58.81 28.49 -46.23
C ASN S 138 60.07 27.96 -46.90
N ARG S 139 60.53 28.65 -47.94
CA ARG S 139 61.73 28.23 -48.68
C ARG S 139 62.99 28.21 -47.82
N ILE S 140 63.20 29.25 -47.02
CA ILE S 140 64.38 29.31 -46.15
C ILE S 140 64.32 28.14 -45.19
N VAL S 141 63.15 27.87 -44.62
CA VAL S 141 62.99 26.74 -43.68
C VAL S 141 63.38 25.45 -44.39
N GLN S 142 62.84 25.23 -45.60
CA GLN S 142 63.16 24.03 -46.36
C GLN S 142 64.66 23.92 -46.62
N PHE S 143 65.31 25.01 -47.02
CA PHE S 143 66.74 25.03 -47.28
C PHE S 143 67.53 24.43 -46.14
N PHE S 144 67.43 25.03 -44.96
CA PHE S 144 68.16 24.51 -43.82
C PHE S 144 67.71 23.14 -43.38
N ALA S 145 66.46 22.78 -43.70
CA ALA S 145 65.92 21.47 -43.35
C ALA S 145 66.61 20.39 -44.17
N GLN S 146 66.89 20.68 -45.44
CA GLN S 146 67.55 19.77 -46.37
C GLN S 146 69.06 19.64 -46.04
N ARG S 147 69.37 19.17 -44.84
CA ARG S 147 70.76 18.99 -44.37
C ARG S 147 70.76 17.97 -43.25
N PRO S 148 71.92 17.32 -42.99
CA PRO S 148 71.93 16.35 -41.90
C PRO S 148 71.77 17.30 -40.71
N GLN S 149 70.69 17.19 -39.96
CA GLN S 149 70.43 18.07 -38.84
C GLN S 149 70.31 17.46 -37.47
N VAL S 150 70.19 18.37 -36.53
CA VAL S 150 70.01 18.14 -35.10
C VAL S 150 68.98 19.26 -34.92
N GLN S 151 67.76 18.91 -34.54
CA GLN S 151 66.69 19.90 -34.39
C GLN S 151 67.12 21.16 -33.66
N GLU S 152 67.94 21.00 -32.62
CA GLU S 152 68.41 22.16 -31.86
C GLU S 152 69.19 23.13 -32.72
N ARG S 153 69.97 22.61 -33.66
CA ARG S 153 70.75 23.45 -34.55
C ARG S 153 69.87 24.05 -35.64
N LEU S 154 69.00 23.20 -36.23
CA LEU S 154 68.09 23.61 -37.29
C LEU S 154 67.30 24.86 -36.92
N THR S 155 66.70 24.84 -35.73
CA THR S 155 65.91 25.96 -35.24
C THR S 155 66.76 27.23 -35.16
N GLN S 156 67.97 27.11 -34.59
CA GLN S 156 68.90 28.24 -34.47
C GLN S 156 69.26 28.84 -35.83
N GLN S 157 69.63 27.98 -36.78
CA GLN S 157 70.00 28.42 -38.12
C GLN S 157 68.88 29.21 -38.78
N ILE S 158 67.67 28.68 -38.79
CA ILE S 158 66.53 29.36 -39.40
C ILE S 158 66.37 30.74 -38.75
N LEU S 159 66.47 30.80 -37.43
CA LEU S 159 66.34 32.07 -36.70
C LEU S 159 67.31 33.11 -37.23
N ILE S 160 68.60 32.77 -37.19
CA ILE S 160 69.65 33.66 -37.66
C ILE S 160 69.48 34.06 -39.13
N ALA S 161 69.25 33.10 -40.00
CA ALA S 161 69.06 33.37 -41.42
C ALA S 161 68.00 34.46 -41.59
N LEU S 162 66.87 34.28 -40.93
CA LEU S 162 65.79 35.26 -41.02
C LEU S 162 66.17 36.61 -40.43
N GLN S 163 66.79 36.62 -39.26
CA GLN S 163 67.18 37.88 -38.63
C GLN S 163 68.07 38.68 -39.57
N THR S 164 69.05 37.99 -40.16
CA THR S 164 69.99 38.58 -41.10
C THR S 164 69.28 39.20 -42.31
N LEU S 165 68.47 38.40 -42.99
CA LEU S 165 67.75 38.88 -44.16
C LEU S 165 66.73 40.00 -43.89
N LEU S 166 65.99 39.90 -42.79
CA LEU S 166 64.98 40.90 -42.45
C LEU S 166 65.56 42.15 -41.80
N GLY S 167 66.75 42.02 -41.24
CA GLY S 167 67.39 43.15 -40.59
C GLY S 167 66.67 43.52 -39.32
N THR S 168 66.26 42.50 -38.57
CA THR S 168 65.54 42.67 -37.31
C THR S 168 65.88 41.45 -36.46
N ASN S 169 66.06 41.66 -35.17
CA ASN S 169 66.35 40.54 -34.27
C ASN S 169 65.03 39.94 -33.81
N ASN S 170 63.95 40.71 -34.03
CA ASN S 170 62.60 40.29 -33.65
C ASN S 170 62.07 39.18 -34.52
N VAL S 171 62.59 37.98 -34.33
CA VAL S 171 62.16 36.81 -35.09
C VAL S 171 62.07 35.68 -34.08
N ALA S 172 61.13 34.78 -34.31
CA ALA S 172 60.91 33.64 -33.45
C ALA S 172 60.65 32.43 -34.32
N VAL S 173 61.23 31.30 -33.94
CA VAL S 173 61.06 30.07 -34.67
C VAL S 173 60.77 28.95 -33.68
N SER S 174 59.79 28.13 -34.00
CA SER S 174 59.41 27.00 -33.18
C SER S 174 59.21 25.84 -34.12
N ILE S 175 59.83 24.71 -33.82
CA ILE S 175 59.71 23.53 -34.65
C ILE S 175 59.30 22.36 -33.77
N ASP S 176 58.26 21.67 -34.21
CA ASP S 176 57.71 20.51 -33.50
C ASP S 176 57.87 19.41 -34.53
N ALA S 177 58.57 18.33 -34.16
CA ALA S 177 58.80 17.24 -35.10
C ALA S 177 58.93 15.86 -34.49
N VAL S 178 58.72 14.85 -35.32
CA VAL S 178 58.78 13.46 -34.95
C VAL S 178 60.07 12.93 -35.55
N HIS S 179 60.87 12.24 -34.76
CA HIS S 179 62.12 11.70 -35.25
C HIS S 179 61.98 10.20 -35.46
N TYR S 180 62.13 9.72 -36.68
CA TYR S 180 62.04 8.26 -36.91
C TYR S 180 63.27 7.58 -36.35
N CYS S 181 64.26 8.40 -35.96
CA CYS S 181 65.51 7.96 -35.34
C CYS S 181 65.07 7.29 -34.02
N VAL S 182 63.99 7.82 -33.44
CA VAL S 182 63.38 7.37 -32.18
C VAL S 182 62.19 6.40 -32.36
N LYS S 183 61.34 6.70 -33.35
CA LYS S 183 60.16 5.88 -33.64
C LYS S 183 60.37 4.61 -34.42
N ALA S 184 60.99 4.71 -35.59
CA ALA S 184 61.21 3.57 -36.46
C ALA S 184 62.26 2.58 -36.01
N ARG S 185 63.02 2.93 -34.97
CA ARG S 185 64.07 2.04 -34.51
C ARG S 185 64.50 2.45 -33.09
N GLY S 186 65.47 1.73 -32.51
CA GLY S 186 65.96 2.03 -31.17
C GLY S 186 64.88 1.73 -30.15
N ILE S 187 64.48 2.74 -29.40
CA ILE S 187 63.45 2.56 -28.38
C ILE S 187 62.04 2.41 -28.99
N ARG S 188 61.88 2.81 -30.26
CA ARG S 188 60.61 2.72 -30.98
C ARG S 188 59.40 3.32 -30.26
N ASP S 189 59.54 4.57 -29.82
CA ASP S 189 58.46 5.26 -29.13
C ASP S 189 57.56 5.83 -30.23
N ALA S 190 56.40 5.23 -30.41
CA ALA S 190 55.45 5.63 -31.43
C ALA S 190 54.65 6.91 -31.21
N THR S 191 54.75 7.53 -30.03
CA THR S 191 53.98 8.76 -29.78
C THR S 191 54.71 10.07 -29.47
N SER S 192 55.97 10.00 -29.06
CA SER S 192 56.73 11.21 -28.72
C SER S 192 57.09 12.12 -29.87
N ALA S 193 57.10 13.42 -29.57
CA ALA S 193 57.43 14.46 -30.54
C ALA S 193 58.26 15.48 -29.79
N THR S 194 59.27 16.05 -30.45
CA THR S 194 60.15 17.04 -29.82
C THR S 194 59.81 18.44 -30.29
N THR S 195 59.86 19.39 -29.37
CA THR S 195 59.57 20.77 -29.69
C THR S 195 60.74 21.62 -29.23
N THR S 196 61.25 22.45 -30.13
CA THR S 196 62.36 23.33 -29.84
C THR S 196 61.99 24.71 -30.33
N THR S 197 62.41 25.74 -29.62
CA THR S 197 62.11 27.10 -30.00
C THR S 197 63.36 27.96 -29.82
N SER S 198 63.49 28.98 -30.66
CA SER S 198 64.62 29.91 -30.58
C SER S 198 63.93 31.26 -30.74
N LEU S 199 64.16 32.14 -29.78
CA LEU S 199 63.54 33.46 -29.79
C LEU S 199 64.58 34.58 -29.84
N GLY S 200 64.32 35.55 -30.70
CA GLY S 200 65.22 36.67 -30.84
C GLY S 200 64.48 37.95 -30.52
N GLY S 201 65.24 39.00 -30.20
CA GLY S 201 64.65 40.29 -29.90
C GLY S 201 63.54 40.32 -28.86
N LEU S 202 62.47 41.06 -29.17
CA LEU S 202 61.33 41.19 -28.28
C LEU S 202 60.73 39.84 -27.88
N PHE S 203 60.82 38.83 -28.76
CA PHE S 203 60.27 37.52 -28.46
C PHE S 203 60.99 36.84 -27.31
N LYS S 204 62.13 37.38 -26.92
CA LYS S 204 62.90 36.84 -25.83
C LYS S 204 62.83 37.80 -24.66
N SER S 205 63.01 39.09 -24.96
CA SER S 205 62.99 40.16 -23.97
C SER S 205 61.62 40.38 -23.36
N SER S 206 60.68 40.81 -24.20
CA SER S 206 59.32 41.10 -23.78
C SER S 206 58.50 39.86 -23.50
N GLN S 207 58.19 39.63 -22.24
CA GLN S 207 57.39 38.46 -21.82
C GLN S 207 56.05 38.52 -22.52
N ASN S 208 55.53 39.72 -22.71
CA ASN S 208 54.25 39.97 -23.35
C ASN S 208 54.28 39.43 -24.78
N THR S 209 55.28 39.86 -25.54
CA THR S 209 55.44 39.44 -26.93
C THR S 209 55.76 37.95 -27.01
N ARG S 210 56.62 37.50 -26.11
CA ARG S 210 57.04 36.11 -26.04
C ARG S 210 55.85 35.18 -25.94
N HIS S 211 54.99 35.44 -24.95
CA HIS S 211 53.82 34.60 -24.74
C HIS S 211 52.81 34.70 -25.86
N GLU S 212 52.67 35.88 -26.48
CA GLU S 212 51.72 36.01 -27.59
C GLU S 212 52.12 35.06 -28.70
N PHE S 213 53.43 34.92 -28.91
CA PHE S 213 53.95 34.01 -29.92
C PHE S 213 53.74 32.56 -29.50
N LEU S 214 54.23 32.20 -28.32
CA LEU S 214 54.09 30.85 -27.80
C LEU S 214 52.65 30.38 -27.77
N ARG S 215 51.73 31.28 -27.42
CA ARG S 215 50.31 30.95 -27.38
C ARG S 215 49.79 30.57 -28.78
N ALA S 216 50.37 31.18 -29.81
CA ALA S 216 49.96 30.92 -31.18
C ALA S 216 50.59 29.65 -31.75
N VAL S 217 51.74 29.25 -31.20
CA VAL S 217 52.45 28.06 -31.65
C VAL S 217 51.65 26.78 -31.55
N ARG S 218 51.81 25.95 -32.57
CA ARG S 218 51.16 24.63 -32.69
C ARG S 218 49.64 24.63 -32.86
N HIS S 219 49.18 23.70 -33.68
CA HIS S 219 47.77 23.51 -33.98
C HIS S 219 47.55 21.99 -33.97
N HIS S 220 46.51 21.50 -34.65
CA HIS S 220 46.25 20.06 -34.67
C HIS S 220 46.08 19.56 -36.09
N ASN S 221 46.61 18.36 -36.34
CA ASN S 221 46.53 17.71 -37.66
C ASN S 221 47.09 18.59 -38.76
N PRO T 1 81.86 -2.86 -15.48
CA PRO T 1 82.12 -3.97 -14.55
C PRO T 1 80.90 -4.37 -13.72
N SER T 2 79.93 -3.46 -13.60
CA SER T 2 78.70 -3.70 -12.84
C SER T 2 77.72 -2.60 -13.23
N LEU T 3 77.82 -1.44 -12.57
CA LEU T 3 76.94 -0.31 -12.86
C LEU T 3 77.76 0.75 -13.56
N SER T 4 77.14 1.48 -14.47
CA SER T 4 77.82 2.54 -15.19
C SER T 4 77.94 3.73 -14.25
N LYS T 5 78.76 4.70 -14.63
CA LYS T 5 78.94 5.90 -13.83
C LYS T 5 77.58 6.57 -13.65
N GLU T 6 76.82 6.62 -14.73
CA GLU T 6 75.49 7.23 -14.74
C GLU T 6 74.55 6.50 -13.78
N ALA T 7 74.45 5.18 -13.91
CA ALA T 7 73.58 4.38 -13.04
C ALA T 7 73.90 4.63 -11.56
N ALA T 8 75.20 4.64 -11.25
CA ALA T 8 75.67 4.88 -9.88
C ALA T 8 75.21 6.26 -9.41
N LEU T 9 75.54 7.29 -10.19
CA LEU T 9 75.16 8.66 -9.86
C LEU T 9 73.67 8.81 -9.57
N VAL T 10 72.85 8.39 -10.53
CA VAL T 10 71.40 8.47 -10.41
C VAL T 10 70.93 7.73 -9.14
N HIS T 11 71.39 6.50 -8.95
CA HIS T 11 71.00 5.73 -7.78
C HIS T 11 71.33 6.49 -6.49
N GLU T 12 72.55 6.99 -6.39
CA GLU T 12 72.98 7.73 -5.21
C GLU T 12 72.12 8.95 -4.99
N ALA T 13 71.89 9.73 -6.05
CA ALA T 13 71.06 10.93 -5.98
C ALA T 13 69.70 10.62 -5.40
N LEU T 14 69.07 9.55 -5.89
CA LEU T 14 67.76 9.14 -5.42
C LEU T 14 67.81 8.76 -3.94
N VAL T 15 68.77 7.91 -3.57
CA VAL T 15 68.92 7.48 -2.17
C VAL T 15 69.08 8.70 -1.25
N ALA T 16 69.92 9.64 -1.67
CA ALA T 16 70.19 10.87 -0.93
C ALA T 16 68.90 11.63 -0.66
N ARG T 17 68.08 11.83 -1.68
CA ARG T 17 66.82 12.54 -1.53
C ARG T 17 65.74 11.67 -0.86
N GLY T 18 66.02 10.38 -0.72
CA GLY T 18 65.08 9.47 -0.11
C GLY T 18 63.92 9.20 -1.04
N LEU T 19 64.20 9.24 -2.34
CA LEU T 19 63.21 9.00 -3.37
C LEU T 19 63.35 7.68 -4.09
N GLU T 20 64.24 6.83 -3.62
CA GLU T 20 64.43 5.52 -4.23
C GLU T 20 63.26 4.60 -3.92
N THR T 21 63.04 3.62 -4.79
CA THR T 21 61.96 2.66 -4.59
C THR T 21 62.36 1.80 -3.39
N PRO T 22 61.43 1.57 -2.44
CA PRO T 22 61.70 0.78 -1.24
C PRO T 22 62.28 -0.60 -1.57
N LEU T 23 63.59 -0.71 -1.48
CA LEU T 23 64.26 -1.97 -1.75
C LEU T 23 65.09 -2.44 -0.57
N ARG T 24 65.23 -3.76 -0.46
CA ARG T 24 66.01 -4.38 0.60
C ARG T 24 67.19 -5.01 -0.12
N PRO T 25 68.38 -4.97 0.47
CA PRO T 25 69.54 -5.57 -0.19
C PRO T 25 69.32 -7.07 -0.41
N PRO T 26 69.79 -7.61 -1.55
CA PRO T 26 69.62 -9.04 -1.84
C PRO T 26 70.10 -9.93 -0.69
N VAL T 27 69.14 -10.63 -0.10
CA VAL T 27 69.38 -11.53 1.03
C VAL T 27 70.49 -12.55 0.70
N HIS T 28 70.51 -13.01 -0.55
CA HIS T 28 71.50 -13.97 -1.03
C HIS T 28 71.65 -13.77 -2.53
N GLU T 29 72.88 -13.93 -3.02
CA GLU T 29 73.16 -13.78 -4.44
C GLU T 29 72.53 -14.92 -5.24
N MET T 30 71.31 -14.68 -5.73
CA MET T 30 70.59 -15.67 -6.53
C MET T 30 70.65 -15.28 -7.98
N ASP T 31 70.70 -16.27 -8.86
CA ASP T 31 70.74 -16.02 -10.29
C ASP T 31 69.32 -15.60 -10.63
N ASN T 32 69.14 -14.68 -11.59
CA ASN T 32 67.79 -14.27 -11.95
C ASN T 32 67.01 -15.54 -12.32
N GLU T 33 67.71 -16.52 -12.87
CA GLU T 33 67.15 -17.81 -13.27
C GLU T 33 66.47 -18.53 -12.10
N THR T 34 67.16 -18.59 -10.97
CA THR T 34 66.61 -19.25 -9.78
C THR T 34 65.46 -18.42 -9.19
N ARG T 35 65.58 -17.09 -9.27
CA ARG T 35 64.53 -16.23 -8.76
C ARG T 35 63.26 -16.46 -9.57
N LYS T 36 63.41 -16.48 -10.89
CA LYS T 36 62.30 -16.72 -11.80
C LYS T 36 61.64 -18.02 -11.45
N SER T 37 62.41 -19.11 -11.37
CA SER T 37 61.84 -20.40 -11.03
C SER T 37 61.09 -20.37 -9.70
N LEU T 38 61.65 -19.71 -8.69
CA LEU T 38 60.99 -19.61 -7.40
C LEU T 38 59.66 -18.87 -7.50
N ILE T 39 59.67 -17.73 -8.20
CA ILE T 39 58.48 -16.92 -8.40
C ILE T 39 57.43 -17.76 -9.15
N ALA T 40 57.87 -18.45 -10.20
CA ALA T 40 57.01 -19.31 -10.99
C ALA T 40 56.33 -20.33 -10.09
N GLY T 41 57.09 -20.88 -9.15
CA GLY T 41 56.55 -21.85 -8.22
C GLY T 41 55.43 -21.25 -7.37
N HIS T 42 55.66 -20.07 -6.81
CA HIS T 42 54.65 -19.41 -6.00
C HIS T 42 53.41 -19.10 -6.83
N MET T 43 53.60 -18.76 -8.10
CA MET T 43 52.49 -18.47 -8.99
C MET T 43 51.69 -19.74 -9.21
N THR T 44 52.38 -20.87 -9.44
CA THR T 44 51.73 -22.16 -9.65
C THR T 44 50.77 -22.44 -8.49
N GLU T 45 51.25 -22.20 -7.28
CA GLU T 45 50.45 -22.40 -6.09
C GLU T 45 49.24 -21.45 -6.06
N ILE T 46 49.47 -20.18 -6.39
CA ILE T 46 48.39 -19.18 -6.41
C ILE T 46 47.29 -19.56 -7.42
N MET T 47 47.70 -19.96 -8.62
CA MET T 47 46.77 -20.36 -9.66
C MET T 47 45.96 -21.57 -9.20
N GLN T 48 46.63 -22.53 -8.55
CA GLN T 48 45.96 -23.72 -8.04
C GLN T 48 44.94 -23.33 -6.97
N LEU T 49 45.30 -22.36 -6.13
CA LEU T 49 44.40 -21.88 -5.07
C LEU T 49 43.15 -21.25 -5.71
N LEU T 50 43.32 -20.72 -6.92
CA LEU T 50 42.23 -20.10 -7.67
C LEU T 50 41.42 -21.17 -8.40
N ASN T 51 41.89 -22.41 -8.32
CA ASN T 51 41.28 -23.60 -8.93
C ASN T 51 41.44 -23.71 -10.43
N LEU T 52 42.48 -23.08 -10.97
CA LEU T 52 42.71 -23.13 -12.40
C LEU T 52 43.37 -24.47 -12.76
N ASP T 53 42.89 -25.09 -13.83
CA ASP T 53 43.45 -26.36 -14.27
C ASP T 53 44.74 -26.13 -15.04
N LEU T 54 45.85 -26.14 -14.30
CA LEU T 54 47.17 -25.93 -14.90
C LEU T 54 47.60 -26.95 -15.95
N ALA T 55 46.76 -27.98 -16.17
CA ALA T 55 47.05 -29.02 -17.16
C ALA T 55 46.70 -28.50 -18.57
N ASP T 56 45.86 -27.48 -18.63
CA ASP T 56 45.43 -26.88 -19.90
C ASP T 56 46.63 -26.24 -20.60
N ASP T 57 46.84 -26.62 -21.86
CA ASP T 57 47.95 -26.09 -22.65
C ASP T 57 48.13 -24.57 -22.56
N SER T 58 47.04 -23.84 -22.64
CA SER T 58 47.08 -22.39 -22.58
C SER T 58 47.52 -21.83 -21.23
N LEU T 59 47.18 -22.50 -20.12
CA LEU T 59 47.53 -22.05 -18.77
C LEU T 59 48.85 -22.60 -18.24
N MET T 60 49.22 -23.75 -18.78
CA MET T 60 50.44 -24.46 -18.42
C MET T 60 51.70 -23.60 -18.25
N GLU T 61 52.04 -22.83 -19.27
CA GLU T 61 53.24 -21.99 -19.21
C GLU T 61 53.10 -20.64 -18.50
N THR T 62 51.89 -20.29 -18.07
CA THR T 62 51.67 -19.02 -17.40
C THR T 62 52.60 -18.71 -16.21
N PRO T 63 52.71 -19.62 -15.21
CA PRO T 63 53.59 -19.33 -14.06
C PRO T 63 54.98 -18.90 -14.49
N HIS T 64 55.50 -19.53 -15.54
CA HIS T 64 56.82 -19.19 -16.06
C HIS T 64 56.77 -17.82 -16.75
N ARG T 65 55.76 -17.62 -17.59
CA ARG T 65 55.61 -16.36 -18.30
C ARG T 65 55.51 -15.18 -17.36
N ILE T 66 54.78 -15.33 -16.27
CA ILE T 66 54.62 -14.27 -15.29
C ILE T 66 55.95 -13.99 -14.62
N ALA T 67 56.62 -15.05 -14.19
CA ALA T 67 57.92 -14.95 -13.53
C ALA T 67 58.88 -14.16 -14.40
N LYS T 68 59.04 -14.57 -15.65
CA LYS T 68 59.93 -13.88 -16.57
C LYS T 68 59.52 -12.42 -16.76
N MET T 69 58.22 -12.18 -16.90
CA MET T 69 57.70 -10.83 -17.08
C MET T 69 58.15 -9.93 -15.92
N TYR T 70 58.00 -10.43 -14.70
CA TYR T 70 58.38 -9.69 -13.50
C TYR T 70 59.87 -9.37 -13.47
N VAL T 71 60.68 -10.41 -13.46
CA VAL T 71 62.13 -10.28 -13.40
C VAL T 71 62.82 -9.59 -14.59
N ASP T 72 62.44 -9.97 -15.80
CA ASP T 72 63.04 -9.39 -17.00
C ASP T 72 62.35 -8.20 -17.60
N GLU T 73 61.02 -8.13 -17.51
CA GLU T 73 60.32 -7.02 -18.11
C GLU T 73 59.75 -5.91 -17.26
N ILE T 74 58.50 -6.05 -16.83
CA ILE T 74 57.84 -5.01 -16.04
C ILE T 74 58.51 -4.48 -14.76
N PHE T 75 59.40 -5.25 -14.16
CA PHE T 75 60.09 -4.80 -12.95
C PHE T 75 61.61 -4.72 -13.16
N SER T 76 62.05 -4.76 -14.40
CA SER T 76 63.47 -4.70 -14.71
C SER T 76 64.13 -3.39 -14.21
N GLY T 77 63.32 -2.34 -14.10
CA GLY T 77 63.83 -1.06 -13.64
C GLY T 77 64.41 -1.07 -12.24
N LEU T 78 64.07 -2.09 -11.46
CA LEU T 78 64.58 -2.22 -10.09
C LEU T 78 66.06 -2.56 -10.08
N ASP T 79 66.57 -3.05 -11.22
CA ASP T 79 67.97 -3.43 -11.35
C ASP T 79 68.71 -2.41 -12.20
N TYR T 80 69.57 -1.62 -11.56
CA TYR T 80 70.35 -0.60 -12.27
C TYR T 80 71.32 -1.14 -13.32
N ALA T 81 71.41 -2.46 -13.43
CA ALA T 81 72.28 -3.08 -14.41
C ALA T 81 71.59 -2.90 -15.77
N ASN T 82 70.31 -2.52 -15.72
CA ASN T 82 69.50 -2.30 -16.89
C ASN T 82 69.36 -0.83 -17.25
N PHE T 83 70.06 0.03 -16.52
CA PHE T 83 70.01 1.46 -16.77
C PHE T 83 70.55 1.70 -18.18
N PRO T 84 69.88 2.54 -18.96
CA PRO T 84 70.32 2.84 -20.33
C PRO T 84 71.69 3.55 -20.41
N LYS T 85 72.31 3.46 -21.58
CA LYS T 85 73.61 4.11 -21.81
C LYS T 85 73.27 5.55 -22.20
N ILE T 86 73.82 6.51 -21.46
CA ILE T 86 73.55 7.92 -21.74
C ILE T 86 74.58 8.58 -22.65
N THR T 87 74.07 9.21 -23.70
CA THR T 87 74.91 9.90 -24.67
C THR T 87 74.57 11.39 -24.59
N LEU T 88 75.60 12.21 -24.36
CA LEU T 88 75.44 13.66 -24.26
C LEU T 88 76.38 14.35 -25.23
N ILE T 89 75.87 15.31 -25.97
CA ILE T 89 76.70 16.04 -26.92
C ILE T 89 76.89 17.44 -26.36
N GLU T 90 78.01 18.06 -26.68
CA GLU T 90 78.33 19.41 -26.21
C GLU T 90 77.30 20.40 -26.76
N ASN T 91 76.80 21.27 -25.89
CA ASN T 91 75.81 22.27 -26.29
C ASN T 91 76.47 23.40 -27.10
N LYS T 92 77.07 23.05 -28.23
CA LYS T 92 77.72 24.03 -29.08
C LYS T 92 76.69 24.93 -29.73
N MET T 93 75.48 24.41 -29.94
CA MET T 93 74.40 25.20 -30.56
C MET T 93 74.01 26.37 -29.66
N LYS T 94 74.48 26.33 -28.41
CA LYS T 94 74.20 27.37 -27.42
C LYS T 94 72.69 27.57 -27.22
N VAL T 95 72.02 26.46 -26.96
CA VAL T 95 70.58 26.44 -26.72
C VAL T 95 70.32 26.96 -25.31
N ASP T 96 69.51 28.02 -25.21
CA ASP T 96 69.18 28.60 -23.92
C ASP T 96 67.68 28.51 -23.65
N GLU T 97 66.94 27.95 -24.60
CA GLU T 97 65.50 27.78 -24.48
C GLU T 97 65.26 26.32 -24.15
N MET T 98 64.11 26.01 -23.56
CA MET T 98 63.80 24.62 -23.21
C MET T 98 63.50 23.76 -24.41
N VAL T 99 63.89 22.49 -24.28
CA VAL T 99 63.67 21.48 -25.29
C VAL T 99 62.58 20.63 -24.62
N THR T 100 61.49 20.38 -25.33
CA THR T 100 60.37 19.60 -24.79
C THR T 100 60.15 18.31 -25.57
N VAL T 101 60.11 17.19 -24.86
CA VAL T 101 59.85 15.90 -25.48
C VAL T 101 58.50 15.55 -24.91
N ARG T 102 57.47 15.59 -25.75
CA ARG T 102 56.11 15.31 -25.31
C ARG T 102 55.59 13.95 -25.74
N ASP T 103 54.51 13.53 -25.09
CA ASP T 103 53.85 12.27 -25.36
C ASP T 103 54.71 11.02 -25.36
N ILE T 104 55.55 10.88 -24.34
CA ILE T 104 56.42 9.72 -24.20
C ILE T 104 55.49 8.59 -23.68
N THR T 105 55.49 7.46 -24.37
CA THR T 105 54.65 6.33 -23.98
C THR T 105 55.17 5.78 -22.66
N LEU T 106 54.31 5.75 -21.65
CA LEU T 106 54.67 5.26 -20.33
C LEU T 106 53.70 4.19 -19.86
N THR T 107 54.24 3.06 -19.44
CA THR T 107 53.45 1.95 -18.92
C THR T 107 54.15 1.51 -17.65
N SER T 108 53.44 1.61 -16.52
CA SER T 108 53.99 1.24 -15.22
C SER T 108 53.00 0.33 -14.47
N THR T 109 53.27 0.07 -13.18
CA THR T 109 52.43 -0.80 -12.35
C THR T 109 52.12 -0.15 -11.00
N CYS T 110 50.84 -0.02 -10.63
CA CYS T 110 50.47 0.57 -9.34
C CYS T 110 50.79 -0.47 -8.27
N GLU T 111 51.83 -0.18 -7.47
CA GLU T 111 52.31 -1.06 -6.40
C GLU T 111 51.33 -1.50 -5.33
N HIS T 112 50.17 -0.83 -5.25
CA HIS T 112 49.16 -1.18 -4.26
C HIS T 112 48.30 -2.38 -4.67
N HIS T 113 48.28 -2.72 -5.95
CA HIS T 113 47.49 -3.86 -6.45
C HIS T 113 48.20 -4.58 -7.58
N PHE T 114 49.38 -4.10 -7.96
CA PHE T 114 50.15 -4.67 -9.05
C PHE T 114 49.34 -4.71 -10.32
N VAL T 115 48.71 -3.59 -10.63
CA VAL T 115 47.88 -3.46 -11.83
C VAL T 115 48.47 -2.37 -12.75
N THR T 116 48.17 -2.49 -14.04
CA THR T 116 48.63 -1.57 -15.06
C THR T 116 48.31 -0.09 -14.87
N ILE T 117 49.29 0.75 -15.21
CA ILE T 117 49.22 2.21 -15.17
C ILE T 117 49.60 2.53 -16.62
N ASP T 118 48.71 3.13 -17.38
CA ASP T 118 49.01 3.45 -18.76
C ASP T 118 48.88 4.95 -18.93
N GLY T 119 49.94 5.60 -19.40
CA GLY T 119 49.87 7.04 -19.56
C GLY T 119 50.96 7.59 -20.45
N LYS T 120 51.12 8.90 -20.41
CA LYS T 120 52.11 9.59 -21.21
C LYS T 120 52.81 10.66 -20.41
N ALA T 121 54.11 10.80 -20.65
CA ALA T 121 54.92 11.79 -19.95
C ALA T 121 55.40 12.90 -20.87
N THR T 122 55.55 14.09 -20.31
CA THR T 122 56.03 15.25 -21.03
C THR T 122 57.22 15.71 -20.21
N VAL T 123 58.40 15.67 -20.82
CA VAL T 123 59.65 16.06 -20.17
C VAL T 123 60.23 17.25 -20.90
N ALA T 124 60.74 18.22 -20.15
CA ALA T 124 61.33 19.40 -20.76
C ALA T 124 62.51 19.80 -19.89
N TYR T 125 63.49 20.44 -20.50
CA TYR T 125 64.67 20.89 -19.77
C TYR T 125 65.34 22.00 -20.56
N ILE T 126 66.15 22.81 -19.87
CA ILE T 126 66.88 23.89 -20.53
C ILE T 126 68.34 23.42 -20.53
N PRO T 127 68.91 23.15 -21.72
CA PRO T 127 70.29 22.69 -21.89
C PRO T 127 71.32 23.60 -21.26
N LYS T 128 72.23 23.04 -20.49
CA LYS T 128 73.26 23.85 -19.86
C LYS T 128 74.52 23.60 -20.69
N ASP T 129 75.42 22.75 -20.20
CA ASP T 129 76.65 22.45 -20.93
C ASP T 129 76.46 21.37 -21.99
N SER T 130 75.55 20.43 -21.75
CA SER T 130 75.30 19.37 -22.71
C SER T 130 73.84 19.15 -23.06
N VAL T 131 73.64 18.59 -24.26
CA VAL T 131 72.33 18.28 -24.82
C VAL T 131 72.29 16.76 -24.81
N ILE T 132 71.16 16.18 -24.38
CA ILE T 132 71.03 14.74 -24.32
C ILE T 132 70.30 14.19 -25.55
N GLY T 133 70.61 12.94 -25.91
CA GLY T 133 69.96 12.31 -27.06
C GLY T 133 68.49 12.15 -26.72
N LEU T 134 67.61 12.64 -27.59
CA LEU T 134 66.17 12.56 -27.37
C LEU T 134 65.71 11.17 -26.93
N SER T 135 66.12 10.13 -27.65
CA SER T 135 65.75 8.76 -27.32
C SER T 135 66.09 8.41 -25.87
N LYS T 136 67.22 8.92 -25.36
CA LYS T 136 67.66 8.67 -23.98
C LYS T 136 66.63 9.09 -22.96
N ILE T 137 65.97 10.23 -23.20
CA ILE T 137 64.93 10.70 -22.29
C ILE T 137 63.81 9.65 -22.22
N ASN T 138 63.37 9.18 -23.39
CA ASN T 138 62.32 8.18 -23.46
C ASN T 138 62.75 6.92 -22.68
N ARG T 139 64.01 6.53 -22.85
CA ARG T 139 64.56 5.34 -22.17
C ARG T 139 64.61 5.49 -20.65
N ILE T 140 65.02 6.65 -20.17
CA ILE T 140 65.10 6.89 -18.73
C ILE T 140 63.67 6.78 -18.16
N VAL T 141 62.69 7.41 -18.83
CA VAL T 141 61.29 7.36 -18.40
C VAL T 141 60.83 5.89 -18.31
N GLN T 142 61.12 5.12 -19.34
CA GLN T 142 60.75 3.71 -19.36
C GLN T 142 61.40 2.97 -18.19
N PHE T 143 62.70 3.18 -17.97
CA PHE T 143 63.44 2.54 -16.89
C PHE T 143 62.70 2.63 -15.56
N PHE T 144 62.48 3.86 -15.10
CA PHE T 144 61.79 4.06 -13.82
C PHE T 144 60.35 3.63 -13.84
N ALA T 145 59.74 3.62 -15.02
CA ALA T 145 58.35 3.19 -15.16
C ALA T 145 58.26 1.67 -14.93
N GLN T 146 59.30 0.94 -15.31
CA GLN T 146 59.35 -0.52 -15.15
C GLN T 146 59.67 -0.87 -13.70
N ARG T 147 58.81 -0.43 -12.78
CA ARG T 147 58.97 -0.67 -11.34
C ARG T 147 57.62 -0.58 -10.66
N PRO T 148 57.46 -1.23 -9.49
CA PRO T 148 56.15 -1.13 -8.82
C PRO T 148 56.19 0.36 -8.44
N GLN T 149 55.26 1.14 -8.95
CA GLN T 149 55.23 2.56 -8.67
C GLN T 149 53.99 3.12 -8.04
N VAL T 150 54.09 4.40 -7.78
CA VAL T 150 53.08 5.26 -7.20
C VAL T 150 53.45 6.46 -8.08
N GLN T 151 52.50 6.92 -8.90
CA GLN T 151 52.75 8.01 -9.81
C GLN T 151 53.52 9.18 -9.18
N GLU T 152 53.15 9.54 -7.95
CA GLU T 152 53.82 10.63 -7.23
C GLU T 152 55.32 10.41 -7.09
N ARG T 153 55.74 9.17 -6.88
CA ARG T 153 57.15 8.86 -6.75
C ARG T 153 57.78 8.82 -8.13
N LEU T 154 57.14 8.12 -9.06
CA LEU T 154 57.63 7.99 -10.43
C LEU T 154 58.06 9.32 -11.04
N THR T 155 57.17 10.30 -10.96
CA THR T 155 57.44 11.61 -11.50
C THR T 155 58.72 12.19 -10.89
N GLN T 156 58.82 12.11 -9.55
CA GLN T 156 59.99 12.61 -8.80
C GLN T 156 61.27 11.94 -9.26
N GLN T 157 61.27 10.61 -9.31
CA GLN T 157 62.44 9.86 -9.72
C GLN T 157 62.94 10.30 -11.09
N ILE T 158 62.07 10.38 -12.08
CA ILE T 158 62.48 10.79 -13.42
C ILE T 158 63.12 12.19 -13.37
N LEU T 159 62.52 13.11 -12.63
CA LEU T 159 63.04 14.49 -12.50
C LEU T 159 64.48 14.46 -12.01
N ILE T 160 64.70 13.84 -10.86
CA ILE T 160 66.03 13.74 -10.27
C ILE T 160 67.02 13.07 -11.21
N ALA T 161 66.66 11.91 -11.75
CA ALA T 161 67.53 11.21 -12.67
C ALA T 161 68.00 12.14 -13.78
N LEU T 162 67.07 12.90 -14.35
CA LEU T 162 67.43 13.81 -15.42
C LEU T 162 68.31 14.95 -14.95
N GLN T 163 67.95 15.57 -13.83
CA GLN T 163 68.74 16.69 -13.29
C GLN T 163 70.19 16.26 -13.09
N THR T 164 70.38 15.10 -12.47
CA THR T 164 71.70 14.55 -12.21
C THR T 164 72.48 14.37 -13.52
N LEU T 165 71.93 13.63 -14.46
CA LEU T 165 72.59 13.39 -15.74
C LEU T 165 72.88 14.62 -16.58
N LEU T 166 71.93 15.54 -16.66
CA LEU T 166 72.11 16.76 -17.45
C LEU T 166 72.92 17.83 -16.75
N GLY T 167 73.05 17.71 -15.43
CA GLY T 167 73.80 18.69 -14.68
C GLY T 167 73.12 20.03 -14.65
N THR T 168 71.78 20.01 -14.59
CA THR T 168 70.99 21.22 -14.55
C THR T 168 69.78 20.90 -13.68
N ASN T 169 69.32 21.88 -12.92
CA ASN T 169 68.13 21.66 -12.08
C ASN T 169 66.90 22.03 -12.90
N ASN T 170 67.12 22.74 -14.01
CA ASN T 170 66.07 23.19 -14.91
C ASN T 170 65.51 22.04 -15.71
N VAL T 171 64.72 21.21 -15.05
CA VAL T 171 64.08 20.07 -15.68
C VAL T 171 62.66 20.08 -15.15
N ALA T 172 61.72 19.61 -15.95
CA ALA T 172 60.32 19.55 -15.58
C ALA T 172 59.77 18.24 -16.11
N VAL T 173 58.95 17.58 -15.31
CA VAL T 173 58.36 16.31 -15.71
C VAL T 173 56.89 16.31 -15.33
N SER T 174 56.04 15.94 -16.27
CA SER T 174 54.62 15.89 -16.03
C SER T 174 54.18 14.55 -16.58
N ILE T 175 53.34 13.84 -15.83
CA ILE T 175 52.83 12.54 -16.24
C ILE T 175 51.33 12.52 -16.06
N ASP T 176 50.64 12.08 -17.10
CA ASP T 176 49.18 11.99 -17.09
C ASP T 176 48.95 10.52 -17.38
N ALA T 177 48.27 9.81 -16.47
CA ALA T 177 48.02 8.39 -16.67
C ALA T 177 46.70 7.88 -16.10
N VAL T 178 46.29 6.73 -16.61
CA VAL T 178 45.08 6.04 -16.23
C VAL T 178 45.50 4.86 -15.41
N HIS T 179 44.91 4.73 -14.23
CA HIS T 179 45.23 3.63 -13.33
C HIS T 179 44.16 2.56 -13.40
N TYR T 180 44.52 1.37 -13.86
CA TYR T 180 43.52 0.30 -13.92
C TYR T 180 43.16 -0.16 -12.51
N CYS T 181 43.97 0.27 -11.55
CA CYS T 181 43.79 0.00 -10.12
C CYS T 181 42.41 0.62 -9.78
N VAL T 182 42.11 1.73 -10.45
CA VAL T 182 40.89 2.51 -10.29
C VAL T 182 39.78 2.15 -11.29
N LYS T 183 40.17 1.94 -12.55
CA LYS T 183 39.23 1.61 -13.61
C LYS T 183 38.73 0.19 -13.70
N ALA T 184 39.65 -0.75 -13.77
CA ALA T 184 39.32 -2.16 -13.89
C ALA T 184 38.75 -2.87 -12.69
N ARG T 185 38.80 -2.21 -11.53
CA ARG T 185 38.31 -2.83 -10.32
C ARG T 185 38.06 -1.74 -9.27
N GLY T 186 37.63 -2.13 -8.07
CA GLY T 186 37.36 -1.16 -7.01
C GLY T 186 36.17 -0.31 -7.37
N ILE T 187 36.36 1.01 -7.41
CA ILE T 187 35.28 1.93 -7.76
C ILE T 187 34.92 1.86 -9.25
N ARG T 188 35.83 1.32 -10.05
CA ARG T 188 35.63 1.18 -11.49
C ARG T 188 35.24 2.45 -12.22
N ASP T 189 36.01 3.51 -12.01
CA ASP T 189 35.74 4.78 -12.67
C ASP T 189 36.37 4.69 -14.08
N ALA T 190 35.52 4.61 -15.09
CA ALA T 190 35.95 4.51 -16.46
C ALA T 190 36.50 5.77 -17.15
N THR T 191 36.40 6.93 -16.51
CA THR T 191 36.91 8.14 -17.16
C THR T 191 38.05 8.94 -16.51
N SER T 192 38.24 8.81 -15.20
CA SER T 192 39.29 9.55 -14.52
C SER T 192 40.73 9.22 -14.89
N ALA T 193 41.57 10.24 -14.85
CA ALA T 193 42.99 10.15 -15.16
C ALA T 193 43.69 11.05 -14.14
N THR T 194 44.91 10.68 -13.75
CA THR T 194 45.67 11.43 -12.76
C THR T 194 46.86 12.10 -13.41
N THR T 195 47.09 13.35 -13.05
CA THR T 195 48.19 14.12 -13.59
C THR T 195 49.04 14.61 -12.43
N THR T 196 50.33 14.35 -12.52
CA THR T 196 51.28 14.75 -11.49
C THR T 196 52.45 15.43 -12.19
N THR T 197 52.97 16.49 -11.59
CA THR T 197 54.10 17.20 -12.17
C THR T 197 55.15 17.46 -11.10
N SER T 198 56.41 17.51 -11.52
CA SER T 198 57.52 17.78 -10.61
C SER T 198 58.33 18.79 -11.41
N LEU T 199 58.57 19.94 -10.80
CA LEU T 199 59.30 21.01 -11.45
C LEU T 199 60.59 21.35 -10.72
N GLY T 200 61.67 21.48 -11.49
CA GLY T 200 62.96 21.83 -10.94
C GLY T 200 63.43 23.15 -11.53
N GLY T 201 64.41 23.76 -10.86
CA GLY T 201 64.97 25.02 -11.32
C GLY T 201 64.01 26.13 -11.67
N LEU T 202 64.27 26.78 -12.80
CA LEU T 202 63.44 27.87 -13.31
C LEU T 202 61.98 27.47 -13.47
N PHE T 203 61.74 26.19 -13.77
CA PHE T 203 60.38 25.68 -13.97
C PHE T 203 59.54 25.80 -12.71
N LYS T 204 60.20 26.01 -11.59
CA LYS T 204 59.51 26.14 -10.33
C LYS T 204 59.61 27.59 -9.87
N SER T 205 60.80 28.16 -9.98
CA SER T 205 61.08 29.54 -9.59
C SER T 205 60.42 30.60 -10.48
N SER T 206 60.79 30.59 -11.75
CA SER T 206 60.28 31.54 -12.74
C SER T 206 58.86 31.21 -13.17
N GLN T 207 57.91 32.06 -12.76
CA GLN T 207 56.51 31.86 -13.11
C GLN T 207 56.35 31.85 -14.62
N ASN T 208 57.18 32.66 -15.29
CA ASN T 208 57.20 32.79 -16.75
C ASN T 208 57.53 31.45 -17.39
N THR T 209 58.65 30.86 -16.98
CA THR T 209 59.11 29.58 -17.50
C THR T 209 58.13 28.47 -17.14
N ARG T 210 57.73 28.45 -15.87
CA ARG T 210 56.79 27.48 -15.33
C ARG T 210 55.54 27.38 -16.19
N HIS T 211 54.89 28.51 -16.42
CA HIS T 211 53.68 28.52 -17.23
C HIS T 211 53.90 28.14 -18.68
N GLU T 212 55.05 28.50 -19.25
CA GLU T 212 55.34 28.15 -20.64
C GLU T 212 55.32 26.63 -20.78
N PHE T 213 55.91 25.96 -19.79
CA PHE T 213 55.94 24.51 -19.77
C PHE T 213 54.54 23.94 -19.57
N LEU T 214 53.90 24.34 -18.48
CA LEU T 214 52.55 23.87 -18.17
C LEU T 214 51.59 24.05 -19.34
N ARG T 215 51.70 25.17 -20.04
CA ARG T 215 50.84 25.44 -21.19
C ARG T 215 51.09 24.41 -22.30
N ALA T 216 52.34 23.98 -22.44
CA ALA T 216 52.69 23.00 -23.46
C ALA T 216 52.25 21.58 -23.11
N VAL T 217 52.16 21.30 -21.82
CA VAL T 217 51.76 19.98 -21.32
C VAL T 217 50.42 19.47 -21.82
N ARG T 218 50.41 18.18 -22.15
CA ARG T 218 49.24 17.44 -22.64
C ARG T 218 48.71 17.82 -24.02
N HIS T 219 48.26 16.80 -24.74
CA HIS T 219 47.71 16.95 -26.08
C HIS T 219 46.46 16.05 -26.11
N HIS T 220 46.04 15.60 -27.29
CA HIS T 220 44.87 14.75 -27.38
C HIS T 220 45.15 13.51 -28.21
N ASN T 221 44.60 12.38 -27.77
CA ASN T 221 44.77 11.08 -28.44
C ASN T 221 46.23 10.72 -28.61
S SO4 U . -48.18 -28.59 63.43
O1 SO4 U . -48.55 -27.31 63.88
O2 SO4 U . -48.23 -28.56 62.00
O3 SO4 U . -49.07 -29.56 63.94
O4 SO4 U . -46.88 -28.89 63.90
S SO4 V . -67.12 -2.42 42.28
O1 SO4 V . -66.55 -1.14 42.44
O2 SO4 V . -66.25 -3.09 41.35
O3 SO4 V . -68.44 -2.30 41.79
O4 SO4 V . -67.12 -3.08 43.56
S SO4 W . -41.87 13.61 17.11
O1 SO4 W . -40.78 14.22 17.79
O2 SO4 W . -41.63 12.19 17.10
O3 SO4 W . -41.96 14.14 15.80
O4 SO4 W . -43.08 13.90 17.81
S SO4 X . -7.66 -2.77 23.26
O1 SO4 X . -7.24 -2.57 24.58
O2 SO4 X . -8.60 -3.86 23.34
O3 SO4 X . -6.54 -3.07 22.45
O4 SO4 X . -8.30 -1.59 22.76
S SO4 Y . -11.24 -28.91 51.44
O1 SO4 Y . -11.69 -28.31 52.64
O2 SO4 Y . -12.40 -29.09 50.62
O3 SO4 Y . -10.64 -30.16 51.75
O4 SO4 Y . -10.29 -28.04 50.79
S SO4 Z . -63.43 -32.04 47.81
O1 SO4 Z . -62.96 -33.27 47.28
O2 SO4 Z . -62.27 -31.21 47.97
O3 SO4 Z . -64.08 -32.27 49.06
O4 SO4 Z . -64.35 -31.42 46.90
S SO4 AA . -26.79 -44.62 48.61
O1 SO4 AA . -26.40 -45.13 47.36
O2 SO4 AA . -26.70 -43.19 48.50
O3 SO4 AA . -25.91 -45.12 49.63
O4 SO4 AA . -28.12 -45.03 48.90
S SO4 BA . -7.13 -25.27 21.97
O1 SO4 BA . -7.66 -25.46 20.69
O2 SO4 BA . -7.96 -24.26 22.54
O3 SO4 BA . -5.79 -24.88 21.80
O4 SO4 BA . -7.18 -26.50 22.70
S SO4 CA . -31.23 -0.46 4.13
O1 SO4 CA . -32.34 -1.15 3.53
O2 SO4 CA . -31.51 -0.35 5.53
O3 SO4 CA . -31.09 0.84 3.56
O4 SO4 CA . -30.03 -1.20 3.93
S SO4 DA . -66.06 -4.84 20.17
O1 SO4 DA . -66.52 -6.16 20.05
O2 SO4 DA . -65.13 -4.87 21.26
O3 SO4 DA . -67.15 -3.98 20.43
O4 SO4 DA . -65.40 -4.43 18.95
S SO4 EA . 20.22 -3.92 -12.21
O1 SO4 EA . 20.52 -5.07 -12.94
O2 SO4 EA . 21.31 -3.01 -12.48
O3 SO4 EA . 20.19 -4.27 -10.83
O4 SO4 EA . 18.96 -3.39 -12.62
S SO4 FA . 55.63 -12.07 -26.65
O1 SO4 FA . 55.52 -12.53 -27.99
O2 SO4 FA . 55.51 -10.65 -26.66
O3 SO4 FA . 56.87 -12.47 -26.09
O4 SO4 FA . 54.58 -12.65 -25.87
S SO4 GA . 60.37 9.95 -57.75
O1 SO4 GA . 59.38 9.71 -58.71
O2 SO4 GA . 59.76 10.83 -56.80
O3 SO4 GA . 61.48 10.56 -58.40
O4 SO4 GA . 60.77 8.70 -57.15
S SO4 HA . 29.04 31.83 -62.60
O1 SO4 HA . 27.88 31.04 -62.78
O2 SO4 HA . 29.27 31.87 -61.19
O3 SO4 HA . 28.76 33.13 -63.12
O4 SO4 HA . 30.13 31.22 -63.31
S SO4 IA . 3.76 23.11 -34.17
O1 SO4 IA . 3.46 21.73 -34.18
O2 SO4 IA . 5.04 23.25 -33.54
O3 SO4 IA . 2.78 23.84 -33.44
O4 SO4 IA . 3.79 23.62 -35.50
S SO4 JA . 40.28 0.86 -3.75
O1 SO4 JA . 39.99 2.08 -3.10
O2 SO4 JA . 39.62 0.96 -5.03
O3 SO4 JA . 39.77 -0.21 -2.96
O4 SO4 JA . 41.71 0.71 -3.89
S SO4 KA . 11.48 25.04 -13.80
O1 SO4 KA . 11.90 26.40 -13.82
O2 SO4 KA . 11.92 24.47 -15.04
O3 SO4 KA . 10.07 24.98 -13.70
O4 SO4 KA . 12.08 24.38 -12.69
S SO4 LA . 22.88 44.31 -45.41
O1 SO4 LA . 24.06 45.02 -45.17
O2 SO4 LA . 23.27 42.95 -45.63
O3 SO4 LA . 22.22 44.87 -46.53
O4 SO4 LA . 22.05 44.44 -44.23
S SO4 MA . 57.91 32.12 -54.80
O1 SO4 MA . 58.83 32.37 -53.77
O2 SO4 MA . 57.27 30.89 -54.40
O3 SO4 MA . 58.66 32.00 -56.00
O4 SO4 MA . 57.00 33.21 -54.89
S SO4 NA . 69.05 5.01 -29.03
O1 SO4 NA . 69.03 5.52 -27.70
O2 SO4 NA . 67.70 4.69 -29.38
O3 SO4 NA . 69.84 3.83 -29.12
O4 SO4 NA . 69.58 5.98 -29.94
#